data_2WME
#
_entry.id   2WME
#
_cell.length_a   334.947
_cell.length_b   133.011
_cell.length_c   101.814
_cell.angle_alpha   90.00
_cell.angle_beta   94.94
_cell.angle_gamma   90.00
#
_symmetry.space_group_name_H-M   'C 1 2 1'
#
loop_
_entity.id
_entity.type
_entity.pdbx_description
1 polymer 'BETAINE ALDEHYDE DEHYDROGENASE'
2 polymer 'BETAINE ALDEHYDE DEHYDROGENASE'
3 non-polymer 'NADP NICOTINAMIDE-ADENINE-DINUCLEOTIDE PHOSPHATE'
4 non-polymer BETA-MERCAPTOETHANOL
5 non-polymer 'POTASSIUM ION'
6 non-polymer GLYCEROL
7 water water
#
loop_
_entity_poly.entity_id
_entity_poly.type
_entity_poly.pdbx_seq_one_letter_code
_entity_poly.pdbx_strand_id
1 'polypeptide(L)'
;MARFEEQKLYIGGRYVEASSGATFETINPANGEVLAKVQRASREDVERAVQSAVEGQKVWAAMTAMQRSRILRRAVDILR
ERNDELAALETLDTGKPLAETRSVDIVTGADVLEYYAGLVPAIEGEQIPLRETSFVYTRREPLGVVAGIGAWNYPVQIAL
WKSAPALAAGNAMIFKPSEVTPLTALKLAEIYTEAGVPDGVFNVLTGSGREVGQWLTEHPLIEKISFTGGTSTGKKVMAS
ASSSSLKEVTMELGGKSPLIIFPDADLDRAADIAVMANFFSSGQVCTNGTRVFIHRSQQARFEAKVLERVQRIRLGDPQD
ENTNFGPLVSFPHMESVLGYIESGKAQKARLLCGGERVTDGAFGKGAYVAPTVFTDCRDDMTIVREEIFGPVMSILVYDD
EDEAIRRANDTEYGLAAGVVTQDLARAHRAIHRLEAGICWINTWGESPAEMPVGGYKQSGVGRENGLTTLAHYTRIKSVQ
VELGDYASVF
;
A,B,D,F,G,H
2 'polypeptide(L)'
;MARFEEQKLYIGGRYVEASSGATFETINPANGEVLAKVQRASREDVERAVQSAVEGQKVWAAMTAMQRSRILRRAVDILR
ERNDELAALETLDTGKPLAETRSVDIVTGADVLEYYAGLVPAIEGEQIPLRETSFVYTRREPLGVVAGIGAWNYPVQIAL
WKSAPALAAGNAMIFKPSEVTPLTALKLAEIYTEAGVPDGVFNVLTGSGREVGQWLTEHPLIEKISFTGGTSTGKKVMAS
ASSSSLKEVTMELGGKSPLIIFPDADLDRAADIAVMANFFSSGQV(CSO)TNGTRVFIHRSQQARFEAKVLERVQRIRLG
DPQDENTNFGPLVSFPHMESVLGYIESGKAQKARLLCGGERVTDGAFGKGAYVAPTVFTDCRDDMTIVREEIFGPVMSIL
VYDDEDEAIRRANDTEYGLAAGVVTQDLARAHRAIHRLEAGICWINTWGESPAEMPVGGYKQSGVGRENGLTTLAHYTRI
KSVQVELGDYASVF
;
C,E
#
# COMPACT_ATOMS: atom_id res chain seq x y z
N ALA A 2 22.18 -21.98 10.06
CA ALA A 2 21.32 -22.94 9.34
C ALA A 2 20.00 -22.42 8.79
N ARG A 3 19.13 -21.72 9.54
CA ARG A 3 17.98 -21.05 8.86
C ARG A 3 18.39 -20.01 7.76
N PHE A 4 19.40 -19.20 8.08
CA PHE A 4 19.86 -18.14 7.18
C PHE A 4 21.33 -18.32 6.78
N GLU A 5 21.76 -17.63 5.73
CA GLU A 5 23.16 -17.57 5.33
C GLU A 5 23.99 -16.88 6.40
N GLU A 6 25.32 -17.03 6.29
CA GLU A 6 26.28 -16.40 7.19
C GLU A 6 26.13 -14.88 7.10
N GLN A 7 26.03 -14.27 8.28
CA GLN A 7 25.86 -12.83 8.45
C GLN A 7 27.24 -12.18 8.57
N LYS A 8 27.42 -11.13 7.74
CA LYS A 8 28.70 -10.46 7.51
C LYS A 8 28.71 -9.07 8.19
N LEU A 9 29.86 -8.37 8.19
CA LEU A 9 29.88 -6.98 8.71
C LEU A 9 29.21 -6.01 7.74
N TYR A 10 28.71 -4.90 8.28
CA TYR A 10 28.11 -3.84 7.49
C TYR A 10 28.96 -2.60 7.70
N ILE A 11 29.76 -2.28 6.69
CA ILE A 11 30.63 -1.13 6.73
C ILE A 11 30.46 -0.38 5.38
N GLY A 12 30.19 0.91 5.44
CA GLY A 12 30.26 1.70 4.19
C GLY A 12 29.11 1.48 3.23
N GLY A 13 27.90 1.27 3.79
CA GLY A 13 26.72 1.05 2.95
C GLY A 13 26.56 -0.28 2.22
N ARG A 14 27.24 -1.32 2.69
N ARG A 14 27.27 -1.31 2.68
CA ARG A 14 27.14 -2.67 2.12
CA ARG A 14 27.32 -2.63 2.03
C ARG A 14 27.65 -3.68 3.15
C ARG A 14 27.86 -3.68 3.02
N TYR A 15 27.50 -4.95 2.82
CA TYR A 15 28.10 -6.02 3.62
C TYR A 15 29.55 -6.23 3.17
N VAL A 16 30.48 -6.47 4.10
CA VAL A 16 31.88 -6.82 3.74
C VAL A 16 32.38 -8.01 4.57
N GLU A 17 33.37 -8.75 4.07
CA GLU A 17 33.92 -9.85 4.86
C GLU A 17 34.76 -9.37 6.06
N ALA A 18 34.52 -9.94 7.25
CA ALA A 18 35.42 -9.83 8.41
C ALA A 18 36.79 -10.39 8.08
N SER A 19 37.76 -10.08 8.94
CA SER A 19 39.10 -10.59 8.78
C SER A 19 39.66 -11.29 10.04
N SER A 20 38.79 -12.02 10.76
CA SER A 20 39.18 -12.81 11.92
C SER A 20 39.29 -14.32 11.62
N GLY A 21 38.61 -14.79 10.58
CA GLY A 21 38.47 -16.23 10.37
C GLY A 21 37.60 -16.97 11.38
N ALA A 22 36.84 -16.26 12.20
CA ALA A 22 36.04 -16.86 13.26
C ALA A 22 34.58 -16.38 13.19
N THR A 23 33.67 -17.19 13.76
CA THR A 23 32.21 -16.94 13.71
C THR A 23 31.60 -17.41 15.04
N PHE A 24 30.33 -17.06 15.25
CA PHE A 24 29.56 -17.56 16.36
C PHE A 24 28.13 -17.89 15.86
N GLU A 25 27.33 -18.57 16.65
CA GLU A 25 25.98 -18.89 16.23
C GLU A 25 24.93 -18.19 17.04
N THR A 26 23.86 -17.76 16.35
CA THR A 26 22.67 -17.29 17.05
C THR A 26 21.54 -18.34 16.98
N ILE A 27 20.86 -18.52 18.11
CA ILE A 27 19.97 -19.63 18.36
C ILE A 27 18.55 -19.14 18.57
N ASN A 28 17.56 -19.91 18.12
CA ASN A 28 16.15 -19.57 18.43
C ASN A 28 15.78 -20.21 19.81
N PRO A 29 15.53 -19.38 20.86
CA PRO A 29 15.31 -19.95 22.23
C PRO A 29 14.01 -20.74 22.43
N ALA A 30 13.11 -20.71 21.43
CA ALA A 30 11.85 -21.44 21.55
C ALA A 30 12.01 -22.89 21.16
N ASN A 31 13.06 -23.20 20.38
CA ASN A 31 13.25 -24.59 19.90
C ASN A 31 14.70 -25.12 19.77
N GLY A 32 15.69 -24.27 20.04
CA GLY A 32 17.11 -24.62 19.84
C GLY A 32 17.65 -24.59 18.41
N GLU A 33 16.82 -24.20 17.45
CA GLU A 33 17.24 -24.13 16.03
C GLU A 33 18.33 -23.06 15.81
N VAL A 34 19.39 -23.43 15.09
CA VAL A 34 20.45 -22.48 14.74
C VAL A 34 19.88 -21.56 13.68
N LEU A 35 19.86 -20.26 13.99
CA LEU A 35 19.39 -19.25 13.02
C LEU A 35 20.43 -18.87 11.94
N ALA A 36 21.68 -18.73 12.34
CA ALA A 36 22.71 -18.31 11.43
C ALA A 36 24.02 -18.39 12.14
N LYS A 37 25.09 -18.63 11.38
CA LYS A 37 26.44 -18.25 11.78
C LYS A 37 26.68 -16.78 11.47
N VAL A 38 27.42 -16.13 12.35
CA VAL A 38 27.63 -14.69 12.33
C VAL A 38 29.16 -14.42 12.48
N GLN A 39 29.71 -13.60 11.58
CA GLN A 39 31.14 -13.32 11.62
C GLN A 39 31.53 -12.53 12.90
N ARG A 40 32.74 -12.78 13.41
CA ARG A 40 33.37 -11.91 14.39
C ARG A 40 34.29 -10.85 13.72
N ALA A 41 34.08 -9.60 14.08
CA ALA A 41 34.97 -8.52 13.66
C ALA A 41 36.35 -8.65 14.31
N SER A 42 37.39 -8.43 13.51
N SER A 42 37.41 -8.47 13.52
CA SER A 42 38.76 -8.36 14.03
CA SER A 42 38.77 -8.39 14.04
C SER A 42 39.08 -6.96 14.55
C SER A 42 39.09 -6.97 14.53
N ARG A 43 40.27 -6.81 15.12
CA ARG A 43 40.82 -5.51 15.48
C ARG A 43 40.98 -4.59 14.25
N GLU A 44 41.45 -5.16 13.13
N GLU A 44 41.43 -5.16 13.13
CA GLU A 44 41.63 -4.44 11.86
CA GLU A 44 41.61 -4.39 11.89
C GLU A 44 40.29 -4.02 11.25
C GLU A 44 40.27 -3.98 11.30
N ASP A 45 39.25 -4.80 11.55
CA ASP A 45 37.92 -4.51 11.08
C ASP A 45 37.37 -3.28 11.83
N VAL A 46 37.67 -3.19 13.14
CA VAL A 46 37.30 -2.00 13.96
C VAL A 46 37.93 -0.70 13.38
N GLU A 47 39.23 -0.79 13.04
CA GLU A 47 39.90 0.30 12.37
C GLU A 47 39.20 0.69 11.07
N ARG A 48 38.83 -0.32 10.27
CA ARG A 48 38.15 -0.09 9.00
C ARG A 48 36.81 0.63 9.21
N ALA A 49 35.98 0.10 10.11
CA ALA A 49 34.74 0.76 10.54
C ALA A 49 34.98 2.21 11.03
N VAL A 50 36.00 2.44 11.85
CA VAL A 50 36.30 3.83 12.29
C VAL A 50 36.57 4.80 11.10
N GLN A 51 37.44 4.40 10.18
CA GLN A 51 37.88 5.25 9.07
C GLN A 51 36.71 5.49 8.13
N SER A 52 35.90 4.45 7.91
CA SER A 52 34.61 4.60 7.19
C SER A 52 33.66 5.63 7.83
N ALA A 53 33.43 5.50 9.15
CA ALA A 53 32.62 6.48 9.91
C ALA A 53 33.13 7.93 9.87
N VAL A 54 34.45 8.11 9.98
CA VAL A 54 35.11 9.39 9.89
C VAL A 54 34.74 10.15 8.60
N GLU A 55 34.85 9.45 7.46
CA GLU A 55 34.52 10.00 6.14
C GLU A 55 33.01 10.20 5.94
N GLY A 56 32.20 9.22 6.35
CA GLY A 56 30.78 9.31 6.23
C GLY A 56 30.14 10.43 7.03
N GLN A 57 30.67 10.71 8.24
CA GLN A 57 30.19 11.82 9.10
C GLN A 57 30.39 13.22 8.45
N LYS A 58 31.47 13.39 7.68
CA LYS A 58 31.72 14.65 7.00
C LYS A 58 30.66 14.94 5.98
N VAL A 59 30.26 13.91 5.23
CA VAL A 59 29.22 14.03 4.17
C VAL A 59 27.89 14.38 4.85
N TRP A 60 27.58 13.64 5.92
CA TRP A 60 26.33 13.81 6.69
C TRP A 60 26.19 15.23 7.31
N ALA A 61 27.24 15.70 8.02
CA ALA A 61 27.32 17.04 8.63
C ALA A 61 27.35 18.19 7.64
N ALA A 62 27.75 17.94 6.39
CA ALA A 62 27.78 18.96 5.38
C ALA A 62 26.35 19.25 4.78
N MET A 63 25.39 18.33 4.96
CA MET A 63 24.01 18.58 4.56
C MET A 63 23.37 19.71 5.40
N THR A 64 22.26 20.30 4.95
CA THR A 64 21.47 21.18 5.83
C THR A 64 20.75 20.33 6.85
N ALA A 65 20.28 20.99 7.92
CA ALA A 65 19.44 20.36 8.93
C ALA A 65 18.18 19.71 8.33
N MET A 66 17.46 20.40 7.42
CA MET A 66 16.27 19.80 6.85
C MET A 66 16.58 18.59 5.96
N GLN A 67 17.69 18.61 5.24
CA GLN A 67 18.11 17.45 4.44
C GLN A 67 18.32 16.21 5.31
N ARG A 68 18.99 16.36 6.44
CA ARG A 68 19.07 15.26 7.45
C ARG A 68 17.74 14.82 7.99
N SER A 69 16.92 15.80 8.36
CA SER A 69 15.57 15.53 8.85
C SER A 69 14.69 14.68 7.83
N ARG A 70 14.69 15.04 6.54
CA ARG A 70 13.95 14.29 5.51
C ARG A 70 14.47 12.86 5.30
N ILE A 71 15.79 12.68 5.36
CA ILE A 71 16.39 11.30 5.35
C ILE A 71 15.94 10.39 6.53
N LEU A 72 16.00 10.92 7.75
CA LEU A 72 15.60 10.19 8.92
C LEU A 72 14.09 9.88 8.90
N ARG A 73 13.27 10.82 8.38
CA ARG A 73 11.83 10.62 8.17
C ARG A 73 11.53 9.53 7.12
N ARG A 74 12.36 9.42 6.07
CA ARG A 74 12.18 8.32 5.11
C ARG A 74 12.49 6.93 5.74
N ALA A 75 13.55 6.86 6.55
CA ALA A 75 13.86 5.64 7.33
C ALA A 75 12.65 5.27 8.25
N VAL A 76 12.04 6.24 8.94
CA VAL A 76 10.73 6.00 9.65
C VAL A 76 9.63 5.39 8.75
N ASP A 77 9.41 5.95 7.56
CA ASP A 77 8.41 5.40 6.64
C ASP A 77 8.69 3.92 6.25
N ILE A 78 9.95 3.60 5.99
CA ILE A 78 10.35 2.23 5.67
C ILE A 78 10.12 1.26 6.88
N LEU A 79 10.47 1.71 8.10
CA LEU A 79 10.23 0.92 9.32
C LEU A 79 8.74 0.65 9.57
N ARG A 80 7.89 1.64 9.32
CA ARG A 80 6.43 1.45 9.44
C ARG A 80 5.93 0.43 8.45
N GLU A 81 6.37 0.54 7.19
CA GLU A 81 6.05 -0.36 6.11
C GLU A 81 6.47 -1.81 6.40
N ARG A 82 7.68 -1.96 6.93
CA ARG A 82 8.31 -3.26 7.22
C ARG A 82 8.09 -3.74 8.66
N ASN A 83 7.18 -3.11 9.41
CA ASN A 83 7.03 -3.43 10.82
C ASN A 83 6.86 -4.97 11.09
N ASP A 84 5.90 -5.61 10.40
CA ASP A 84 5.53 -7.02 10.68
C ASP A 84 6.63 -8.01 10.31
N GLU A 85 7.34 -7.74 9.22
CA GLU A 85 8.54 -8.47 8.78
C GLU A 85 9.70 -8.37 9.79
N LEU A 86 9.96 -7.16 10.30
CA LEU A 86 11.03 -6.98 11.29
C LEU A 86 10.64 -7.55 12.63
N ALA A 87 9.33 -7.48 12.94
CA ALA A 87 8.76 -8.11 14.14
C ALA A 87 8.92 -9.64 14.14
N ALA A 88 8.65 -10.25 12.98
CA ALA A 88 8.89 -11.66 12.76
C ALA A 88 10.33 -12.10 13.03
N LEU A 89 11.32 -11.42 12.42
CA LEU A 89 12.77 -11.65 12.70
C LEU A 89 13.18 -11.46 14.19
N GLU A 90 12.72 -10.36 14.77
CA GLU A 90 12.93 -10.11 16.22
C GLU A 90 12.42 -11.26 17.13
N THR A 91 11.25 -11.83 16.81
CA THR A 91 10.67 -12.96 17.55
C THR A 91 11.55 -14.24 17.46
N LEU A 92 12.00 -14.58 16.24
CA LEU A 92 12.91 -15.71 16.04
C LEU A 92 14.14 -15.61 16.95
N ASP A 93 14.68 -14.38 17.05
CA ASP A 93 16.00 -14.12 17.62
C ASP A 93 15.93 -13.96 19.15
N THR A 94 14.79 -13.51 19.67
CA THR A 94 14.65 -13.21 21.12
C THR A 94 13.74 -14.19 21.90
N GLY A 95 12.84 -14.83 21.19
CA GLY A 95 11.75 -15.59 21.83
C GLY A 95 10.53 -14.75 22.20
N LYS A 96 10.58 -13.44 21.99
CA LYS A 96 9.48 -12.58 22.37
C LYS A 96 8.25 -12.84 21.51
N PRO A 97 7.07 -12.85 22.14
CA PRO A 97 5.83 -13.13 21.41
C PRO A 97 5.59 -12.15 20.25
N LEU A 98 5.13 -12.65 19.11
CA LEU A 98 4.70 -11.81 17.99
C LEU A 98 3.70 -10.71 18.42
N ALA A 99 2.83 -11.00 19.38
CA ALA A 99 1.91 -9.97 19.89
C ALA A 99 2.63 -8.75 20.50
N GLU A 100 3.81 -8.95 21.08
CA GLU A 100 4.69 -7.85 21.53
C GLU A 100 5.54 -7.22 20.42
N THR A 101 6.30 -8.02 19.68
CA THR A 101 7.19 -7.47 18.64
C THR A 101 6.41 -6.68 17.58
N ARG A 102 5.18 -7.07 17.26
CA ARG A 102 4.38 -6.35 16.26
C ARG A 102 3.82 -5.01 16.73
N SER A 103 3.60 -4.86 18.04
N SER A 103 3.59 -4.87 18.04
CA SER A 103 2.98 -3.64 18.57
CA SER A 103 2.97 -3.65 18.59
C SER A 103 3.85 -2.77 19.48
C SER A 103 3.91 -2.71 19.36
N VAL A 104 5.04 -3.25 19.83
CA VAL A 104 5.96 -2.50 20.71
C VAL A 104 7.37 -2.24 20.13
N ASP A 105 8.12 -3.31 19.88
CA ASP A 105 9.54 -3.21 19.46
C ASP A 105 9.88 -2.21 18.34
N ILE A 106 9.32 -2.42 17.14
CA ILE A 106 9.55 -1.50 16.00
C ILE A 106 8.74 -0.18 16.14
N VAL A 107 7.50 -0.28 16.60
CA VAL A 107 6.63 0.86 16.78
C VAL A 107 7.35 1.95 17.61
N THR A 108 7.83 1.61 18.81
CA THR A 108 8.35 2.59 19.73
C THR A 108 9.84 2.88 19.44
N GLY A 109 10.56 1.96 18.80
CA GLY A 109 11.89 2.30 18.24
C GLY A 109 11.76 3.41 17.19
N ALA A 110 10.93 3.18 16.19
CA ALA A 110 10.71 4.19 15.17
C ALA A 110 9.96 5.47 15.71
N ASP A 111 9.17 5.41 16.77
CA ASP A 111 8.60 6.64 17.38
C ASP A 111 9.71 7.62 17.84
N VAL A 112 10.78 7.07 18.41
CA VAL A 112 11.89 7.90 18.90
C VAL A 112 12.69 8.47 17.74
N LEU A 113 12.95 7.67 16.70
CA LEU A 113 13.57 8.20 15.48
C LEU A 113 12.74 9.31 14.81
N GLU A 114 11.43 9.09 14.73
CA GLU A 114 10.46 10.07 14.20
C GLU A 114 10.54 11.42 14.97
N TYR A 115 10.56 11.33 16.30
CA TYR A 115 10.72 12.48 17.23
C TYR A 115 11.98 13.26 16.93
N TYR A 116 13.12 12.56 16.94
CA TYR A 116 14.39 13.27 16.71
C TYR A 116 14.56 13.83 15.29
N ALA A 117 13.98 13.13 14.30
CA ALA A 117 14.01 13.60 12.90
C ALA A 117 13.36 14.96 12.76
N GLY A 118 12.27 15.22 13.51
CA GLY A 118 11.66 16.53 13.42
C GLY A 118 12.40 17.62 14.23
N LEU A 119 13.31 17.20 15.13
CA LEU A 119 14.05 18.15 15.96
C LEU A 119 15.43 18.61 15.39
N VAL A 120 15.87 18.02 14.28
CA VAL A 120 17.14 18.43 13.68
C VAL A 120 17.33 19.97 13.54
N PRO A 121 16.30 20.69 12.96
CA PRO A 121 16.39 22.15 12.75
C PRO A 121 16.32 23.00 14.02
N ALA A 122 15.96 22.37 15.15
CA ALA A 122 15.82 23.01 16.45
C ALA A 122 17.07 23.01 17.34
N ILE A 123 18.14 22.33 16.95
CA ILE A 123 19.41 22.34 17.70
C ILE A 123 20.08 23.74 17.58
N GLU A 124 20.16 24.49 18.70
CA GLU A 124 20.63 25.87 18.68
C GLU A 124 21.69 26.08 19.73
N GLY A 125 22.58 27.02 19.50
CA GLY A 125 23.50 27.55 20.54
C GLY A 125 22.92 28.78 21.27
N GLU A 126 23.75 29.47 22.06
CA GLU A 126 23.41 30.68 22.82
C GLU A 126 24.22 31.88 22.30
N GLN A 127 23.78 33.09 22.66
CA GLN A 127 24.51 34.35 22.45
C GLN A 127 24.38 35.19 23.70
N ILE A 128 25.52 35.69 24.19
CA ILE A 128 25.63 36.44 25.43
C ILE A 128 26.43 37.73 25.16
N PRO A 129 25.81 38.93 25.33
CA PRO A 129 26.63 40.14 25.21
C PRO A 129 27.52 40.37 26.44
N LEU A 130 28.76 40.82 26.24
CA LEU A 130 29.65 41.13 27.38
C LEU A 130 29.63 42.64 27.69
N ARG A 131 29.78 43.45 26.63
CA ARG A 131 29.95 44.90 26.64
C ARG A 131 29.81 45.32 25.15
N GLU A 132 29.80 46.61 24.84
CA GLU A 132 29.61 47.10 23.44
C GLU A 132 30.64 46.53 22.45
N THR A 133 31.88 46.34 22.91
CA THR A 133 32.94 45.78 22.10
C THR A 133 33.18 44.26 22.13
N SER A 134 32.35 43.46 22.83
CA SER A 134 32.58 42.01 22.85
C SER A 134 31.28 41.22 23.11
N PHE A 135 31.05 40.16 22.32
CA PHE A 135 29.99 39.19 22.65
C PHE A 135 30.47 37.74 22.44
N VAL A 136 29.75 36.79 23.05
CA VAL A 136 29.98 35.35 22.81
C VAL A 136 28.78 34.67 22.23
N TYR A 137 29.04 33.75 21.30
CA TYR A 137 28.04 32.78 20.88
C TYR A 137 28.59 31.38 21.06
N THR A 138 27.72 30.38 21.17
CA THR A 138 28.09 28.98 21.32
C THR A 138 27.53 28.28 20.11
N ARG A 139 28.22 27.20 19.73
CA ARG A 139 27.77 26.25 18.73
C ARG A 139 27.63 24.89 19.43
N ARG A 140 26.57 24.16 19.10
CA ARG A 140 26.47 22.76 19.44
C ARG A 140 26.93 21.88 18.25
N GLU A 141 28.21 21.45 18.24
CA GLU A 141 28.76 20.67 17.10
C GLU A 141 28.58 19.14 17.35
N PRO A 142 28.60 18.35 16.29
CA PRO A 142 28.56 16.87 16.41
C PRO A 142 29.83 16.43 17.17
N LEU A 143 29.76 15.32 17.89
CA LEU A 143 30.97 14.73 18.51
C LEU A 143 31.92 14.14 17.46
N GLY A 144 31.36 13.72 16.32
CA GLY A 144 32.11 13.08 15.27
C GLY A 144 31.67 11.61 15.16
N VAL A 145 32.58 10.72 15.59
CA VAL A 145 32.28 9.30 15.57
C VAL A 145 31.96 8.85 16.98
N VAL A 146 30.81 8.17 17.12
CA VAL A 146 30.35 7.60 18.39
C VAL A 146 30.09 6.07 18.26
N ALA A 147 29.98 5.36 19.40
CA ALA A 147 29.73 3.90 19.42
C ALA A 147 28.60 3.54 20.38
N GLY A 148 27.73 2.66 19.91
CA GLY A 148 26.61 2.13 20.71
C GLY A 148 26.84 0.62 20.89
N ILE A 149 26.61 0.15 22.11
CA ILE A 149 26.69 -1.27 22.44
C ILE A 149 25.33 -1.64 23.00
N GLY A 150 24.68 -2.61 22.33
CA GLY A 150 23.29 -2.91 22.60
C GLY A 150 23.11 -4.11 23.51
N ALA A 151 21.91 -4.21 24.06
CA ALA A 151 21.51 -5.32 24.92
C ALA A 151 20.60 -6.27 24.14
N TRP A 152 20.35 -7.44 24.72
CA TRP A 152 19.61 -8.45 23.97
C TRP A 152 18.11 -8.43 24.28
N ASN A 153 17.63 -7.63 25.22
CA ASN A 153 16.19 -7.73 25.50
C ASN A 153 15.29 -6.97 24.53
N TYR A 154 15.79 -5.87 23.98
CA TYR A 154 15.03 -5.06 23.02
C TYR A 154 16.01 -4.67 21.91
N PRO A 155 16.42 -5.68 21.11
CA PRO A 155 17.55 -5.48 20.17
C PRO A 155 17.40 -4.31 19.20
N VAL A 156 16.35 -4.34 18.36
CA VAL A 156 16.08 -3.23 17.39
C VAL A 156 15.66 -1.90 18.02
N GLN A 157 14.82 -1.91 19.06
CA GLN A 157 14.40 -0.70 19.74
C GLN A 157 15.63 0.04 20.35
N ILE A 158 16.55 -0.69 20.93
CA ILE A 158 17.73 -0.05 21.53
C ILE A 158 18.63 0.47 20.46
N ALA A 159 18.81 -0.27 19.34
CA ALA A 159 19.56 0.24 18.22
C ALA A 159 18.95 1.53 17.67
N LEU A 160 17.63 1.62 17.59
CA LEU A 160 16.92 2.92 17.27
C LEU A 160 17.05 4.08 18.35
N TRP A 161 16.86 3.77 19.63
CA TRP A 161 16.98 4.81 20.66
C TRP A 161 18.42 5.38 20.85
N LYS A 162 19.43 4.56 20.56
CA LYS A 162 20.84 5.03 20.50
C LYS A 162 21.21 5.71 19.19
N SER A 163 20.84 5.12 18.06
CA SER A 163 21.31 5.73 16.77
C SER A 163 20.49 6.97 16.37
N ALA A 164 19.19 7.03 16.75
CA ALA A 164 18.35 8.22 16.39
C ALA A 164 18.87 9.60 16.89
N PRO A 165 19.09 9.77 18.21
CA PRO A 165 19.66 11.05 18.63
C PRO A 165 21.11 11.24 18.13
N ALA A 166 21.89 10.17 17.99
CA ALA A 166 23.28 10.29 17.50
C ALA A 166 23.33 10.85 16.08
N LEU A 167 22.52 10.27 15.20
CA LEU A 167 22.47 10.70 13.79
C LEU A 167 21.79 12.03 13.64
N ALA A 168 20.75 12.27 14.44
CA ALA A 168 20.06 13.56 14.43
C ALA A 168 20.99 14.76 14.81
N ALA A 169 21.96 14.50 15.68
CA ALA A 169 22.90 15.52 16.11
C ALA A 169 24.11 15.62 15.17
N GLY A 170 24.07 14.93 14.01
CA GLY A 170 25.16 15.08 13.03
C GLY A 170 26.36 14.12 13.15
N ASN A 171 26.24 13.08 14.01
CA ASN A 171 27.32 12.08 14.22
C ASN A 171 27.20 10.85 13.30
N ALA A 172 28.29 10.08 13.17
CA ALA A 172 28.29 8.71 12.67
C ALA A 172 28.32 7.78 13.88
N MET A 173 27.60 6.65 13.84
CA MET A 173 27.65 5.65 14.91
C MET A 173 28.13 4.27 14.41
N ILE A 174 29.01 3.65 15.19
CA ILE A 174 29.33 2.25 15.01
C ILE A 174 28.58 1.44 16.10
N PHE A 175 27.68 0.55 15.69
CA PHE A 175 26.86 -0.18 16.63
C PHE A 175 27.26 -1.65 16.72
N LYS A 176 27.35 -2.17 17.95
CA LYS A 176 27.68 -3.56 18.19
C LYS A 176 26.47 -4.18 18.89
N PRO A 177 25.67 -5.00 18.14
CA PRO A 177 24.57 -5.66 18.82
C PRO A 177 25.09 -6.74 19.77
N SER A 178 24.27 -7.12 20.75
CA SER A 178 24.56 -8.34 21.54
C SER A 178 24.80 -9.55 20.64
N GLU A 179 25.81 -10.38 20.99
CA GLU A 179 26.02 -11.74 20.41
C GLU A 179 24.81 -12.62 20.48
N VAL A 180 24.01 -12.44 21.53
CA VAL A 180 22.79 -13.24 21.71
C VAL A 180 21.73 -12.89 20.67
N THR A 181 21.74 -11.64 20.20
CA THR A 181 20.68 -11.14 19.29
C THR A 181 21.13 -10.15 18.18
N PRO A 182 21.96 -10.62 17.21
CA PRO A 182 22.58 -9.74 16.24
C PRO A 182 21.77 -9.44 14.99
N LEU A 183 20.63 -10.09 14.80
CA LEU A 183 20.01 -10.13 13.46
C LEU A 183 19.34 -8.87 12.92
N THR A 184 18.46 -8.26 13.72
CA THR A 184 17.77 -7.03 13.34
C THR A 184 18.61 -5.76 13.25
N ALA A 185 19.74 -5.69 13.95
CA ALA A 185 20.63 -4.51 13.86
C ALA A 185 21.19 -4.37 12.44
N LEU A 186 21.47 -5.50 11.82
CA LEU A 186 21.92 -5.58 10.43
C LEU A 186 20.87 -5.11 9.42
N LYS A 187 19.61 -5.51 9.60
CA LYS A 187 18.52 -5.01 8.76
C LYS A 187 18.29 -3.50 8.97
N LEU A 188 18.43 -3.01 10.20
CA LEU A 188 18.30 -1.56 10.42
C LEU A 188 19.33 -0.80 9.57
N ALA A 189 20.55 -1.35 9.47
CA ALA A 189 21.62 -0.74 8.67
C ALA A 189 21.31 -0.66 7.18
N GLU A 190 20.72 -1.75 6.64
CA GLU A 190 20.20 -1.76 5.27
C GLU A 190 19.15 -0.64 5.09
N ILE A 191 18.22 -0.52 6.03
CA ILE A 191 17.11 0.46 5.93
C ILE A 191 17.62 1.92 5.94
N TYR A 192 18.63 2.20 6.78
CA TYR A 192 19.26 3.54 6.80
C TYR A 192 19.91 3.88 5.44
N THR A 193 20.62 2.93 4.85
CA THR A 193 21.22 3.12 3.48
C THR A 193 20.16 3.40 2.38
N GLU A 194 19.11 2.60 2.35
CA GLU A 194 17.98 2.75 1.43
C GLU A 194 17.26 4.11 1.58
N ALA A 195 17.14 4.57 2.81
CA ALA A 195 16.55 5.91 3.09
C ALA A 195 17.40 7.11 2.62
N GLY A 196 18.69 6.89 2.33
CA GLY A 196 19.62 7.98 1.91
C GLY A 196 20.71 8.37 2.92
N VAL A 197 20.83 7.63 4.02
CA VAL A 197 21.93 7.84 4.98
C VAL A 197 23.28 7.50 4.29
N PRO A 198 24.21 8.46 4.32
CA PRO A 198 25.50 8.30 3.59
C PRO A 198 26.26 7.09 4.11
N ASP A 199 26.99 6.44 3.21
CA ASP A 199 27.87 5.32 3.53
C ASP A 199 28.80 5.67 4.68
N GLY A 200 28.82 4.81 5.70
CA GLY A 200 29.75 4.94 6.82
C GLY A 200 29.14 5.59 8.05
N VAL A 201 27.93 6.11 7.91
CA VAL A 201 27.28 6.84 8.98
C VAL A 201 26.61 5.92 10.04
N PHE A 202 26.05 4.79 9.61
CA PHE A 202 25.67 3.73 10.57
C PHE A 202 26.28 2.37 10.09
N ASN A 203 27.35 1.94 10.78
CA ASN A 203 28.11 0.72 10.53
C ASN A 203 27.76 -0.27 11.62
N VAL A 204 27.68 -1.57 11.30
CA VAL A 204 27.41 -2.60 12.34
C VAL A 204 28.51 -3.67 12.41
N LEU A 205 29.01 -3.92 13.62
CA LEU A 205 30.05 -4.94 13.81
C LEU A 205 29.54 -5.95 14.82
N THR A 206 29.67 -7.22 14.44
CA THR A 206 29.22 -8.33 15.28
C THR A 206 30.45 -9.00 15.92
N GLY A 207 30.22 -9.65 17.06
CA GLY A 207 31.28 -10.31 17.84
C GLY A 207 31.03 -10.17 19.35
N SER A 208 32.02 -10.56 20.16
N SER A 208 32.04 -10.53 20.13
CA SER A 208 31.84 -10.59 21.63
CA SER A 208 31.93 -10.52 21.61
C SER A 208 32.12 -9.24 22.31
C SER A 208 32.03 -9.13 22.25
N GLY A 209 31.46 -8.99 23.44
CA GLY A 209 31.73 -7.83 24.28
C GLY A 209 33.20 -7.72 24.70
N ARG A 210 33.81 -8.82 25.10
CA ARG A 210 35.19 -8.82 25.58
C ARG A 210 36.20 -8.55 24.49
N GLU A 211 35.78 -8.77 23.24
CA GLU A 211 36.62 -8.46 22.09
C GLU A 211 36.18 -7.17 21.40
N VAL A 212 35.16 -7.27 20.55
N VAL A 212 35.21 -7.27 20.50
CA VAL A 212 34.77 -6.15 19.69
CA VAL A 212 34.81 -6.10 19.69
C VAL A 212 34.26 -4.92 20.48
C VAL A 212 34.36 -4.91 20.56
N GLY A 213 33.50 -5.16 21.56
CA GLY A 213 33.02 -4.10 22.43
C GLY A 213 34.19 -3.28 23.02
N GLN A 214 35.14 -4.01 23.59
CA GLN A 214 36.40 -3.52 24.12
C GLN A 214 37.25 -2.73 23.14
N TRP A 215 37.45 -3.27 21.93
CA TRP A 215 38.15 -2.53 20.89
C TRP A 215 37.50 -1.18 20.51
N LEU A 216 36.16 -1.09 20.57
CA LEU A 216 35.47 0.19 20.33
C LEU A 216 35.63 1.15 21.54
N THR A 217 35.52 0.62 22.78
CA THR A 217 35.66 1.49 23.96
C THR A 217 37.08 2.03 24.17
N GLU A 218 38.08 1.34 23.63
CA GLU A 218 39.50 1.74 23.67
C GLU A 218 39.99 2.66 22.51
N HIS A 219 39.28 2.68 21.38
CA HIS A 219 39.73 3.36 20.18
C HIS A 219 39.84 4.87 20.38
N PRO A 220 41.02 5.47 20.07
CA PRO A 220 41.24 6.91 20.32
C PRO A 220 40.42 7.87 19.47
N LEU A 221 39.85 7.41 18.35
CA LEU A 221 39.09 8.34 17.51
C LEU A 221 37.58 8.33 17.73
N ILE A 222 37.13 7.47 18.64
CA ILE A 222 35.70 7.45 19.09
C ILE A 222 35.49 8.39 20.29
N GLU A 223 34.53 9.32 20.15
CA GLU A 223 34.38 10.43 21.10
C GLU A 223 33.35 10.18 22.21
N LYS A 224 32.46 9.21 21.99
CA LYS A 224 31.42 8.88 22.97
C LYS A 224 31.02 7.38 22.88
N ILE A 225 30.73 6.78 24.05
CA ILE A 225 30.21 5.42 24.13
C ILE A 225 28.85 5.46 24.80
N SER A 226 27.86 4.79 24.20
CA SER A 226 26.56 4.58 24.82
C SER A 226 26.36 3.07 24.98
N PHE A 227 26.16 2.64 26.24
CA PHE A 227 26.08 1.22 26.54
C PHE A 227 24.77 0.91 27.26
N THR A 228 24.11 -0.21 26.93
CA THR A 228 22.97 -0.72 27.70
C THR A 228 23.28 -2.18 28.06
N GLY A 229 23.10 -2.54 29.34
CA GLY A 229 23.53 -3.84 29.90
C GLY A 229 23.56 -3.87 31.44
N GLY A 230 24.24 -4.86 32.01
CA GLY A 230 24.24 -5.01 33.45
C GLY A 230 25.14 -3.98 34.14
N THR A 231 24.84 -3.67 35.39
CA THR A 231 25.63 -2.73 36.20
C THR A 231 27.09 -3.12 36.29
N SER A 232 27.36 -4.41 36.53
CA SER A 232 28.72 -4.92 36.64
C SER A 232 29.55 -4.69 35.39
N THR A 233 28.97 -5.01 34.23
CA THR A 233 29.63 -4.75 32.92
C THR A 233 29.77 -3.29 32.62
N GLY A 234 28.71 -2.52 32.89
CA GLY A 234 28.77 -1.06 32.69
C GLY A 234 29.96 -0.40 33.35
N LYS A 235 30.28 -0.82 34.58
CA LYS A 235 31.41 -0.28 35.35
C LYS A 235 32.76 -0.56 34.69
N LYS A 236 32.90 -1.75 34.11
CA LYS A 236 34.09 -2.07 33.30
C LYS A 236 34.11 -1.35 31.92
N VAL A 237 32.99 -1.32 31.23
CA VAL A 237 32.87 -0.56 29.97
C VAL A 237 33.20 0.95 30.15
N MET A 238 32.60 1.58 31.17
CA MET A 238 32.84 3.00 31.49
C MET A 238 34.27 3.35 31.91
N ALA A 239 34.88 2.55 32.78
CA ALA A 239 36.30 2.68 33.12
C ALA A 239 37.22 2.54 31.89
N SER A 240 36.87 1.67 30.95
CA SER A 240 37.70 1.45 29.75
C SER A 240 37.55 2.65 28.80
N ALA A 241 36.32 3.10 28.57
CA ALA A 241 36.09 4.33 27.79
C ALA A 241 36.84 5.58 28.35
N SER A 242 36.86 5.72 29.68
CA SER A 242 37.61 6.78 30.45
C SER A 242 39.14 6.75 30.40
N SER A 243 39.71 5.59 30.76
CA SER A 243 41.17 5.37 30.79
C SER A 243 41.86 5.38 29.42
N SER A 244 41.18 4.90 28.38
CA SER A 244 41.70 4.96 27.00
C SER A 244 41.91 6.41 26.51
N SER A 245 40.84 7.20 26.44
CA SER A 245 40.91 8.49 25.80
C SER A 245 39.86 9.50 26.30
N LEU A 246 39.38 9.32 27.54
N LEU A 246 39.37 9.27 27.53
CA LEU A 246 38.42 10.26 28.16
CA LEU A 246 38.45 10.22 28.18
C LEU A 246 37.14 10.48 27.36
C LEU A 246 37.15 10.46 27.41
N LYS A 247 36.54 9.38 26.91
CA LYS A 247 35.31 9.50 26.13
C LYS A 247 34.16 10.03 26.95
N GLU A 248 33.21 10.69 26.29
CA GLU A 248 31.90 11.00 26.88
C GLU A 248 31.14 9.63 26.96
N VAL A 249 30.27 9.43 27.94
CA VAL A 249 29.54 8.13 28.09
C VAL A 249 28.08 8.30 28.48
N THR A 250 27.23 7.42 27.96
CA THR A 250 25.89 7.12 28.54
C THR A 250 25.85 5.67 28.96
N MET A 251 25.30 5.41 30.14
CA MET A 251 25.15 4.05 30.69
C MET A 251 23.67 3.82 31.10
N GLU A 252 22.99 2.88 30.46
N GLU A 252 22.98 2.89 30.45
CA GLU A 252 21.62 2.51 30.85
CA GLU A 252 21.64 2.48 30.89
C GLU A 252 21.65 1.08 31.44
C GLU A 252 21.74 1.07 31.46
N LEU A 253 21.62 0.97 32.78
CA LEU A 253 22.00 -0.28 33.46
C LEU A 253 20.85 -1.02 34.13
N GLY A 254 21.18 -1.91 35.06
CA GLY A 254 20.14 -2.72 35.68
C GLY A 254 19.41 -2.07 36.82
N GLY A 255 18.52 -2.82 37.47
CA GLY A 255 17.80 -2.33 38.65
C GLY A 255 17.15 -3.36 39.56
N LYS A 256 16.57 -2.89 40.68
CA LYS A 256 15.67 -3.71 41.49
C LYS A 256 14.49 -2.81 41.91
N SER A 257 13.69 -2.41 40.91
CA SER A 257 12.82 -1.25 41.07
C SER A 257 11.61 -1.53 41.98
N PRO A 258 11.32 -0.63 42.95
CA PRO A 258 10.21 -0.90 43.89
C PRO A 258 8.83 -0.41 43.37
N LEU A 259 7.80 -1.20 43.62
CA LEU A 259 6.43 -0.75 43.42
C LEU A 259 5.69 -0.71 44.80
N ILE A 260 5.21 0.48 45.18
CA ILE A 260 4.48 0.60 46.45
C ILE A 260 2.98 0.73 46.23
N ILE A 261 2.23 -0.25 46.75
CA ILE A 261 0.77 -0.23 46.68
C ILE A 261 0.31 0.42 48.01
N PHE A 262 -0.29 1.61 47.94
CA PHE A 262 -0.75 2.20 49.19
C PHE A 262 -2.12 1.61 49.61
N PRO A 263 -2.49 1.71 50.91
CA PRO A 263 -3.74 1.05 51.26
C PRO A 263 -5.07 1.63 50.78
N ASP A 264 -5.07 2.81 50.15
CA ASP A 264 -6.31 3.27 49.50
C ASP A 264 -6.36 2.89 47.98
N ALA A 265 -5.40 2.10 47.50
CA ALA A 265 -5.35 1.74 46.08
C ALA A 265 -6.54 0.83 45.64
N ASP A 266 -7.06 1.09 44.44
CA ASP A 266 -7.81 0.08 43.68
C ASP A 266 -6.91 -1.16 43.55
N LEU A 267 -7.37 -2.32 44.06
CA LEU A 267 -6.48 -3.51 44.05
C LEU A 267 -6.44 -4.28 42.73
N ASP A 268 -7.45 -4.08 41.90
CA ASP A 268 -7.47 -4.60 40.54
C ASP A 268 -6.47 -3.87 39.66
N ARG A 269 -6.46 -2.54 39.74
CA ARG A 269 -5.40 -1.74 39.13
C ARG A 269 -3.97 -2.11 39.62
N ALA A 270 -3.81 -2.27 40.93
CA ALA A 270 -2.53 -2.62 41.52
C ALA A 270 -2.01 -4.04 41.10
N ALA A 271 -2.89 -5.05 41.10
CA ALA A 271 -2.54 -6.39 40.54
C ALA A 271 -2.26 -6.37 39.00
N ASP A 272 -3.06 -5.63 38.24
CA ASP A 272 -2.76 -5.38 36.84
C ASP A 272 -1.36 -4.76 36.61
N ILE A 273 -1.05 -3.70 37.38
CA ILE A 273 0.25 -3.03 37.33
C ILE A 273 1.40 -3.99 37.76
N ALA A 274 1.25 -4.68 38.89
CA ALA A 274 2.27 -5.62 39.36
C ALA A 274 2.57 -6.74 38.30
N VAL A 275 1.55 -7.24 37.60
N VAL A 275 1.53 -7.24 37.63
CA VAL A 275 1.80 -8.35 36.66
CA VAL A 275 1.69 -8.34 36.67
C VAL A 275 2.40 -7.85 35.34
C VAL A 275 2.44 -7.80 35.43
N MET A 276 2.00 -6.64 34.93
CA MET A 276 2.64 -6.01 33.78
C MET A 276 4.10 -5.62 34.10
N ALA A 277 4.34 -5.21 35.36
CA ALA A 277 5.64 -4.77 35.83
C ALA A 277 6.58 -5.92 36.12
N ASN A 278 6.09 -7.15 36.07
CA ASN A 278 6.90 -8.40 36.26
C ASN A 278 7.03 -9.40 35.12
N PHE A 279 6.01 -9.47 34.26
CA PHE A 279 5.88 -10.59 33.30
C PHE A 279 5.80 -10.24 31.81
N PHE A 280 5.70 -8.95 31.48
CA PHE A 280 5.87 -8.50 30.07
C PHE A 280 7.27 -8.91 29.58
N SER A 281 7.41 -9.19 28.26
CA SER A 281 8.63 -9.76 27.65
C SER A 281 9.29 -10.85 28.52
N SER A 282 8.42 -11.69 29.09
CA SER A 282 8.78 -12.74 30.04
C SER A 282 9.64 -12.33 31.21
N GLY A 283 9.40 -11.15 31.75
CA GLY A 283 10.19 -10.70 32.90
C GLY A 283 11.57 -10.11 32.53
N GLN A 284 11.79 -9.81 31.26
CA GLN A 284 13.07 -9.34 30.82
C GLN A 284 13.10 -7.85 30.41
N VAL A 285 12.56 -6.98 31.26
CA VAL A 285 12.63 -5.52 31.05
C VAL A 285 13.43 -4.91 32.19
N CYS A 286 14.48 -4.10 31.90
CA CYS A 286 15.34 -3.61 32.99
C CYS A 286 14.61 -2.77 34.04
N THR A 287 13.54 -2.10 33.61
CA THR A 287 12.71 -1.25 34.50
C THR A 287 11.65 -2.00 35.35
N ASN A 288 11.59 -3.32 35.29
CA ASN A 288 10.57 -4.10 36.00
C ASN A 288 10.50 -3.82 37.52
N GLY A 289 9.28 -3.78 38.05
CA GLY A 289 9.02 -3.49 39.47
C GLY A 289 8.98 -4.77 40.27
N THR A 290 10.19 -5.25 40.55
CA THR A 290 10.44 -6.61 40.99
C THR A 290 10.39 -6.79 42.52
N ARG A 291 10.43 -5.67 43.26
CA ARG A 291 10.07 -5.62 44.68
C ARG A 291 8.70 -4.95 44.81
N VAL A 292 7.66 -5.73 45.11
CA VAL A 292 6.28 -5.24 45.22
C VAL A 292 5.84 -5.09 46.72
N PHE A 293 5.71 -3.86 47.18
CA PHE A 293 5.37 -3.55 48.57
C PHE A 293 3.83 -3.46 48.75
N ILE A 294 3.28 -4.35 49.56
CA ILE A 294 1.83 -4.43 49.88
C ILE A 294 1.54 -4.24 51.39
N HIS A 295 0.52 -3.45 51.72
CA HIS A 295 0.22 -3.18 53.12
C HIS A 295 -0.36 -4.48 53.75
N ARG A 296 0.03 -4.79 55.00
CA ARG A 296 -0.38 -6.02 55.67
C ARG A 296 -1.92 -6.20 55.58
N SER A 297 -2.69 -5.11 55.77
CA SER A 297 -4.19 -5.22 55.70
C SER A 297 -4.71 -5.63 54.32
N GLN A 298 -3.88 -5.62 53.28
CA GLN A 298 -4.36 -5.91 51.91
C GLN A 298 -3.71 -7.11 51.29
N GLN A 299 -2.76 -7.70 52.04
CA GLN A 299 -1.90 -8.80 51.53
C GLN A 299 -2.73 -9.98 50.97
N ALA A 300 -3.67 -10.49 51.74
CA ALA A 300 -4.49 -11.63 51.33
C ALA A 300 -5.25 -11.37 50.03
N ARG A 301 -6.00 -10.26 49.97
CA ARG A 301 -6.81 -9.94 48.77
C ARG A 301 -5.90 -9.69 47.57
N PHE A 302 -4.81 -8.95 47.76
CA PHE A 302 -3.84 -8.71 46.68
C PHE A 302 -3.25 -10.01 46.11
N GLU A 303 -2.83 -10.95 46.99
CA GLU A 303 -2.20 -12.20 46.54
C GLU A 303 -3.16 -13.08 45.71
N ALA A 304 -4.43 -13.10 46.14
CA ALA A 304 -5.54 -13.68 45.38
C ALA A 304 -5.74 -13.09 43.95
N LYS A 305 -5.70 -11.76 43.82
CA LYS A 305 -5.82 -11.09 42.50
C LYS A 305 -4.63 -11.32 41.58
N VAL A 306 -3.42 -11.37 42.16
CA VAL A 306 -2.21 -11.67 41.41
C VAL A 306 -2.24 -13.13 40.89
N LEU A 307 -2.57 -14.08 41.77
CA LEU A 307 -2.73 -15.50 41.45
C LEU A 307 -3.71 -15.70 40.30
N GLU A 308 -4.88 -15.06 40.37
CA GLU A 308 -5.89 -15.17 39.32
C GLU A 308 -5.40 -14.67 37.92
N ARG A 309 -4.71 -13.50 37.89
CA ARG A 309 -4.03 -13.01 36.69
C ARG A 309 -2.91 -13.95 36.21
N VAL A 310 -2.07 -14.45 37.11
CA VAL A 310 -0.96 -15.35 36.72
C VAL A 310 -1.50 -16.64 36.08
N GLN A 311 -2.55 -17.20 36.66
CA GLN A 311 -3.12 -18.45 36.20
C GLN A 311 -3.68 -18.39 34.77
N ARG A 312 -4.04 -17.21 34.29
CA ARG A 312 -4.58 -17.09 32.92
C ARG A 312 -3.55 -16.57 31.88
N ILE A 313 -2.30 -16.39 32.31
CA ILE A 313 -1.19 -16.05 31.38
C ILE A 313 -1.05 -17.15 30.29
N ARG A 314 -0.96 -16.74 29.04
CA ARG A 314 -0.90 -17.68 27.90
C ARG A 314 0.51 -17.89 27.38
N LEU A 315 1.23 -18.76 28.09
CA LEU A 315 2.59 -19.19 27.75
C LEU A 315 2.45 -20.13 26.57
N GLY A 316 3.29 -19.96 25.56
CA GLY A 316 3.25 -20.82 24.40
C GLY A 316 4.29 -20.44 23.37
N ASP A 317 4.12 -21.02 22.18
CA ASP A 317 4.85 -20.69 20.96
C ASP A 317 4.72 -19.17 20.64
N PRO A 318 5.84 -18.40 20.65
CA PRO A 318 5.77 -16.93 20.39
C PRO A 318 5.35 -16.60 18.96
N GLN A 319 5.42 -17.61 18.06
CA GLN A 319 4.82 -17.47 16.74
C GLN A 319 3.29 -17.62 16.65
N ASP A 320 2.65 -18.10 17.72
CA ASP A 320 1.17 -18.04 17.84
C ASP A 320 0.75 -16.65 18.31
N GLU A 321 -0.25 -16.05 17.67
CA GLU A 321 -0.63 -14.66 17.92
C GLU A 321 -1.29 -14.50 19.27
N ASN A 322 -1.81 -15.61 19.78
CA ASN A 322 -2.48 -15.65 21.09
C ASN A 322 -1.60 -15.95 22.29
N THR A 323 -0.34 -16.26 22.04
CA THR A 323 0.66 -16.25 23.08
C THR A 323 0.90 -14.81 23.55
N ASN A 324 0.99 -14.63 24.86
CA ASN A 324 1.40 -13.35 25.46
C ASN A 324 2.60 -13.52 26.42
N PHE A 325 3.17 -14.72 26.46
CA PHE A 325 4.31 -15.04 27.32
C PHE A 325 5.22 -16.09 26.61
N GLY A 326 6.47 -15.71 26.26
CA GLY A 326 7.39 -16.60 25.54
C GLY A 326 8.46 -17.26 26.44
N PRO A 327 9.42 -17.97 25.81
CA PRO A 327 10.58 -18.51 26.50
C PRO A 327 11.49 -17.34 26.85
N LEU A 328 12.59 -17.59 27.56
CA LEU A 328 13.60 -16.57 27.79
C LEU A 328 14.53 -16.51 26.56
N VAL A 329 15.45 -15.54 26.55
CA VAL A 329 16.24 -15.26 25.38
C VAL A 329 17.30 -16.31 25.07
N SER A 330 17.70 -17.10 26.08
CA SER A 330 18.74 -18.11 25.93
C SER A 330 18.69 -19.17 27.02
N PHE A 331 19.38 -20.26 26.75
CA PHE A 331 19.56 -21.35 27.74
C PHE A 331 20.43 -21.02 28.93
N PRO A 332 21.64 -20.39 28.74
CA PRO A 332 22.35 -19.89 29.94
C PRO A 332 21.49 -18.96 30.84
N HIS A 333 20.70 -18.06 30.23
CA HIS A 333 19.82 -17.21 31.00
C HIS A 333 18.73 -17.97 31.78
N MET A 334 18.06 -18.90 31.11
CA MET A 334 17.09 -19.72 31.82
C MET A 334 17.71 -20.47 33.04
N GLU A 335 18.88 -21.08 32.86
CA GLU A 335 19.61 -21.79 33.94
C GLU A 335 19.92 -20.82 35.12
N SER A 336 20.38 -19.62 34.76
CA SER A 336 20.59 -18.57 35.74
C SER A 336 19.32 -18.19 36.52
N VAL A 337 18.17 -18.01 35.85
CA VAL A 337 16.88 -17.71 36.49
C VAL A 337 16.39 -18.83 37.35
N LEU A 338 16.52 -20.06 36.84
CA LEU A 338 16.23 -21.22 37.69
C LEU A 338 17.06 -21.34 38.99
N GLY A 339 18.35 -21.02 38.96
CA GLY A 339 19.13 -20.88 40.22
C GLY A 339 18.61 -19.85 41.25
N TYR A 340 18.07 -18.73 40.77
CA TYR A 340 17.43 -17.74 41.65
C TYR A 340 16.14 -18.27 42.26
N ILE A 341 15.33 -18.97 41.46
CA ILE A 341 14.10 -19.61 42.02
C ILE A 341 14.44 -20.65 43.12
N GLU A 342 15.47 -21.48 42.89
CA GLU A 342 15.95 -22.43 43.91
C GLU A 342 16.44 -21.75 45.19
N SER A 343 17.13 -20.64 45.02
CA SER A 343 17.56 -19.83 46.14
C SER A 343 16.38 -19.28 46.96
N GLY A 344 15.32 -18.79 46.30
CA GLY A 344 14.09 -18.36 47.00
C GLY A 344 13.46 -19.46 47.84
N LYS A 345 13.41 -20.70 47.31
CA LYS A 345 12.85 -21.86 48.00
C LYS A 345 13.72 -22.23 49.22
N ALA A 346 15.05 -22.24 49.01
CA ALA A 346 15.99 -22.58 50.06
C ALA A 346 15.94 -21.56 51.20
N GLN A 347 15.71 -20.29 50.89
CA GLN A 347 15.64 -19.25 51.93
C GLN A 347 14.24 -19.09 52.51
N LYS A 348 13.33 -19.97 52.09
CA LYS A 348 11.98 -20.11 52.69
C LYS A 348 11.00 -18.94 52.42
N ALA A 349 11.17 -18.29 51.26
CA ALA A 349 10.11 -17.41 50.74
C ALA A 349 8.94 -18.33 50.43
N ARG A 350 7.70 -17.87 50.60
CA ARG A 350 6.53 -18.70 50.30
C ARG A 350 6.25 -18.68 48.79
N LEU A 351 6.22 -19.85 48.15
CA LEU A 351 5.94 -19.89 46.69
C LEU A 351 4.45 -19.76 46.42
N LEU A 352 4.04 -18.68 45.78
CA LEU A 352 2.61 -18.47 45.51
C LEU A 352 2.22 -19.19 44.20
N CYS A 353 3.04 -19.05 43.15
CA CYS A 353 2.80 -19.79 41.91
C CYS A 353 4.06 -19.93 40.99
N GLY A 354 4.01 -20.86 40.02
CA GLY A 354 5.09 -21.12 39.06
C GLY A 354 6.26 -21.81 39.76
N GLY A 355 7.48 -21.41 39.41
CA GLY A 355 8.63 -21.92 40.16
C GLY A 355 9.32 -23.11 39.51
N GLU A 356 9.06 -23.33 38.23
CA GLU A 356 9.68 -24.45 37.53
C GLU A 356 9.85 -24.18 36.04
N ARG A 357 10.78 -24.89 35.43
CA ARG A 357 10.88 -24.99 33.94
C ARG A 357 9.68 -25.74 33.35
N VAL A 358 9.15 -25.21 32.24
CA VAL A 358 8.07 -25.89 31.52
C VAL A 358 8.64 -26.81 30.43
N THR A 359 8.34 -28.12 30.55
CA THR A 359 8.98 -29.17 29.75
C THR A 359 7.96 -30.02 28.96
N ASP A 360 6.68 -29.84 29.24
CA ASP A 360 5.63 -30.60 28.53
C ASP A 360 5.59 -30.41 27.02
N GLY A 361 5.33 -31.50 26.31
CA GLY A 361 5.24 -31.49 24.84
C GLY A 361 6.55 -31.03 24.21
N ALA A 362 6.54 -29.88 23.55
CA ALA A 362 7.75 -29.42 22.87
C ALA A 362 8.47 -28.29 23.60
N PHE A 363 7.89 -27.81 24.69
CA PHE A 363 8.47 -26.71 25.47
C PHE A 363 9.84 -27.09 26.05
N GLY A 364 10.10 -28.40 26.22
CA GLY A 364 11.41 -28.91 26.66
C GLY A 364 12.58 -28.76 25.69
N LYS A 365 12.31 -28.46 24.41
CA LYS A 365 13.34 -28.07 23.46
C LYS A 365 13.60 -26.55 23.49
N GLY A 366 12.75 -25.82 24.24
CA GLY A 366 12.93 -24.39 24.43
C GLY A 366 13.40 -24.01 25.82
N ALA A 367 13.64 -22.70 25.98
CA ALA A 367 14.07 -22.11 27.26
C ALA A 367 12.95 -21.43 28.07
N TYR A 368 11.93 -22.21 28.44
CA TYR A 368 10.69 -21.74 29.09
C TYR A 368 10.72 -21.87 30.62
N VAL A 369 10.58 -20.74 31.31
CA VAL A 369 10.36 -20.68 32.76
C VAL A 369 8.90 -20.19 33.05
N ALA A 370 8.16 -20.86 33.94
CA ALA A 370 6.81 -20.38 34.28
C ALA A 370 6.80 -19.01 35.04
N PRO A 371 5.74 -18.20 34.84
CA PRO A 371 5.61 -16.96 35.64
C PRO A 371 5.62 -17.27 37.13
N THR A 372 6.63 -16.77 37.85
CA THR A 372 6.85 -17.14 39.24
C THR A 372 6.62 -15.95 40.19
N VAL A 373 5.83 -16.21 41.24
CA VAL A 373 5.63 -15.26 42.34
C VAL A 373 6.03 -15.83 43.70
N PHE A 374 7.00 -15.19 44.38
CA PHE A 374 7.28 -15.40 45.84
C PHE A 374 6.61 -14.32 46.69
N THR A 375 6.12 -14.71 47.88
CA THR A 375 5.60 -13.78 48.89
C THR A 375 6.17 -14.07 50.32
N ASP A 376 5.81 -13.23 51.30
CA ASP A 376 6.40 -13.27 52.67
C ASP A 376 7.94 -13.14 52.55
N CYS A 377 8.40 -12.37 51.57
CA CYS A 377 9.81 -12.11 51.34
C CYS A 377 10.33 -11.13 52.41
N ARG A 378 11.65 -11.10 52.58
CA ARG A 378 12.40 -10.26 53.51
C ARG A 378 13.54 -9.60 52.76
N ASP A 379 14.00 -8.48 53.30
CA ASP A 379 14.87 -7.60 52.59
C ASP A 379 16.27 -8.19 52.38
N ASP A 380 16.71 -9.13 53.22
CA ASP A 380 18.02 -9.82 53.07
C ASP A 380 18.04 -11.08 52.17
N MET A 381 16.91 -11.41 51.54
CA MET A 381 16.79 -12.57 50.67
C MET A 381 17.53 -12.25 49.38
N THR A 382 18.26 -13.23 48.83
CA THR A 382 18.95 -13.10 47.52
C THR A 382 18.00 -12.65 46.38
N ILE A 383 16.79 -13.22 46.32
CA ILE A 383 15.86 -12.84 45.27
C ILE A 383 15.36 -11.38 45.40
N VAL A 384 15.37 -10.83 46.64
CA VAL A 384 14.97 -9.44 46.91
C VAL A 384 16.10 -8.42 46.60
N ARG A 385 17.35 -8.79 46.96
CA ARG A 385 18.52 -7.92 46.79
C ARG A 385 19.12 -7.88 45.36
N GLU A 386 19.01 -9.00 44.62
CA GLU A 386 19.75 -9.16 43.35
C GLU A 386 18.83 -9.10 42.14
N GLU A 387 19.31 -8.50 41.04
CA GLU A 387 18.54 -8.50 39.81
C GLU A 387 18.49 -9.90 39.17
N ILE A 388 17.29 -10.40 38.94
CA ILE A 388 17.09 -11.72 38.33
C ILE A 388 16.94 -11.66 36.75
N PHE A 389 16.16 -10.72 36.23
CA PHE A 389 16.03 -10.57 34.76
C PHE A 389 15.31 -11.80 34.07
N GLY A 390 14.33 -12.30 34.80
CA GLY A 390 13.43 -13.30 34.33
C GLY A 390 12.13 -13.13 35.13
N PRO A 391 11.13 -13.99 34.90
CA PRO A 391 9.77 -13.69 35.43
C PRO A 391 9.60 -14.10 36.89
N VAL A 392 10.14 -13.28 37.81
CA VAL A 392 10.12 -13.58 39.26
C VAL A 392 9.74 -12.31 40.06
N MET A 393 8.48 -12.30 40.53
CA MET A 393 7.96 -11.23 41.43
C MET A 393 8.28 -11.55 42.91
N SER A 394 8.78 -10.55 43.68
CA SER A 394 8.91 -10.67 45.14
C SER A 394 7.96 -9.69 45.85
N ILE A 395 6.98 -10.22 46.56
CA ILE A 395 5.99 -9.43 47.33
C ILE A 395 6.47 -9.28 48.81
N LEU A 396 6.57 -8.04 49.27
CA LEU A 396 7.07 -7.69 50.61
C LEU A 396 5.96 -6.98 51.34
N VAL A 397 5.64 -7.42 52.56
CA VAL A 397 4.64 -6.82 53.44
C VAL A 397 5.27 -5.64 54.23
N TYR A 398 4.50 -4.54 54.37
CA TYR A 398 4.87 -3.33 55.13
C TYR A 398 3.68 -2.86 56.00
N ASP A 399 4.02 -2.12 57.07
CA ASP A 399 3.03 -1.51 57.97
C ASP A 399 2.82 0.02 57.87
N ASP A 400 3.85 0.78 57.57
CA ASP A 400 3.58 2.21 57.33
C ASP A 400 4.29 2.82 56.15
N GLU A 401 3.77 3.97 55.69
CA GLU A 401 4.27 4.67 54.51
C GLU A 401 5.75 5.03 54.56
N ASP A 402 6.23 5.58 55.70
CA ASP A 402 7.59 6.07 55.79
C ASP A 402 8.55 4.88 55.72
N GLU A 403 8.15 3.79 56.39
CA GLU A 403 8.84 2.48 56.30
C GLU A 403 8.95 1.96 54.84
N ALA A 404 7.84 1.97 54.11
CA ALA A 404 7.89 1.46 52.73
C ALA A 404 8.84 2.29 51.86
N ILE A 405 8.86 3.61 52.05
CA ILE A 405 9.75 4.48 51.24
C ILE A 405 11.25 4.20 51.59
N ARG A 406 11.53 3.97 52.87
CA ARG A 406 12.89 3.76 53.38
C ARG A 406 13.46 2.46 52.75
N ARG A 407 12.66 1.41 52.81
CA ARG A 407 13.01 0.09 52.26
C ARG A 407 13.13 0.06 50.74
N ALA A 408 12.21 0.76 50.07
CA ALA A 408 12.32 1.04 48.60
C ALA A 408 13.67 1.65 48.15
N ASN A 409 14.14 2.59 48.95
CA ASN A 409 15.35 3.36 48.71
C ASN A 409 16.65 2.66 49.09
N ASP A 410 16.56 1.64 49.94
CA ASP A 410 17.74 0.90 50.47
C ASP A 410 18.30 -0.11 49.45
N THR A 411 19.09 0.40 48.51
CA THR A 411 19.62 -0.39 47.37
C THR A 411 20.67 0.50 46.66
N GLU A 412 21.68 -0.11 46.07
CA GLU A 412 22.61 0.61 45.17
C GLU A 412 22.01 0.98 43.81
N TYR A 413 20.85 0.40 43.50
CA TYR A 413 20.15 0.61 42.25
C TYR A 413 19.23 1.82 42.40
N GLY A 414 18.84 2.41 41.28
CA GLY A 414 17.89 3.52 41.25
C GLY A 414 17.32 3.78 39.84
N LEU A 415 16.93 2.72 39.12
CA LEU A 415 16.46 2.89 37.72
C LEU A 415 15.00 3.43 37.68
N ALA A 416 14.04 2.61 38.11
CA ALA A 416 12.57 2.95 38.15
C ALA A 416 12.00 2.88 39.58
N ALA A 417 10.81 3.46 39.75
CA ALA A 417 10.02 3.33 40.98
C ALA A 417 8.54 3.70 40.65
N GLY A 418 7.59 3.26 41.46
CA GLY A 418 6.18 3.61 41.20
C GLY A 418 5.31 3.46 42.40
N VAL A 419 4.18 4.18 42.39
CA VAL A 419 3.20 4.15 43.50
C VAL A 419 1.77 3.95 42.96
N VAL A 420 0.91 3.35 43.80
CA VAL A 420 -0.48 3.16 43.50
C VAL A 420 -1.30 3.70 44.69
N THR A 421 -2.11 4.73 44.39
CA THR A 421 -2.91 5.48 45.37
C THR A 421 -3.85 6.43 44.66
N GLN A 422 -5.01 6.71 45.27
CA GLN A 422 -5.95 7.67 44.68
C GLN A 422 -5.86 9.04 45.35
N ASP A 423 -5.02 9.14 46.39
CA ASP A 423 -4.87 10.36 47.15
C ASP A 423 -3.85 11.31 46.49
N LEU A 424 -4.29 12.54 46.15
CA LEU A 424 -3.46 13.60 45.52
C LEU A 424 -2.20 13.87 46.31
N ALA A 425 -2.31 14.18 47.62
CA ALA A 425 -1.12 14.49 48.42
C ALA A 425 -0.10 13.34 48.49
N ARG A 426 -0.55 12.13 48.78
CA ARG A 426 0.37 10.98 48.88
C ARG A 426 1.07 10.62 47.56
N ALA A 427 0.34 10.67 46.45
CA ALA A 427 0.93 10.32 45.14
C ALA A 427 2.23 11.14 44.94
N HIS A 428 2.11 12.46 44.98
CA HIS A 428 3.28 13.38 44.68
C HIS A 428 4.32 13.37 45.80
N ARG A 429 3.90 13.37 47.07
N ARG A 429 3.87 13.36 47.06
CA ARG A 429 4.87 13.39 48.19
CA ARG A 429 4.75 13.33 48.24
C ARG A 429 5.76 12.13 48.29
C ARG A 429 5.74 12.17 48.17
N ALA A 430 5.18 10.96 48.05
CA ALA A 430 5.94 9.68 47.93
C ALA A 430 6.91 9.61 46.77
N ILE A 431 6.43 9.94 45.59
CA ILE A 431 7.23 9.86 44.39
C ILE A 431 8.39 10.91 44.46
N HIS A 432 8.16 12.06 45.12
CA HIS A 432 9.28 13.05 45.30
C HIS A 432 10.47 12.51 46.15
N ARG A 433 10.20 11.58 47.08
CA ARG A 433 11.16 10.92 47.97
C ARG A 433 11.80 9.62 47.47
N LEU A 434 11.29 9.07 46.36
CA LEU A 434 11.86 7.84 45.78
C LEU A 434 13.13 8.13 44.95
N GLU A 435 14.21 7.41 45.22
CA GLU A 435 15.48 7.68 44.54
C GLU A 435 15.66 6.91 43.19
N ALA A 436 14.88 7.30 42.18
CA ALA A 436 14.92 6.65 40.86
C ALA A 436 14.76 7.72 39.78
N GLY A 437 15.36 7.47 38.60
CA GLY A 437 15.22 8.36 37.43
C GLY A 437 13.86 8.30 36.68
N ILE A 438 13.14 7.17 36.77
CA ILE A 438 11.92 6.92 36.01
C ILE A 438 10.80 6.52 36.99
N CYS A 439 9.76 7.35 37.11
CA CYS A 439 8.79 7.24 38.21
C CYS A 439 7.39 7.26 37.61
N TRP A 440 6.61 6.29 38.03
CA TRP A 440 5.25 6.08 37.49
C TRP A 440 4.19 6.20 38.59
N ILE A 441 3.13 6.99 38.33
CA ILE A 441 1.97 7.04 39.28
C ILE A 441 0.71 6.39 38.64
N ASN A 442 0.18 5.33 39.27
CA ASN A 442 -1.05 4.65 38.79
C ASN A 442 -0.90 4.02 37.38
N THR A 443 0.35 3.66 37.07
CA THR A 443 0.71 3.05 35.81
C THR A 443 2.09 2.36 35.97
N TRP A 444 2.58 1.68 34.92
CA TRP A 444 3.95 1.18 34.83
C TRP A 444 4.34 0.94 33.36
N GLY A 445 5.62 1.12 33.01
CA GLY A 445 6.19 0.62 31.73
C GLY A 445 6.13 1.52 30.49
N GLU A 446 5.19 2.48 30.44
CA GLU A 446 5.12 3.45 29.32
C GLU A 446 6.36 4.37 29.29
N SER A 447 6.97 4.50 28.11
CA SER A 447 8.24 5.27 27.98
C SER A 447 8.17 6.22 26.78
N PRO A 448 7.36 7.30 26.86
CA PRO A 448 7.17 8.21 25.70
C PRO A 448 8.49 8.76 25.16
N ALA A 449 8.56 8.99 23.84
CA ALA A 449 9.74 9.61 23.19
C ALA A 449 10.22 10.95 23.84
N GLU A 450 9.26 11.72 24.39
CA GLU A 450 9.53 13.02 25.02
C GLU A 450 10.09 12.93 26.47
N MET A 451 9.98 11.76 27.08
CA MET A 451 10.35 11.57 28.49
C MET A 451 11.78 11.03 28.66
N PRO A 452 12.68 11.85 29.27
CA PRO A 452 14.06 11.35 29.50
C PRO A 452 14.05 10.21 30.53
N VAL A 453 14.76 9.14 30.19
CA VAL A 453 14.84 7.95 31.04
C VAL A 453 16.30 7.52 31.28
N GLY A 454 16.56 7.07 32.51
CA GLY A 454 17.84 6.61 32.95
C GLY A 454 17.89 6.50 34.45
N GLY A 455 19.05 6.06 34.95
CA GLY A 455 19.13 5.69 36.35
C GLY A 455 19.80 6.66 37.30
N TYR A 456 19.34 6.63 38.55
CA TYR A 456 20.04 7.19 39.69
C TYR A 456 21.09 6.14 40.15
N LYS A 457 22.08 6.63 40.88
CA LYS A 457 23.01 5.78 41.64
C LYS A 457 23.70 4.82 40.66
N GLN A 458 23.76 3.54 41.00
CA GLN A 458 24.48 2.55 40.15
C GLN A 458 23.67 1.92 39.00
N SER A 459 22.53 2.53 38.68
CA SER A 459 21.67 2.10 37.57
C SER A 459 21.91 2.92 36.32
N GLY A 460 22.76 3.95 36.39
CA GLY A 460 23.04 4.70 35.13
C GLY A 460 23.83 6.02 35.27
N VAL A 461 24.32 6.50 34.12
CA VAL A 461 24.89 7.83 33.93
C VAL A 461 24.23 8.35 32.65
N GLY A 462 23.78 9.60 32.66
CA GLY A 462 23.16 10.16 31.42
C GLY A 462 21.73 9.59 31.22
N ARG A 463 21.10 9.98 30.10
CA ARG A 463 19.70 9.67 29.83
C ARG A 463 19.53 9.31 28.34
N GLU A 464 18.41 8.69 28.01
CA GLU A 464 17.93 8.53 26.67
C GLU A 464 16.54 9.17 26.56
N ASN A 465 16.16 9.51 25.31
CA ASN A 465 14.89 10.14 24.93
C ASN A 465 14.73 11.58 25.50
N GLY A 466 13.71 12.30 25.06
CA GLY A 466 13.57 13.72 25.47
C GLY A 466 14.53 14.71 24.78
N LEU A 467 14.21 15.98 24.95
CA LEU A 467 15.04 17.06 24.37
C LEU A 467 16.45 16.96 24.89
N THR A 468 16.60 16.68 26.19
CA THR A 468 17.96 16.52 26.82
C THR A 468 18.98 15.57 26.16
N THR A 469 18.52 14.44 25.66
CA THR A 469 19.41 13.45 25.07
C THR A 469 20.04 13.93 23.75
N LEU A 470 19.26 14.62 22.92
CA LEU A 470 19.76 15.20 21.66
C LEU A 470 20.89 16.19 21.95
N ALA A 471 20.71 17.03 22.96
CA ALA A 471 21.68 18.07 23.39
C ALA A 471 22.96 17.37 23.79
N HIS A 472 22.82 16.23 24.48
CA HIS A 472 23.98 15.39 24.92
C HIS A 472 24.71 14.54 23.85
N TYR A 473 24.19 14.57 22.61
CA TYR A 473 24.91 14.07 21.43
C TYR A 473 25.66 15.17 20.62
N THR A 474 25.74 16.35 21.22
CA THR A 474 26.59 17.46 20.75
C THR A 474 27.69 17.81 21.79
N ARG A 475 28.70 18.56 21.33
CA ARG A 475 29.68 19.20 22.16
C ARG A 475 29.53 20.72 22.04
N ILE A 476 29.73 21.41 23.15
CA ILE A 476 29.70 22.88 23.19
C ILE A 476 31.03 23.53 22.85
N LYS A 477 31.04 24.37 21.83
CA LYS A 477 32.12 25.32 21.63
C LYS A 477 31.69 26.76 21.96
N SER A 478 32.46 27.45 22.78
CA SER A 478 32.20 28.87 23.08
C SER A 478 33.16 29.74 22.26
N VAL A 479 32.59 30.72 21.55
CA VAL A 479 33.31 31.66 20.70
C VAL A 479 33.15 33.11 21.20
N GLN A 480 34.24 33.68 21.70
CA GLN A 480 34.30 35.08 22.12
C GLN A 480 34.85 35.89 20.94
N VAL A 481 34.01 36.81 20.45
CA VAL A 481 34.40 37.78 19.46
C VAL A 481 34.82 39.08 20.13
N GLU A 482 36.11 39.41 20.06
CA GLU A 482 36.57 40.71 20.53
C GLU A 482 36.49 41.73 19.36
N LEU A 483 35.70 42.80 19.53
CA LEU A 483 35.55 43.82 18.48
C LEU A 483 36.35 45.11 18.74
N GLY A 484 37.05 45.20 19.86
CA GLY A 484 37.72 46.44 20.28
C GLY A 484 39.21 46.19 20.47
N ASP A 485 39.86 47.03 21.27
CA ASP A 485 41.32 46.87 21.47
C ASP A 485 41.65 45.70 22.38
N TYR A 486 42.89 45.18 22.30
CA TYR A 486 43.33 44.12 23.23
C TYR A 486 44.42 44.62 24.15
N ALA A 487 44.21 44.45 25.45
CA ALA A 487 45.13 44.91 26.50
C ALA A 487 46.07 43.78 26.98
N SER A 488 47.37 44.02 26.92
CA SER A 488 48.42 43.10 27.39
C SER A 488 49.10 43.70 28.63
N VAL A 489 49.47 42.87 29.62
CA VAL A 489 50.17 43.44 30.80
C VAL A 489 51.66 43.64 30.61
N PHE A 490 52.18 43.07 29.52
CA PHE A 490 53.64 42.94 29.22
C PHE A 490 54.22 43.99 28.25
N ALA B 2 58.29 27.35 60.81
CA ALA B 2 57.41 27.59 59.62
C ALA B 2 56.78 28.96 59.76
N ARG B 3 56.40 29.59 58.65
CA ARG B 3 55.72 30.89 58.71
C ARG B 3 54.36 30.90 59.49
N PHE B 4 53.53 29.88 59.28
CA PHE B 4 52.23 29.84 59.92
C PHE B 4 52.12 28.66 60.90
N GLU B 5 50.98 28.62 61.60
N GLU B 5 51.04 28.57 61.67
CA GLU B 5 50.51 27.49 62.39
CA GLU B 5 50.87 27.42 62.52
C GLU B 5 50.42 26.19 61.58
C GLU B 5 50.37 26.24 61.67
N GLU B 6 50.36 25.06 62.26
CA GLU B 6 49.97 23.81 61.58
C GLU B 6 48.51 23.89 61.08
N GLN B 7 48.28 23.54 59.80
CA GLN B 7 46.95 23.59 59.22
C GLN B 7 46.16 22.30 59.49
N LYS B 8 44.90 22.43 59.90
CA LYS B 8 44.07 21.28 60.32
C LYS B 8 43.00 21.01 59.23
N LEU B 9 42.28 19.90 59.30
CA LEU B 9 41.17 19.62 58.38
C LEU B 9 39.99 20.55 58.71
N TYR B 10 39.07 20.74 57.76
CA TYR B 10 37.85 21.54 58.02
C TYR B 10 36.60 20.71 57.80
N ILE B 11 35.96 20.33 58.88
CA ILE B 11 34.80 19.44 58.77
C ILE B 11 33.70 19.95 59.68
N GLY B 12 32.50 20.15 59.13
CA GLY B 12 31.35 20.52 60.00
C GLY B 12 31.43 21.95 60.55
N GLY B 13 31.89 22.87 59.71
CA GLY B 13 31.93 24.30 60.08
C GLY B 13 32.93 24.71 61.16
N ARG B 14 34.01 23.93 61.35
CA ARG B 14 35.12 24.23 62.26
C ARG B 14 36.38 23.45 61.84
N TYR B 15 37.52 23.85 62.37
CA TYR B 15 38.76 23.06 62.19
C TYR B 15 38.73 21.85 63.12
N VAL B 16 39.15 20.69 62.62
CA VAL B 16 39.23 19.49 63.44
C VAL B 16 40.58 18.81 63.19
N GLU B 17 41.09 18.09 64.21
CA GLU B 17 42.29 17.24 64.10
C GLU B 17 42.16 16.06 63.15
N ALA B 18 43.14 15.89 62.23
CA ALA B 18 43.24 14.70 61.38
C ALA B 18 43.54 13.51 62.30
N SER B 19 43.37 12.27 61.81
CA SER B 19 43.69 11.04 62.57
C SER B 19 44.77 10.17 61.88
N SER B 20 45.64 10.75 61.05
CA SER B 20 46.73 10.02 60.37
C SER B 20 48.04 9.99 61.13
N GLY B 21 48.26 10.99 62.02
CA GLY B 21 49.54 11.15 62.71
C GLY B 21 50.60 11.71 61.77
N ALA B 22 50.16 12.16 60.61
CA ALA B 22 51.10 12.56 59.58
C ALA B 22 50.80 13.93 58.94
N THR B 23 51.88 14.63 58.52
CA THR B 23 51.81 15.97 57.88
C THR B 23 52.68 16.00 56.61
N PHE B 24 52.47 17.01 55.75
CA PHE B 24 53.42 17.39 54.70
C PHE B 24 53.75 18.87 54.83
N GLU B 25 54.70 19.36 54.02
CA GLU B 25 55.04 20.79 53.99
C GLU B 25 54.55 21.53 52.75
N THR B 26 54.09 22.77 52.94
CA THR B 26 53.96 23.68 51.81
C THR B 26 55.07 24.71 51.82
N ILE B 27 55.64 24.90 50.63
CA ILE B 27 56.91 25.66 50.43
C ILE B 27 56.61 26.92 49.60
N ASN B 28 57.20 28.07 49.94
CA ASN B 28 57.14 29.29 49.11
C ASN B 28 58.15 29.18 47.95
N PRO B 29 57.65 29.15 46.67
CA PRO B 29 58.58 28.97 45.54
C PRO B 29 59.49 30.21 45.20
N ALA B 30 59.27 31.34 45.86
CA ALA B 30 60.13 32.50 45.66
C ALA B 30 61.46 32.36 46.38
N ASN B 31 61.48 31.59 47.47
CA ASN B 31 62.64 31.60 48.34
C ASN B 31 62.92 30.24 49.05
N GLY B 32 62.04 29.27 48.86
CA GLY B 32 62.22 27.98 49.56
C GLY B 32 61.82 27.88 51.03
N GLU B 33 61.27 28.96 51.61
CA GLU B 33 60.78 28.92 53.01
C GLU B 33 59.57 27.99 53.19
N VAL B 34 59.56 27.27 54.33
CA VAL B 34 58.40 26.47 54.74
C VAL B 34 57.29 27.43 55.18
N LEU B 35 56.19 27.48 54.44
CA LEU B 35 55.02 28.24 54.87
C LEU B 35 54.28 27.62 56.05
N ALA B 36 54.01 26.30 55.99
CA ALA B 36 53.27 25.56 57.06
C ALA B 36 53.48 24.05 57.01
N LYS B 37 53.33 23.40 58.15
CA LYS B 37 52.96 21.97 58.18
C LYS B 37 51.45 21.90 57.98
N VAL B 38 51.00 20.89 57.24
CA VAL B 38 49.60 20.68 56.83
C VAL B 38 49.24 19.21 57.07
N GLN B 39 48.15 18.95 57.81
CA GLN B 39 47.69 17.57 58.11
C GLN B 39 47.23 16.73 56.90
N ARG B 40 47.62 15.45 56.90
CA ARG B 40 47.15 14.46 55.93
C ARG B 40 45.88 13.79 56.46
N ALA B 41 44.78 13.93 55.71
CA ALA B 41 43.50 13.29 56.08
C ALA B 41 43.64 11.76 55.97
N SER B 42 43.07 11.04 56.94
N SER B 42 43.11 11.03 56.95
CA SER B 42 43.03 9.59 56.94
CA SER B 42 43.08 9.56 56.92
C SER B 42 41.77 9.07 56.25
C SER B 42 41.82 9.07 56.20
N ARG B 43 41.75 7.77 55.92
CA ARG B 43 40.51 7.16 55.42
C ARG B 43 39.34 7.38 56.38
N GLU B 44 39.59 7.26 57.70
CA GLU B 44 38.59 7.57 58.75
C GLU B 44 38.12 9.03 58.70
N ASP B 45 39.05 9.95 58.42
CA ASP B 45 38.73 11.37 58.19
C ASP B 45 37.87 11.57 56.96
N VAL B 46 38.10 10.77 55.90
CA VAL B 46 37.23 10.80 54.71
C VAL B 46 35.81 10.34 55.10
N GLU B 47 35.69 9.22 55.81
CA GLU B 47 34.37 8.76 56.24
C GLU B 47 33.66 9.83 57.09
N ARG B 48 34.40 10.47 57.99
CA ARG B 48 33.82 11.57 58.82
C ARG B 48 33.29 12.74 57.98
N ALA B 49 34.07 13.20 56.99
CA ALA B 49 33.65 14.26 56.04
C ALA B 49 32.39 13.90 55.22
N VAL B 50 32.30 12.65 54.75
CA VAL B 50 31.09 12.14 54.03
C VAL B 50 29.85 12.15 54.91
N GLN B 51 29.94 11.63 56.14
CA GLN B 51 28.79 11.67 57.05
C GLN B 51 28.28 13.08 57.38
N SER B 52 29.22 13.97 57.68
CA SER B 52 28.96 15.39 57.86
C SER B 52 28.26 16.03 56.66
N ALA B 53 28.73 15.72 55.44
CA ALA B 53 28.15 16.27 54.17
C ALA B 53 26.77 15.71 53.92
N VAL B 54 26.59 14.43 54.24
CA VAL B 54 25.25 13.82 54.12
C VAL B 54 24.19 14.59 54.92
N GLU B 55 24.50 14.82 56.20
CA GLU B 55 23.63 15.57 57.12
C GLU B 55 23.48 17.05 56.79
N GLY B 56 24.58 17.70 56.40
CA GLY B 56 24.54 19.10 55.95
C GLY B 56 23.77 19.41 54.68
N GLN B 57 23.92 18.55 53.68
CA GLN B 57 23.17 18.64 52.42
C GLN B 57 21.67 18.67 52.68
N LYS B 58 21.18 17.84 53.61
CA LYS B 58 19.77 17.78 54.00
C LYS B 58 19.23 19.13 54.52
N VAL B 59 20.03 19.79 55.38
CA VAL B 59 19.70 21.10 55.94
C VAL B 59 19.67 22.17 54.80
N TRP B 60 20.70 22.15 53.95
CA TRP B 60 20.88 23.10 52.83
C TRP B 60 19.73 22.98 51.84
N ALA B 61 19.39 21.73 51.50
CA ALA B 61 18.31 21.45 50.54
C ALA B 61 16.89 21.73 51.06
N ALA B 62 16.67 21.66 52.37
CA ALA B 62 15.35 21.95 52.94
C ALA B 62 15.03 23.47 52.95
N MET B 63 16.04 24.33 52.78
CA MET B 63 15.80 25.79 52.69
C MET B 63 15.10 26.13 51.38
N THR B 64 14.52 27.33 51.28
CA THR B 64 13.97 27.81 49.98
C THR B 64 15.13 28.19 49.06
N ALA B 65 14.84 28.32 47.75
CA ALA B 65 15.87 28.71 46.81
C ALA B 65 16.41 30.12 47.12
N MET B 66 15.53 31.05 47.47
CA MET B 66 15.99 32.39 47.87
C MET B 66 16.83 32.44 49.14
N GLN B 67 16.50 31.64 50.15
CA GLN B 67 17.41 31.44 51.30
C GLN B 67 18.84 31.02 50.94
N ARG B 68 18.99 29.97 50.11
CA ARG B 68 20.35 29.55 49.58
C ARG B 68 20.99 30.69 48.82
N SER B 69 20.24 31.28 47.87
CA SER B 69 20.72 32.48 47.13
C SER B 69 21.34 33.61 48.03
N ARG B 70 20.64 34.02 49.10
CA ARG B 70 21.08 35.14 49.98
C ARG B 70 22.38 34.80 50.73
N ILE B 71 22.47 33.55 51.18
CA ILE B 71 23.73 33.04 51.81
C ILE B 71 24.93 33.03 50.85
N LEU B 72 24.72 32.54 49.64
CA LEU B 72 25.78 32.58 48.65
C LEU B 72 26.19 34.02 48.29
N ARG B 73 25.21 34.93 48.25
CA ARG B 73 25.47 36.36 48.04
C ARG B 73 26.28 37.00 49.21
N ARG B 74 25.96 36.66 50.47
CA ARG B 74 26.77 37.12 51.60
C ARG B 74 28.24 36.63 51.52
N ALA B 75 28.46 35.39 51.05
CA ALA B 75 29.83 34.88 50.83
C ALA B 75 30.57 35.68 49.74
N VAL B 76 29.89 36.02 48.64
CA VAL B 76 30.43 37.01 47.68
C VAL B 76 30.85 38.35 48.40
N ASP B 77 29.96 38.92 49.20
CA ASP B 77 30.30 40.20 49.90
C ASP B 77 31.55 40.06 50.74
N ILE B 78 31.65 38.96 51.49
CA ILE B 78 32.87 38.69 52.29
C ILE B 78 34.16 38.54 51.44
N LEU B 79 34.10 37.79 50.35
CA LEU B 79 35.23 37.67 49.42
C LEU B 79 35.72 38.99 48.83
N ARG B 80 34.78 39.93 48.51
CA ARG B 80 35.13 41.27 48.02
C ARG B 80 35.90 42.04 49.12
N GLU B 81 35.37 42.04 50.34
CA GLU B 81 36.10 42.60 51.51
C GLU B 81 37.52 42.03 51.68
N ARG B 82 37.70 40.74 51.50
CA ARG B 82 38.96 40.10 51.84
C ARG B 82 39.87 39.83 50.63
N ASN B 83 39.50 40.41 49.47
CA ASN B 83 40.27 40.31 48.22
C ASN B 83 41.78 40.42 48.41
N ASP B 84 42.23 41.52 49.01
CA ASP B 84 43.69 41.80 49.11
C ASP B 84 44.40 40.84 50.06
N GLU B 85 43.76 40.45 51.16
CA GLU B 85 44.35 39.52 52.11
C GLU B 85 44.43 38.11 51.48
N LEU B 86 43.35 37.69 50.84
CA LEU B 86 43.37 36.41 50.10
C LEU B 86 44.39 36.42 48.99
N ALA B 87 44.48 37.50 48.21
CA ALA B 87 45.50 37.56 47.13
C ALA B 87 46.94 37.39 47.66
N ALA B 88 47.24 38.04 48.79
CA ALA B 88 48.57 37.95 49.41
C ALA B 88 48.95 36.51 49.86
N LEU B 89 48.00 35.79 50.48
CA LEU B 89 48.16 34.39 50.83
C LEU B 89 48.45 33.52 49.58
N GLU B 90 47.60 33.70 48.57
CA GLU B 90 47.75 32.98 47.29
C GLU B 90 49.13 33.21 46.64
N THR B 91 49.65 34.43 46.72
CA THR B 91 50.97 34.76 46.16
C THR B 91 52.08 33.93 46.87
N LEU B 92 52.01 33.86 48.21
CA LEU B 92 52.97 33.12 49.01
C LEU B 92 52.99 31.66 48.61
N ASP B 93 51.79 31.09 48.44
CA ASP B 93 51.60 29.68 48.17
C ASP B 93 51.96 29.33 46.72
N THR B 94 51.70 30.22 45.74
CA THR B 94 51.84 29.78 44.32
C THR B 94 53.08 30.36 43.60
N GLY B 95 53.65 31.44 44.14
CA GLY B 95 54.66 32.25 43.41
C GLY B 95 54.10 33.29 42.41
N LYS B 96 52.79 33.29 42.20
CA LYS B 96 52.16 34.23 41.25
C LYS B 96 52.26 35.71 41.71
N PRO B 97 52.56 36.63 40.74
CA PRO B 97 52.69 38.05 41.08
C PRO B 97 51.45 38.60 41.78
N LEU B 98 51.68 39.48 42.75
CA LEU B 98 50.61 40.17 43.46
C LEU B 98 49.72 41.00 42.50
N ALA B 99 50.30 41.50 41.41
CA ALA B 99 49.55 42.22 40.41
C ALA B 99 48.52 41.33 39.72
N GLU B 100 48.76 39.99 39.69
CA GLU B 100 47.75 38.98 39.24
C GLU B 100 46.75 38.60 40.31
N THR B 101 47.24 38.15 41.44
CA THR B 101 46.35 37.55 42.45
C THR B 101 45.37 38.58 42.99
N ARG B 102 45.75 39.84 42.95
CA ARG B 102 44.92 40.91 43.47
C ARG B 102 43.80 41.35 42.53
N SER B 103 44.03 41.12 41.23
CA SER B 103 43.10 41.49 40.16
C SER B 103 42.35 40.33 39.48
N VAL B 104 42.89 39.13 39.54
CA VAL B 104 42.38 38.03 38.72
C VAL B 104 41.77 36.91 39.61
N ASP B 105 42.56 36.35 40.54
CA ASP B 105 42.20 35.10 41.23
C ASP B 105 40.89 35.11 42.06
N ILE B 106 40.80 36.00 43.04
CA ILE B 106 39.61 36.19 43.87
C ILE B 106 38.49 36.94 43.10
N VAL B 107 38.84 37.99 42.38
CA VAL B 107 37.84 38.71 41.52
C VAL B 107 37.01 37.78 40.66
N THR B 108 37.69 36.95 39.85
CA THR B 108 36.99 36.05 38.90
C THR B 108 36.40 34.79 39.54
N GLY B 109 36.98 34.38 40.65
CA GLY B 109 36.39 33.30 41.44
C GLY B 109 35.06 33.70 42.05
N ALA B 110 35.05 34.86 42.69
CA ALA B 110 33.83 35.42 43.31
C ALA B 110 32.78 35.83 42.27
N ASP B 111 33.23 36.27 41.07
CA ASP B 111 32.34 36.60 39.94
C ASP B 111 31.48 35.38 39.54
N VAL B 112 32.09 34.19 39.53
CA VAL B 112 31.38 32.96 39.25
C VAL B 112 30.41 32.55 40.39
N LEU B 113 30.81 32.68 41.65
CA LEU B 113 29.88 32.42 42.77
C LEU B 113 28.68 33.40 42.77
N GLU B 114 28.97 34.69 42.53
CA GLU B 114 27.96 35.75 42.40
C GLU B 114 26.95 35.43 41.27
N TYR B 115 27.45 35.04 40.10
CA TYR B 115 26.60 34.57 38.97
C TYR B 115 25.66 33.43 39.39
N TYR B 116 26.21 32.36 39.96
CA TYR B 116 25.38 31.21 40.36
C TYR B 116 24.41 31.50 41.53
N ALA B 117 24.81 32.41 42.43
CA ALA B 117 23.93 32.84 43.55
C ALA B 117 22.60 33.41 43.03
N GLY B 118 22.67 34.21 41.97
CA GLY B 118 21.43 34.77 41.42
C GLY B 118 20.59 33.77 40.63
N LEU B 119 21.15 32.60 40.30
CA LEU B 119 20.43 31.60 39.47
C LEU B 119 19.73 30.49 40.24
N VAL B 120 19.92 30.46 41.57
CA VAL B 120 19.34 29.42 42.39
C VAL B 120 17.79 29.28 42.14
N PRO B 121 17.05 30.42 42.14
CA PRO B 121 15.58 30.32 41.94
C PRO B 121 15.17 29.95 40.50
N ALA B 122 16.08 30.05 39.52
CA ALA B 122 15.78 29.74 38.10
C ALA B 122 15.95 28.25 37.68
N ILE B 123 16.34 27.36 38.60
CA ILE B 123 16.48 25.90 38.27
C ILE B 123 15.08 25.26 38.21
N GLU B 124 14.74 24.73 37.03
CA GLU B 124 13.37 24.30 36.71
C GLU B 124 13.35 22.97 35.97
N GLY B 125 12.30 22.19 36.17
CA GLY B 125 12.04 20.98 35.35
C GLY B 125 11.08 21.35 34.23
N GLU B 126 10.61 20.33 33.50
CA GLU B 126 9.79 20.44 32.29
C GLU B 126 8.41 19.86 32.60
N GLN B 127 7.45 20.14 31.73
CA GLN B 127 6.13 19.49 31.75
C GLN B 127 5.73 19.16 30.29
N ILE B 128 5.31 17.92 30.08
CA ILE B 128 4.95 17.39 28.75
C ILE B 128 3.56 16.73 28.83
N PRO B 129 2.54 17.31 28.15
CA PRO B 129 1.21 16.60 28.08
C PRO B 129 1.27 15.37 27.15
N LEU B 130 0.65 14.26 27.49
CA LEU B 130 0.63 13.09 26.58
C LEU B 130 -0.71 12.96 25.88
N ARG B 131 -1.78 13.10 26.67
CA ARG B 131 -3.14 12.96 26.23
C ARG B 131 -3.96 13.58 27.39
N GLU B 132 -5.27 13.68 27.24
CA GLU B 132 -6.10 14.30 28.25
C GLU B 132 -5.96 13.62 29.63
N THR B 133 -5.77 12.31 29.60
CA THR B 133 -5.71 11.51 30.84
C THR B 133 -4.29 11.26 31.34
N SER B 134 -3.28 11.92 30.75
CA SER B 134 -1.91 11.68 31.21
C SER B 134 -0.93 12.80 30.89
N PHE B 135 -0.04 13.09 31.82
CA PHE B 135 1.05 14.06 31.56
C PHE B 135 2.30 13.66 32.33
N VAL B 136 3.44 14.22 31.90
CA VAL B 136 4.73 14.08 32.63
C VAL B 136 5.32 15.40 33.08
N TYR B 137 5.90 15.39 34.28
CA TYR B 137 6.72 16.51 34.73
C TYR B 137 8.07 15.97 35.14
N THR B 138 9.11 16.78 34.96
CA THR B 138 10.46 16.42 35.50
C THR B 138 10.85 17.25 36.72
N ARG B 139 11.66 16.64 37.61
CA ARG B 139 12.35 17.36 38.69
C ARG B 139 13.86 17.36 38.44
N ARG B 140 14.51 18.48 38.76
CA ARG B 140 15.98 18.54 38.79
C ARG B 140 16.41 18.49 40.27
N GLU B 141 16.73 17.29 40.75
CA GLU B 141 17.01 17.09 42.17
C GLU B 141 18.50 17.18 42.39
N PRO B 142 18.90 17.61 43.61
CA PRO B 142 20.33 17.58 43.89
C PRO B 142 20.95 16.16 43.76
N LEU B 143 22.21 16.08 43.35
CA LEU B 143 22.96 14.79 43.43
C LEU B 143 23.13 14.26 44.89
N GLY B 144 23.38 15.17 45.84
CA GLY B 144 23.62 14.77 47.24
C GLY B 144 25.04 15.21 47.62
N VAL B 145 25.95 14.27 47.90
CA VAL B 145 27.36 14.63 48.14
C VAL B 145 28.22 14.51 46.86
N VAL B 146 28.94 15.59 46.50
CA VAL B 146 29.91 15.59 45.41
C VAL B 146 31.34 15.87 45.93
N ALA B 147 32.35 15.61 45.12
CA ALA B 147 33.72 15.91 45.49
C ALA B 147 34.40 16.74 44.41
N GLY B 148 35.20 17.73 44.83
CA GLY B 148 36.03 18.50 43.89
C GLY B 148 37.49 18.28 44.26
N ILE B 149 38.32 18.06 43.22
CA ILE B 149 39.76 17.85 43.38
C ILE B 149 40.44 18.99 42.54
N GLY B 150 41.13 19.92 43.22
CA GLY B 150 41.66 21.13 42.59
C GLY B 150 43.09 20.98 42.06
N ALA B 151 43.52 21.93 41.24
CA ALA B 151 44.89 21.94 40.78
C ALA B 151 45.65 23.09 41.44
N TRP B 152 46.95 23.13 41.21
CA TRP B 152 47.78 24.09 41.90
C TRP B 152 47.99 25.43 41.20
N ASN B 153 47.47 25.61 40.00
CA ASN B 153 47.80 26.84 39.24
C ASN B 153 46.87 28.02 39.59
N TYR B 154 45.59 27.71 39.82
CA TYR B 154 44.65 28.70 40.34
C TYR B 154 43.86 28.13 41.53
N PRO B 155 44.49 27.99 42.71
CA PRO B 155 43.88 27.27 43.86
C PRO B 155 42.50 27.78 44.31
N VAL B 156 42.38 29.06 44.66
CA VAL B 156 41.13 29.52 45.23
C VAL B 156 40.07 29.74 44.15
N GLN B 157 40.52 30.14 42.97
CA GLN B 157 39.60 30.34 41.85
C GLN B 157 38.92 29.00 41.44
N ILE B 158 39.70 27.94 41.30
CA ILE B 158 39.19 26.59 41.07
C ILE B 158 38.32 26.06 42.22
N ALA B 159 38.70 26.27 43.50
CA ALA B 159 37.78 25.95 44.63
C ALA B 159 36.41 26.61 44.43
N LEU B 160 36.42 27.84 43.94
CA LEU B 160 35.17 28.60 43.78
C LEU B 160 34.39 28.19 42.52
N TRP B 161 35.08 27.92 41.41
CA TRP B 161 34.38 27.50 40.16
C TRP B 161 33.73 26.14 40.27
N LYS B 162 34.29 25.28 41.14
CA LYS B 162 33.71 23.96 41.46
C LYS B 162 32.60 24.03 42.50
N SER B 163 32.86 24.74 43.62
CA SER B 163 31.90 24.78 44.72
C SER B 163 30.67 25.62 44.42
N ALA B 164 30.82 26.70 43.63
CA ALA B 164 29.66 27.56 43.32
C ALA B 164 28.48 26.81 42.66
N PRO B 165 28.68 26.18 41.47
CA PRO B 165 27.50 25.50 40.89
C PRO B 165 26.97 24.33 41.74
N ALA B 166 27.87 23.64 42.44
CA ALA B 166 27.56 22.49 43.30
C ALA B 166 26.63 22.91 44.43
N LEU B 167 27.02 23.94 45.18
CA LEU B 167 26.18 24.51 46.25
C LEU B 167 24.88 25.18 45.74
N ALA B 168 24.97 25.94 44.65
CA ALA B 168 23.79 26.59 44.04
C ALA B 168 22.74 25.57 43.65
N ALA B 169 23.18 24.38 43.22
CA ALA B 169 22.28 23.32 42.79
C ALA B 169 21.77 22.44 44.00
N GLY B 170 22.02 22.87 45.23
CA GLY B 170 21.55 22.13 46.43
C GLY B 170 22.39 20.96 46.94
N ASN B 171 23.64 20.85 46.46
CA ASN B 171 24.57 19.80 46.98
C ASN B 171 25.50 20.26 48.12
N ALA B 172 26.06 19.29 48.84
CA ALA B 172 27.27 19.48 49.65
C ALA B 172 28.52 19.01 48.82
N MET B 173 29.66 19.71 48.97
CA MET B 173 30.91 19.36 48.32
C MET B 173 32.04 19.16 49.33
N ILE B 174 32.73 18.01 49.24
CA ILE B 174 34.03 17.82 49.89
C ILE B 174 35.10 18.22 48.86
N PHE B 175 35.98 19.13 49.26
CA PHE B 175 37.02 19.67 48.37
C PHE B 175 38.43 19.24 48.85
N LYS B 176 39.24 18.74 47.92
CA LYS B 176 40.64 18.40 48.15
C LYS B 176 41.53 19.34 47.30
N PRO B 177 42.16 20.33 47.96
CA PRO B 177 43.10 21.13 47.17
C PRO B 177 44.35 20.35 46.84
N SER B 178 45.10 20.84 45.88
CA SER B 178 46.45 20.30 45.64
C SER B 178 47.36 20.38 46.87
N GLU B 179 48.19 19.33 47.07
CA GLU B 179 49.18 19.26 48.15
C GLU B 179 50.19 20.42 48.02
N VAL B 180 50.36 20.88 46.78
CA VAL B 180 51.30 21.94 46.46
C VAL B 180 50.79 23.30 46.91
N THR B 181 49.46 23.45 46.96
CA THR B 181 48.82 24.73 47.27
C THR B 181 47.52 24.59 48.12
N PRO B 182 47.67 24.15 49.40
CA PRO B 182 46.49 23.85 50.23
C PRO B 182 45.83 25.01 51.02
N LEU B 183 46.46 26.21 51.06
CA LEU B 183 46.16 27.22 52.08
C LEU B 183 44.86 28.04 51.90
N THR B 184 44.59 28.50 50.67
CA THR B 184 43.45 29.39 50.50
C THR B 184 42.09 28.67 50.50
N ALA B 185 42.07 27.38 50.17
CA ALA B 185 40.84 26.55 50.24
C ALA B 185 40.28 26.44 51.63
N LEU B 186 41.15 26.35 52.62
CA LEU B 186 40.70 26.34 54.03
C LEU B 186 40.05 27.70 54.43
N LYS B 187 40.66 28.79 53.98
CA LYS B 187 40.11 30.17 54.16
C LYS B 187 38.77 30.35 53.51
N LEU B 188 38.58 29.78 52.32
CA LEU B 188 37.24 29.76 51.66
C LEU B 188 36.16 29.00 52.50
N ALA B 189 36.50 27.81 53.01
CA ALA B 189 35.67 27.10 54.01
C ALA B 189 35.26 28.00 55.20
N GLU B 190 36.19 28.77 55.80
CA GLU B 190 35.81 29.71 56.92
C GLU B 190 34.76 30.75 56.51
N ILE B 191 34.97 31.34 55.33
CA ILE B 191 34.11 32.34 54.74
C ILE B 191 32.68 31.82 54.46
N TYR B 192 32.54 30.61 53.86
CA TYR B 192 31.21 29.98 53.70
C TYR B 192 30.46 29.84 55.02
N THR B 193 31.13 29.35 56.08
CA THR B 193 30.53 29.21 57.41
C THR B 193 30.10 30.61 57.98
N GLU B 194 30.97 31.60 57.87
CA GLU B 194 30.65 33.00 58.25
C GLU B 194 29.41 33.56 57.54
N ALA B 195 29.29 33.25 56.26
CA ALA B 195 28.14 33.65 55.43
C ALA B 195 26.78 33.04 55.81
N GLY B 196 26.78 31.92 56.57
CA GLY B 196 25.58 31.16 56.93
C GLY B 196 25.46 29.80 56.23
N VAL B 197 26.46 29.38 55.46
CA VAL B 197 26.38 28.01 54.83
C VAL B 197 26.37 26.93 55.96
N PRO B 198 25.35 26.01 55.99
CA PRO B 198 25.25 25.03 57.09
C PRO B 198 26.51 24.13 57.22
N ASP B 199 26.75 23.68 58.45
CA ASP B 199 27.88 22.82 58.80
C ASP B 199 27.85 21.58 57.90
N GLY B 200 29.00 21.22 57.32
CA GLY B 200 29.10 20.04 56.46
C GLY B 200 28.85 20.22 54.97
N VAL B 201 28.42 21.41 54.54
CA VAL B 201 28.07 21.66 53.14
C VAL B 201 29.32 21.97 52.26
N PHE B 202 30.31 22.65 52.86
CA PHE B 202 31.65 22.71 52.26
C PHE B 202 32.75 22.24 53.26
N ASN B 203 33.24 21.01 53.10
CA ASN B 203 34.31 20.42 53.91
C ASN B 203 35.59 20.41 53.04
N VAL B 204 36.74 20.52 53.70
CA VAL B 204 38.06 20.58 53.08
C VAL B 204 39.03 19.55 53.70
N LEU B 205 39.51 18.64 52.86
CA LEU B 205 40.47 17.62 53.31
C LEU B 205 41.77 17.83 52.56
N THR B 206 42.87 17.91 53.31
CA THR B 206 44.23 18.10 52.74
C THR B 206 44.97 16.73 52.70
N GLY B 207 45.92 16.57 51.78
CA GLY B 207 46.70 15.35 51.59
C GLY B 207 47.11 15.19 50.12
N SER B 208 47.58 14.00 49.74
CA SER B 208 48.03 13.74 48.36
C SER B 208 46.95 13.11 47.50
N GLY B 209 47.22 13.03 46.19
CA GLY B 209 46.29 12.50 45.21
C GLY B 209 46.05 11.00 45.27
N ARG B 210 47.10 10.26 45.56
CA ARG B 210 47.08 8.80 45.64
C ARG B 210 46.41 8.25 46.91
N GLU B 211 46.41 9.04 47.98
CA GLU B 211 45.71 8.75 49.20
C GLU B 211 44.30 9.40 49.21
N VAL B 212 44.20 10.63 49.72
N VAL B 212 44.17 10.61 49.76
CA VAL B 212 42.92 11.28 49.92
CA VAL B 212 42.85 11.24 49.92
C VAL B 212 42.11 11.49 48.62
C VAL B 212 42.10 11.43 48.59
N GLY B 213 42.80 11.83 47.53
CA GLY B 213 42.13 12.02 46.25
C GLY B 213 41.49 10.71 45.80
N GLN B 214 42.24 9.62 45.85
CA GLN B 214 41.71 8.30 45.49
C GLN B 214 40.55 7.79 46.43
N TRP B 215 40.62 8.09 47.73
CA TRP B 215 39.55 7.65 48.66
C TRP B 215 38.23 8.38 48.38
N LEU B 216 38.33 9.65 48.01
CA LEU B 216 37.18 10.40 47.54
C LEU B 216 36.55 9.80 46.24
N THR B 217 37.36 9.53 45.22
CA THR B 217 36.86 9.06 43.91
C THR B 217 36.26 7.66 44.01
N GLU B 218 36.76 6.84 44.94
CA GLU B 218 36.23 5.49 45.20
C GLU B 218 35.03 5.37 46.17
N HIS B 219 34.81 6.38 47.01
CA HIS B 219 33.75 6.31 48.03
C HIS B 219 32.33 6.03 47.46
N PRO B 220 31.62 4.99 47.99
CA PRO B 220 30.32 4.71 47.38
C PRO B 220 29.18 5.69 47.68
N LEU B 221 29.30 6.57 48.68
CA LEU B 221 28.27 7.56 48.93
C LEU B 221 28.40 8.88 48.14
N ILE B 222 29.49 9.05 47.41
CA ILE B 222 29.73 10.30 46.64
C ILE B 222 29.23 10.07 45.22
N GLU B 223 28.45 11.03 44.71
CA GLU B 223 27.64 10.81 43.51
C GLU B 223 28.26 11.41 42.28
N LYS B 224 29.22 12.33 42.48
CA LYS B 224 29.88 13.03 41.38
C LYS B 224 31.31 13.47 41.76
N ILE B 225 32.22 13.35 40.81
CA ILE B 225 33.57 13.93 40.99
C ILE B 225 33.82 14.97 39.92
N SER B 226 34.34 16.10 40.34
CA SER B 226 34.84 17.14 39.41
C SER B 226 36.34 17.34 39.63
N PHE B 227 37.14 17.14 38.57
CA PHE B 227 38.59 17.18 38.71
C PHE B 227 39.24 18.20 37.72
N THR B 228 40.29 18.93 38.17
CA THR B 228 41.14 19.77 37.30
C THR B 228 42.59 19.36 37.50
N GLY B 229 43.27 19.01 36.41
CA GLY B 229 44.66 18.55 36.48
C GLY B 229 45.15 18.05 35.12
N GLY B 230 46.24 17.31 35.12
CA GLY B 230 46.81 16.83 33.84
C GLY B 230 45.94 15.75 33.19
N THR B 231 46.04 15.62 31.86
CA THR B 231 45.27 14.59 31.11
C THR B 231 45.60 13.17 31.58
N SER B 232 46.86 12.92 31.92
CA SER B 232 47.30 11.61 32.36
C SER B 232 46.63 11.19 33.69
N THR B 233 46.65 12.08 34.67
CA THR B 233 45.93 11.90 35.94
C THR B 233 44.39 11.82 35.83
N GLY B 234 43.81 12.69 35.02
CA GLY B 234 42.37 12.67 34.74
C GLY B 234 41.82 11.31 34.30
N LYS B 235 42.55 10.62 33.44
CA LYS B 235 42.23 9.24 32.99
C LYS B 235 42.15 8.22 34.13
N LYS B 236 43.15 8.25 35.02
CA LYS B 236 43.09 7.44 36.22
C LYS B 236 41.94 7.80 37.12
N VAL B 237 41.76 9.10 37.37
CA VAL B 237 40.68 9.62 38.19
C VAL B 237 39.29 9.22 37.64
N MET B 238 39.05 9.51 36.35
CA MET B 238 37.79 9.15 35.71
C MET B 238 37.50 7.64 35.77
N ALA B 239 38.51 6.83 35.47
CA ALA B 239 38.40 5.37 35.53
C ALA B 239 38.06 4.82 36.92
N SER B 240 38.68 5.40 37.94
CA SER B 240 38.42 4.99 39.32
C SER B 240 37.00 5.39 39.81
N ALA B 241 36.58 6.63 39.51
CA ALA B 241 35.20 7.10 39.66
C ALA B 241 34.14 6.14 39.01
N SER B 242 34.46 5.61 37.82
CA SER B 242 33.61 4.68 37.05
C SER B 242 33.55 3.27 37.61
N SER B 243 34.70 2.61 37.73
CA SER B 243 34.75 1.25 38.19
C SER B 243 34.23 1.08 39.63
N SER B 244 34.35 2.10 40.50
CA SER B 244 33.98 1.96 41.90
C SER B 244 32.44 1.97 42.07
N SER B 245 31.79 3.00 41.55
CA SER B 245 30.35 3.20 41.76
C SER B 245 29.58 3.95 40.66
N LEU B 246 30.14 4.04 39.45
N LEU B 246 30.16 4.04 39.47
CA LEU B 246 29.46 4.71 38.32
CA LEU B 246 29.52 4.69 38.31
C LEU B 246 29.13 6.17 38.58
C LEU B 246 29.15 6.16 38.56
N LYS B 247 30.11 6.96 39.02
CA LYS B 247 29.88 8.36 39.39
C LYS B 247 29.71 9.23 38.16
N GLU B 248 28.88 10.25 38.24
CA GLU B 248 28.95 11.32 37.25
C GLU B 248 30.34 12.02 37.37
N VAL B 249 30.94 12.52 36.27
CA VAL B 249 32.26 13.22 36.31
C VAL B 249 32.27 14.51 35.50
N THR B 250 33.07 15.48 35.94
CA THR B 250 33.51 16.59 35.10
C THR B 250 35.03 16.54 35.18
N MET B 251 35.68 16.80 34.04
CA MET B 251 37.16 16.77 33.89
C MET B 251 37.60 18.01 33.09
N GLU B 252 38.30 18.95 33.73
N GLU B 252 38.40 18.88 33.72
CA GLU B 252 39.00 20.04 33.05
CA GLU B 252 39.05 20.01 33.08
C GLU B 252 40.52 19.75 33.00
C GLU B 252 40.55 19.72 33.01
N LEU B 253 41.04 19.39 31.81
CA LEU B 253 42.41 18.86 31.70
C LEU B 253 43.39 19.81 30.92
N GLY B 254 44.55 19.32 30.46
CA GLY B 254 45.48 20.19 29.78
C GLY B 254 45.23 20.30 28.31
N GLY B 255 46.15 20.99 27.63
CA GLY B 255 46.08 21.08 26.19
C GLY B 255 47.40 21.49 25.56
N LYS B 256 47.36 21.73 24.26
CA LYS B 256 48.51 22.23 23.52
C LYS B 256 47.84 23.13 22.49
N SER B 257 47.19 24.18 22.99
CA SER B 257 46.24 24.98 22.20
C SER B 257 46.92 25.83 21.11
N PRO B 258 46.37 25.82 19.87
CA PRO B 258 46.98 26.60 18.78
C PRO B 258 46.40 28.04 18.59
N LEU B 259 47.26 28.97 18.19
CA LEU B 259 46.93 30.34 17.85
C LEU B 259 47.37 30.55 16.39
N ILE B 260 46.40 30.86 15.51
CA ILE B 260 46.70 31.13 14.11
C ILE B 260 46.64 32.63 13.83
N ILE B 261 47.76 33.16 13.36
N ILE B 261 47.76 33.17 13.36
CA ILE B 261 47.91 34.55 12.95
CA ILE B 261 47.87 34.57 12.96
C ILE B 261 47.84 34.56 11.44
C ILE B 261 47.86 34.61 11.44
N PHE B 262 46.75 35.09 10.89
CA PHE B 262 46.55 35.12 9.46
C PHE B 262 47.29 36.35 8.89
N PRO B 263 47.64 36.32 7.58
CA PRO B 263 48.53 37.39 7.04
C PRO B 263 47.98 38.81 6.99
N ASP B 264 46.67 38.97 7.18
CA ASP B 264 46.05 40.29 7.26
C ASP B 264 45.90 40.79 8.70
N ALA B 265 46.44 40.09 9.71
CA ALA B 265 46.39 40.56 11.09
C ALA B 265 47.29 41.83 11.29
N ASP B 266 46.85 42.69 12.20
CA ASP B 266 47.76 43.69 12.81
C ASP B 266 48.85 42.94 13.64
N LEU B 267 50.12 43.04 13.25
CA LEU B 267 51.17 42.27 13.98
C LEU B 267 51.52 42.70 15.41
N ASP B 268 51.27 43.96 15.77
CA ASP B 268 51.31 44.36 17.19
C ASP B 268 50.23 43.69 18.04
N ARG B 269 48.99 43.65 17.55
CA ARG B 269 47.93 42.86 18.25
C ARG B 269 48.26 41.36 18.39
N ALA B 270 48.68 40.74 17.28
CA ALA B 270 49.14 39.36 17.22
C ALA B 270 50.23 39.05 18.25
N ALA B 271 51.28 39.87 18.29
CA ALA B 271 52.42 39.68 19.21
C ALA B 271 51.98 39.93 20.65
N ASP B 272 51.10 40.90 20.86
CA ASP B 272 50.46 41.11 22.19
C ASP B 272 49.66 39.87 22.67
N ILE B 273 48.83 39.34 21.78
CA ILE B 273 48.01 38.12 22.06
C ILE B 273 48.96 36.93 22.25
N ALA B 274 49.96 36.79 21.38
CA ALA B 274 50.91 35.69 21.58
C ALA B 274 51.69 35.68 22.91
N VAL B 275 52.19 36.81 23.39
CA VAL B 275 52.93 36.83 24.68
C VAL B 275 52.03 36.63 25.92
N MET B 276 50.83 37.23 25.90
CA MET B 276 49.79 37.03 26.92
C MET B 276 49.31 35.59 26.95
N ALA B 277 49.20 34.97 25.77
CA ALA B 277 48.84 33.57 25.61
C ALA B 277 49.86 32.53 26.07
N ASN B 278 51.12 32.96 26.34
CA ASN B 278 52.24 32.09 26.74
C ASN B 278 52.91 32.33 28.10
N PHE B 279 52.83 33.57 28.61
CA PHE B 279 53.67 33.98 29.76
C PHE B 279 52.89 34.55 30.95
N PHE B 280 51.56 34.65 30.84
CA PHE B 280 50.75 35.04 31.99
C PHE B 280 50.79 33.88 32.97
N SER B 281 50.78 34.21 34.27
CA SER B 281 51.00 33.26 35.37
C SER B 281 52.27 32.44 35.21
N SER B 282 53.35 33.09 34.74
CA SER B 282 54.61 32.43 34.34
C SER B 282 54.45 31.20 33.42
N GLY B 283 53.47 31.21 32.52
CA GLY B 283 53.27 30.09 31.56
C GLY B 283 52.48 28.89 32.09
N GLN B 284 51.81 29.08 33.24
CA GLN B 284 51.11 28.02 33.93
C GLN B 284 49.55 28.11 33.86
N VAL B 285 49.01 28.39 32.67
CA VAL B 285 47.54 28.42 32.46
C VAL B 285 47.30 27.33 31.43
N CYS B 286 46.30 26.49 31.68
CA CYS B 286 46.08 25.28 30.90
C CYS B 286 45.64 25.56 29.49
N THR B 287 44.97 26.73 29.32
CA THR B 287 44.42 27.25 28.03
C THR B 287 45.44 28.00 27.15
N ASN B 288 46.68 28.07 27.63
CA ASN B 288 47.76 28.78 26.96
C ASN B 288 47.97 28.41 25.48
N GLY B 289 48.13 29.40 24.61
CA GLY B 289 48.30 29.14 23.16
C GLY B 289 49.73 28.85 22.79
N THR B 290 50.14 27.60 23.04
CA THR B 290 51.58 27.27 23.05
C THR B 290 52.16 26.77 21.69
N ARG B 291 51.28 26.61 20.70
CA ARG B 291 51.68 26.50 19.28
C ARG B 291 51.17 27.71 18.49
N VAL B 292 52.10 28.57 18.08
CA VAL B 292 51.77 29.78 17.38
C VAL B 292 52.16 29.63 15.90
N PHE B 293 51.15 29.64 15.01
CA PHE B 293 51.35 29.53 13.57
C PHE B 293 51.45 30.93 12.97
N ILE B 294 52.53 31.15 12.21
CA ILE B 294 52.78 32.42 11.52
C ILE B 294 53.08 32.15 10.01
N HIS B 295 52.57 33.01 9.14
CA HIS B 295 52.77 32.77 7.71
C HIS B 295 54.24 33.07 7.38
N ARG B 296 54.81 32.33 6.44
CA ARG B 296 56.22 32.43 6.05
C ARG B 296 56.61 33.87 5.77
N SER B 297 55.65 34.63 5.21
CA SER B 297 55.97 35.98 4.72
C SER B 297 56.06 36.98 5.86
N GLN B 298 55.50 36.64 7.01
CA GLN B 298 55.49 37.55 8.15
C GLN B 298 56.36 37.06 9.36
N GLN B 299 57.06 35.93 9.19
CA GLN B 299 57.85 35.25 10.25
C GLN B 299 58.92 36.16 10.90
N ALA B 300 59.77 36.79 10.10
CA ALA B 300 60.84 37.69 10.59
C ALA B 300 60.33 38.91 11.39
N ARG B 301 59.35 39.65 10.84
CA ARG B 301 58.74 40.79 11.56
C ARG B 301 57.97 40.32 12.81
N PHE B 302 57.33 39.15 12.74
CA PHE B 302 56.69 38.58 13.93
C PHE B 302 57.69 38.23 15.03
N GLU B 303 58.74 37.48 14.71
CA GLU B 303 59.76 37.11 15.69
C GLU B 303 60.35 38.35 16.39
N ALA B 304 60.66 39.38 15.59
CA ALA B 304 61.15 40.66 16.09
C ALA B 304 60.20 41.37 17.09
N LYS B 305 58.88 41.39 16.80
CA LYS B 305 57.90 41.98 17.72
C LYS B 305 57.71 41.12 18.97
N VAL B 306 57.75 39.80 18.82
CA VAL B 306 57.73 38.92 20.00
C VAL B 306 58.93 39.22 20.94
N LEU B 307 60.13 39.26 20.36
CA LEU B 307 61.38 39.42 21.10
C LEU B 307 61.44 40.73 21.86
N GLU B 308 61.05 41.81 21.19
CA GLU B 308 60.92 43.15 21.77
C GLU B 308 60.07 43.16 23.08
N ARG B 309 58.93 42.48 23.06
CA ARG B 309 58.01 42.35 24.18
C ARG B 309 58.56 41.44 25.29
N VAL B 310 59.13 40.30 24.92
CA VAL B 310 59.71 39.35 25.90
C VAL B 310 60.86 40.00 26.67
N GLN B 311 61.64 40.85 26.01
CA GLN B 311 62.76 41.56 26.60
C GLN B 311 62.30 42.60 27.64
N ARG B 312 61.06 43.05 27.60
CA ARG B 312 60.61 43.96 28.67
C ARG B 312 59.76 43.34 29.81
N ILE B 313 59.51 42.03 29.75
CA ILE B 313 58.83 41.33 30.87
C ILE B 313 59.61 41.58 32.16
N ARG B 314 58.91 41.88 33.26
CA ARG B 314 59.53 42.23 34.53
C ARG B 314 59.53 41.03 35.48
N LEU B 315 60.50 40.13 35.26
CA LEU B 315 60.71 38.95 36.12
C LEU B 315 61.24 39.46 37.47
N GLY B 316 60.61 39.06 38.57
CA GLY B 316 61.07 39.44 39.88
C GLY B 316 60.29 38.83 41.03
N ASP B 317 60.63 39.31 42.22
CA ASP B 317 59.90 39.02 43.46
C ASP B 317 58.39 39.27 43.29
N PRO B 318 57.56 38.23 43.50
CA PRO B 318 56.11 38.45 43.31
C PRO B 318 55.44 39.35 44.38
N GLN B 319 56.15 39.69 45.48
CA GLN B 319 55.67 40.64 46.49
C GLN B 319 55.87 42.11 46.09
N ASP B 320 56.60 42.33 45.00
CA ASP B 320 56.80 43.65 44.40
C ASP B 320 55.66 43.85 43.45
N GLU B 321 54.87 44.90 43.68
CA GLU B 321 53.71 45.19 42.83
C GLU B 321 54.05 45.52 41.39
N ASN B 322 55.31 45.85 41.15
CA ASN B 322 55.85 46.05 39.80
C ASN B 322 56.19 44.80 38.97
N THR B 323 56.34 43.66 39.65
CA THR B 323 56.58 42.38 39.00
C THR B 323 55.33 41.92 38.20
N ASN B 324 55.54 41.47 36.96
CA ASN B 324 54.49 40.81 36.19
C ASN B 324 54.81 39.35 35.77
N PHE B 325 55.91 38.80 36.29
CA PHE B 325 56.32 37.44 35.93
C PHE B 325 57.10 36.85 37.11
N GLY B 326 56.55 35.77 37.70
CA GLY B 326 57.13 35.21 38.91
C GLY B 326 57.95 33.92 38.71
N PRO B 327 58.29 33.24 39.84
CA PRO B 327 58.89 31.89 39.74
C PRO B 327 57.78 30.93 39.30
N LEU B 328 58.12 29.68 38.97
CA LEU B 328 57.10 28.60 38.86
C LEU B 328 56.62 28.14 40.25
N VAL B 329 55.59 27.28 40.26
CA VAL B 329 54.92 26.89 41.49
C VAL B 329 55.75 25.99 42.45
N SER B 330 56.73 25.27 41.89
CA SER B 330 57.59 24.41 42.71
C SER B 330 58.92 24.13 42.04
N PHE B 331 59.87 23.67 42.85
CA PHE B 331 61.17 23.27 42.33
C PHE B 331 61.04 22.01 41.46
N PRO B 332 60.31 20.97 41.89
CA PRO B 332 60.09 19.90 40.90
C PRO B 332 59.50 20.29 39.53
N HIS B 333 58.59 21.27 39.50
CA HIS B 333 57.96 21.65 38.24
C HIS B 333 58.97 22.42 37.37
N MET B 334 59.85 23.19 38.01
CA MET B 334 60.95 23.85 37.31
C MET B 334 61.86 22.82 36.63
N GLU B 335 62.24 21.76 37.35
CA GLU B 335 63.11 20.71 36.79
C GLU B 335 62.50 20.00 35.58
N SER B 336 61.18 19.75 35.63
CA SER B 336 60.46 19.23 34.50
C SER B 336 60.45 20.21 33.29
N VAL B 337 60.18 21.51 33.56
CA VAL B 337 60.16 22.53 32.49
C VAL B 337 61.54 22.66 31.83
N LEU B 338 62.60 22.72 32.63
CA LEU B 338 63.97 22.72 32.11
C LEU B 338 64.34 21.47 31.27
N GLY B 339 63.85 20.28 31.60
CA GLY B 339 64.10 19.12 30.73
C GLY B 339 63.42 19.21 29.35
N TYR B 340 62.25 19.90 29.29
CA TYR B 340 61.58 20.25 28.04
C TYR B 340 62.36 21.26 27.22
N ILE B 341 62.94 22.24 27.89
CA ILE B 341 63.81 23.21 27.20
C ILE B 341 65.05 22.56 26.58
N GLU B 342 65.69 21.63 27.28
CA GLU B 342 66.84 20.89 26.75
C GLU B 342 66.50 20.05 25.55
N SER B 343 65.31 19.44 25.59
CA SER B 343 64.73 18.63 24.51
C SER B 343 64.58 19.42 23.18
N GLY B 344 63.96 20.61 23.27
CA GLY B 344 63.85 21.55 22.16
C GLY B 344 65.19 21.88 21.50
N LYS B 345 66.20 22.21 22.30
CA LYS B 345 67.58 22.48 21.82
C LYS B 345 68.18 21.25 21.19
N ALA B 346 68.05 20.11 21.87
CA ALA B 346 68.59 18.83 21.36
C ALA B 346 68.00 18.43 20.01
N GLN B 347 66.74 18.81 19.78
CA GLN B 347 65.99 18.45 18.56
C GLN B 347 66.08 19.54 17.48
N LYS B 348 66.94 20.52 17.75
CA LYS B 348 67.34 21.58 16.80
C LYS B 348 66.29 22.68 16.47
N ALA B 349 65.41 23.00 17.44
CA ALA B 349 64.58 24.19 17.34
C ALA B 349 65.49 25.39 17.55
N ARG B 350 65.16 26.53 16.97
CA ARG B 350 66.00 27.73 17.14
C ARG B 350 65.57 28.49 18.40
N LEU B 351 66.48 28.70 19.34
CA LEU B 351 66.17 29.46 20.57
C LEU B 351 66.19 30.95 20.29
N LEU B 352 65.09 31.62 20.50
CA LEU B 352 64.98 33.02 20.16
C LEU B 352 65.35 33.89 21.35
N CYS B 353 64.86 33.49 22.53
CA CYS B 353 65.26 34.12 23.81
C CYS B 353 64.90 33.22 25.03
N GLY B 354 65.47 33.53 26.20
CA GLY B 354 65.31 32.74 27.43
C GLY B 354 66.05 31.42 27.35
N GLY B 355 65.44 30.36 27.87
CA GLY B 355 66.02 29.04 27.73
C GLY B 355 66.86 28.55 28.89
N GLU B 356 66.89 29.31 30.00
CA GLU B 356 67.55 28.91 31.22
C GLU B 356 66.83 29.25 32.52
N ARG B 357 67.34 28.68 33.62
CA ARG B 357 66.97 29.04 34.98
C ARG B 357 67.60 30.41 35.28
N VAL B 358 66.88 31.26 35.99
CA VAL B 358 67.47 32.54 36.41
C VAL B 358 67.99 32.39 37.82
N THR B 359 69.29 32.66 38.02
CA THR B 359 69.94 32.39 39.29
C THR B 359 70.69 33.58 39.95
N ASP B 360 70.67 34.76 39.33
CA ASP B 360 71.42 35.91 39.87
C ASP B 360 70.84 36.40 41.18
N GLY B 361 71.72 36.61 42.16
CA GLY B 361 71.35 37.11 43.48
C GLY B 361 70.33 36.22 44.19
N ALA B 362 69.28 36.87 44.70
CA ALA B 362 68.19 36.20 45.44
C ALA B 362 67.35 35.23 44.59
N PHE B 363 67.49 35.27 43.28
CA PHE B 363 66.67 34.45 42.39
C PHE B 363 67.07 32.98 42.45
N GLY B 364 68.31 32.73 42.87
CA GLY B 364 68.87 31.38 42.99
C GLY B 364 68.25 30.57 44.12
N LYS B 365 67.59 31.25 45.06
CA LYS B 365 66.84 30.61 46.15
C LYS B 365 65.40 30.32 45.69
N GLY B 366 65.02 30.82 44.50
CA GLY B 366 63.70 30.57 43.89
C GLY B 366 63.68 29.60 42.70
N ALA B 367 62.47 29.26 42.26
CA ALA B 367 62.27 28.36 41.11
C ALA B 367 61.98 29.14 39.82
N TYR B 368 62.90 30.04 39.41
CA TYR B 368 62.69 30.97 38.29
C TYR B 368 63.18 30.44 36.94
N VAL B 369 62.27 30.24 35.99
CA VAL B 369 62.65 29.95 34.57
C VAL B 369 62.35 31.17 33.69
N ALA B 370 63.34 31.61 32.87
CA ALA B 370 63.20 32.76 31.97
C ALA B 370 62.14 32.50 30.92
N PRO B 371 61.37 33.54 30.54
CA PRO B 371 60.37 33.38 29.46
C PRO B 371 61.13 32.97 28.18
N THR B 372 60.70 31.84 27.60
CA THR B 372 61.46 31.14 26.57
C THR B 372 60.63 31.06 25.29
N VAL B 373 61.28 31.34 24.15
CA VAL B 373 60.65 31.21 22.83
C VAL B 373 61.52 30.37 21.88
N PHE B 374 60.91 29.37 21.25
CA PHE B 374 61.54 28.55 20.21
C PHE B 374 60.82 28.83 18.89
N THR B 375 61.58 28.86 17.81
CA THR B 375 61.03 29.05 16.48
C THR B 375 61.76 28.09 15.52
N ASP B 376 61.47 28.20 14.22
CA ASP B 376 61.72 27.12 13.24
C ASP B 376 61.38 25.72 13.79
N CYS B 377 60.26 25.61 14.53
CA CYS B 377 59.80 24.33 15.07
C CYS B 377 59.13 23.46 13.99
N ARG B 378 59.12 22.14 14.20
CA ARG B 378 58.40 21.17 13.35
C ARG B 378 57.37 20.41 14.17
N ASP B 379 56.35 19.90 13.50
CA ASP B 379 55.22 19.21 14.13
C ASP B 379 55.59 18.00 15.02
N ASP B 380 56.69 17.31 14.67
CA ASP B 380 57.15 16.09 15.36
C ASP B 380 58.12 16.27 16.53
N MET B 381 58.43 17.53 16.85
CA MET B 381 59.26 17.81 18.01
C MET B 381 58.48 17.60 19.32
N THR B 382 59.19 17.09 20.33
CA THR B 382 58.62 16.84 21.66
C THR B 382 58.01 18.09 22.31
N ILE B 383 58.71 19.23 22.21
CA ILE B 383 58.16 20.49 22.71
C ILE B 383 56.85 20.95 22.00
N VAL B 384 56.65 20.50 20.76
CA VAL B 384 55.46 20.84 19.97
C VAL B 384 54.29 19.87 20.24
N ARG B 385 54.61 18.62 20.53
CA ARG B 385 53.59 17.58 20.80
C ARG B 385 53.07 17.58 22.25
N GLU B 386 53.94 17.94 23.20
CA GLU B 386 53.65 17.67 24.61
C GLU B 386 53.41 18.97 25.39
N GLU B 387 52.41 18.94 26.27
CA GLU B 387 52.16 19.98 27.22
C GLU B 387 53.36 20.17 28.15
N ILE B 388 53.85 21.41 28.22
CA ILE B 388 55.02 21.74 29.04
C ILE B 388 54.54 22.37 30.34
N PHE B 389 53.55 23.27 30.31
CA PHE B 389 53.07 23.94 31.57
C PHE B 389 54.12 24.79 32.27
N GLY B 390 54.89 25.49 31.48
CA GLY B 390 55.77 26.50 31.97
C GLY B 390 55.91 27.46 30.82
N PRO B 391 56.77 28.49 30.98
CA PRO B 391 56.79 29.57 30.01
C PRO B 391 57.61 29.23 28.75
N VAL B 392 57.08 28.34 27.89
CA VAL B 392 57.77 27.94 26.61
C VAL B 392 56.83 28.02 25.37
N MET B 393 57.07 29.00 24.50
CA MET B 393 56.34 29.25 23.23
C MET B 393 57.01 28.58 22.03
N SER B 394 56.24 27.85 21.21
CA SER B 394 56.77 27.27 19.95
C SER B 394 56.13 28.01 18.76
N ILE B 395 56.97 28.60 17.91
CA ILE B 395 56.53 29.27 16.68
C ILE B 395 56.67 28.37 15.44
N LEU B 396 55.58 28.15 14.73
CA LEU B 396 55.58 27.27 13.58
C LEU B 396 55.15 28.07 12.32
N VAL B 397 55.94 27.94 11.27
CA VAL B 397 55.70 28.60 10.00
C VAL B 397 54.74 27.75 9.13
N TYR B 398 53.83 28.43 8.41
CA TYR B 398 52.93 27.77 7.50
C TYR B 398 52.86 28.55 6.18
N ASP B 399 52.19 27.99 5.17
CA ASP B 399 52.16 28.58 3.84
C ASP B 399 50.75 28.90 3.36
N ASP B 400 49.78 28.08 3.74
CA ASP B 400 48.38 28.36 3.40
C ASP B 400 47.45 28.08 4.57
N GLU B 401 46.25 28.68 4.49
CA GLU B 401 45.24 28.68 5.55
C GLU B 401 44.75 27.29 5.92
N ASP B 402 44.41 26.48 4.91
CA ASP B 402 43.90 25.12 5.09
C ASP B 402 44.90 24.22 5.81
N GLU B 403 46.17 24.29 5.38
CA GLU B 403 47.30 23.67 6.06
C GLU B 403 47.41 23.99 7.54
N ALA B 404 47.35 25.28 7.86
CA ALA B 404 47.39 25.79 9.23
C ALA B 404 46.27 25.26 10.13
N ILE B 405 45.05 25.23 9.62
CA ILE B 405 43.92 24.60 10.35
C ILE B 405 44.09 23.07 10.53
N ARG B 406 44.57 22.38 9.50
CA ARG B 406 44.79 20.92 9.55
C ARG B 406 45.79 20.57 10.68
N ARG B 407 46.90 21.28 10.70
CA ARG B 407 47.96 21.12 11.70
C ARG B 407 47.60 21.54 13.12
N ALA B 408 46.84 22.63 13.26
CA ALA B 408 46.23 23.07 14.52
C ALA B 408 45.36 21.99 15.18
N ASN B 409 44.60 21.26 14.36
CA ASN B 409 43.72 20.19 14.81
C ASN B 409 44.38 18.82 15.01
N ASP B 410 45.58 18.63 14.47
CA ASP B 410 46.29 17.34 14.50
C ASP B 410 46.97 17.12 15.88
N THR B 411 46.15 16.74 16.86
CA THR B 411 46.59 16.58 18.23
C THR B 411 45.45 15.85 18.93
N GLU B 412 45.80 15.12 20.00
N GLU B 412 45.72 15.07 19.97
CA GLU B 412 44.87 14.43 20.90
CA GLU B 412 44.60 14.48 20.73
C GLU B 412 44.13 15.46 21.76
C GLU B 412 44.15 15.42 21.88
N TYR B 413 44.73 16.62 21.95
CA TYR B 413 44.21 17.66 22.83
C TYR B 413 43.09 18.47 22.14
N GLY B 414 42.38 19.30 22.89
CA GLY B 414 41.36 20.17 22.30
C GLY B 414 40.69 21.12 23.28
N LEU B 415 41.51 21.76 24.11
CA LEU B 415 41.02 22.72 25.12
C LEU B 415 40.60 24.11 24.55
N ALA B 416 41.57 24.85 24.02
CA ALA B 416 41.38 26.18 23.45
C ALA B 416 41.96 26.31 22.03
N ALA B 417 41.59 27.39 21.32
CA ALA B 417 42.12 27.75 20.01
C ALA B 417 41.86 29.24 19.78
N GLY B 418 42.65 29.88 18.93
CA GLY B 418 42.38 31.27 18.58
C GLY B 418 42.88 31.67 17.21
N VAL B 419 42.28 32.72 16.66
CA VAL B 419 42.64 33.28 15.35
C VAL B 419 42.78 34.77 15.47
N VAL B 420 43.76 35.32 14.75
CA VAL B 420 43.92 36.76 14.60
C VAL B 420 43.74 37.14 13.11
N THR B 421 42.71 37.93 12.83
CA THR B 421 42.43 38.46 11.49
C THR B 421 41.44 39.64 11.54
N GLN B 422 41.55 40.57 10.57
CA GLN B 422 40.58 41.67 10.46
C GLN B 422 39.38 41.33 9.58
N ASP B 423 39.43 40.20 8.87
CA ASP B 423 38.38 39.85 7.89
C ASP B 423 37.20 39.12 8.54
N LEU B 424 35.99 39.67 8.34
CA LEU B 424 34.74 39.04 8.86
C LEU B 424 34.58 37.57 8.50
N ALA B 425 34.62 37.25 7.19
CA ALA B 425 34.36 35.91 6.72
C ALA B 425 35.37 34.94 7.29
N ARG B 426 36.67 35.30 7.22
CA ARG B 426 37.76 34.43 7.66
C ARG B 426 37.71 34.11 9.16
N ALA B 427 37.39 35.12 9.98
CA ALA B 427 37.41 34.99 11.42
C ALA B 427 36.44 33.89 11.82
N HIS B 428 35.19 34.01 11.37
CA HIS B 428 34.15 33.03 11.66
C HIS B 428 34.41 31.65 10.99
N ARG B 429 34.76 31.66 9.71
CA ARG B 429 35.00 30.42 8.94
C ARG B 429 36.10 29.55 9.51
N ALA B 430 37.24 30.14 9.87
CA ALA B 430 38.33 29.37 10.50
C ALA B 430 37.99 28.86 11.88
N ILE B 431 37.44 29.73 12.72
CA ILE B 431 37.14 29.35 14.08
C ILE B 431 36.16 28.18 14.14
N HIS B 432 35.22 28.10 13.18
CA HIS B 432 34.23 27.02 13.15
C HIS B 432 34.87 25.67 12.81
N ARG B 433 36.06 25.67 12.19
CA ARG B 433 36.79 24.46 11.84
C ARG B 433 37.78 23.96 12.91
N LEU B 434 38.06 24.78 13.94
CA LEU B 434 39.05 24.46 14.96
C LEU B 434 38.37 23.58 16.02
N GLU B 435 38.99 22.44 16.33
CA GLU B 435 38.39 21.45 17.22
C GLU B 435 38.78 21.67 18.70
N ALA B 436 38.22 22.72 19.29
CA ALA B 436 38.49 23.13 20.66
C ALA B 436 37.19 23.66 21.34
N GLY B 437 37.08 23.50 22.66
CA GLY B 437 35.90 23.93 23.38
C GLY B 437 35.84 25.43 23.65
N ILE B 438 37.02 26.05 23.74
CA ILE B 438 37.20 27.46 24.14
C ILE B 438 37.92 28.25 23.04
N CYS B 439 37.16 29.02 22.26
CA CYS B 439 37.66 29.73 21.04
C CYS B 439 37.68 31.29 21.09
N TRP B 440 38.81 31.87 20.71
CA TRP B 440 39.01 33.34 20.81
C TRP B 440 39.30 33.96 19.44
N ILE B 441 38.60 35.04 19.08
CA ILE B 441 38.86 35.84 17.88
C ILE B 441 39.43 37.21 18.31
N ASN B 442 40.66 37.56 17.89
CA ASN B 442 41.33 38.85 18.19
C ASN B 442 41.52 39.17 19.69
N THR B 443 41.64 38.09 20.47
CA THR B 443 41.83 38.16 21.93
C THR B 443 42.35 36.82 22.43
N TRP B 444 42.70 36.76 23.71
CA TRP B 444 43.05 35.51 24.39
C TRP B 444 42.87 35.60 25.91
N GLY B 445 42.39 34.52 26.51
CA GLY B 445 42.39 34.42 27.98
C GLY B 445 41.16 34.78 28.81
N GLU B 446 40.28 35.67 28.32
CA GLU B 446 39.10 36.06 29.11
C GLU B 446 38.13 34.90 29.21
N SER B 447 37.60 34.70 30.41
CA SER B 447 36.75 33.55 30.69
C SER B 447 35.54 34.00 31.53
N PRO B 448 34.58 34.75 30.91
CA PRO B 448 33.43 35.37 31.59
C PRO B 448 32.59 34.30 32.29
N ALA B 449 32.00 34.65 33.44
CA ALA B 449 31.15 33.70 34.19
C ALA B 449 30.02 33.05 33.36
N GLU B 450 29.58 33.74 32.32
CA GLU B 450 28.45 33.30 31.49
C GLU B 450 28.85 32.30 30.41
N MET B 451 30.16 32.15 30.21
CA MET B 451 30.69 31.41 29.09
C MET B 451 31.14 29.97 29.46
N PRO B 452 30.42 28.94 28.97
CA PRO B 452 30.79 27.56 29.33
C PRO B 452 32.18 27.19 28.72
N VAL B 453 33.05 26.60 29.54
CA VAL B 453 34.41 26.31 29.14
C VAL B 453 34.78 24.86 29.51
N GLY B 454 35.51 24.18 28.62
CA GLY B 454 36.06 22.85 28.85
C GLY B 454 36.61 22.28 27.55
N GLY B 455 37.07 21.03 27.59
CA GLY B 455 37.83 20.46 26.46
C GLY B 455 37.06 19.58 25.50
N TYR B 456 37.43 19.69 24.21
CA TYR B 456 37.20 18.63 23.22
C TYR B 456 38.22 17.47 23.45
N LYS B 457 37.90 16.28 22.91
CA LYS B 457 38.89 15.21 22.77
C LYS B 457 39.52 14.84 24.11
N GLN B 458 40.86 14.78 24.24
CA GLN B 458 41.43 14.35 25.51
C GLN B 458 41.72 15.50 26.53
N SER B 459 41.17 16.69 26.29
CA SER B 459 41.30 17.80 27.23
C SER B 459 40.13 17.96 28.22
N GLY B 460 39.05 17.18 28.05
CA GLY B 460 38.05 17.16 29.08
C GLY B 460 36.78 16.41 28.83
N VAL B 461 35.96 16.41 29.87
CA VAL B 461 34.61 15.82 29.90
C VAL B 461 33.69 16.83 30.62
N GLY B 462 32.60 17.21 29.95
CA GLY B 462 31.69 18.22 30.53
C GLY B 462 32.31 19.61 30.52
N ARG B 463 31.71 20.55 31.26
CA ARG B 463 32.05 21.97 31.17
C ARG B 463 31.97 22.60 32.53
N GLU B 464 32.60 23.78 32.66
CA GLU B 464 32.41 24.69 33.78
C GLU B 464 31.91 26.06 33.29
N ASN B 465 31.20 26.75 34.19
CA ASN B 465 30.66 28.14 33.99
C ASN B 465 29.43 28.16 33.05
N GLY B 466 28.71 29.28 32.97
CA GLY B 466 27.52 29.35 32.14
C GLY B 466 26.31 28.63 32.71
N LEU B 467 25.17 28.80 32.05
CA LEU B 467 23.89 28.23 32.50
C LEU B 467 23.94 26.72 32.49
N THR B 468 24.61 26.14 31.49
CA THR B 468 24.66 24.66 31.30
C THR B 468 25.32 23.84 32.41
N THR B 469 26.27 24.43 33.13
CA THR B 469 27.00 23.77 34.18
C THR B 469 26.10 23.56 35.42
N LEU B 470 25.31 24.56 35.78
CA LEU B 470 24.37 24.49 36.92
C LEU B 470 23.43 23.32 36.75
N ALA B 471 22.97 23.18 35.52
CA ALA B 471 22.13 22.05 35.14
C ALA B 471 22.81 20.70 35.41
N HIS B 472 24.14 20.61 35.25
CA HIS B 472 24.90 19.32 35.44
C HIS B 472 25.32 18.94 36.89
N TYR B 473 24.90 19.77 37.86
CA TYR B 473 25.00 19.47 39.28
C TYR B 473 23.62 19.01 39.83
N THR B 474 22.70 18.68 38.91
CA THR B 474 21.39 18.07 39.29
C THR B 474 21.22 16.76 38.53
N ARG B 475 20.34 15.88 39.01
CA ARG B 475 19.90 14.69 38.24
C ARG B 475 18.43 14.83 37.86
N ILE B 476 18.10 14.38 36.66
CA ILE B 476 16.72 14.40 36.18
C ILE B 476 15.90 13.21 36.64
N LYS B 477 14.75 13.52 37.28
CA LYS B 477 13.68 12.54 37.55
C LYS B 477 12.45 12.84 36.69
N SER B 478 11.95 11.81 35.95
CA SER B 478 10.75 11.96 35.16
C SER B 478 9.62 11.30 35.90
N VAL B 479 8.51 12.02 36.05
CA VAL B 479 7.35 11.53 36.74
C VAL B 479 6.15 11.46 35.77
N GLN B 480 5.67 10.27 35.44
CA GLN B 480 4.43 10.15 34.64
C GLN B 480 3.21 10.03 35.52
N VAL B 481 2.27 10.97 35.37
CA VAL B 481 1.01 10.92 36.10
C VAL B 481 -0.09 10.31 35.20
N GLU B 482 -0.53 9.07 35.49
CA GLU B 482 -1.72 8.47 34.84
C GLU B 482 -3.03 8.81 35.58
N LEU B 483 -3.90 9.56 34.89
CA LEU B 483 -5.19 10.03 35.41
C LEU B 483 -6.39 9.19 34.95
N GLY B 484 -6.19 8.30 33.99
CA GLY B 484 -7.30 7.47 33.52
C GLY B 484 -7.04 5.98 33.78
N ASP B 485 -7.54 5.13 32.89
CA ASP B 485 -7.53 3.69 33.06
C ASP B 485 -6.15 3.09 32.79
N TYR B 486 -5.83 1.96 33.44
CA TYR B 486 -4.58 1.21 33.15
C TYR B 486 -4.95 -0.07 32.40
N ALA B 487 -4.29 -0.29 31.26
CA ALA B 487 -4.49 -1.49 30.45
C ALA B 487 -3.30 -2.49 30.54
N SER B 488 -3.66 -3.75 30.85
CA SER B 488 -2.76 -4.88 30.99
C SER B 488 -3.08 -5.86 29.87
N VAL B 489 -2.10 -6.63 29.40
CA VAL B 489 -2.37 -7.59 28.35
C VAL B 489 -2.75 -8.94 28.97
N PHE B 490 -2.62 -9.05 30.30
CA PHE B 490 -2.75 -10.36 30.97
C PHE B 490 -4.11 -10.62 31.60
N ALA C 2 -3.84 69.11 56.18
CA ALA C 2 -3.23 67.80 55.71
C ALA C 2 -2.18 67.30 56.69
N ARG C 3 -2.03 65.98 56.82
CA ARG C 3 -1.07 65.32 57.72
C ARG C 3 0.39 65.48 57.25
N PHE C 4 0.60 65.49 55.94
CA PHE C 4 1.90 65.63 55.29
C PHE C 4 2.01 66.89 54.44
N GLU C 5 3.23 67.24 54.05
CA GLU C 5 3.46 68.32 53.09
C GLU C 5 3.01 67.91 51.68
N GLU C 6 2.87 68.90 50.81
CA GLU C 6 2.54 68.66 49.41
C GLU C 6 3.51 67.70 48.76
N GLN C 7 2.96 66.68 48.07
CA GLN C 7 3.77 65.70 47.37
C GLN C 7 3.98 66.18 45.93
N LYS C 8 5.23 66.13 45.46
CA LYS C 8 5.65 66.68 44.14
C LYS C 8 5.91 65.54 43.12
N LEU C 9 6.29 65.87 41.88
CA LEU C 9 6.70 64.83 40.89
C LEU C 9 8.12 64.34 41.16
N TYR C 10 8.41 63.06 40.88
CA TYR C 10 9.78 62.54 40.98
C TYR C 10 10.37 62.34 39.55
N ILE C 11 11.33 63.20 39.16
CA ILE C 11 11.90 63.16 37.81
C ILE C 11 13.42 63.37 37.90
N GLY C 12 14.16 62.46 37.27
CA GLY C 12 15.60 62.60 37.16
C GLY C 12 16.28 62.59 38.52
N GLY C 13 15.86 61.65 39.38
CA GLY C 13 16.55 61.45 40.66
C GLY C 13 16.38 62.47 41.77
N ARG C 14 15.27 63.19 41.73
CA ARG C 14 14.90 64.20 42.71
C ARG C 14 13.43 64.57 42.48
N TYR C 15 12.81 65.19 43.50
CA TYR C 15 11.49 65.80 43.38
C TYR C 15 11.58 67.12 42.62
N VAL C 16 10.59 67.39 41.77
CA VAL C 16 10.55 68.63 40.99
C VAL C 16 9.10 69.17 40.97
N GLU C 17 8.94 70.46 40.69
CA GLU C 17 7.61 71.11 40.69
C GLU C 17 6.86 70.74 39.43
N ALA C 18 5.57 70.38 39.58
CA ALA C 18 4.70 70.21 38.42
C ALA C 18 4.44 71.57 37.78
N SER C 19 3.99 71.57 36.53
CA SER C 19 3.68 72.81 35.82
C SER C 19 2.18 72.90 35.41
N SER C 20 1.30 72.25 36.16
CA SER C 20 -0.15 72.34 35.92
C SER C 20 -0.92 73.43 36.69
N GLY C 21 -0.40 73.85 37.84
CA GLY C 21 -1.12 74.79 38.73
C GLY C 21 -2.18 74.11 39.60
N ALA C 22 -2.28 72.77 39.53
CA ALA C 22 -3.30 71.97 40.22
C ALA C 22 -2.77 70.84 41.12
N THR C 23 -3.56 70.54 42.17
CA THR C 23 -3.34 69.40 43.05
C THR C 23 -4.66 68.59 43.20
N PHE C 24 -4.54 67.41 43.81
CA PHE C 24 -5.68 66.66 44.41
C PHE C 24 -5.30 66.26 45.85
N GLU C 25 -6.24 65.67 46.57
CA GLU C 25 -6.04 65.12 47.91
C GLU C 25 -6.11 63.59 47.94
N THR C 26 -5.20 62.99 48.71
CA THR C 26 -5.38 61.62 49.16
C THR C 26 -5.92 61.58 50.61
N ILE C 27 -6.93 60.73 50.79
CA ILE C 27 -7.73 60.61 52.02
C ILE C 27 -7.47 59.27 52.75
N ASN C 28 -7.41 59.30 54.08
CA ASN C 28 -7.36 58.07 54.85
C ASN C 28 -8.76 57.46 54.97
N PRO C 29 -9.01 56.25 54.41
CA PRO C 29 -10.42 55.73 54.44
C PRO C 29 -10.94 55.22 55.79
N ALA C 30 -10.05 55.06 56.77
CA ALA C 30 -10.43 54.72 58.14
C ALA C 30 -11.11 55.86 58.90
N ASN C 31 -10.91 57.12 58.48
CA ASN C 31 -11.36 58.27 59.29
C ASN C 31 -11.68 59.55 58.49
N GLY C 32 -11.52 59.52 57.16
CA GLY C 32 -11.74 60.69 56.28
C GLY C 32 -10.70 61.81 56.27
N GLU C 33 -9.62 61.65 57.01
CA GLU C 33 -8.55 62.63 57.15
C GLU C 33 -7.78 62.83 55.83
N VAL C 34 -7.47 64.10 55.50
CA VAL C 34 -6.59 64.43 54.38
C VAL C 34 -5.18 64.04 54.78
N LEU C 35 -4.57 63.16 53.97
CA LEU C 35 -3.17 62.76 54.20
C LEU C 35 -2.23 63.77 53.59
N ALA C 36 -2.53 64.17 52.37
CA ALA C 36 -1.67 65.13 51.62
C ALA C 36 -2.40 65.70 50.42
N LYS C 37 -2.02 66.91 50.04
CA LYS C 37 -2.22 67.47 48.70
C LYS C 37 -1.15 66.89 47.79
N VAL C 38 -1.48 66.52 46.56
CA VAL C 38 -0.54 65.83 45.65
C VAL C 38 -0.59 66.56 44.29
N GLN C 39 0.56 66.94 43.71
CA GLN C 39 0.56 67.68 42.43
C GLN C 39 0.10 66.85 41.23
N ARG C 40 -0.59 67.51 40.30
CA ARG C 40 -0.99 66.88 39.04
C ARG C 40 0.05 67.15 37.95
N ALA C 41 0.55 66.09 37.30
CA ALA C 41 1.50 66.24 36.17
C ALA C 41 0.81 66.90 35.01
N SER C 42 1.47 67.86 34.38
CA SER C 42 0.98 68.50 33.16
C SER C 42 1.43 67.67 31.95
N ARG C 43 1.05 68.11 30.74
CA ARG C 43 1.39 67.44 29.49
C ARG C 43 2.86 67.55 29.20
N GLU C 44 3.36 68.77 29.48
CA GLU C 44 4.75 69.16 29.45
C GLU C 44 5.59 68.42 30.50
N ASP C 45 4.99 68.11 31.65
CA ASP C 45 5.67 67.27 32.64
C ASP C 45 5.91 65.84 32.14
N VAL C 46 4.98 65.30 31.33
CA VAL C 46 5.19 63.99 30.67
C VAL C 46 6.33 64.05 29.64
N GLU C 47 6.39 65.11 28.84
CA GLU C 47 7.54 65.35 27.95
C GLU C 47 8.87 65.41 28.72
N ARG C 48 8.85 66.11 29.86
CA ARG C 48 10.05 66.18 30.71
C ARG C 48 10.47 64.81 31.27
N ALA C 49 9.52 64.05 31.83
CA ALA C 49 9.72 62.63 32.22
C ALA C 49 10.24 61.71 31.09
N VAL C 50 9.72 61.91 29.88
CA VAL C 50 10.16 61.09 28.70
C VAL C 50 11.62 61.43 28.36
N GLN C 51 11.96 62.72 28.28
CA GLN C 51 13.33 63.10 27.89
C GLN C 51 14.36 62.64 28.96
N SER C 52 14.06 62.88 30.24
CA SER C 52 14.80 62.33 31.37
C SER C 52 15.01 60.77 31.28
N ALA C 53 13.92 60.03 31.04
CA ALA C 53 13.99 58.58 30.85
C ALA C 53 14.82 58.13 29.63
N VAL C 54 14.73 58.84 28.50
CA VAL C 54 15.55 58.48 27.32
C VAL C 54 17.07 58.52 27.63
N GLU C 55 17.47 59.61 28.31
CA GLU C 55 18.87 59.81 28.71
C GLU C 55 19.34 58.84 29.79
N GLY C 56 18.53 58.62 30.83
CA GLY C 56 18.90 57.69 31.92
C GLY C 56 18.98 56.23 31.45
N GLN C 57 18.07 55.84 30.54
CA GLN C 57 18.10 54.48 29.95
C GLN C 57 19.43 54.13 29.28
N LYS C 58 20.03 55.09 28.57
CA LYS C 58 21.34 54.93 27.93
C LYS C 58 22.44 54.66 28.95
N VAL C 59 22.44 55.42 30.04
CA VAL C 59 23.43 55.26 31.13
C VAL C 59 23.33 53.83 31.75
N TRP C 60 22.09 53.38 32.00
CA TRP C 60 21.75 52.09 32.60
C TRP C 60 22.11 50.89 31.71
N ALA C 61 21.81 51.03 30.42
CA ALA C 61 22.13 50.02 29.38
C ALA C 61 23.62 49.91 29.14
N ALA C 62 24.36 51.00 29.37
CA ALA C 62 25.80 51.02 29.11
C ALA C 62 26.59 50.25 30.20
N MET C 63 26.02 50.10 31.40
CA MET C 63 26.60 49.25 32.47
C MET C 63 26.68 47.78 32.04
N THR C 64 27.45 46.98 32.80
CA THR C 64 27.47 45.53 32.61
C THR C 64 26.21 44.94 33.26
N ALA C 65 25.88 43.69 32.89
CA ALA C 65 24.76 42.96 33.52
C ALA C 65 24.91 42.85 35.04
N MET C 66 26.13 42.53 35.50
CA MET C 66 26.34 42.36 36.93
C MET C 66 26.25 43.70 37.70
N GLN C 67 26.76 44.78 37.11
CA GLN C 67 26.52 46.14 37.65
C GLN C 67 25.02 46.50 37.91
N ARG C 68 24.15 46.27 36.93
CA ARG C 68 22.71 46.44 37.11
C ARG C 68 22.19 45.51 38.23
N SER C 69 22.55 44.23 38.17
CA SER C 69 22.19 43.27 39.20
C SER C 69 22.54 43.70 40.64
N ARG C 70 23.76 44.18 40.91
CA ARG C 70 24.17 44.68 42.26
C ARG C 70 23.33 45.84 42.81
N ILE C 71 23.08 46.82 41.95
CA ILE C 71 22.20 47.96 42.26
C ILE C 71 20.76 47.54 42.58
N LEU C 72 20.18 46.64 41.78
CA LEU C 72 18.87 46.14 42.09
C LEU C 72 18.88 45.35 43.44
N ARG C 73 19.96 44.60 43.73
CA ARG C 73 20.09 43.92 45.01
C ARG C 73 20.20 44.89 46.18
N ARG C 74 20.90 46.00 45.99
CA ARG C 74 20.91 47.07 47.03
C ARG C 74 19.51 47.68 47.33
N ALA C 75 18.70 47.90 46.31
CA ALA C 75 17.33 48.39 46.51
C ALA C 75 16.54 47.41 47.37
N VAL C 76 16.72 46.11 47.10
CA VAL C 76 16.07 45.06 47.90
C VAL C 76 16.44 45.18 49.38
N ASP C 77 17.73 45.32 49.65
CA ASP C 77 18.24 45.47 51.02
C ASP C 77 17.62 46.69 51.72
N ILE C 78 17.53 47.82 51.02
CA ILE C 78 16.88 49.00 51.59
C ILE C 78 15.35 48.74 51.86
N LEU C 79 14.65 48.09 50.92
CA LEU C 79 13.27 47.69 51.14
C LEU C 79 13.04 46.81 52.38
N ARG C 80 13.89 45.82 52.59
CA ARG C 80 13.80 44.97 53.77
C ARG C 80 14.00 45.78 55.10
N GLU C 81 15.01 46.65 55.12
CA GLU C 81 15.21 47.58 56.26
C GLU C 81 13.99 48.45 56.57
N ARG C 82 13.34 48.95 55.51
CA ARG C 82 12.24 49.92 55.64
C ARG C 82 10.86 49.32 55.52
N ASN C 83 10.75 47.99 55.48
CA ASN C 83 9.49 47.25 55.49
C ASN C 83 8.38 47.80 56.38
N ASP C 84 8.66 48.00 57.69
CA ASP C 84 7.66 48.36 58.69
C ASP C 84 7.23 49.82 58.59
N GLU C 85 8.17 50.67 58.22
CA GLU C 85 7.94 52.10 57.89
C GLU C 85 7.04 52.26 56.67
N LEU C 86 7.45 51.62 55.56
CA LEU C 86 6.63 51.57 54.34
C LEU C 86 5.26 51.00 54.52
N ALA C 87 5.16 49.97 55.35
CA ALA C 87 3.91 49.27 55.61
C ALA C 87 2.93 50.23 56.31
N ALA C 88 3.48 51.05 57.21
CA ALA C 88 2.64 51.94 58.02
C ALA C 88 2.02 53.01 57.11
N LEU C 89 2.79 53.47 56.12
CA LEU C 89 2.30 54.44 55.13
C LEU C 89 1.24 53.85 54.20
N GLU C 90 1.49 52.64 53.72
CA GLU C 90 0.54 51.93 52.87
C GLU C 90 -0.79 51.76 53.62
N THR C 91 -0.72 51.46 54.91
CA THR C 91 -1.93 51.32 55.75
C THR C 91 -2.75 52.62 55.81
N LEU C 92 -2.08 53.76 55.98
CA LEU C 92 -2.75 55.07 55.94
C LEU C 92 -3.44 55.38 54.60
N ASP C 93 -2.74 55.11 53.50
CA ASP C 93 -3.18 55.42 52.16
C ASP C 93 -4.25 54.45 51.68
N THR C 94 -4.26 53.20 52.16
CA THR C 94 -5.17 52.17 51.60
C THR C 94 -6.31 51.65 52.50
N GLY C 95 -6.18 51.81 53.82
CA GLY C 95 -7.10 51.16 54.75
C GLY C 95 -6.75 49.72 55.12
N LYS C 96 -5.72 49.16 54.50
CA LYS C 96 -5.34 47.76 54.75
C LYS C 96 -4.74 47.56 56.14
N PRO C 97 -5.20 46.49 56.86
CA PRO C 97 -4.67 46.19 58.18
C PRO C 97 -3.14 46.15 58.18
N LEU C 98 -2.52 46.72 59.20
CA LEU C 98 -1.08 46.60 59.47
C LEU C 98 -0.57 45.14 59.50
N ALA C 99 -1.42 44.24 59.95
CA ALA C 99 -1.14 42.79 59.93
C ALA C 99 -0.87 42.28 58.51
N GLU C 100 -1.55 42.84 57.51
CA GLU C 100 -1.25 42.52 56.09
C GLU C 100 -0.11 43.29 55.50
N THR C 101 -0.09 44.60 55.67
CA THR C 101 0.95 45.41 54.97
C THR C 101 2.40 45.06 55.43
N ARG C 102 2.55 44.67 56.70
CA ARG C 102 3.85 44.32 57.27
C ARG C 102 4.39 43.00 56.81
N SER C 103 3.49 42.12 56.35
CA SER C 103 3.80 40.72 56.03
C SER C 103 3.75 40.38 54.55
N VAL C 104 2.95 41.16 53.82
CA VAL C 104 2.60 40.83 52.44
C VAL C 104 3.13 41.85 51.45
N ASP C 105 2.69 43.11 51.57
CA ASP C 105 2.87 44.11 50.49
C ASP C 105 4.33 44.46 50.09
N ILE C 106 5.17 44.82 51.06
CA ILE C 106 6.62 45.03 50.75
C ILE C 106 7.37 43.68 50.59
N VAL C 107 6.99 42.70 51.41
CA VAL C 107 7.73 41.45 51.44
C VAL C 107 7.68 40.88 50.02
N THR C 108 6.47 40.76 49.47
CA THR C 108 6.23 40.09 48.20
C THR C 108 6.60 40.98 47.02
N GLY C 109 6.58 42.30 47.22
CA GLY C 109 7.06 43.21 46.19
C GLY C 109 8.58 43.14 46.00
N ALA C 110 9.33 43.27 47.10
CA ALA C 110 10.78 43.06 47.12
C ALA C 110 11.19 41.61 46.73
N ASP C 111 10.34 40.59 47.01
CA ASP C 111 10.60 39.22 46.54
C ASP C 111 10.78 39.12 45.03
N VAL C 112 9.89 39.80 44.28
CA VAL C 112 9.98 39.86 42.83
C VAL C 112 11.18 40.66 42.29
N LEU C 113 11.48 41.83 42.89
CA LEU C 113 12.66 42.59 42.54
C LEU C 113 13.96 41.78 42.80
N GLU C 114 14.04 41.13 43.95
CA GLU C 114 15.18 40.26 44.32
C GLU C 114 15.37 39.12 43.31
N TYR C 115 14.26 38.44 42.98
CA TYR C 115 14.24 37.40 41.92
C TYR C 115 14.84 37.89 40.59
N TYR C 116 14.27 38.94 40.01
CA TYR C 116 14.75 39.50 38.75
C TYR C 116 16.17 40.05 38.80
N ALA C 117 16.54 40.67 39.92
CA ALA C 117 17.94 41.15 40.09
C ALA C 117 18.98 40.05 39.84
N GLY C 118 18.75 38.86 40.40
CA GLY C 118 19.65 37.71 40.18
C GLY C 118 19.70 37.23 38.71
N LEU C 119 18.67 37.54 37.93
CA LEU C 119 18.51 37.00 36.57
C LEU C 119 19.06 37.89 35.44
N VAL C 120 19.46 39.12 35.74
CA VAL C 120 20.01 40.07 34.73
C VAL C 120 21.10 39.42 33.87
N PRO C 121 22.08 38.74 34.52
CA PRO C 121 23.09 38.07 33.69
C PRO C 121 22.63 36.86 32.85
N ALA C 122 21.46 36.27 33.14
CA ALA C 122 20.98 35.10 32.39
C ALA C 122 20.21 35.44 31.10
N ILE C 123 20.08 36.72 30.75
CA ILE C 123 19.27 37.13 29.58
C ILE C 123 20.11 36.88 28.35
N GLU C 124 19.70 35.95 27.50
CA GLU C 124 20.54 35.57 26.34
C GLU C 124 19.77 35.45 25.02
N GLY C 125 20.47 35.61 23.89
CA GLY C 125 19.91 35.25 22.58
C GLY C 125 20.18 33.80 22.13
N GLU C 126 19.98 33.57 20.83
CA GLU C 126 20.07 32.24 20.23
C GLU C 126 21.16 32.27 19.20
N GLN C 127 21.66 31.10 18.81
CA GLN C 127 22.50 31.00 17.57
C GLN C 127 22.01 29.83 16.72
N ILE C 128 21.90 30.04 15.41
CA ILE C 128 21.46 28.96 14.50
C ILE C 128 22.35 28.90 13.25
N PRO C 129 23.03 27.78 13.04
CA PRO C 129 23.84 27.63 11.81
C PRO C 129 22.97 27.28 10.61
N LEU C 130 23.15 27.96 9.46
CA LEU C 130 22.37 27.62 8.27
C LEU C 130 23.13 26.69 7.32
N ARG C 131 24.44 26.92 7.18
CA ARG C 131 25.29 26.20 6.27
C ARG C 131 26.72 26.64 6.65
N GLU C 132 27.76 26.07 6.01
CA GLU C 132 29.14 26.42 6.38
C GLU C 132 29.43 27.93 6.20
N THR C 133 28.76 28.56 5.25
CA THR C 133 29.01 29.98 4.92
C THR C 133 28.01 30.95 5.55
N SER C 134 27.11 30.47 6.42
CA SER C 134 26.16 31.45 7.00
C SER C 134 25.54 30.90 8.27
N PHE C 135 25.41 31.79 9.26
CA PHE C 135 24.74 31.50 10.53
C PHE C 135 23.90 32.69 11.01
N VAL C 136 22.95 32.41 11.90
CA VAL C 136 22.23 33.51 12.59
C VAL C 136 22.47 33.60 14.10
N TYR C 137 22.48 34.83 14.64
CA TYR C 137 22.37 34.99 16.10
C TYR C 137 21.33 36.06 16.41
N THR C 138 20.62 35.84 17.50
CA THR C 138 19.70 36.85 18.04
C THR C 138 20.31 37.60 19.23
N ARG C 139 19.91 38.87 19.31
CA ARG C 139 20.08 39.70 20.50
C ARG C 139 18.73 39.99 21.17
N ARG C 140 18.75 40.01 22.50
CA ARG C 140 17.58 40.44 23.27
C ARG C 140 17.93 41.86 23.79
N GLU C 141 17.35 42.90 23.20
CA GLU C 141 17.72 44.28 23.49
C GLU C 141 16.64 44.95 24.33
N PRO C 142 17.03 45.94 25.16
CA PRO C 142 15.99 46.76 25.81
C PRO C 142 15.04 47.40 24.82
N LEU C 143 13.78 47.53 25.23
CA LEU C 143 12.77 48.31 24.51
C LEU C 143 13.10 49.83 24.55
N GLY C 144 13.66 50.31 25.66
CA GLY C 144 13.95 51.75 25.77
C GLY C 144 13.19 52.38 26.92
N VAL C 145 12.22 53.24 26.61
CA VAL C 145 11.38 53.85 27.63
C VAL C 145 10.03 53.13 27.62
N VAL C 146 9.61 52.66 28.80
CA VAL C 146 8.35 51.99 29.03
C VAL C 146 7.55 52.79 30.09
N ALA C 147 6.24 52.56 30.14
CA ALA C 147 5.40 53.15 31.17
C ALA C 147 4.56 52.07 31.90
N GLY C 148 4.37 52.28 33.20
CA GLY C 148 3.60 51.39 34.06
C GLY C 148 2.47 52.20 34.65
N ILE C 149 1.25 51.66 34.66
CA ILE C 149 0.07 52.35 35.23
C ILE C 149 -0.49 51.47 36.35
N GLY C 150 -0.45 51.94 37.61
CA GLY C 150 -0.78 51.05 38.73
C GLY C 150 -2.22 51.10 39.22
N ALA C 151 -2.58 50.15 40.09
CA ALA C 151 -3.93 50.08 40.60
C ALA C 151 -3.87 50.47 42.07
N TRP C 152 -5.02 50.60 42.71
CA TRP C 152 -5.05 51.07 44.10
C TRP C 152 -5.05 50.00 45.21
N ASN C 153 -5.26 48.75 44.85
CA ASN C 153 -5.40 47.73 45.87
C ASN C 153 -4.09 47.21 46.47
N TYR C 154 -2.99 47.26 45.70
CA TYR C 154 -1.66 46.86 46.19
C TYR C 154 -0.68 47.85 45.60
N PRO C 155 -0.70 49.11 46.09
CA PRO C 155 0.06 50.15 45.43
C PRO C 155 1.60 49.90 45.27
N VAL C 156 2.31 49.65 46.34
CA VAL C 156 3.75 49.50 46.21
C VAL C 156 4.16 48.09 45.66
N GLN C 157 3.37 47.07 45.92
CA GLN C 157 3.66 45.76 45.36
C GLN C 157 3.60 45.77 43.83
N ILE C 158 2.53 46.38 43.28
CA ILE C 158 2.36 46.62 41.84
C ILE C 158 3.50 47.50 41.27
N ALA C 159 3.83 48.62 41.90
CA ALA C 159 5.04 49.39 41.43
C ALA C 159 6.27 48.52 41.27
N LEU C 160 6.51 47.69 42.29
CA LEU C 160 7.60 46.71 42.30
C LEU C 160 7.47 45.59 41.25
N TRP C 161 6.26 45.03 41.09
CA TRP C 161 6.08 43.94 40.10
C TRP C 161 6.22 44.39 38.64
N LYS C 162 5.90 45.66 38.35
CA LYS C 162 6.06 46.27 37.02
C LYS C 162 7.48 46.79 36.81
N SER C 163 8.03 47.51 37.79
CA SER C 163 9.36 48.10 37.59
C SER C 163 10.53 47.09 37.66
N ALA C 164 10.38 46.06 38.49
CA ALA C 164 11.47 45.04 38.62
C ALA C 164 11.90 44.37 37.29
N PRO C 165 10.96 43.73 36.54
CA PRO C 165 11.42 43.21 35.24
C PRO C 165 11.81 44.26 34.19
N ALA C 166 11.16 45.44 34.18
CA ALA C 166 11.52 46.48 33.21
C ALA C 166 12.96 46.96 33.39
N LEU C 167 13.33 47.30 34.62
CA LEU C 167 14.74 47.70 34.93
C LEU C 167 15.77 46.57 34.73
N ALA C 168 15.44 45.35 35.16
CA ALA C 168 16.31 44.15 34.98
C ALA C 168 16.67 43.87 33.50
N ALA C 169 15.70 44.12 32.62
CA ALA C 169 15.88 43.95 31.18
C ALA C 169 16.51 45.19 30.49
N GLY C 170 16.96 46.19 31.26
CA GLY C 170 17.71 47.36 30.74
C GLY C 170 16.89 48.58 30.29
N ASN C 171 15.60 48.62 30.66
CA ASN C 171 14.72 49.79 30.36
C ASN C 171 14.66 50.86 31.45
N ALA C 172 14.19 52.04 31.06
CA ALA C 172 13.70 53.01 32.02
C ALA C 172 12.15 52.90 32.11
N MET C 173 11.61 53.07 33.32
CA MET C 173 10.16 53.15 33.51
C MET C 173 9.63 54.48 34.05
N ILE C 174 8.60 55.01 33.38
CA ILE C 174 7.75 56.05 33.98
C ILE C 174 6.50 55.40 34.58
N PHE C 175 6.30 55.57 35.89
CA PHE C 175 5.22 54.96 36.63
C PHE C 175 4.20 56.04 37.07
N LYS C 176 2.91 55.73 36.91
CA LYS C 176 1.82 56.60 37.42
C LYS C 176 1.02 55.78 38.39
N PRO C 177 1.10 56.10 39.70
CA PRO C 177 0.27 55.34 40.67
C PRO C 177 -1.21 55.76 40.58
N SER C 178 -2.14 54.96 41.10
CA SER C 178 -3.55 55.40 41.08
C SER C 178 -3.68 56.66 41.91
N GLU C 179 -4.61 57.54 41.52
CA GLU C 179 -4.84 58.81 42.18
C GLU C 179 -5.39 58.57 43.59
N VAL C 180 -5.97 57.39 43.79
CA VAL C 180 -6.50 57.00 45.10
C VAL C 180 -5.35 56.69 46.12
N THR C 181 -4.19 56.21 45.61
CA THR C 181 -3.08 55.68 46.44
C THR C 181 -1.68 56.05 45.91
N PRO C 182 -1.33 57.35 46.01
CA PRO C 182 -0.11 57.85 45.37
C PRO C 182 1.17 57.83 46.23
N LEU C 183 1.03 57.61 47.54
CA LEU C 183 2.15 57.88 48.45
C LEU C 183 3.38 56.93 48.36
N THR C 184 3.18 55.61 48.35
CA THR C 184 4.32 54.71 48.40
C THR C 184 5.15 54.60 47.10
N ALA C 185 4.57 54.92 45.95
CA ALA C 185 5.30 54.95 44.65
C ALA C 185 6.44 55.96 44.65
N LEU C 186 6.22 57.13 45.27
CA LEU C 186 7.21 58.15 45.45
C LEU C 186 8.32 57.75 46.42
N LYS C 187 8.00 56.98 47.47
CA LYS C 187 9.05 56.43 48.36
C LYS C 187 9.91 55.43 47.63
N LEU C 188 9.28 54.58 46.81
CA LEU C 188 10.04 53.63 46.00
C LEU C 188 11.06 54.34 45.09
N ALA C 189 10.66 55.42 44.46
CA ALA C 189 11.56 56.12 43.57
C ALA C 189 12.73 56.73 44.37
N GLU C 190 12.49 57.19 45.60
CA GLU C 190 13.61 57.65 46.47
C GLU C 190 14.66 56.50 46.69
N ILE C 191 14.14 55.31 46.93
CA ILE C 191 14.92 54.12 47.32
C ILE C 191 15.75 53.62 46.13
N TYR C 192 15.13 53.59 44.94
CA TYR C 192 15.90 53.26 43.76
C TYR C 192 17.08 54.21 43.61
N THR C 193 16.87 55.52 43.69
CA THR C 193 17.99 56.52 43.64
C THR C 193 19.09 56.26 44.67
N GLU C 194 18.71 56.03 45.92
CA GLU C 194 19.66 55.76 46.99
C GLU C 194 20.53 54.51 46.71
N ALA C 195 19.93 53.51 46.06
CA ALA C 195 20.54 52.21 45.74
C ALA C 195 21.56 52.30 44.61
N GLY C 196 21.51 53.40 43.85
CA GLY C 196 22.45 53.65 42.74
C GLY C 196 21.77 53.59 41.36
N VAL C 197 20.45 53.51 41.29
CA VAL C 197 19.81 53.53 39.97
C VAL C 197 20.03 54.92 39.32
N PRO C 198 20.43 54.99 38.02
CA PRO C 198 20.71 56.33 37.46
C PRO C 198 19.48 57.24 37.40
N ASP C 199 19.72 58.55 37.45
CA ASP C 199 18.68 59.58 37.34
C ASP C 199 17.91 59.35 36.05
N GLY C 200 16.59 59.30 36.14
CA GLY C 200 15.74 59.13 34.98
C GLY C 200 15.28 57.72 34.65
N VAL C 201 15.87 56.69 35.25
CA VAL C 201 15.46 55.29 35.04
C VAL C 201 14.10 54.85 35.73
N PHE C 202 13.81 55.42 36.89
CA PHE C 202 12.50 55.30 37.49
C PHE C 202 11.97 56.72 37.89
N ASN C 203 11.04 57.24 37.09
CA ASN C 203 10.37 58.54 37.33
C ASN C 203 8.92 58.30 37.68
N VAL C 204 8.36 59.14 38.56
CA VAL C 204 6.96 59.03 39.00
C VAL C 204 6.11 60.28 38.68
N LEU C 205 4.98 60.05 38.02
CA LEU C 205 4.04 61.14 37.65
C LEU C 205 2.66 60.89 38.29
N THR C 206 2.24 61.78 39.14
CA THR C 206 0.96 61.64 39.84
C THR C 206 -0.17 62.43 39.10
N GLY C 207 -1.42 62.11 39.37
CA GLY C 207 -2.51 62.72 38.64
C GLY C 207 -3.49 61.65 38.21
N SER C 208 -4.46 61.99 37.35
CA SER C 208 -5.58 61.09 36.98
C SER C 208 -5.33 60.21 35.74
N GLY C 209 -6.13 59.17 35.55
CA GLY C 209 -5.95 58.29 34.40
C GLY C 209 -6.31 58.98 33.09
N ARG C 210 -7.35 59.81 33.15
CA ARG C 210 -7.88 60.48 32.00
C ARG C 210 -6.97 61.57 31.48
N GLU C 211 -6.20 62.18 32.39
CA GLU C 211 -5.15 63.10 32.00
C GLU C 211 -3.77 62.39 31.80
N VAL C 212 -3.02 62.18 32.87
N VAL C 212 -2.99 62.22 32.86
CA VAL C 212 -1.63 61.73 32.67
CA VAL C 212 -1.61 61.71 32.69
C VAL C 212 -1.49 60.24 32.26
C VAL C 212 -1.54 60.27 32.17
N GLY C 213 -2.50 59.42 32.57
CA GLY C 213 -2.53 58.06 32.11
C GLY C 213 -2.69 58.00 30.59
N GLN C 214 -3.69 58.71 30.09
CA GLN C 214 -3.92 58.91 28.66
C GLN C 214 -2.69 59.51 27.92
N TRP C 215 -2.05 60.55 28.46
CA TRP C 215 -0.89 61.12 27.78
C TRP C 215 0.31 60.12 27.66
N LEU C 216 0.50 59.27 28.68
CA LEU C 216 1.53 58.24 28.61
C LEU C 216 1.24 57.18 27.54
N THR C 217 -0.01 56.72 27.48
CA THR C 217 -0.41 55.72 26.43
C THR C 217 -0.31 56.25 25.03
N GLU C 218 -0.46 57.58 24.88
CA GLU C 218 -0.31 58.25 23.56
C GLU C 218 1.13 58.59 23.13
N HIS C 219 2.07 58.74 24.07
CA HIS C 219 3.41 59.33 23.70
C HIS C 219 4.18 58.47 22.69
N PRO C 220 4.63 59.08 21.55
CA PRO C 220 5.34 58.25 20.50
C PRO C 220 6.71 57.65 20.85
N LEU C 221 7.34 58.12 21.93
CA LEU C 221 8.68 57.65 22.29
C LEU C 221 8.62 56.60 23.38
N ILE C 222 7.43 56.22 23.83
CA ILE C 222 7.25 55.16 24.86
C ILE C 222 6.95 53.89 24.06
N GLU C 223 7.70 52.82 24.31
CA GLU C 223 7.65 51.63 23.48
C GLU C 223 6.69 50.52 23.97
N LYS C 224 6.28 50.60 25.23
CA LYS C 224 5.47 49.58 25.89
C LYS C 224 4.65 50.17 27.05
N ILE C 225 3.40 49.71 27.23
CA ILE C 225 2.56 50.04 28.40
C ILE C 225 2.30 48.76 29.17
N SER C 226 2.49 48.81 30.49
CA SER C 226 1.99 47.76 31.36
C SER C 226 0.91 48.35 32.29
N PHE C 227 -0.26 47.75 32.30
CA PHE C 227 -1.42 48.35 32.96
C PHE C 227 -2.02 47.31 33.92
N THR C 228 -2.40 47.75 35.12
CA THR C 228 -3.25 46.93 36.01
C THR C 228 -4.55 47.67 36.38
N GLY C 229 -5.71 47.03 36.28
CA GLY C 229 -6.99 47.70 36.61
C GLY C 229 -8.22 46.98 36.07
N GLY C 230 -9.34 47.68 35.92
CA GLY C 230 -10.57 47.08 35.38
C GLY C 230 -10.48 46.75 33.90
N THR C 231 -11.23 45.72 33.50
CA THR C 231 -11.29 45.23 32.12
C THR C 231 -11.85 46.29 31.16
N SER C 232 -12.89 47.00 31.56
CA SER C 232 -13.42 48.03 30.67
C SER C 232 -12.42 49.19 30.49
N THR C 233 -11.71 49.59 31.55
CA THR C 233 -10.63 50.57 31.36
C THR C 233 -9.49 50.04 30.50
N GLY C 234 -9.09 48.78 30.73
CA GLY C 234 -8.04 48.10 29.98
C GLY C 234 -8.27 48.18 28.50
N LYS C 235 -9.48 47.90 28.04
CA LYS C 235 -9.83 48.05 26.61
C LYS C 235 -9.46 49.43 25.99
N LYS C 236 -9.76 50.49 26.76
CA LYS C 236 -9.53 51.87 26.37
C LYS C 236 -8.07 52.19 26.28
N VAL C 237 -7.32 51.77 27.31
CA VAL C 237 -5.82 51.89 27.38
C VAL C 237 -5.15 51.14 26.22
N MET C 238 -5.54 49.89 25.99
CA MET C 238 -4.90 49.09 24.92
C MET C 238 -5.18 49.67 23.51
N ALA C 239 -6.39 50.17 23.26
CA ALA C 239 -6.78 50.74 21.96
C ALA C 239 -5.97 52.00 21.67
N SER C 240 -5.80 52.82 22.70
CA SER C 240 -5.04 54.05 22.65
C SER C 240 -3.52 53.82 22.46
N ALA C 241 -2.96 52.87 23.21
CA ALA C 241 -1.55 52.44 23.04
C ALA C 241 -1.31 51.91 21.60
N SER C 242 -2.32 51.23 21.04
CA SER C 242 -2.31 50.71 19.68
C SER C 242 -2.39 51.80 18.59
N SER C 243 -3.47 52.59 18.59
CA SER C 243 -3.70 53.54 17.53
C SER C 243 -2.66 54.68 17.49
N SER C 244 -2.04 54.99 18.63
CA SER C 244 -1.10 56.11 18.70
C SER C 244 0.22 55.78 18.01
N SER C 245 0.86 54.68 18.44
CA SER C 245 2.18 54.31 17.94
C SER C 245 2.47 52.82 17.98
N LEU C 246 1.43 51.98 18.01
CA LEU C 246 1.60 50.51 17.96
C LEU C 246 2.51 50.02 19.12
N LYS C 247 2.24 50.46 20.34
CA LYS C 247 3.05 50.02 21.49
C LYS C 247 2.87 48.53 21.80
N GLU C 248 3.92 47.90 22.35
CA GLU C 248 3.79 46.63 23.09
C GLU C 248 2.91 46.87 24.34
N VAL C 249 2.18 45.84 24.80
CA VAL C 249 1.30 46.01 25.96
C VAL C 249 1.21 44.78 26.85
N THR C 250 1.15 45.01 28.16
CA THR C 250 0.69 44.00 29.16
C THR C 250 -0.49 44.54 29.92
N MET C 251 -1.44 43.64 30.18
CA MET C 251 -2.66 44.02 30.88
C MET C 251 -2.96 42.94 31.94
N GLU C 252 -3.06 43.36 33.19
N GLU C 252 -3.02 43.33 33.21
CA GLU C 252 -3.51 42.53 34.30
CA GLU C 252 -3.55 42.47 34.26
C GLU C 252 -4.86 43.08 34.74
C GLU C 252 -4.86 43.07 34.73
N LEU C 253 -5.96 42.37 34.43
CA LEU C 253 -7.30 42.94 34.61
C LEU C 253 -8.13 42.28 35.70
N GLY C 254 -9.44 42.46 35.69
CA GLY C 254 -10.25 41.87 36.73
C GLY C 254 -10.80 40.50 36.36
N GLY C 255 -11.65 39.96 37.23
CA GLY C 255 -12.29 38.69 36.96
C GLY C 255 -13.52 38.39 37.79
N LYS C 256 -14.05 37.17 37.59
CA LYS C 256 -15.13 36.63 38.41
C LYS C 256 -14.80 35.14 38.57
N SER C 257 -13.70 34.91 39.31
CA SER C 257 -12.99 33.64 39.33
C SER C 257 -13.79 32.59 40.11
N PRO C 258 -13.88 31.34 39.59
CA PRO C 258 -14.63 30.28 40.27
C PRO C 258 -13.78 29.41 41.22
N LEU C 259 -14.36 29.11 42.40
CA LEU C 259 -13.85 28.12 43.32
C LEU C 259 -14.85 26.95 43.35
N ILE C 260 -14.45 25.80 42.78
CA ILE C 260 -15.20 24.55 42.89
C ILE C 260 -14.81 23.63 44.08
N ILE C 261 -15.69 23.55 45.10
CA ILE C 261 -15.58 22.56 46.18
C ILE C 261 -16.20 21.21 45.71
N PHE C 262 -15.37 20.20 45.50
CA PHE C 262 -15.89 18.88 45.12
C PHE C 262 -16.41 18.09 46.30
N PRO C 263 -17.33 17.13 46.06
CA PRO C 263 -18.04 16.54 47.21
C PRO C 263 -17.19 15.69 48.19
N ASP C 264 -15.97 15.33 47.78
CA ASP C 264 -15.08 14.60 48.68
C ASP C 264 -14.24 15.53 49.58
N ALA C 265 -14.31 16.85 49.37
CA ALA C 265 -13.44 17.81 50.10
C ALA C 265 -13.67 17.77 51.63
N ASP C 266 -12.61 17.98 52.42
CA ASP C 266 -12.82 18.32 53.83
C ASP C 266 -13.47 19.73 53.89
N LEU C 267 -14.62 19.83 54.56
CA LEU C 267 -15.40 21.08 54.62
C LEU C 267 -14.81 22.20 55.51
N ASP C 268 -13.93 21.82 56.44
CA ASP C 268 -13.11 22.83 57.13
C ASP C 268 -12.06 23.49 56.22
N ARG C 269 -11.29 22.71 55.45
CA ARG C 269 -10.28 23.30 54.56
C ARG C 269 -10.97 24.12 53.48
N ALA C 270 -12.13 23.61 53.03
CA ALA C 270 -12.93 24.21 51.98
C ALA C 270 -13.40 25.58 52.42
N ALA C 271 -13.91 25.67 53.67
CA ALA C 271 -14.39 26.91 54.30
C ALA C 271 -13.29 27.98 54.45
N ASP C 272 -12.17 27.59 55.05
CA ASP C 272 -10.94 28.40 55.15
C ASP C 272 -10.49 28.99 53.83
N ILE C 273 -10.38 28.13 52.80
CA ILE C 273 -10.04 28.57 51.44
C ILE C 273 -11.08 29.57 50.90
N ALA C 274 -12.38 29.26 51.04
CA ALA C 274 -13.43 30.18 50.57
C ALA C 274 -13.39 31.57 51.22
N VAL C 275 -13.11 31.60 52.53
CA VAL C 275 -13.08 32.90 53.25
C VAL C 275 -11.83 33.69 52.94
N MET C 276 -10.67 33.01 52.86
CA MET C 276 -9.44 33.60 52.36
C MET C 276 -9.56 34.09 50.90
N ALA C 277 -10.37 33.40 50.10
CA ALA C 277 -10.51 33.75 48.68
C ALA C 277 -11.50 34.90 48.49
N ASN C 278 -12.25 35.27 49.55
CA ASN C 278 -13.16 36.38 49.49
C ASN C 278 -12.93 37.61 50.34
N PHE C 279 -12.20 37.49 51.46
CA PHE C 279 -12.21 38.53 52.49
C PHE C 279 -10.83 39.11 52.90
N PHE C 280 -9.75 38.61 52.30
CA PHE C 280 -8.42 39.21 52.47
C PHE C 280 -8.41 40.59 51.78
N SER C 281 -7.59 41.52 52.23
CA SER C 281 -7.64 42.95 51.82
C SER C 281 -9.07 43.49 51.68
N SER C 282 -9.94 43.10 52.61
CA SER C 282 -11.35 43.47 52.58
C SER C 282 -12.09 43.12 51.27
N GLY C 283 -11.69 42.01 50.62
CA GLY C 283 -12.36 41.57 49.40
C GLY C 283 -11.94 42.31 48.14
N GLN C 284 -10.80 43.01 48.24
CA GLN C 284 -10.26 43.83 47.19
C GLN C 284 -8.98 43.22 46.55
N VAL C 285 -8.98 41.90 46.30
CA VAL C 285 -7.90 41.23 45.56
C VAL C 285 -8.50 40.81 44.19
N THR C 287 -7.86 38.57 42.02
CA THR C 287 -7.97 37.13 41.81
C THR C 287 -8.95 36.41 42.77
N ASN C 288 -9.68 37.14 43.61
CA ASN C 288 -10.66 36.54 44.54
C ASN C 288 -11.64 35.53 43.92
N GLY C 289 -11.96 34.50 44.70
CA GLY C 289 -12.83 33.38 44.27
C GLY C 289 -14.27 33.66 44.68
N THR C 290 -14.92 34.49 43.87
CA THR C 290 -16.14 35.20 44.29
C THR C 290 -17.37 34.43 43.86
N ARG C 291 -17.19 33.46 42.94
CA ARG C 291 -18.21 32.42 42.71
C ARG C 291 -17.74 31.11 43.36
N VAL C 292 -18.39 30.74 44.46
CA VAL C 292 -18.09 29.50 45.17
C VAL C 292 -19.14 28.44 44.80
N PHE C 293 -18.70 27.36 44.14
CA PHE C 293 -19.59 26.22 43.76
C PHE C 293 -19.58 25.10 44.82
N ILE C 294 -20.77 24.73 45.31
CA ILE C 294 -20.92 23.73 46.35
C ILE C 294 -21.95 22.66 45.95
N HIS C 295 -21.61 21.39 46.17
CA HIS C 295 -22.53 20.29 45.83
C HIS C 295 -23.80 20.35 46.70
N ARG C 296 -24.95 20.08 46.08
CA ARG C 296 -26.26 20.21 46.75
C ARG C 296 -26.31 19.63 48.18
N SER C 297 -25.63 18.50 48.37
CA SER C 297 -25.68 17.76 49.65
C SER C 297 -24.57 18.13 50.67
N GLN C 298 -23.63 18.98 50.28
CA GLN C 298 -22.71 19.57 51.26
C GLN C 298 -23.17 20.99 51.62
N GLN C 299 -24.24 21.49 51.00
CA GLN C 299 -24.59 22.94 51.08
C GLN C 299 -24.85 23.50 52.50
N ALA C 300 -25.72 22.83 53.26
CA ALA C 300 -26.01 23.25 54.62
C ALA C 300 -24.79 23.17 55.54
N ARG C 301 -24.06 22.07 55.53
CA ARG C 301 -22.82 22.00 56.31
C ARG C 301 -21.79 23.05 55.89
N PHE C 302 -21.68 23.31 54.58
CA PHE C 302 -20.71 24.31 54.09
C PHE C 302 -21.06 25.72 54.57
N GLU C 303 -22.32 26.11 54.44
CA GLU C 303 -22.84 27.39 54.94
C GLU C 303 -22.57 27.61 56.45
N ALA C 304 -22.80 26.58 57.29
CA ALA C 304 -22.53 26.66 58.73
C ALA C 304 -21.05 26.90 59.03
N LYS C 305 -20.18 26.31 58.22
CA LYS C 305 -18.73 26.46 58.40
C LYS C 305 -18.25 27.83 57.93
N VAL C 306 -18.74 28.27 56.78
CA VAL C 306 -18.44 29.64 56.32
C VAL C 306 -18.93 30.65 57.36
N LEU C 307 -20.15 30.42 57.88
CA LEU C 307 -20.75 31.34 58.85
C LEU C 307 -19.93 31.49 60.13
N GLU C 308 -19.52 30.38 60.75
CA GLU C 308 -18.67 30.42 61.93
C GLU C 308 -17.40 31.28 61.74
N ARG C 309 -16.72 31.06 60.60
CA ARG C 309 -15.50 31.82 60.22
C ARG C 309 -15.77 33.30 60.01
N VAL C 310 -16.83 33.60 59.26
CA VAL C 310 -17.19 34.95 58.95
C VAL C 310 -17.55 35.77 60.19
N GLN C 311 -18.22 35.13 61.15
CA GLN C 311 -18.62 35.75 62.40
C GLN C 311 -17.50 36.18 63.34
N ARG C 312 -16.37 35.47 63.26
CA ARG C 312 -15.23 35.78 64.11
C ARG C 312 -14.20 36.68 63.39
N ILE C 313 -14.53 37.20 62.19
CA ILE C 313 -13.63 38.17 61.51
C ILE C 313 -13.45 39.46 62.34
N ARG C 314 -12.21 39.90 62.54
CA ARG C 314 -11.94 41.06 63.41
C ARG C 314 -11.81 42.36 62.59
N LEU C 315 -12.97 42.89 62.20
CA LEU C 315 -13.09 44.20 61.57
C LEU C 315 -12.74 45.28 62.60
N GLY C 316 -12.01 46.31 62.15
CA GLY C 316 -11.69 47.43 63.03
C GLY C 316 -10.58 48.33 62.52
N ASP C 317 -10.00 49.10 63.44
CA ASP C 317 -8.94 50.06 63.16
C ASP C 317 -7.74 49.35 62.58
N PRO C 318 -7.40 49.64 61.30
CA PRO C 318 -6.29 48.99 60.57
C PRO C 318 -4.89 49.29 61.14
N GLN C 319 -4.80 50.32 61.99
CA GLN C 319 -3.57 50.60 62.75
C GLN C 319 -3.40 49.67 63.97
N ASP C 320 -4.47 48.99 64.37
CA ASP C 320 -4.41 47.96 65.44
C ASP C 320 -3.84 46.63 64.89
N GLU C 321 -2.82 46.10 65.57
CA GLU C 321 -2.16 44.85 65.15
C GLU C 321 -3.10 43.65 65.13
N ASN C 322 -4.18 43.74 65.88
CA ASN C 322 -5.16 42.65 65.97
C ASN C 322 -6.30 42.67 64.98
N THR C 323 -6.41 43.76 64.22
CA THR C 323 -7.35 43.86 63.11
C THR C 323 -6.89 42.98 61.96
N ASN C 324 -7.80 42.13 61.48
CA ASN C 324 -7.49 41.35 60.28
C ASN C 324 -8.40 41.71 59.10
N PHE C 325 -9.23 42.75 59.27
CA PHE C 325 -10.17 43.23 58.23
C PHE C 325 -10.44 44.76 58.40
N GLY C 326 -10.08 45.57 57.40
CA GLY C 326 -10.19 47.06 57.50
C GLY C 326 -11.33 47.66 56.67
N PRO C 327 -11.36 49.02 56.53
CA PRO C 327 -12.35 49.65 55.66
C PRO C 327 -12.04 49.34 54.17
N LEU C 328 -12.91 49.75 53.26
CA LEU C 328 -12.54 49.74 51.81
C LEU C 328 -11.62 50.93 51.46
N VAL C 329 -11.06 50.94 50.24
CA VAL C 329 -10.01 51.93 49.84
C VAL C 329 -10.49 53.41 49.83
N SER C 330 -11.81 53.60 49.69
CA SER C 330 -12.41 54.93 49.53
C SER C 330 -13.92 54.91 49.74
N PHE C 331 -14.51 56.09 50.01
CA PHE C 331 -15.98 56.20 50.12
C PHE C 331 -16.77 55.95 48.82
N PRO C 332 -16.31 56.51 47.66
CA PRO C 332 -16.92 56.15 46.38
C PRO C 332 -16.93 54.64 46.05
N HIS C 333 -15.84 53.92 46.35
CA HIS C 333 -15.83 52.45 46.22
C HIS C 333 -16.82 51.75 47.21
N MET C 334 -16.90 52.22 48.47
CA MET C 334 -17.89 51.72 49.41
C MET C 334 -19.33 51.85 48.88
N GLU C 335 -19.69 53.01 48.30
CA GLU C 335 -21.04 53.19 47.78
C GLU C 335 -21.37 52.35 46.53
N SER C 336 -20.35 51.98 45.76
CA SER C 336 -20.58 51.07 44.66
C SER C 336 -20.85 49.61 45.12
N VAL C 337 -20.16 49.21 46.20
CA VAL C 337 -20.28 47.87 46.78
C VAL C 337 -21.67 47.69 47.40
N LEU C 338 -22.11 48.71 48.16
CA LEU C 338 -23.44 48.75 48.78
C LEU C 338 -24.59 48.65 47.77
N GLY C 339 -24.38 49.23 46.57
CA GLY C 339 -25.30 49.13 45.46
C GLY C 339 -25.39 47.70 44.91
N TYR C 340 -24.24 47.01 44.86
CA TYR C 340 -24.22 45.60 44.54
C TYR C 340 -25.00 44.77 45.55
N ILE C 341 -24.73 45.02 46.83
CA ILE C 341 -25.46 44.41 47.93
C ILE C 341 -27.00 44.58 47.80
N GLU C 342 -27.47 45.80 47.56
CA GLU C 342 -28.90 46.07 47.30
C GLU C 342 -29.46 45.28 46.11
N SER C 343 -28.70 45.26 45.01
CA SER C 343 -28.99 44.44 43.84
C SER C 343 -29.27 42.94 44.17
N GLY C 344 -28.38 42.31 44.95
CA GLY C 344 -28.48 40.89 45.26
C GLY C 344 -29.74 40.62 46.06
N LYS C 345 -30.08 41.57 46.93
CA LYS C 345 -31.25 41.41 47.83
C LYS C 345 -32.56 41.58 47.07
N ALA C 346 -32.55 42.53 46.13
CA ALA C 346 -33.67 42.81 45.23
C ALA C 346 -33.95 41.66 44.25
N GLN C 347 -32.89 40.96 43.84
CA GLN C 347 -33.01 39.78 42.95
C GLN C 347 -33.16 38.49 43.78
N LYS C 348 -33.21 38.66 45.10
CA LYS C 348 -33.64 37.62 46.03
C LYS C 348 -32.66 36.48 46.20
N ALA C 349 -31.36 36.83 46.22
CA ALA C 349 -30.33 35.91 46.72
C ALA C 349 -30.59 35.86 48.22
N ARG C 350 -30.27 34.74 48.87
CA ARG C 350 -30.45 34.66 50.32
C ARG C 350 -29.26 35.28 51.05
N LEU C 351 -29.52 36.30 51.87
CA LEU C 351 -28.48 36.90 52.71
C LEU C 351 -28.08 35.99 53.90
N LEU C 352 -26.88 35.42 53.85
CA LEU C 352 -26.36 34.52 54.89
C LEU C 352 -25.81 35.32 56.07
N CYS C 353 -25.02 36.34 55.74
CA CYS C 353 -24.44 37.24 56.74
C CYS C 353 -23.96 38.56 56.12
N GLY C 354 -23.66 39.53 56.99
CA GLY C 354 -23.24 40.88 56.56
C GLY C 354 -24.32 41.66 55.87
N GLY C 355 -23.92 42.42 54.85
CA GLY C 355 -24.89 43.09 53.96
C GLY C 355 -25.16 44.55 54.24
N GLU C 356 -24.40 45.14 55.15
CA GLU C 356 -24.51 46.58 55.46
C GLU C 356 -23.18 47.32 55.78
N ARG C 357 -23.24 48.65 55.75
CA ARG C 357 -22.12 49.48 56.20
C ARG C 357 -22.09 49.39 57.72
N VAL C 358 -20.87 49.35 58.27
CA VAL C 358 -20.66 49.27 59.72
C VAL C 358 -20.40 50.69 60.23
N THR C 359 -21.31 51.19 61.10
CA THR C 359 -21.34 52.63 61.47
C THR C 359 -21.18 52.98 62.96
N ASP C 360 -21.06 51.96 63.81
CA ASP C 360 -21.02 52.11 65.28
C ASP C 360 -19.78 52.83 65.75
N GLY C 361 -19.98 53.87 66.55
CA GLY C 361 -18.88 54.63 67.14
C GLY C 361 -17.97 55.24 66.09
N ALA C 362 -16.68 55.00 66.22
CA ALA C 362 -15.70 55.56 65.28
C ALA C 362 -15.78 55.03 63.82
N PHE C 363 -16.32 53.84 63.60
CA PHE C 363 -16.51 53.30 62.24
C PHE C 363 -17.39 54.14 61.27
N GLY C 364 -18.29 54.98 61.80
CA GLY C 364 -19.09 55.90 60.98
C GLY C 364 -18.31 56.99 60.23
N LYS C 365 -17.08 57.26 60.70
CA LYS C 365 -16.16 58.19 60.03
C LYS C 365 -15.25 57.53 58.98
N GLY C 366 -15.38 56.20 58.85
CA GLY C 366 -14.62 55.41 57.88
C GLY C 366 -15.53 54.70 56.88
N ALA C 367 -14.93 54.11 55.85
CA ALA C 367 -15.66 53.44 54.76
C ALA C 367 -15.76 51.93 54.98
N TYR C 368 -16.47 51.52 56.04
CA TYR C 368 -16.59 50.09 56.42
C TYR C 368 -17.85 49.41 55.84
N VAL C 369 -17.63 48.24 55.19
CA VAL C 369 -18.67 47.34 54.69
C VAL C 369 -18.41 45.96 55.33
N ALA C 370 -19.41 45.45 56.07
CA ALA C 370 -19.37 44.12 56.70
C ALA C 370 -19.04 43.03 55.67
N PRO C 371 -18.20 42.02 56.06
CA PRO C 371 -18.04 40.81 55.19
C PRO C 371 -19.42 40.16 54.96
N THR C 372 -19.79 40.02 53.70
CA THR C 372 -21.15 39.68 53.26
C THR C 372 -21.09 38.36 52.46
N VAL C 373 -22.05 37.47 52.74
CA VAL C 373 -22.21 36.21 52.01
C VAL C 373 -23.65 36.05 51.49
N PHE C 374 -23.80 35.87 50.18
CA PHE C 374 -25.11 35.50 49.59
C PHE C 374 -25.06 34.05 49.20
N THR C 375 -26.18 33.36 49.38
CA THR C 375 -26.33 31.96 48.99
C THR C 375 -27.70 31.69 48.37
N ASP C 376 -27.88 30.49 47.79
CA ASP C 376 -28.97 30.21 46.86
C ASP C 376 -28.92 31.08 45.60
N CYS C 377 -27.71 31.33 45.10
CA CYS C 377 -27.51 32.21 43.93
C CYS C 377 -27.84 31.51 42.58
N ARG C 378 -28.12 32.33 41.56
CA ARG C 378 -28.35 31.83 40.19
C ARG C 378 -27.42 32.55 39.23
N ASP C 379 -27.00 31.84 38.19
CA ASP C 379 -26.02 32.33 37.23
C ASP C 379 -26.35 33.67 36.58
N ASP C 380 -27.65 33.95 36.45
CA ASP C 380 -28.05 35.20 35.80
C ASP C 380 -28.20 36.42 36.76
N MET C 381 -27.88 36.25 38.05
CA MET C 381 -27.94 37.38 38.98
C MET C 381 -26.78 38.35 38.70
N THR C 382 -27.08 39.64 38.81
CA THR C 382 -26.10 40.73 38.69
C THR C 382 -24.85 40.55 39.59
N ILE C 383 -25.04 40.22 40.86
CA ILE C 383 -23.90 39.95 41.80
C ILE C 383 -23.01 38.72 41.40
N VAL C 384 -23.56 37.77 40.65
CA VAL C 384 -22.83 36.58 40.13
C VAL C 384 -22.12 36.94 38.80
N ARG C 385 -22.77 37.72 37.93
CA ARG C 385 -22.17 38.07 36.62
C ARG C 385 -21.01 39.12 36.65
N GLU C 386 -21.15 40.11 37.54
CA GLU C 386 -20.29 41.30 37.51
C GLU C 386 -19.29 41.30 38.66
N GLU C 387 -18.09 41.83 38.37
CA GLU C 387 -17.06 42.03 39.37
C GLU C 387 -17.42 43.18 40.34
N ILE C 388 -17.31 42.92 41.64
CA ILE C 388 -17.77 43.84 42.65
C ILE C 388 -16.58 44.51 43.28
N PHE C 389 -15.62 43.73 43.76
CA PHE C 389 -14.39 44.31 44.34
C PHE C 389 -14.64 44.91 45.74
N GLY C 390 -15.32 44.11 46.54
CA GLY C 390 -15.58 44.42 47.93
C GLY C 390 -15.86 43.06 48.47
N PRO C 391 -16.14 42.96 49.79
CA PRO C 391 -16.28 41.68 50.46
C PRO C 391 -17.69 41.05 50.29
N VAL C 392 -17.96 40.51 49.09
CA VAL C 392 -19.23 39.82 48.74
C VAL C 392 -18.93 38.48 48.04
N MET C 393 -19.21 37.40 48.75
CA MET C 393 -19.15 36.02 48.27
C MET C 393 -20.55 35.63 47.73
N SER C 394 -20.60 34.96 46.58
CA SER C 394 -21.85 34.42 46.03
C SER C 394 -21.69 32.90 46.01
N ILE C 395 -22.51 32.20 46.79
CA ILE C 395 -22.45 30.74 46.85
C ILE C 395 -23.49 30.15 45.85
N LEU C 396 -23.01 29.24 45.01
CA LEU C 396 -23.83 28.61 43.95
C LEU C 396 -23.86 27.11 44.19
N VAL C 397 -25.07 26.53 44.17
CA VAL C 397 -25.26 25.08 44.27
C VAL C 397 -25.18 24.39 42.92
N TYR C 398 -24.53 23.22 42.86
CA TYR C 398 -24.51 22.37 41.64
C TYR C 398 -24.84 20.87 41.92
N ASP C 399 -25.16 20.11 40.87
CA ASP C 399 -25.49 18.69 41.02
C ASP C 399 -24.45 17.73 40.44
N ASP C 400 -23.80 18.09 39.33
CA ASP C 400 -22.70 17.26 38.81
C ASP C 400 -21.44 18.01 38.41
N GLU C 401 -20.34 17.29 38.44
CA GLU C 401 -18.99 17.82 38.16
C GLU C 401 -18.87 18.50 36.77
N ASP C 402 -19.43 17.93 35.71
CA ASP C 402 -19.30 18.49 34.37
C ASP C 402 -20.11 19.78 34.26
N GLU C 403 -21.19 19.85 35.03
CA GLU C 403 -22.04 21.04 35.19
C GLU C 403 -21.32 22.20 35.90
N ALA C 404 -20.79 21.96 37.11
CA ALA C 404 -19.86 22.89 37.79
C ALA C 404 -18.72 23.41 36.89
N ILE C 405 -18.08 22.56 36.08
CA ILE C 405 -16.98 23.04 35.21
C ILE C 405 -17.50 24.00 34.08
N ARG C 406 -18.64 23.65 33.52
CA ARG C 406 -19.22 24.40 32.40
C ARG C 406 -19.69 25.80 32.84
N ARG C 407 -20.29 25.86 34.03
CA ARG C 407 -20.78 27.07 34.67
C ARG C 407 -19.64 27.97 35.13
N ALA C 408 -18.58 27.37 35.66
CA ALA C 408 -17.32 28.05 36.01
C ALA C 408 -16.68 28.80 34.83
N ASN C 409 -16.72 28.15 33.65
CA ASN C 409 -16.12 28.68 32.44
C ASN C 409 -17.00 29.69 31.70
N ASP C 410 -18.27 29.75 32.08
CA ASP C 410 -19.29 30.48 31.30
C ASP C 410 -19.24 31.98 31.70
N THR C 411 -18.18 32.64 31.24
CA THR C 411 -17.85 34.03 31.59
C THR C 411 -16.86 34.54 30.55
N GLU C 412 -16.81 35.86 30.33
CA GLU C 412 -15.80 36.47 29.45
C GLU C 412 -14.50 36.75 30.23
N TYR C 413 -14.55 36.56 31.54
CA TYR C 413 -13.38 36.67 32.44
C TYR C 413 -12.61 35.35 32.44
N GLY C 414 -11.41 35.32 33.03
CA GLY C 414 -10.55 34.15 32.98
C GLY C 414 -9.21 34.39 33.68
N LEU C 415 -9.25 35.09 34.81
CA LEU C 415 -8.07 35.39 35.61
C LEU C 415 -7.59 34.18 36.47
N ALA C 416 -8.39 33.73 37.42
CA ALA C 416 -8.04 32.65 38.33
C ALA C 416 -9.17 31.62 38.42
N ALA C 417 -8.87 30.46 39.02
CA ALA C 417 -9.82 29.33 39.23
C ALA C 417 -9.18 28.38 40.26
N GLY C 418 -9.99 27.57 40.94
CA GLY C 418 -9.45 26.74 42.00
C GLY C 418 -10.40 25.59 42.24
N VAL C 419 -9.86 24.46 42.69
CA VAL C 419 -10.60 23.27 42.98
C VAL C 419 -10.15 22.77 44.32
N VAL C 420 -11.10 22.19 45.05
CA VAL C 420 -10.83 21.50 46.33
C VAL C 420 -11.31 20.04 46.24
N THR C 421 -10.35 19.12 46.28
CA THR C 421 -10.64 17.67 46.21
C THR C 421 -9.38 16.95 46.73
N GLN C 422 -9.56 15.76 47.31
CA GLN C 422 -8.43 14.92 47.70
C GLN C 422 -8.08 13.87 46.67
N ASP C 423 -8.91 13.76 45.63
CA ASP C 423 -8.67 12.80 44.56
C ASP C 423 -7.61 13.24 43.52
N LEU C 424 -6.64 12.37 43.29
CA LEU C 424 -5.54 12.63 42.36
C LEU C 424 -6.03 12.93 40.91
N ALA C 425 -6.74 11.97 40.30
CA ALA C 425 -7.29 12.14 38.95
C ALA C 425 -8.16 13.40 38.82
N ARG C 426 -9.15 13.58 39.72
CA ARG C 426 -10.07 14.74 39.66
C ARG C 426 -9.37 16.11 39.75
N ALA C 427 -8.43 16.24 40.69
CA ALA C 427 -7.70 17.50 40.84
C ALA C 427 -7.06 17.98 39.53
N HIS C 428 -6.29 17.10 38.86
CA HIS C 428 -5.61 17.47 37.59
C HIS C 428 -6.57 17.54 36.40
N ARG C 429 -7.46 16.56 36.21
CA ARG C 429 -8.48 16.61 35.14
C ARG C 429 -9.36 17.87 35.17
N ALA C 430 -9.90 18.24 36.34
CA ALA C 430 -10.72 19.48 36.47
C ALA C 430 -9.91 20.75 36.19
N ILE C 431 -8.73 20.86 36.78
CA ILE C 431 -7.92 22.08 36.60
C ILE C 431 -7.48 22.30 35.15
N HIS C 432 -7.20 21.21 34.42
CA HIS C 432 -6.85 21.27 32.99
C HIS C 432 -8.01 21.81 32.12
N ARG C 433 -9.25 21.68 32.60
CA ARG C 433 -10.46 22.08 31.86
C ARG C 433 -10.96 23.52 32.19
N LEU C 434 -10.39 24.14 33.23
CA LEU C 434 -10.79 25.49 33.66
C LEU C 434 -10.01 26.55 32.92
N GLU C 435 -10.73 27.45 32.27
CA GLU C 435 -10.18 28.48 31.35
C GLU C 435 -9.71 29.74 32.12
N ALA C 436 -8.61 29.57 32.85
CA ALA C 436 -8.03 30.64 33.65
C ALA C 436 -6.48 30.50 33.67
N GLY C 437 -5.79 31.63 33.81
CA GLY C 437 -4.32 31.67 33.76
C GLY C 437 -3.67 31.34 35.09
N ILE C 438 -4.40 31.53 36.20
CA ILE C 438 -3.87 31.30 37.56
C ILE C 438 -4.75 30.28 38.24
N CYS C 439 -4.20 29.08 38.53
CA CYS C 439 -5.00 27.93 38.95
C CYS C 439 -4.42 27.28 40.22
N TRP C 440 -5.29 27.06 41.20
CA TRP C 440 -4.90 26.59 42.54
C TRP C 440 -5.61 25.28 42.90
N ILE C 441 -4.85 24.29 43.40
CA ILE C 441 -5.42 23.02 43.91
C ILE C 441 -5.21 22.96 45.44
N ASN C 442 -6.32 22.96 46.18
CA ASN C 442 -6.33 22.83 47.63
C ASN C 442 -5.66 24.01 48.36
N THR C 443 -5.74 25.19 47.74
CA THR C 443 -5.17 26.41 48.26
C THR C 443 -5.81 27.57 47.48
N TRP C 444 -5.48 28.78 47.88
CA TRP C 444 -5.86 29.99 47.18
C TRP C 444 -4.91 31.12 47.56
N GLY C 445 -4.54 31.94 46.58
CA GLY C 445 -3.94 33.25 46.86
C GLY C 445 -2.41 33.43 46.79
N GLU C 446 -1.63 32.36 47.03
CA GLU C 446 -0.16 32.46 46.95
C GLU C 446 0.30 32.75 45.51
N SER C 447 1.28 33.64 45.36
CA SER C 447 1.69 34.09 44.02
C SER C 447 3.23 34.21 43.98
N PRO C 448 3.92 33.04 43.98
CA PRO C 448 5.39 33.03 44.09
C PRO C 448 6.04 33.78 42.92
N ALA C 449 7.18 34.43 43.15
CA ALA C 449 7.93 35.17 42.11
C ALA C 449 8.19 34.36 40.82
N GLU C 450 8.37 33.04 40.98
CA GLU C 450 8.72 32.15 39.87
C GLU C 450 7.53 31.81 38.98
N MET C 451 6.31 32.03 39.50
CA MET C 451 5.08 31.60 38.84
C MET C 451 4.50 32.70 37.90
N PRO C 452 4.50 32.47 36.55
CA PRO C 452 3.85 33.48 35.71
C PRO C 452 2.34 33.59 35.99
N VAL C 453 1.86 34.83 36.11
CA VAL C 453 0.45 35.09 36.45
C VAL C 453 -0.20 36.13 35.50
N GLY C 454 -1.45 35.87 35.12
CA GLY C 454 -2.16 36.73 34.17
C GLY C 454 -3.46 36.09 33.71
N GLY C 455 -4.19 36.76 32.84
CA GLY C 455 -5.57 36.30 32.51
C GLY C 455 -5.75 35.69 31.13
N TYR C 456 -6.58 34.64 31.08
CA TYR C 456 -7.24 34.18 29.87
C TYR C 456 -8.32 35.19 29.45
N LYS C 457 -8.73 35.17 28.18
CA LYS C 457 -9.94 35.87 27.72
C LYS C 457 -9.84 37.41 28.00
N GLN C 458 -10.83 38.00 28.69
CA GLN C 458 -10.92 39.47 28.89
C GLN C 458 -10.34 39.91 30.25
N SER C 459 -9.63 38.98 30.92
CA SER C 459 -8.89 39.31 32.14
C SER C 459 -7.42 39.67 31.91
N GLY C 460 -6.94 39.59 30.68
CA GLY C 460 -5.56 40.06 30.48
C GLY C 460 -4.94 39.83 29.12
N VAL C 461 -3.78 40.46 28.91
CA VAL C 461 -2.88 40.27 27.77
C VAL C 461 -1.51 40.11 28.41
N GLY C 462 -0.77 39.06 28.05
CA GLY C 462 0.57 38.85 28.62
C GLY C 462 0.57 38.39 30.08
N ARG C 463 1.75 38.35 30.70
CA ARG C 463 1.89 37.87 32.09
C ARG C 463 2.84 38.74 32.92
N GLU C 464 2.75 38.58 34.25
CA GLU C 464 3.76 39.03 35.19
C GLU C 464 4.41 37.88 35.98
N ASN C 465 5.65 38.12 36.47
CA ASN C 465 6.42 37.17 37.28
C ASN C 465 6.97 35.99 36.42
N GLY C 466 7.86 35.18 37.01
CA GLY C 466 8.44 34.03 36.30
C GLY C 466 9.48 34.45 35.26
N LEU C 467 10.18 33.49 34.70
CA LEU C 467 11.23 33.73 33.68
C LEU C 467 10.70 34.42 32.41
N THR C 468 9.56 33.92 31.94
CA THR C 468 8.82 34.42 30.75
C THR C 468 8.60 35.93 30.74
N THR C 469 8.29 36.55 31.87
CA THR C 469 8.00 38.00 31.91
C THR C 469 9.24 38.87 31.58
N LEU C 470 10.39 38.52 32.18
CA LEU C 470 11.68 39.22 31.89
C LEU C 470 11.96 39.28 30.40
N ALA C 471 11.63 38.19 29.70
CA ALA C 471 11.92 38.07 28.28
C ALA C 471 11.02 38.97 27.46
N HIS C 472 9.80 39.21 27.94
CA HIS C 472 8.84 40.20 27.34
C HIS C 472 9.09 41.73 27.62
N TYR C 473 10.14 42.02 28.38
CA TYR C 473 10.66 43.39 28.47
C TYR C 473 11.89 43.64 27.56
N THR C 474 12.12 42.73 26.60
CA THR C 474 13.16 42.88 25.60
C THR C 474 12.49 42.72 24.25
N ARG C 475 13.18 43.16 23.19
CA ARG C 475 12.75 42.88 21.82
C ARG C 475 13.85 42.07 21.15
N ILE C 476 13.44 41.18 20.24
CA ILE C 476 14.35 40.26 19.54
C ILE C 476 14.88 40.91 18.24
N LYS C 477 16.21 41.01 18.12
CA LYS C 477 16.89 41.28 16.84
C LYS C 477 17.55 40.00 16.25
N SER C 478 17.21 39.65 14.99
CA SER C 478 17.88 38.56 14.31
C SER C 478 18.97 39.11 13.38
N VAL C 479 20.19 38.57 13.52
CA VAL C 479 21.31 38.99 12.69
C VAL C 479 21.81 37.81 11.84
N GLN C 480 21.68 37.94 10.52
CA GLN C 480 22.24 36.94 9.64
C GLN C 480 23.61 37.40 9.16
N VAL C 481 24.62 36.56 9.39
CA VAL C 481 25.99 36.79 8.97
C VAL C 481 26.24 35.90 7.70
N GLU C 482 26.36 36.55 6.54
CA GLU C 482 26.65 35.87 5.28
C GLU C 482 28.17 35.93 5.17
N LEU C 483 28.81 34.75 5.18
CA LEU C 483 30.26 34.60 5.03
C LEU C 483 30.74 34.18 3.63
N GLY C 484 29.81 33.84 2.74
CA GLY C 484 30.09 33.41 1.37
C GLY C 484 29.73 34.42 0.30
N ASP C 485 29.42 33.94 -0.91
CA ASP C 485 29.01 34.82 -1.98
C ASP C 485 27.56 35.16 -1.86
N TYR C 486 27.22 36.36 -2.34
CA TYR C 486 25.82 36.80 -2.46
C TYR C 486 25.31 36.64 -3.88
N ALA C 487 24.17 35.98 -4.07
CA ALA C 487 23.61 35.73 -5.41
C ALA C 487 22.41 36.65 -5.72
N SER C 488 22.51 37.35 -6.83
CA SER C 488 21.46 38.23 -7.35
C SER C 488 20.86 37.59 -8.59
N VAL C 489 19.55 37.85 -8.82
CA VAL C 489 18.85 37.35 -10.01
C VAL C 489 18.94 38.33 -11.17
N PHE C 490 19.57 39.47 -10.94
CA PHE C 490 19.51 40.58 -11.90
C PHE C 490 20.84 40.77 -12.59
N ALA D 2 -15.37 35.39 -17.41
CA ALA D 2 -14.28 35.07 -16.44
C ALA D 2 -13.48 33.82 -16.80
N ARG D 3 -12.19 33.80 -16.46
CA ARG D 3 -11.38 32.60 -16.69
C ARG D 3 -11.84 31.35 -15.90
N PHE D 4 -12.20 31.54 -14.63
CA PHE D 4 -12.57 30.42 -13.77
C PHE D 4 -14.04 30.50 -13.36
N GLU D 5 -14.56 29.38 -12.85
CA GLU D 5 -15.87 29.32 -12.19
C GLU D 5 -15.93 30.26 -10.93
N GLU D 6 -17.14 30.64 -10.50
CA GLU D 6 -17.31 31.51 -9.32
C GLU D 6 -16.74 30.84 -8.05
N GLN D 7 -15.93 31.56 -7.29
CA GLN D 7 -15.24 30.99 -6.13
C GLN D 7 -16.16 31.15 -4.93
N LYS D 8 -16.20 30.11 -4.09
CA LYS D 8 -17.10 29.99 -2.93
C LYS D 8 -16.28 30.09 -1.61
N LEU D 9 -16.99 30.12 -0.47
CA LEU D 9 -16.32 30.09 0.84
C LEU D 9 -15.92 28.65 1.17
N TYR D 10 -14.86 28.50 1.98
CA TYR D 10 -14.40 27.21 2.44
C TYR D 10 -14.64 27.06 3.96
N ILE D 11 -15.62 26.28 4.36
CA ILE D 11 -15.98 26.15 5.78
C ILE D 11 -16.32 24.69 6.05
N GLY D 12 -15.60 24.07 7.00
CA GLY D 12 -15.89 22.70 7.46
C GLY D 12 -15.51 21.63 6.46
N GLY D 13 -14.39 21.84 5.77
CA GLY D 13 -13.76 20.82 4.94
C GLY D 13 -14.37 20.70 3.57
N ARG D 14 -15.01 21.78 3.14
CA ARG D 14 -15.67 21.85 1.87
C ARG D 14 -16.04 23.30 1.54
N TYR D 15 -16.37 23.52 0.27
CA TYR D 15 -16.89 24.77 -0.25
C TYR D 15 -18.38 24.91 0.11
N VAL D 16 -18.81 26.12 0.47
CA VAL D 16 -20.23 26.40 0.81
C VAL D 16 -20.62 27.76 0.21
N GLU D 17 -21.89 27.95 -0.13
CA GLU D 17 -22.41 29.26 -0.61
C GLU D 17 -22.42 30.33 0.49
N ALA D 18 -21.80 31.49 0.23
CA ALA D 18 -21.98 32.68 1.08
C ALA D 18 -23.47 33.06 1.20
N SER D 19 -23.83 33.84 2.23
CA SER D 19 -25.23 34.32 2.39
C SER D 19 -25.33 35.87 2.28
N SER D 20 -24.43 36.50 1.54
CA SER D 20 -24.49 37.94 1.39
C SER D 20 -25.23 38.35 0.13
N GLY D 21 -25.36 37.43 -0.83
CA GLY D 21 -25.98 37.74 -2.12
C GLY D 21 -25.08 38.56 -3.04
N ALA D 22 -23.79 38.68 -2.69
CA ALA D 22 -22.88 39.61 -3.36
C ALA D 22 -21.51 39.00 -3.73
N THR D 23 -20.90 39.52 -4.80
CA THR D 23 -19.51 39.14 -5.19
C THR D 23 -18.55 40.32 -5.47
N PHE D 24 -17.26 40.01 -5.59
CA PHE D 24 -16.25 40.89 -6.20
C PHE D 24 -15.49 40.12 -7.30
N GLU D 25 -14.67 40.85 -8.05
CA GLU D 25 -13.89 40.28 -9.12
C GLU D 25 -12.36 40.34 -8.83
N THR D 26 -11.65 39.28 -9.18
CA THR D 26 -10.18 39.33 -9.16
C THR D 26 -9.64 39.43 -10.59
N ILE D 27 -8.71 40.39 -10.76
CA ILE D 27 -8.15 40.82 -12.05
C ILE D 27 -6.69 40.37 -12.21
N ASN D 28 -6.31 39.89 -13.40
CA ASN D 28 -4.89 39.62 -13.70
C ASN D 28 -4.24 40.98 -14.03
N PRO D 29 -3.27 41.45 -13.22
CA PRO D 29 -2.65 42.77 -13.47
C PRO D 29 -1.72 42.83 -14.70
N ALA D 30 -1.42 41.70 -15.34
CA ALA D 30 -0.65 41.68 -16.61
C ALA D 30 -1.46 42.09 -17.87
N ASN D 31 -2.74 41.77 -17.87
CA ASN D 31 -3.56 42.00 -19.07
C ASN D 31 -4.93 42.62 -18.81
N GLY D 32 -5.30 42.76 -17.53
CA GLY D 32 -6.59 43.34 -17.16
C GLY D 32 -7.77 42.36 -17.18
N GLU D 33 -7.50 41.11 -17.55
CA GLU D 33 -8.50 40.05 -17.67
C GLU D 33 -9.15 39.69 -16.30
N VAL D 34 -10.45 39.39 -16.33
CA VAL D 34 -11.19 38.99 -15.12
C VAL D 34 -10.99 37.52 -14.86
N LEU D 35 -10.28 37.19 -13.79
CA LEU D 35 -9.89 35.79 -13.50
C LEU D 35 -11.08 35.00 -12.92
N ALA D 36 -11.81 35.62 -11.99
CA ALA D 36 -13.01 35.04 -11.38
C ALA D 36 -13.91 36.05 -10.66
N LYS D 37 -15.18 35.70 -10.51
CA LYS D 37 -16.02 36.28 -9.48
C LYS D 37 -15.84 35.48 -8.19
N VAL D 38 -15.85 36.18 -7.04
CA VAL D 38 -15.51 35.62 -5.73
C VAL D 38 -16.58 36.09 -4.73
N GLN D 39 -17.20 35.18 -4.00
CA GLN D 39 -18.28 35.51 -3.01
C GLN D 39 -17.77 36.38 -1.84
N ARG D 40 -18.64 37.25 -1.34
CA ARG D 40 -18.32 38.01 -0.13
C ARG D 40 -18.96 37.34 1.08
N ALA D 41 -18.17 37.11 2.14
CA ALA D 41 -18.70 36.53 3.37
C ALA D 41 -19.64 37.57 4.02
N SER D 42 -20.76 37.12 4.60
CA SER D 42 -21.59 37.98 5.42
C SER D 42 -21.26 37.73 6.91
N ARG D 43 -21.79 38.59 7.76
CA ARG D 43 -21.70 38.37 9.21
C ARG D 43 -22.13 36.98 9.66
N GLU D 44 -23.24 36.53 9.10
CA GLU D 44 -23.81 35.19 9.34
C GLU D 44 -22.81 34.12 8.94
N ASP D 45 -22.10 34.34 7.82
CA ASP D 45 -21.05 33.42 7.37
C ASP D 45 -19.83 33.47 8.30
N VAL D 46 -19.54 34.64 8.85
CA VAL D 46 -18.49 34.73 9.88
C VAL D 46 -18.85 33.87 11.12
N GLU D 47 -20.08 34.04 11.64
CA GLU D 47 -20.59 33.22 12.73
C GLU D 47 -20.55 31.69 12.46
N ARG D 48 -20.91 31.29 11.24
CA ARG D 48 -20.81 29.88 10.81
C ARG D 48 -19.36 29.37 10.81
N ALA D 49 -18.43 30.15 10.28
CA ALA D 49 -17.00 29.81 10.34
C ALA D 49 -16.46 29.71 11.79
N VAL D 50 -16.92 30.58 12.71
CA VAL D 50 -16.47 30.50 14.10
C VAL D 50 -16.90 29.22 14.78
N GLN D 51 -18.20 28.89 14.67
CA GLN D 51 -18.75 27.69 15.34
C GLN D 51 -18.08 26.43 14.77
N SER D 52 -17.90 26.39 13.45
CA SER D 52 -17.13 25.34 12.75
C SER D 52 -15.70 25.13 13.32
N ALA D 53 -14.99 26.25 13.48
CA ALA D 53 -13.65 26.29 14.05
C ALA D 53 -13.62 25.88 15.55
N VAL D 54 -14.59 26.31 16.35
CA VAL D 54 -14.72 25.86 17.74
C VAL D 54 -14.80 24.31 17.81
N GLU D 55 -15.58 23.70 16.93
CA GLU D 55 -15.78 22.25 17.05
C GLU D 55 -14.60 21.46 16.48
N GLY D 56 -14.04 21.95 15.37
CA GLY D 56 -12.91 21.32 14.73
C GLY D 56 -11.64 21.39 15.58
N GLN D 57 -11.43 22.54 16.23
CA GLN D 57 -10.32 22.71 17.15
C GLN D 57 -10.35 21.62 18.25
N LYS D 58 -11.52 21.24 18.73
CA LYS D 58 -11.58 20.22 19.77
C LYS D 58 -11.06 18.87 19.26
N VAL D 59 -11.39 18.53 18.02
CA VAL D 59 -10.97 17.26 17.37
C VAL D 59 -9.44 17.26 17.24
N TRP D 60 -8.92 18.39 16.78
CA TRP D 60 -7.49 18.58 16.47
C TRP D 60 -6.69 18.48 17.75
N ALA D 61 -7.15 19.19 18.78
CA ALA D 61 -6.43 19.22 20.06
C ALA D 61 -6.48 17.92 20.86
N ALA D 62 -7.55 17.11 20.71
CA ALA D 62 -7.62 15.74 21.27
C ALA D 62 -6.65 14.69 20.65
N MET D 63 -6.11 14.94 19.46
CA MET D 63 -5.11 14.02 18.88
C MET D 63 -3.80 14.10 19.70
N THR D 64 -2.89 13.16 19.49
CA THR D 64 -1.50 13.28 20.02
C THR D 64 -0.67 14.30 19.22
N ALA D 65 0.37 14.82 19.85
CA ALA D 65 1.31 15.70 19.18
C ALA D 65 1.83 15.03 17.87
N MET D 66 2.22 13.77 17.94
CA MET D 66 2.77 13.12 16.76
C MET D 66 1.71 12.92 15.66
N GLN D 67 0.46 12.62 16.03
CA GLN D 67 -0.66 12.63 15.05
C GLN D 67 -0.79 13.98 14.29
N ARG D 68 -0.77 15.11 15.00
CA ARG D 68 -0.80 16.41 14.33
C ARG D 68 0.39 16.62 13.43
N SER D 69 1.58 16.19 13.92
CA SER D 69 2.82 16.36 13.20
C SER D 69 2.77 15.64 11.83
N ARG D 70 2.23 14.41 11.78
CA ARG D 70 2.15 13.59 10.55
C ARG D 70 1.20 14.16 9.48
N ILE D 71 0.07 14.70 9.95
CA ILE D 71 -0.90 15.47 9.10
C ILE D 71 -0.27 16.72 8.41
N LEU D 72 0.46 17.53 9.18
CA LEU D 72 1.12 18.71 8.62
C LEU D 72 2.28 18.29 7.68
N ARG D 73 3.01 17.22 8.03
CA ARG D 73 3.98 16.65 7.13
C ARG D 73 3.40 16.17 5.75
N ARG D 74 2.20 15.58 5.74
CA ARG D 74 1.55 15.10 4.53
C ARG D 74 1.11 16.31 3.66
N ALA D 75 0.62 17.39 4.29
CA ALA D 75 0.36 18.65 3.59
C ALA D 75 1.64 19.26 2.92
N VAL D 76 2.76 19.24 3.65
CA VAL D 76 4.06 19.56 3.00
C VAL D 76 4.32 18.71 1.74
N ASP D 77 4.14 17.38 1.86
CA ASP D 77 4.34 16.52 0.69
C ASP D 77 3.43 16.90 -0.51
N ILE D 78 2.13 17.17 -0.26
CA ILE D 78 1.23 17.59 -1.32
C ILE D 78 1.72 18.95 -1.93
N LEU D 79 2.08 19.92 -1.07
CA LEU D 79 2.59 21.21 -1.57
C LEU D 79 3.83 21.09 -2.49
N ARG D 80 4.81 20.24 -2.15
CA ARG D 80 6.00 19.98 -3.05
C ARG D 80 5.63 19.38 -4.44
N GLU D 81 4.67 18.46 -4.42
CA GLU D 81 4.13 17.80 -5.60
C GLU D 81 3.37 18.80 -6.51
N ARG D 82 2.64 19.72 -5.90
CA ARG D 82 1.82 20.70 -6.61
C ARG D 82 2.46 22.05 -6.69
N ASN D 83 3.76 22.11 -6.35
CA ASN D 83 4.55 23.37 -6.45
C ASN D 83 4.32 24.20 -7.73
N ASP D 84 4.42 23.57 -8.90
CA ASP D 84 4.41 24.29 -10.17
C ASP D 84 2.98 24.77 -10.53
N GLU D 85 1.97 23.94 -10.26
CA GLU D 85 0.58 24.28 -10.48
C GLU D 85 0.10 25.45 -9.58
N LEU D 86 0.47 25.39 -8.30
CA LEU D 86 0.22 26.51 -7.40
C LEU D 86 0.96 27.79 -7.81
N ALA D 87 2.19 27.65 -8.32
CA ALA D 87 3.00 28.77 -8.79
C ALA D 87 2.35 29.49 -9.98
N ALA D 88 1.87 28.72 -10.97
CA ALA D 88 1.17 29.29 -12.13
C ALA D 88 -0.04 30.13 -11.66
N LEU D 89 -0.80 29.62 -10.69
CA LEU D 89 -1.97 30.31 -10.16
C LEU D 89 -1.58 31.61 -9.44
N GLU D 90 -0.54 31.59 -8.60
CA GLU D 90 -0.07 32.77 -7.88
C GLU D 90 0.39 33.86 -8.85
N THR D 91 1.02 33.44 -9.96
CA THR D 91 1.46 34.33 -11.05
C THR D 91 0.27 35.03 -11.73
N LEU D 92 -0.73 34.28 -12.18
CA LEU D 92 -2.01 34.91 -12.61
C LEU D 92 -2.58 35.98 -11.63
N ASP D 93 -2.76 35.58 -10.38
CA ASP D 93 -3.38 36.43 -9.35
C ASP D 93 -2.56 37.69 -8.98
N THR D 94 -1.21 37.58 -9.00
CA THR D 94 -0.36 38.64 -8.49
C THR D 94 0.44 39.42 -9.54
N GLY D 95 0.65 38.80 -10.69
CA GLY D 95 1.56 39.35 -11.68
C GLY D 95 3.04 39.07 -11.48
N LYS D 96 3.44 38.46 -10.38
CA LYS D 96 4.84 38.11 -10.16
C LYS D 96 5.34 37.04 -11.15
N PRO D 97 6.59 37.18 -11.66
CA PRO D 97 7.21 36.29 -12.64
C PRO D 97 7.13 34.82 -12.23
N LEU D 98 6.82 33.93 -13.18
CA LEU D 98 6.91 32.49 -12.93
C LEU D 98 8.28 32.09 -12.35
N ALA D 99 9.36 32.74 -12.78
CA ALA D 99 10.70 32.48 -12.21
C ALA D 99 10.73 32.65 -10.68
N GLU D 100 9.98 33.60 -10.14
CA GLU D 100 9.87 33.74 -8.69
C GLU D 100 8.90 32.75 -8.08
N THR D 101 7.65 32.71 -8.55
CA THR D 101 6.63 31.91 -7.83
C THR D 101 7.00 30.40 -7.79
N ARG D 102 7.69 29.93 -8.83
CA ARG D 102 8.18 28.52 -8.90
C ARG D 102 9.30 28.13 -7.94
N SER D 103 10.07 29.13 -7.47
CA SER D 103 11.28 28.94 -6.67
C SER D 103 11.18 29.48 -5.24
N VAL D 104 10.28 30.43 -5.00
CA VAL D 104 10.23 31.16 -3.72
C VAL D 104 8.94 30.92 -2.93
N ASP D 105 7.81 31.34 -3.53
CA ASP D 105 6.50 31.44 -2.81
C ASP D 105 6.04 30.17 -2.08
N ILE D 106 5.81 29.11 -2.86
CA ILE D 106 5.47 27.78 -2.33
C ILE D 106 6.69 27.06 -1.66
N VAL D 107 7.90 27.18 -2.23
CA VAL D 107 9.06 26.56 -1.59
C VAL D 107 9.18 27.00 -0.10
N THR D 108 9.15 28.31 0.11
CA THR D 108 9.44 28.94 1.41
C THR D 108 8.23 28.93 2.32
N GLY D 109 7.03 28.85 1.73
CA GLY D 109 5.82 28.69 2.52
C GLY D 109 5.82 27.29 3.10
N ALA D 110 6.09 26.28 2.24
CA ALA D 110 6.23 24.88 2.69
C ALA D 110 7.46 24.60 3.60
N ASP D 111 8.55 25.34 3.42
CA ASP D 111 9.68 25.23 4.37
C ASP D 111 9.26 25.50 5.82
N VAL D 112 8.40 26.51 6.01
CA VAL D 112 7.99 26.94 7.34
C VAL D 112 6.94 25.96 7.90
N LEU D 113 5.99 25.50 7.07
CA LEU D 113 5.08 24.43 7.52
C LEU D 113 5.85 23.13 7.92
N GLU D 114 6.87 22.75 7.13
CA GLU D 114 7.70 21.56 7.42
C GLU D 114 8.50 21.70 8.75
N TYR D 115 9.12 22.88 8.95
CA TYR D 115 9.74 23.26 10.23
C TYR D 115 8.81 23.06 11.46
N TYR D 116 7.62 23.68 11.44
CA TYR D 116 6.71 23.58 12.58
C TYR D 116 6.06 22.21 12.80
N ALA D 117 5.82 21.47 11.72
CA ALA D 117 5.33 20.07 11.75
C ALA D 117 6.27 19.19 12.63
N GLY D 118 7.59 19.39 12.48
CA GLY D 118 8.58 18.65 13.27
C GLY D 118 8.66 19.07 14.73
N LEU D 119 8.13 20.25 15.05
CA LEU D 119 8.25 20.82 16.40
C LEU D 119 7.02 20.59 17.28
N VAL D 120 5.95 20.00 16.74
CA VAL D 120 4.70 19.77 17.54
C VAL D 120 5.01 19.07 18.89
N PRO D 121 5.77 17.93 18.85
CA PRO D 121 6.11 17.22 20.13
C PRO D 121 7.05 17.92 21.15
N ALA D 122 7.68 19.03 20.74
CA ALA D 122 8.66 19.76 21.54
C ALA D 122 8.02 20.90 22.38
N ILE D 123 6.73 21.18 22.22
CA ILE D 123 6.05 22.22 23.01
C ILE D 123 5.87 21.77 24.49
N GLU D 124 6.53 22.46 25.42
CA GLU D 124 6.60 22.07 26.84
C GLU D 124 6.27 23.20 27.79
N GLY D 125 5.71 22.86 28.94
CA GLY D 125 5.62 23.78 30.09
C GLY D 125 6.85 23.63 31.00
N GLU D 126 6.75 24.26 32.19
CA GLU D 126 7.84 24.36 33.19
C GLU D 126 7.39 23.63 34.44
N GLN D 127 8.32 23.28 35.32
CA GLN D 127 7.97 22.77 36.67
C GLN D 127 8.92 23.46 37.67
N ILE D 128 8.34 24.05 38.71
CA ILE D 128 9.07 24.80 39.74
C ILE D 128 8.74 24.26 41.17
N PRO D 129 9.72 23.68 41.89
CA PRO D 129 9.40 23.29 43.26
C PRO D 129 9.34 24.52 44.17
N LEU D 130 8.39 24.60 45.11
CA LEU D 130 8.36 25.73 46.04
C LEU D 130 8.93 25.38 47.40
N ARG D 131 8.56 24.18 47.88
CA ARG D 131 8.91 23.63 49.19
C ARG D 131 8.49 22.16 49.10
N GLU D 132 8.79 21.40 50.15
CA GLU D 132 8.50 19.95 50.14
C GLU D 132 6.99 19.71 49.90
N THR D 133 6.12 20.60 50.43
CA THR D 133 4.68 20.39 50.34
C THR D 133 3.95 21.10 49.18
N SER D 134 4.68 21.71 48.25
CA SER D 134 4.05 22.42 47.15
C SER D 134 4.98 22.66 45.95
N PHE D 135 4.44 22.53 44.73
CA PHE D 135 5.22 22.77 43.49
C PHE D 135 4.32 23.38 42.47
N VAL D 136 4.87 24.01 41.45
CA VAL D 136 4.04 24.49 40.35
C VAL D 136 4.43 23.89 39.01
N TYR D 137 3.47 23.64 38.13
CA TYR D 137 3.78 23.30 36.72
C TYR D 137 2.94 24.21 35.82
N THR D 138 3.49 24.53 34.65
CA THR D 138 2.72 25.30 33.69
C THR D 138 2.29 24.44 32.51
N ARG D 139 1.21 24.85 31.87
CA ARG D 139 0.82 24.22 30.61
C ARG D 139 0.87 25.28 29.56
N ARG D 140 1.29 24.88 28.35
CA ARG D 140 1.13 25.74 27.21
C ARG D 140 -0.06 25.28 26.38
N GLU D 141 -1.23 25.89 26.64
CA GLU D 141 -2.48 25.44 26.02
C GLU D 141 -2.76 26.19 24.71
N PRO D 142 -3.51 25.55 23.77
CA PRO D 142 -4.06 26.28 22.64
C PRO D 142 -4.81 27.58 23.03
N LEU D 143 -4.73 28.61 22.18
CA LEU D 143 -5.59 29.81 22.31
C LEU D 143 -7.03 29.45 22.04
N GLY D 144 -7.22 28.50 21.10
CA GLY D 144 -8.53 28.06 20.64
C GLY D 144 -8.73 28.42 19.17
N VAL D 145 -9.55 29.43 18.90
CA VAL D 145 -9.79 29.95 17.53
C VAL D 145 -9.05 31.29 17.38
N VAL D 146 -8.24 31.38 16.33
CA VAL D 146 -7.47 32.58 15.99
C VAL D 146 -7.80 32.98 14.53
N ALA D 147 -7.44 34.20 14.12
CA ALA D 147 -7.71 34.67 12.76
C ALA D 147 -6.42 35.14 12.13
N GLY D 148 -6.20 34.81 10.86
CA GLY D 148 -5.09 35.45 10.13
C GLY D 148 -5.66 36.36 9.03
N ILE D 149 -5.08 37.55 8.86
CA ILE D 149 -5.49 38.42 7.76
C ILE D 149 -4.30 38.63 6.80
N GLY D 150 -4.48 38.28 5.53
CA GLY D 150 -3.35 38.17 4.62
C GLY D 150 -3.08 39.42 3.78
N ALA D 151 -1.87 39.47 3.23
CA ALA D 151 -1.45 40.55 2.34
C ALA D 151 -1.45 40.02 0.93
N TRP D 152 -1.38 40.91 -0.04
CA TRP D 152 -1.48 40.52 -1.45
C TRP D 152 -0.17 40.28 -2.18
N ASN D 153 0.96 40.54 -1.54
CA ASN D 153 2.24 40.50 -2.22
C ASN D 153 2.86 39.11 -2.27
N TYR D 154 2.66 38.33 -1.18
CA TYR D 154 2.99 36.91 -1.08
C TYR D 154 1.77 36.13 -0.54
N PRO D 155 0.69 35.97 -1.35
CA PRO D 155 -0.58 35.39 -0.84
C PRO D 155 -0.49 34.01 -0.18
N VAL D 156 0.03 33.01 -0.85
CA VAL D 156 0.02 31.67 -0.26
C VAL D 156 1.15 31.49 0.79
N GLN D 157 2.26 32.19 0.61
CA GLN D 157 3.40 32.12 1.55
C GLN D 157 2.99 32.65 2.91
N ILE D 158 2.29 33.80 2.92
CA ILE D 158 1.77 34.38 4.17
C ILE D 158 0.64 33.51 4.77
N ALA D 159 -0.22 32.94 3.93
CA ALA D 159 -1.20 31.93 4.41
C ALA D 159 -0.50 30.81 5.19
N LEU D 160 0.60 30.28 4.63
CA LEU D 160 1.41 29.25 5.30
C LEU D 160 2.17 29.74 6.52
N TRP D 161 2.77 30.91 6.45
CA TRP D 161 3.54 31.42 7.60
C TRP D 161 2.65 31.74 8.82
N LYS D 162 1.38 32.05 8.59
CA LYS D 162 0.43 32.28 9.66
C LYS D 162 -0.21 31.01 10.17
N SER D 163 -0.68 30.16 9.23
CA SER D 163 -1.43 28.94 9.63
C SER D 163 -0.55 27.84 10.20
N ALA D 164 0.72 27.78 9.79
CA ALA D 164 1.60 26.69 10.25
C ALA D 164 1.91 26.76 11.76
N PRO D 165 2.41 27.92 12.28
CA PRO D 165 2.58 27.88 13.77
C PRO D 165 1.24 27.74 14.51
N ALA D 166 0.19 28.38 13.98
CA ALA D 166 -1.16 28.32 14.58
C ALA D 166 -1.69 26.89 14.77
N LEU D 167 -1.66 26.12 13.68
CA LEU D 167 -2.08 24.71 13.68
C LEU D 167 -1.17 23.77 14.51
N ALA D 168 0.16 23.94 14.36
CA ALA D 168 1.19 23.22 15.09
C ALA D 168 1.03 23.36 16.60
N ALA D 169 0.59 24.56 17.03
CA ALA D 169 0.26 24.86 18.46
C ALA D 169 -1.14 24.39 18.91
N GLY D 170 -1.88 23.70 18.05
CA GLY D 170 -3.19 23.15 18.47
C GLY D 170 -4.45 24.00 18.26
N ASN D 171 -4.30 25.14 17.56
CA ASN D 171 -5.41 26.03 17.24
C ASN D 171 -6.12 25.71 15.90
N ALA D 172 -7.32 26.27 15.74
CA ALA D 172 -7.99 26.46 14.45
C ALA D 172 -7.75 27.91 14.05
N MET D 173 -7.48 28.14 12.78
CA MET D 173 -7.41 29.46 12.19
C MET D 173 -8.51 29.71 11.12
N ILE D 174 -9.15 30.89 11.14
CA ILE D 174 -9.98 31.40 10.05
C ILE D 174 -9.12 32.44 9.33
N PHE D 175 -8.86 32.23 8.05
CA PHE D 175 -7.98 33.06 7.24
C PHE D 175 -8.81 33.90 6.22
N LYS D 176 -8.46 35.17 6.13
CA LYS D 176 -9.02 36.12 5.17
C LYS D 176 -7.88 36.60 4.26
N PRO D 177 -7.86 36.09 3.01
CA PRO D 177 -6.87 36.58 2.04
C PRO D 177 -7.21 38.04 1.59
N SER D 178 -6.23 38.75 1.09
CA SER D 178 -6.48 40.01 0.44
C SER D 178 -7.54 39.84 -0.64
N GLU D 179 -8.44 40.82 -0.71
CA GLU D 179 -9.38 41.02 -1.81
C GLU D 179 -8.71 41.08 -3.19
N VAL D 180 -7.50 41.63 -3.25
CA VAL D 180 -6.69 41.66 -4.49
C VAL D 180 -6.24 40.25 -4.95
N THR D 181 -6.02 39.33 -4.01
CA THR D 181 -5.41 38.04 -4.31
C THR D 181 -6.02 36.88 -3.53
N PRO D 182 -7.31 36.54 -3.79
CA PRO D 182 -8.00 35.53 -3.00
C PRO D 182 -7.77 34.02 -3.35
N LEU D 183 -7.19 33.72 -4.51
CA LEU D 183 -7.35 32.39 -5.15
C LEU D 183 -6.53 31.25 -4.52
N THR D 184 -5.25 31.46 -4.24
CA THR D 184 -4.43 30.36 -3.78
C THR D 184 -4.76 29.93 -2.35
N ALA D 185 -5.31 30.85 -1.53
CA ALA D 185 -5.61 30.49 -0.14
C ALA D 185 -6.72 29.42 -0.10
N LEU D 186 -7.60 29.44 -1.10
CA LEU D 186 -8.69 28.44 -1.22
C LEU D 186 -8.10 27.06 -1.54
N LYS D 187 -7.12 27.03 -2.45
CA LYS D 187 -6.31 25.84 -2.71
C LYS D 187 -5.65 25.22 -1.47
N LEU D 188 -5.02 26.07 -0.66
CA LEU D 188 -4.39 25.64 0.57
C LEU D 188 -5.41 24.92 1.44
N ALA D 189 -6.57 25.52 1.64
CA ALA D 189 -7.63 24.86 2.36
C ALA D 189 -7.97 23.43 1.86
N GLU D 190 -8.03 23.27 0.54
CA GLU D 190 -8.27 21.94 -0.10
C GLU D 190 -7.16 20.96 0.30
N ILE D 191 -5.92 21.41 0.22
CA ILE D 191 -4.73 20.61 0.51
C ILE D 191 -4.67 20.20 2.00
N TYR D 192 -4.92 21.15 2.91
CA TYR D 192 -5.01 20.83 4.35
C TYR D 192 -6.08 19.73 4.58
N THR D 193 -7.23 19.82 3.91
CA THR D 193 -8.28 18.80 4.04
C THR D 193 -7.85 17.41 3.49
N GLU D 194 -7.24 17.40 2.30
CA GLU D 194 -6.69 16.18 1.72
C GLU D 194 -5.65 15.46 2.61
N ALA D 195 -4.75 16.25 3.20
CA ALA D 195 -3.74 15.85 4.20
C ALA D 195 -4.31 15.20 5.49
N GLY D 196 -5.56 15.50 5.82
CA GLY D 196 -6.17 14.94 7.01
C GLY D 196 -6.44 15.95 8.11
N VAL D 197 -6.30 17.23 7.79
CA VAL D 197 -6.66 18.26 8.77
C VAL D 197 -8.19 18.21 9.01
N PRO D 198 -8.64 18.13 10.30
CA PRO D 198 -10.08 18.06 10.52
C PRO D 198 -10.87 19.24 9.99
N ASP D 199 -12.15 18.98 9.66
CA ASP D 199 -13.11 20.00 9.28
C ASP D 199 -13.19 21.12 10.32
N GLY D 200 -13.14 22.37 9.85
CA GLY D 200 -13.19 23.56 10.74
C GLY D 200 -11.84 24.10 11.23
N VAL D 201 -10.77 23.32 11.09
CA VAL D 201 -9.46 23.74 11.60
C VAL D 201 -8.77 24.82 10.71
N PHE D 202 -8.98 24.76 9.39
CA PHE D 202 -8.57 25.86 8.50
C PHE D 202 -9.74 26.20 7.59
N ASN D 203 -10.47 27.26 8.00
CA ASN D 203 -11.52 27.86 7.16
C ASN D 203 -11.04 29.15 6.46
N VAL D 204 -11.60 29.39 5.26
CA VAL D 204 -11.24 30.59 4.47
C VAL D 204 -12.45 31.41 4.08
N LEU D 205 -12.45 32.68 4.52
CA LEU D 205 -13.47 33.69 4.14
C LEU D 205 -12.91 34.78 3.22
N THR D 206 -13.59 34.98 2.11
CA THR D 206 -13.22 36.00 1.14
C THR D 206 -14.13 37.24 1.29
N GLY D 207 -13.58 38.41 0.97
CA GLY D 207 -14.28 39.71 0.99
C GLY D 207 -13.27 40.78 1.37
N SER D 208 -13.75 42.00 1.70
CA SER D 208 -12.85 43.14 2.04
C SER D 208 -12.40 43.14 3.49
N GLY D 209 -11.28 43.82 3.73
CA GLY D 209 -10.80 44.04 5.08
C GLY D 209 -11.74 44.87 5.95
N ARG D 210 -12.45 45.85 5.36
CA ARG D 210 -13.35 46.72 6.13
C ARG D 210 -14.68 46.09 6.53
N GLU D 211 -15.08 45.04 5.81
CA GLU D 211 -16.24 44.25 6.20
C GLU D 211 -15.81 42.98 6.91
N VAL D 212 -15.46 41.92 6.18
CA VAL D 212 -15.11 40.66 6.87
C VAL D 212 -13.85 40.68 7.75
N GLY D 213 -12.77 41.35 7.33
CA GLY D 213 -11.57 41.48 8.21
C GLY D 213 -11.92 42.06 9.57
N GLN D 214 -12.84 43.03 9.53
CA GLN D 214 -13.25 43.78 10.72
C GLN D 214 -14.21 42.94 11.58
N TRP D 215 -15.08 42.16 10.94
CA TRP D 215 -15.95 41.23 11.69
C TRP D 215 -15.16 40.17 12.47
N LEU D 216 -14.08 39.67 11.85
CA LEU D 216 -13.09 38.77 12.48
C LEU D 216 -12.35 39.49 13.63
N THR D 217 -11.93 40.75 13.42
CA THR D 217 -11.19 41.47 14.48
C THR D 217 -12.01 41.78 15.73
N GLU D 218 -13.32 41.90 15.59
CA GLU D 218 -14.21 42.22 16.70
C GLU D 218 -14.86 41.02 17.38
N HIS D 219 -14.76 39.84 16.79
CA HIS D 219 -15.58 38.72 17.28
C HIS D 219 -15.17 38.24 18.68
N PRO D 220 -16.15 38.13 19.62
CA PRO D 220 -15.75 37.81 21.03
C PRO D 220 -15.13 36.44 21.31
N LEU D 221 -15.26 35.49 20.38
CA LEU D 221 -14.76 34.12 20.61
C LEU D 221 -13.37 33.87 19.95
N ILE D 222 -12.86 34.88 19.24
CA ILE D 222 -11.59 34.77 18.52
C ILE D 222 -10.55 35.31 19.52
N GLU D 223 -9.47 34.54 19.77
CA GLU D 223 -8.55 34.80 20.92
C GLU D 223 -7.24 35.53 20.51
N LYS D 224 -6.94 35.54 19.21
CA LYS D 224 -5.75 36.16 18.66
C LYS D 224 -5.97 36.58 17.18
N ILE D 225 -5.48 37.77 16.81
CA ILE D 225 -5.45 38.17 15.39
C ILE D 225 -3.98 38.32 14.93
N SER D 226 -3.66 37.75 13.76
CA SER D 226 -2.37 37.97 13.10
C SER D 226 -2.61 38.68 11.77
N PHE D 227 -1.96 39.83 11.58
CA PHE D 227 -2.24 40.71 10.43
C PHE D 227 -0.89 41.02 9.77
N THR D 228 -0.87 41.01 8.44
CA THR D 228 0.28 41.54 7.69
C THR D 228 -0.27 42.56 6.69
N GLY D 229 0.35 43.75 6.66
CA GLY D 229 -0.17 44.84 5.85
C GLY D 229 0.50 46.16 6.17
N GLY D 230 -0.14 47.26 5.81
CA GLY D 230 0.43 48.59 6.03
C GLY D 230 0.38 49.04 7.48
N THR D 231 1.30 49.92 7.83
CA THR D 231 1.42 50.44 9.20
C THR D 231 0.15 51.20 9.70
N SER D 232 -0.35 52.13 8.88
CA SER D 232 -1.58 52.85 9.19
C SER D 232 -2.77 51.89 9.44
N THR D 233 -2.96 50.88 8.57
CA THR D 233 -4.03 49.85 8.74
C THR D 233 -3.77 48.95 9.96
N GLY D 234 -2.52 48.52 10.13
CA GLY D 234 -2.11 47.65 11.24
C GLY D 234 -2.52 48.29 12.57
N LYS D 235 -2.22 49.58 12.72
CA LYS D 235 -2.73 50.35 13.90
C LYS D 235 -4.25 50.28 14.18
N LYS D 236 -5.06 50.47 13.14
CA LYS D 236 -6.51 50.38 13.24
C LYS D 236 -7.01 48.94 13.60
N VAL D 237 -6.45 47.94 12.94
CA VAL D 237 -6.80 46.55 13.22
C VAL D 237 -6.43 46.17 14.69
N MET D 238 -5.21 46.55 15.11
CA MET D 238 -4.77 46.32 16.50
C MET D 238 -5.63 47.03 17.53
N ALA D 239 -5.99 48.30 17.23
CA ALA D 239 -6.87 49.08 18.13
C ALA D 239 -8.28 48.48 18.22
N SER D 240 -8.75 47.91 17.14
CA SER D 240 -10.10 47.28 17.12
C SER D 240 -10.12 45.89 17.82
N ALA D 241 -9.04 45.11 17.62
CA ALA D 241 -8.77 43.83 18.34
C ALA D 241 -8.75 44.04 19.87
N SER D 242 -8.08 45.13 20.30
CA SER D 242 -7.99 45.59 21.68
C SER D 242 -9.30 46.07 22.28
N SER D 243 -9.94 47.03 21.60
CA SER D 243 -11.21 47.56 22.04
C SER D 243 -12.36 46.53 22.20
N SER D 244 -12.42 45.53 21.34
CA SER D 244 -13.60 44.60 21.29
C SER D 244 -13.56 43.55 22.40
N SER D 245 -12.42 42.86 22.50
CA SER D 245 -12.32 41.79 23.49
C SER D 245 -10.90 41.59 24.04
N LEU D 246 -10.00 42.56 23.92
CA LEU D 246 -8.56 42.39 24.31
C LEU D 246 -7.86 41.15 23.75
N LYS D 247 -8.03 40.86 22.47
CA LYS D 247 -7.29 39.81 21.80
C LYS D 247 -5.75 39.96 21.91
N GLU D 248 -5.04 38.83 21.90
CA GLU D 248 -3.62 38.81 21.63
C GLU D 248 -3.44 39.16 20.13
N VAL D 249 -2.24 39.57 19.73
CA VAL D 249 -2.02 40.09 18.36
C VAL D 249 -0.57 39.87 17.85
N THR D 250 -0.44 39.59 16.55
CA THR D 250 0.84 39.75 15.86
C THR D 250 0.52 40.73 14.73
N MET D 251 1.44 41.67 14.48
CA MET D 251 1.34 42.69 13.43
C MET D 251 2.69 42.68 12.68
N GLU D 252 2.67 42.35 11.38
CA GLU D 252 3.86 42.44 10.49
C GLU D 252 3.57 43.54 9.46
N LEU D 253 4.19 44.71 9.66
CA LEU D 253 3.76 45.95 8.99
C LEU D 253 4.84 46.51 8.07
N GLY D 254 4.70 47.76 7.65
CA GLY D 254 5.63 48.28 6.64
C GLY D 254 6.97 48.76 7.15
N GLY D 255 7.74 49.37 6.25
CA GLY D 255 9.03 49.92 6.69
C GLY D 255 9.69 50.86 5.69
N LYS D 256 10.82 51.47 6.11
CA LYS D 256 11.68 52.27 5.22
C LYS D 256 13.08 51.87 5.56
N SER D 257 13.37 50.58 5.35
CA SER D 257 14.57 49.96 5.89
C SER D 257 15.86 50.49 5.25
N PRO D 258 16.85 50.88 6.08
CA PRO D 258 18.17 51.38 5.57
C PRO D 258 19.20 50.29 5.20
N LEU D 259 19.93 50.54 4.11
CA LEU D 259 21.09 49.76 3.77
C LEU D 259 22.30 50.66 3.73
N ILE D 260 23.26 50.40 4.64
CA ILE D 260 24.50 51.18 4.72
C ILE D 260 25.69 50.48 4.00
N ILE D 261 26.21 51.08 2.91
CA ILE D 261 27.40 50.58 2.22
C ILE D 261 28.62 51.28 2.85
N PHE D 262 29.42 50.56 3.63
CA PHE D 262 30.62 51.19 4.21
C PHE D 262 31.75 51.21 3.18
N PRO D 263 32.67 52.21 3.26
CA PRO D 263 33.72 52.36 2.20
C PRO D 263 34.63 51.16 1.87
N ASP D 264 34.80 50.23 2.80
CA ASP D 264 35.61 49.04 2.55
C ASP D 264 34.66 47.91 2.14
N ALA D 265 33.58 48.22 1.42
CA ALA D 265 32.69 47.16 1.00
C ALA D 265 33.21 46.65 -0.34
N ASP D 266 33.01 45.36 -0.63
CA ASP D 266 33.11 44.91 -2.02
C ASP D 266 31.98 45.72 -2.68
N LEU D 267 32.31 46.64 -3.61
CA LEU D 267 31.25 47.45 -4.29
C LEU D 267 30.35 46.71 -5.31
N ASP D 268 30.84 45.65 -5.94
CA ASP D 268 29.98 44.78 -6.75
C ASP D 268 28.93 44.01 -5.95
N ARG D 269 29.36 43.44 -4.82
CA ARG D 269 28.42 42.84 -3.89
C ARG D 269 27.40 43.86 -3.41
N ALA D 270 27.88 45.07 -3.14
CA ALA D 270 27.05 46.11 -2.54
C ALA D 270 25.90 46.52 -3.48
N ALA D 271 26.19 46.53 -4.79
CA ALA D 271 25.18 46.94 -5.79
C ALA D 271 24.26 45.75 -6.17
N ASP D 272 24.79 44.52 -6.07
CA ASP D 272 23.99 43.27 -6.15
C ASP D 272 22.93 43.19 -5.06
N ILE D 273 23.34 43.55 -3.84
CA ILE D 273 22.45 43.60 -2.66
C ILE D 273 21.40 44.70 -2.82
N ALA D 274 21.85 45.91 -3.24
CA ALA D 274 20.94 47.06 -3.49
C ALA D 274 19.80 46.79 -4.52
N VAL D 275 20.15 46.14 -5.64
CA VAL D 275 19.15 45.83 -6.68
C VAL D 275 18.22 44.72 -6.20
N MET D 276 18.81 43.75 -5.49
CA MET D 276 18.01 42.68 -4.91
C MET D 276 17.05 43.23 -3.84
N ALA D 277 17.49 44.24 -3.10
CA ALA D 277 16.74 44.84 -1.99
C ALA D 277 15.67 45.85 -2.42
N ASN D 278 15.53 46.06 -3.74
CA ASN D 278 14.62 47.09 -4.30
C ASN D 278 13.70 46.67 -5.41
N PHE D 279 14.12 45.66 -6.20
CA PHE D 279 13.45 45.33 -7.45
C PHE D 279 12.94 43.85 -7.54
N PHE D 280 13.20 43.02 -6.54
CA PHE D 280 12.62 41.69 -6.46
C PHE D 280 11.12 41.86 -6.17
N SER D 281 10.29 41.02 -6.81
CA SER D 281 8.81 41.10 -6.74
C SER D 281 8.28 42.49 -7.14
N SER D 282 8.98 43.10 -8.09
CA SER D 282 8.68 44.44 -8.60
C SER D 282 8.69 45.56 -7.55
N GLY D 283 9.59 45.44 -6.59
CA GLY D 283 9.66 46.37 -5.49
C GLY D 283 8.61 46.16 -4.42
N GLN D 284 7.88 45.03 -4.46
CA GLN D 284 6.77 44.79 -3.55
C GLN D 284 7.08 43.84 -2.38
N VAL D 285 8.16 44.11 -1.64
CA VAL D 285 8.54 43.35 -0.43
C VAL D 285 8.64 44.33 0.73
N CYS D 286 8.00 44.02 1.86
CA CYS D 286 7.92 44.98 2.98
C CYS D 286 9.27 45.35 3.59
N THR D 287 10.19 44.40 3.57
CA THR D 287 11.57 44.51 4.09
C THR D 287 12.59 45.20 3.16
N ASN D 288 12.15 45.65 1.98
CA ASN D 288 13.08 46.21 0.98
C ASN D 288 13.93 47.34 1.52
N GLY D 289 15.19 47.41 1.14
CA GLY D 289 16.10 48.40 1.71
C GLY D 289 16.09 49.61 0.82
N THR D 290 15.08 50.45 1.02
CA THR D 290 14.71 51.52 0.10
C THR D 290 15.41 52.84 0.40
N ARG D 291 16.06 52.98 1.54
CA ARG D 291 17.09 54.02 1.72
C ARG D 291 18.49 53.41 1.68
N VAL D 292 19.25 53.69 0.61
CA VAL D 292 20.60 53.11 0.36
C VAL D 292 21.64 54.22 0.59
N PHE D 293 22.42 54.03 1.66
CA PHE D 293 23.47 54.97 2.10
C PHE D 293 24.84 54.66 1.49
N ILE D 294 25.40 55.64 0.75
CA ILE D 294 26.73 55.50 0.13
C ILE D 294 27.66 56.61 0.55
N HIS D 295 28.94 56.28 0.75
CA HIS D 295 29.90 57.29 1.21
C HIS D 295 30.21 58.24 0.03
N ARG D 296 30.41 59.52 0.35
CA ARG D 296 30.65 60.58 -0.66
C ARG D 296 31.69 60.20 -1.69
N SER D 297 32.84 59.68 -1.24
CA SER D 297 33.95 59.24 -2.11
C SER D 297 33.68 58.03 -3.05
N GLN D 298 32.58 57.30 -2.83
CA GLN D 298 32.23 56.16 -3.69
C GLN D 298 30.88 56.33 -4.41
N GLN D 299 30.31 57.53 -4.36
CA GLN D 299 28.98 57.77 -4.91
C GLN D 299 28.94 57.47 -6.42
N ALA D 300 29.94 57.98 -7.14
CA ALA D 300 29.99 57.92 -8.61
C ALA D 300 30.16 56.49 -9.15
N ARG D 301 31.10 55.75 -8.58
CA ARG D 301 31.31 54.33 -8.92
C ARG D 301 30.06 53.47 -8.54
N PHE D 302 29.47 53.75 -7.37
CA PHE D 302 28.30 52.98 -6.91
C PHE D 302 27.12 53.16 -7.85
N GLU D 303 26.86 54.40 -8.30
CA GLU D 303 25.79 54.75 -9.25
C GLU D 303 26.01 54.07 -10.60
N ALA D 304 27.22 54.15 -11.17
CA ALA D 304 27.54 53.40 -12.39
C ALA D 304 27.19 51.88 -12.31
N LYS D 305 27.58 51.21 -11.23
CA LYS D 305 27.25 49.78 -11.00
C LYS D 305 25.73 49.49 -10.85
N VAL D 306 25.04 50.30 -10.07
CA VAL D 306 23.57 50.21 -9.98
C VAL D 306 22.95 50.35 -11.40
N LEU D 307 23.36 51.38 -12.16
CA LEU D 307 22.80 51.63 -13.52
C LEU D 307 23.00 50.47 -14.49
N GLU D 308 24.23 49.97 -14.54
CA GLU D 308 24.60 48.77 -15.27
C GLU D 308 23.72 47.51 -14.95
N ARG D 309 23.38 47.28 -13.67
CA ARG D 309 22.53 46.15 -13.28
C ARG D 309 21.08 46.43 -13.64
N VAL D 310 20.62 47.64 -13.37
CA VAL D 310 19.26 48.07 -13.69
C VAL D 310 18.93 48.01 -15.21
N GLN D 311 19.88 48.39 -16.06
CA GLN D 311 19.74 48.27 -17.54
C GLN D 311 19.54 46.84 -18.05
N ARG D 312 19.94 45.85 -17.28
CA ARG D 312 19.79 44.48 -17.80
C ARG D 312 18.58 43.72 -17.20
N ILE D 313 17.77 44.43 -16.43
CA ILE D 313 16.58 43.85 -15.80
C ILE D 313 15.61 43.46 -16.92
N ARG D 314 15.05 42.25 -16.83
CA ARG D 314 14.19 41.72 -17.88
C ARG D 314 12.71 41.91 -17.52
N LEU D 315 12.22 43.12 -17.78
CA LEU D 315 10.82 43.48 -17.58
C LEU D 315 9.99 42.71 -18.61
N GLY D 316 8.85 42.14 -18.22
CA GLY D 316 8.01 41.52 -19.24
C GLY D 316 6.89 40.64 -18.72
N ASP D 317 6.24 39.95 -19.66
CA ASP D 317 5.18 38.97 -19.40
C ASP D 317 5.63 37.98 -18.31
N PRO D 318 4.94 37.96 -17.16
CA PRO D 318 5.41 37.05 -16.10
C PRO D 318 5.19 35.52 -16.36
N GLN D 319 4.44 35.18 -17.41
CA GLN D 319 4.33 33.81 -17.90
C GLN D 319 5.48 33.32 -18.80
N ASP D 320 6.33 34.27 -19.20
CA ASP D 320 7.62 33.97 -19.80
C ASP D 320 8.65 33.65 -18.69
N GLU D 321 9.25 32.47 -18.75
CA GLU D 321 10.21 31.99 -17.73
C GLU D 321 11.46 32.85 -17.71
N ASN D 322 11.68 33.61 -18.79
CA ASN D 322 12.79 34.55 -18.95
C ASN D 322 12.59 35.92 -18.29
N THR D 323 11.35 36.27 -18.02
CA THR D 323 11.01 37.45 -17.22
C THR D 323 11.54 37.33 -15.78
N ASN D 324 12.26 38.36 -15.31
CA ASN D 324 12.61 38.49 -13.89
C ASN D 324 12.05 39.75 -13.21
N PHE D 325 11.16 40.48 -13.87
CA PHE D 325 10.58 41.73 -13.31
C PHE D 325 9.18 41.90 -13.94
N GLY D 326 8.12 41.80 -13.16
CA GLY D 326 6.78 41.81 -13.74
C GLY D 326 5.97 43.11 -13.57
N PRO D 327 4.67 43.07 -13.85
CA PRO D 327 3.83 44.23 -13.51
C PRO D 327 3.65 44.36 -11.99
N LEU D 328 3.06 45.48 -11.52
CA LEU D 328 2.63 45.61 -10.11
C LEU D 328 1.32 44.88 -9.87
N VAL D 329 0.91 44.71 -8.61
CA VAL D 329 -0.24 43.82 -8.31
C VAL D 329 -1.60 44.27 -8.85
N SER D 330 -1.73 45.58 -9.11
CA SER D 330 -3.02 46.21 -9.51
C SER D 330 -2.82 47.59 -10.09
N PHE D 331 -3.81 48.02 -10.88
CA PHE D 331 -3.80 49.38 -11.46
C PHE D 331 -3.85 50.51 -10.41
N PRO D 332 -4.73 50.42 -9.39
CA PRO D 332 -4.65 51.40 -8.27
C PRO D 332 -3.29 51.53 -7.56
N HIS D 333 -2.56 50.42 -7.38
CA HIS D 333 -1.25 50.48 -6.71
C HIS D 333 -0.21 51.13 -7.63
N MET D 334 -0.27 50.82 -8.92
CA MET D 334 0.52 51.54 -9.96
C MET D 334 0.29 53.05 -9.92
N GLU D 335 -0.96 53.50 -9.94
CA GLU D 335 -1.30 54.94 -9.83
C GLU D 335 -0.60 55.55 -8.60
N SER D 336 -0.75 54.92 -7.43
CA SER D 336 -0.10 55.37 -6.21
C SER D 336 1.43 55.55 -6.33
N VAL D 337 2.10 54.60 -7.00
CA VAL D 337 3.55 54.56 -7.13
C VAL D 337 4.07 55.65 -8.10
N LEU D 338 3.39 55.79 -9.24
CA LEU D 338 3.58 56.95 -10.13
C LEU D 338 3.41 58.32 -9.47
N GLY D 339 2.48 58.42 -8.51
CA GLY D 339 2.30 59.64 -7.71
C GLY D 339 3.56 59.97 -6.92
N TYR D 340 4.23 58.93 -6.37
CA TYR D 340 5.49 59.07 -5.61
C TYR D 340 6.66 59.47 -6.47
N ILE D 341 6.81 58.83 -7.63
CA ILE D 341 7.84 59.18 -8.59
C ILE D 341 7.67 60.67 -8.99
N GLU D 342 6.42 61.11 -9.18
CA GLU D 342 6.10 62.51 -9.41
C GLU D 342 6.59 63.47 -8.34
N SER D 343 6.38 63.09 -7.08
CA SER D 343 6.84 63.89 -5.93
C SER D 343 8.38 64.00 -5.90
N GLY D 344 9.06 62.90 -6.19
CA GLY D 344 10.52 62.85 -6.21
C GLY D 344 11.09 63.73 -7.30
N LYS D 345 10.47 63.70 -8.47
CA LYS D 345 10.78 64.66 -9.52
C LYS D 345 10.53 66.10 -9.09
N ALA D 346 9.34 66.39 -8.55
CA ALA D 346 8.98 67.76 -8.15
C ALA D 346 9.83 68.32 -6.99
N GLN D 347 10.23 67.46 -6.05
CA GLN D 347 11.14 67.85 -4.95
C GLN D 347 12.63 67.85 -5.31
N LYS D 348 12.95 67.66 -6.60
CA LYS D 348 14.31 67.82 -7.18
C LYS D 348 15.39 66.80 -6.76
N ALA D 349 14.96 65.54 -6.61
CA ALA D 349 15.91 64.40 -6.57
C ALA D 349 16.39 64.11 -7.98
N ARG D 350 17.61 63.59 -8.14
CA ARG D 350 18.13 63.35 -9.50
C ARG D 350 17.64 61.98 -9.98
N LEU D 351 16.97 61.91 -11.13
CA LEU D 351 16.54 60.60 -11.63
C LEU D 351 17.69 59.92 -12.36
N LEU D 352 18.21 58.82 -11.81
CA LEU D 352 19.30 58.08 -12.45
C LEU D 352 18.77 57.18 -13.56
N CYS D 353 17.61 56.54 -13.36
CA CYS D 353 16.96 55.70 -14.40
C CYS D 353 15.48 55.40 -14.10
N GLY D 354 14.74 54.95 -15.12
CA GLY D 354 13.31 54.59 -15.01
C GLY D 354 12.42 55.82 -14.90
N GLY D 355 11.49 55.80 -13.94
CA GLY D 355 10.62 56.94 -13.66
C GLY D 355 9.33 57.04 -14.44
N GLU D 356 8.95 55.99 -15.20
CA GLU D 356 7.67 56.02 -15.91
C GLU D 356 6.93 54.69 -16.04
N ARG D 357 5.64 54.74 -16.39
CA ARG D 357 4.85 53.55 -16.77
C ARG D 357 5.33 52.98 -18.13
N VAL D 358 5.40 51.65 -18.25
CA VAL D 358 5.88 51.03 -19.51
C VAL D 358 4.67 50.59 -20.33
N THR D 359 4.50 51.19 -21.51
CA THR D 359 3.29 50.98 -22.32
C THR D 359 3.48 50.52 -23.76
N ASP D 360 4.73 50.21 -24.15
CA ASP D 360 5.02 49.72 -25.51
C ASP D 360 4.32 48.38 -25.82
N GLY D 361 3.34 48.41 -26.73
CA GLY D 361 2.70 47.21 -27.22
C GLY D 361 1.76 46.60 -26.20
N ALA D 362 1.91 45.31 -25.95
CA ALA D 362 1.10 44.58 -24.93
C ALA D 362 1.15 45.18 -23.54
N PHE D 363 2.26 45.81 -23.17
CA PHE D 363 2.47 46.32 -21.79
C PHE D 363 1.49 47.43 -21.37
N GLY D 364 0.94 48.14 -22.35
CA GLY D 364 -0.14 49.09 -22.15
C GLY D 364 -1.43 48.52 -21.56
N LYS D 365 -1.64 47.21 -21.74
CA LYS D 365 -2.75 46.45 -21.10
C LYS D 365 -2.52 46.01 -19.63
N GLY D 366 -1.28 46.08 -19.15
CA GLY D 366 -0.92 45.74 -17.78
C GLY D 366 -0.56 46.93 -16.91
N ALA D 367 -0.22 46.66 -15.66
CA ALA D 367 0.16 47.69 -14.70
C ALA D 367 1.69 47.72 -14.56
N TYR D 368 2.42 48.04 -15.64
CA TYR D 368 3.89 48.04 -15.57
C TYR D 368 4.51 49.43 -15.23
N VAL D 369 5.32 49.48 -14.17
CA VAL D 369 6.17 50.64 -13.80
C VAL D 369 7.66 50.24 -13.94
N ALA D 370 8.45 51.05 -14.64
CA ALA D 370 9.90 50.84 -14.81
C ALA D 370 10.69 50.81 -13.48
N PRO D 371 11.75 49.95 -13.41
CA PRO D 371 12.68 50.00 -12.27
C PRO D 371 13.27 51.41 -12.17
N THR D 372 12.99 52.08 -11.04
CA THR D 372 13.29 53.52 -10.87
C THR D 372 14.30 53.67 -9.75
N VAL D 373 15.28 54.56 -9.99
CA VAL D 373 16.32 54.96 -9.02
C VAL D 373 16.44 56.50 -8.97
N PHE D 374 16.22 57.07 -7.79
CA PHE D 374 16.58 58.45 -7.51
C PHE D 374 17.90 58.54 -6.72
N THR D 375 18.72 59.57 -7.04
CA THR D 375 19.92 59.88 -6.25
C THR D 375 19.99 61.36 -5.88
N ASP D 376 21.03 61.79 -5.18
CA ASP D 376 21.10 63.13 -4.58
C ASP D 376 19.90 63.40 -3.66
N CYS D 377 19.47 62.39 -2.89
CA CYS D 377 18.27 62.51 -2.03
C CYS D 377 18.58 63.19 -0.67
N ARG D 378 17.52 63.70 -0.02
CA ARG D 378 17.64 64.41 1.26
C ARG D 378 16.66 63.79 2.22
N ASP D 379 17.03 63.74 3.52
CA ASP D 379 16.17 63.10 4.53
C ASP D 379 14.75 63.66 4.64
N ASP D 380 14.54 64.92 4.26
CA ASP D 380 13.21 65.53 4.37
C ASP D 380 12.30 65.31 3.14
N MET D 381 12.81 64.66 2.10
CA MET D 381 11.99 64.36 0.93
C MET D 381 10.88 63.35 1.25
N THR D 382 9.69 63.57 0.68
CA THR D 382 8.57 62.63 0.76
C THR D 382 8.97 61.21 0.39
N ILE D 383 9.71 61.04 -0.70
CA ILE D 383 10.09 59.72 -1.20
C ILE D 383 11.07 59.00 -0.26
N VAL D 384 11.78 59.74 0.57
CA VAL D 384 12.74 59.16 1.52
C VAL D 384 11.98 58.83 2.80
N ARG D 385 11.02 59.71 3.16
CA ARG D 385 10.29 59.57 4.43
C ARG D 385 9.20 58.50 4.44
N GLU D 386 8.60 58.25 3.27
CA GLU D 386 7.40 57.45 3.18
C GLU D 386 7.60 56.11 2.44
N GLU D 387 6.95 55.05 2.92
CA GLU D 387 6.97 53.76 2.22
C GLU D 387 6.22 53.85 0.86
N ILE D 388 6.86 53.40 -0.21
CA ILE D 388 6.32 53.50 -1.56
C ILE D 388 5.75 52.15 -2.02
N PHE D 389 6.44 51.08 -1.69
CA PHE D 389 5.95 49.74 -2.03
C PHE D 389 5.80 49.50 -3.53
N GLY D 390 6.79 49.95 -4.29
CA GLY D 390 6.89 49.70 -5.71
C GLY D 390 8.38 49.86 -6.03
N PRO D 391 8.75 49.85 -7.31
CA PRO D 391 10.19 49.74 -7.63
C PRO D 391 10.93 51.09 -7.60
N VAL D 392 11.14 51.66 -6.41
CA VAL D 392 11.81 52.98 -6.30
C VAL D 392 12.94 52.98 -5.23
N MET D 393 14.19 52.96 -5.67
CA MET D 393 15.38 53.13 -4.79
C MET D 393 15.70 54.62 -4.58
N SER D 394 15.94 55.01 -3.32
CA SER D 394 16.53 56.33 -2.95
C SER D 394 17.97 56.18 -2.48
N ILE D 395 18.91 56.77 -3.23
CA ILE D 395 20.33 56.79 -2.87
C ILE D 395 20.66 58.07 -2.08
N LEU D 396 21.30 57.87 -0.92
CA LEU D 396 21.61 58.98 -0.02
C LEU D 396 23.11 59.01 0.34
N VAL D 397 23.75 60.15 0.07
CA VAL D 397 25.18 60.37 0.40
C VAL D 397 25.45 60.66 1.88
N TYR D 398 26.46 59.99 2.43
CA TYR D 398 26.90 60.28 3.79
C TYR D 398 28.42 60.58 3.85
N ASP D 399 28.87 61.18 4.95
CA ASP D 399 30.29 61.50 5.20
C ASP D 399 30.98 60.71 6.32
N ASP D 400 30.32 60.51 7.45
CA ASP D 400 30.90 59.64 8.49
C ASP D 400 30.01 58.51 8.97
N GLU D 401 30.64 57.40 9.38
CA GLU D 401 29.94 56.26 9.99
C GLU D 401 28.80 56.63 10.95
N ASP D 402 29.12 57.37 12.02
CA ASP D 402 28.16 57.67 13.07
C ASP D 402 26.94 58.37 12.48
N GLU D 403 27.19 59.26 11.50
CA GLU D 403 26.16 60.01 10.80
C GLU D 403 25.18 59.08 10.05
N ALA D 404 25.74 58.10 9.32
CA ALA D 404 24.97 57.09 8.60
C ALA D 404 24.02 56.27 9.50
N ILE D 405 24.51 55.86 10.68
CA ILE D 405 23.72 55.11 11.67
C ILE D 405 22.61 55.98 12.28
N ARG D 406 22.96 57.20 12.71
CA ARG D 406 21.97 58.15 13.28
C ARG D 406 20.82 58.47 12.30
N ARG D 407 21.16 58.62 11.04
CA ARG D 407 20.20 58.87 9.99
C ARG D 407 19.42 57.64 9.60
N ALA D 408 20.09 56.48 9.56
CA ALA D 408 19.42 55.17 9.41
C ALA D 408 18.29 54.93 10.41
N ASN D 409 18.55 55.35 11.64
CA ASN D 409 17.64 55.16 12.77
C ASN D 409 16.58 56.27 12.90
N ASP D 410 16.72 57.35 12.14
CA ASP D 410 15.82 58.50 12.34
C ASP D 410 14.51 58.28 11.54
N THR D 411 13.62 57.43 12.08
CA THR D 411 12.39 57.03 11.41
C THR D 411 11.45 56.41 12.47
N GLU D 412 10.13 56.45 12.25
CA GLU D 412 9.18 55.71 13.10
C GLU D 412 9.13 54.21 12.73
N TYR D 413 9.70 53.88 11.56
CA TYR D 413 9.79 52.52 11.05
C TYR D 413 10.97 51.75 11.67
N GLY D 414 10.95 50.43 11.56
CA GLY D 414 11.95 49.60 12.19
C GLY D 414 11.90 48.12 11.80
N LEU D 415 11.65 47.84 10.53
CA LEU D 415 11.41 46.47 10.08
C LEU D 415 12.75 45.75 9.86
N ALA D 416 13.54 46.24 8.90
CA ALA D 416 14.85 45.62 8.55
C ALA D 416 16.02 46.63 8.51
N ALA D 417 17.26 46.15 8.47
CA ALA D 417 18.43 47.00 8.20
C ALA D 417 19.54 46.07 7.72
N GLY D 418 20.58 46.62 7.12
CA GLY D 418 21.65 45.84 6.55
C GLY D 418 22.89 46.71 6.42
N VAL D 419 24.04 46.08 6.59
CA VAL D 419 25.33 46.75 6.33
C VAL D 419 26.13 45.89 5.35
N VAL D 420 26.98 46.54 4.54
CA VAL D 420 27.94 45.86 3.69
C VAL D 420 29.36 46.34 4.09
N THR D 421 30.24 45.41 4.46
CA THR D 421 31.60 45.73 4.91
C THR D 421 32.44 44.47 4.94
N GLN D 422 33.76 44.55 4.72
CA GLN D 422 34.56 43.33 4.88
C GLN D 422 35.19 43.20 6.26
N ASP D 423 35.06 44.25 7.07
CA ASP D 423 35.70 44.30 8.39
C ASP D 423 34.85 43.64 9.52
N LEU D 424 35.47 42.73 10.26
CA LEU D 424 34.77 41.96 11.33
C LEU D 424 34.14 42.91 12.36
N ALA D 425 34.99 43.79 12.90
CA ALA D 425 34.66 44.74 13.97
C ALA D 425 33.49 45.68 13.57
N ARG D 426 33.63 46.41 12.44
CA ARG D 426 32.57 47.26 11.88
C ARG D 426 31.22 46.55 11.61
N ALA D 427 31.27 45.34 11.02
CA ALA D 427 30.03 44.58 10.76
C ALA D 427 29.15 44.41 12.02
N HIS D 428 29.71 43.82 13.09
CA HIS D 428 28.95 43.59 14.32
C HIS D 428 28.62 44.87 15.11
N ARG D 429 29.61 45.76 15.27
CA ARG D 429 29.40 47.03 15.97
C ARG D 429 28.32 47.90 15.32
N ALA D 430 28.34 48.06 13.99
CA ALA D 430 27.27 48.82 13.32
C ALA D 430 25.87 48.16 13.42
N ILE D 431 25.76 46.85 13.12
CA ILE D 431 24.49 46.10 13.17
C ILE D 431 23.82 46.11 14.59
N HIS D 432 24.65 46.10 15.64
CA HIS D 432 24.18 46.22 17.03
C HIS D 432 23.52 47.59 17.35
N ARG D 433 23.89 48.65 16.65
CA ARG D 433 23.32 49.98 16.87
C ARG D 433 22.06 50.29 16.03
N LEU D 434 21.77 49.46 15.03
CA LEU D 434 20.67 49.71 14.09
C LEU D 434 19.34 49.22 14.67
N GLU D 435 18.38 50.12 14.79
CA GLU D 435 17.10 49.84 15.45
C GLU D 435 16.07 49.14 14.52
N ALA D 436 16.29 47.85 14.26
CA ALA D 436 15.41 47.04 13.40
C ALA D 436 15.42 45.56 13.85
N GLY D 437 14.32 44.87 13.61
CA GLY D 437 14.14 43.47 14.00
C GLY D 437 14.83 42.44 13.10
N ILE D 438 15.03 42.79 11.84
CA ILE D 438 15.60 41.89 10.84
C ILE D 438 16.87 42.50 10.27
N CYS D 439 18.03 41.95 10.60
CA CYS D 439 19.32 42.62 10.28
C CYS D 439 20.23 41.74 9.44
N TRP D 440 20.82 42.30 8.38
CA TRP D 440 21.60 41.51 7.43
C TRP D 440 23.02 42.05 7.26
N ILE D 441 24.00 41.16 7.30
CA ILE D 441 25.40 41.58 7.04
C ILE D 441 25.87 40.93 5.72
N ASN D 442 26.16 41.77 4.72
CA ASN D 442 26.70 41.31 3.40
C ASN D 442 25.72 40.39 2.63
N THR D 443 24.43 40.60 2.87
CA THR D 443 23.37 39.87 2.18
C THR D 443 22.08 40.71 2.30
N TRP D 444 21.02 40.26 1.62
CA TRP D 444 19.69 40.83 1.82
C TRP D 444 18.64 39.82 1.41
N GLY D 445 17.54 39.79 2.17
CA GLY D 445 16.30 39.16 1.73
C GLY D 445 16.04 37.70 2.13
N GLU D 446 17.08 36.97 2.53
CA GLU D 446 16.88 35.59 3.01
C GLU D 446 16.17 35.57 4.37
N SER D 447 15.15 34.71 4.51
CA SER D 447 14.28 34.65 5.73
C SER D 447 14.06 33.18 6.12
N PRO D 448 15.12 32.53 6.69
CA PRO D 448 15.14 31.10 6.95
C PRO D 448 14.05 30.75 7.98
N ALA D 449 13.44 29.57 7.88
CA ALA D 449 12.37 29.16 8.77
C ALA D 449 12.75 29.27 10.26
N GLU D 450 14.06 29.13 10.58
CA GLU D 450 14.58 29.17 11.97
C GLU D 450 14.73 30.58 12.57
N MET D 451 14.66 31.59 11.70
CA MET D 451 14.97 32.98 12.07
C MET D 451 13.70 33.82 12.38
N PRO D 452 13.50 34.23 13.66
CA PRO D 452 12.30 35.09 13.90
C PRO D 452 12.42 36.48 13.22
N VAL D 453 11.30 36.91 12.63
CA VAL D 453 11.25 38.13 11.83
C VAL D 453 10.05 39.02 12.22
N GLY D 454 10.30 40.31 12.37
CA GLY D 454 9.28 41.25 12.80
C GLY D 454 9.87 42.61 13.07
N GLY D 455 9.02 43.61 13.34
CA GLY D 455 9.51 44.98 13.44
C GLY D 455 9.69 45.55 14.83
N TYR D 456 10.70 46.41 14.95
CA TYR D 456 10.82 47.42 16.00
C TYR D 456 9.81 48.57 15.78
N LYS D 457 9.51 49.34 16.84
CA LYS D 457 8.76 50.64 16.69
C LYS D 457 7.40 50.42 16.01
N GLN D 458 7.06 51.24 15.00
CA GLN D 458 5.74 51.14 14.36
C GLN D 458 5.70 50.13 13.19
N SER D 459 6.78 49.35 13.03
CA SER D 459 6.79 48.27 12.01
C SER D 459 6.18 46.92 12.44
N GLY D 460 5.79 46.82 13.73
CA GLY D 460 5.27 45.52 14.22
C GLY D 460 5.13 45.28 15.72
N VAL D 461 4.37 44.24 16.02
CA VAL D 461 4.19 43.67 17.36
C VAL D 461 4.36 42.16 17.17
N GLY D 462 5.17 41.51 18.01
CA GLY D 462 5.40 40.06 17.87
C GLY D 462 6.25 39.68 16.67
N ARG D 463 6.32 38.37 16.40
CA ARG D 463 7.22 37.78 15.40
C ARG D 463 6.56 36.64 14.64
N GLU D 464 7.12 36.32 13.47
CA GLU D 464 6.82 35.12 12.72
C GLU D 464 8.14 34.31 12.55
N ASN D 465 8.02 33.00 12.37
CA ASN D 465 9.17 32.07 12.18
C ASN D 465 9.98 31.84 13.46
N GLY D 466 10.88 30.85 13.44
CA GLY D 466 11.67 30.50 14.65
C GLY D 466 10.85 29.85 15.77
N LEU D 467 11.56 29.39 16.79
CA LEU D 467 11.00 28.70 17.95
C LEU D 467 10.02 29.59 18.69
N THR D 468 10.36 30.89 18.79
CA THR D 468 9.58 31.90 19.53
C THR D 468 8.12 32.07 19.07
N THR D 469 7.91 32.07 17.75
CA THR D 469 6.56 32.19 17.18
C THR D 469 5.63 31.03 17.57
N LEU D 470 6.18 29.83 17.67
CA LEU D 470 5.39 28.66 18.14
C LEU D 470 4.88 28.85 19.56
N ALA D 471 5.76 29.30 20.45
CA ALA D 471 5.40 29.57 21.87
C ALA D 471 4.24 30.55 21.99
N HIS D 472 4.28 31.59 21.14
CA HIS D 472 3.33 32.71 21.11
C HIS D 472 1.92 32.42 20.50
N TYR D 473 1.78 31.21 19.96
CA TYR D 473 0.44 30.68 19.60
C TYR D 473 -0.18 29.77 20.69
N THR D 474 0.44 29.80 21.87
CA THR D 474 -0.10 29.20 23.10
C THR D 474 -0.32 30.27 24.19
N ARG D 475 -1.20 29.97 25.16
CA ARG D 475 -1.36 30.74 26.40
C ARG D 475 -0.85 29.89 27.58
N ILE D 476 -0.30 30.58 28.57
CA ILE D 476 0.32 29.94 29.71
C ILE D 476 -0.70 29.78 30.86
N LYS D 477 -0.85 28.56 31.37
CA LYS D 477 -1.61 28.34 32.60
C LYS D 477 -0.66 27.88 33.70
N SER D 478 -0.68 28.53 34.88
CA SER D 478 0.13 28.13 36.02
C SER D 478 -0.78 27.38 37.02
N VAL D 479 -0.32 26.21 37.40
CA VAL D 479 -1.03 25.32 38.36
C VAL D 479 -0.21 25.18 39.64
N GLN D 480 -0.71 25.77 40.72
CA GLN D 480 -0.06 25.51 42.01
C GLN D 480 -0.73 24.35 42.77
N VAL D 481 0.05 23.29 43.01
CA VAL D 481 -0.39 22.10 43.70
C VAL D 481 0.01 22.24 45.19
N GLU D 482 -0.98 22.29 46.08
CA GLU D 482 -0.69 22.33 47.54
C GLU D 482 -0.91 20.93 48.08
N LEU D 483 0.15 20.27 48.56
CA LEU D 483 0.13 18.91 49.12
C LEU D 483 0.04 18.89 50.66
N GLY D 484 0.17 20.06 51.28
CA GLY D 484 0.18 20.13 52.74
C GLY D 484 -1.05 20.81 53.32
N ASP D 485 -0.86 21.43 54.49
CA ASP D 485 -1.86 22.22 55.22
C ASP D 485 -2.16 23.58 54.59
N TYR D 486 -3.42 24.04 54.69
CA TYR D 486 -3.79 25.42 54.25
C TYR D 486 -4.05 26.30 55.48
N ALA D 487 -3.34 27.43 55.56
CA ALA D 487 -3.47 28.37 56.69
C ALA D 487 -4.32 29.60 56.33
N SER D 488 -5.32 29.87 57.14
CA SER D 488 -6.19 31.04 57.00
C SER D 488 -5.91 32.01 58.14
N VAL D 489 -5.97 33.32 57.86
CA VAL D 489 -5.85 34.33 58.92
C VAL D 489 -7.14 34.54 59.75
N PHE D 490 -8.27 34.02 59.27
CA PHE D 490 -9.57 34.28 59.89
C PHE D 490 -10.06 33.15 60.82
N ALA E 2 19.68 -38.55 10.55
CA ALA E 2 20.56 -39.16 9.53
C ALA E 2 20.04 -40.51 8.99
N ARG E 3 18.72 -40.66 8.86
CA ARG E 3 18.21 -41.88 8.23
C ARG E 3 18.67 -41.99 6.75
N PHE E 4 18.71 -40.84 6.08
CA PHE E 4 19.16 -40.73 4.70
C PHE E 4 20.32 -39.72 4.66
N GLU E 5 21.08 -39.73 3.58
CA GLU E 5 22.13 -38.73 3.42
C GLU E 5 21.59 -37.31 3.08
N GLU E 6 22.49 -36.32 3.08
CA GLU E 6 22.08 -34.95 2.80
C GLU E 6 21.41 -34.82 1.42
N GLN E 7 20.32 -34.05 1.37
CA GLN E 7 19.55 -33.87 0.16
C GLN E 7 19.92 -32.54 -0.49
N LYS E 8 20.24 -32.54 -1.79
CA LYS E 8 20.75 -31.36 -2.49
C LYS E 8 19.64 -30.73 -3.37
N LEU E 9 19.93 -29.58 -4.00
CA LEU E 9 19.00 -28.91 -4.95
C LEU E 9 18.92 -29.73 -6.22
N TYR E 10 17.78 -29.73 -6.89
CA TYR E 10 17.76 -30.41 -8.20
C TYR E 10 17.66 -29.39 -9.36
N ILE E 11 18.74 -29.18 -10.13
CA ILE E 11 18.71 -28.17 -11.20
C ILE E 11 19.40 -28.78 -12.44
N GLY E 12 18.73 -28.71 -13.60
CA GLY E 12 19.38 -29.09 -14.87
C GLY E 12 19.58 -30.59 -15.07
N GLY E 13 18.63 -31.41 -14.58
CA GLY E 13 18.69 -32.87 -14.76
C GLY E 13 19.71 -33.60 -13.90
N ARG E 14 20.07 -33.02 -12.75
CA ARG E 14 20.97 -33.62 -11.76
C ARG E 14 20.89 -32.86 -10.43
N TYR E 15 21.51 -33.40 -9.39
CA TYR E 15 21.57 -32.72 -8.08
C TYR E 15 22.75 -31.78 -8.13
N VAL E 16 22.62 -30.58 -7.55
CA VAL E 16 23.71 -29.61 -7.54
C VAL E 16 23.84 -29.08 -6.12
N GLU E 17 25.05 -28.69 -5.72
CA GLU E 17 25.22 -28.00 -4.43
C GLU E 17 24.58 -26.59 -4.41
N ALA E 18 23.81 -26.32 -3.35
CA ALA E 18 23.38 -24.95 -3.01
C ALA E 18 24.58 -24.02 -2.73
N SER E 19 24.38 -22.72 -2.88
CA SER E 19 25.42 -21.74 -2.56
C SER E 19 25.05 -20.86 -1.36
N SER E 20 24.16 -21.35 -0.49
CA SER E 20 23.73 -20.65 0.73
C SER E 20 24.62 -20.88 1.96
N GLY E 21 25.22 -22.08 2.07
CA GLY E 21 25.92 -22.49 3.29
C GLY E 21 24.92 -22.91 4.38
N ALA E 22 23.64 -23.00 4.02
CA ALA E 22 22.50 -23.22 4.95
C ALA E 22 21.70 -24.50 4.63
N THR E 23 21.30 -25.20 5.68
CA THR E 23 20.55 -26.48 5.58
C THR E 23 19.43 -26.47 6.63
N PHE E 24 18.44 -27.36 6.47
CA PHE E 24 17.45 -27.66 7.53
C PHE E 24 17.32 -29.18 7.73
N GLU E 25 16.80 -29.58 8.89
CA GLU E 25 16.41 -30.98 9.15
C GLU E 25 14.95 -31.26 8.87
N THR E 26 14.67 -32.37 8.18
CA THR E 26 13.30 -32.91 8.11
C THR E 26 13.19 -34.10 9.07
N ILE E 27 12.06 -34.15 9.81
CA ILE E 27 11.82 -35.07 10.93
C ILE E 27 10.60 -35.96 10.68
N ASN E 28 10.63 -37.19 11.17
CA ASN E 28 9.44 -38.08 11.13
C ASN E 28 8.53 -37.70 12.31
N PRO E 29 7.26 -37.26 12.06
CA PRO E 29 6.28 -36.92 13.15
C PRO E 29 5.79 -38.05 14.06
N ALA E 30 5.97 -39.31 13.67
CA ALA E 30 5.56 -40.44 14.50
C ALA E 30 6.53 -40.68 15.66
N ASN E 31 7.81 -40.32 15.49
CA ASN E 31 8.86 -40.71 16.44
C ASN E 31 10.00 -39.70 16.69
N GLY E 32 9.99 -38.57 15.98
CA GLY E 32 11.05 -37.58 16.09
C GLY E 32 12.38 -37.88 15.38
N GLU E 33 12.43 -38.97 14.60
CA GLU E 33 13.71 -39.37 13.95
C GLU E 33 14.09 -38.33 12.90
N VAL E 34 15.33 -37.85 12.92
CA VAL E 34 15.86 -36.98 11.83
C VAL E 34 16.04 -37.84 10.55
N LEU E 35 15.25 -37.51 9.55
CA LEU E 35 15.29 -38.23 8.28
C LEU E 35 16.44 -37.78 7.41
N ALA E 36 16.67 -36.45 7.35
CA ALA E 36 17.76 -35.94 6.50
C ALA E 36 18.02 -34.51 6.78
N LYS E 37 19.27 -34.12 6.50
CA LYS E 37 19.71 -32.73 6.29
C LYS E 37 19.36 -32.35 4.86
N VAL E 38 18.78 -31.15 4.69
CA VAL E 38 18.32 -30.64 3.38
C VAL E 38 18.89 -29.21 3.10
N GLN E 39 19.45 -29.00 1.91
CA GLN E 39 19.99 -27.69 1.53
C GLN E 39 18.91 -26.59 1.29
N ARG E 40 19.22 -25.36 1.65
CA ARG E 40 18.35 -24.21 1.32
C ARG E 40 18.91 -23.49 0.11
N ALA E 41 18.08 -23.28 -0.92
CA ALA E 41 18.44 -22.45 -2.10
C ALA E 41 18.75 -20.99 -1.70
N SER E 42 19.84 -20.49 -2.20
N SER E 42 19.86 -20.46 -2.20
CA SER E 42 20.20 -19.11 -2.34
CA SER E 42 20.13 -19.06 -2.11
C SER E 42 19.34 -18.30 -3.27
C SER E 42 19.39 -18.30 -3.22
N ARG E 43 19.44 -17.00 -3.13
CA ARG E 43 18.96 -16.13 -4.18
C ARG E 43 19.69 -16.33 -5.52
N GLU E 44 21.02 -16.50 -5.48
CA GLU E 44 21.78 -16.94 -6.66
C GLU E 44 21.29 -18.30 -7.23
N ASP E 45 20.92 -19.25 -6.37
CA ASP E 45 20.36 -20.53 -6.80
C ASP E 45 18.98 -20.37 -7.49
N VAL E 46 18.17 -19.41 -7.05
CA VAL E 46 16.90 -19.11 -7.75
C VAL E 46 17.18 -18.63 -9.20
N GLU E 47 18.17 -17.75 -9.33
CA GLU E 47 18.59 -17.23 -10.62
C GLU E 47 19.04 -18.39 -11.51
N ARG E 48 19.87 -19.26 -10.94
CA ARG E 48 20.45 -20.40 -11.63
C ARG E 48 19.35 -21.35 -12.15
N ALA E 49 18.35 -21.56 -11.32
CA ALA E 49 17.21 -22.41 -11.68
C ALA E 49 16.31 -21.75 -12.74
N VAL E 50 16.21 -20.41 -12.73
CA VAL E 50 15.43 -19.67 -13.75
C VAL E 50 16.11 -19.74 -15.16
N GLN E 51 17.45 -19.64 -15.20
CA GLN E 51 18.18 -19.63 -16.46
C GLN E 51 18.20 -21.01 -17.03
N SER E 52 18.40 -21.99 -16.16
CA SER E 52 18.24 -23.39 -16.52
C SER E 52 16.86 -23.67 -17.10
N ALA E 53 15.80 -23.15 -16.45
CA ALA E 53 14.42 -23.38 -16.93
C ALA E 53 14.10 -22.71 -18.29
N VAL E 54 14.57 -21.49 -18.48
CA VAL E 54 14.41 -20.76 -19.77
C VAL E 54 14.97 -21.61 -20.90
N GLU E 55 16.16 -22.14 -20.70
CA GLU E 55 16.79 -22.92 -21.77
C GLU E 55 16.11 -24.28 -22.01
N GLY E 56 15.77 -25.02 -20.93
CA GLY E 56 15.14 -26.33 -21.08
C GLY E 56 13.74 -26.31 -21.71
N GLN E 57 13.01 -25.24 -21.42
CA GLN E 57 11.68 -25.02 -21.98
C GLN E 57 11.74 -24.85 -23.53
N LYS E 58 12.77 -24.18 -24.05
CA LYS E 58 12.91 -24.05 -25.53
C LYS E 58 13.03 -25.41 -26.19
N VAL E 59 13.81 -26.30 -25.56
CA VAL E 59 14.02 -27.68 -26.01
C VAL E 59 12.71 -28.51 -25.98
N TRP E 60 11.98 -28.43 -24.86
CA TRP E 60 10.71 -29.12 -24.62
C TRP E 60 9.61 -28.59 -25.57
N ALA E 61 9.52 -27.28 -25.76
CA ALA E 61 8.51 -26.72 -26.70
C ALA E 61 8.86 -26.97 -28.19
N ALA E 62 10.13 -27.19 -28.52
CA ALA E 62 10.51 -27.44 -29.92
C ALA E 62 10.19 -28.88 -30.33
N MET E 63 10.10 -29.83 -29.38
CA MET E 63 9.55 -31.19 -29.66
C MET E 63 8.14 -31.17 -30.30
N THR E 64 7.70 -32.27 -30.91
CA THR E 64 6.29 -32.39 -31.35
C THR E 64 5.40 -32.64 -30.13
N ALA E 65 4.08 -32.40 -30.26
CA ALA E 65 3.14 -32.77 -29.21
C ALA E 65 3.21 -34.24 -28.81
N MET E 66 3.41 -35.18 -29.77
CA MET E 66 3.42 -36.59 -29.43
C MET E 66 4.76 -36.98 -28.74
N GLN E 67 5.87 -36.38 -29.16
CA GLN E 67 7.13 -36.47 -28.40
C GLN E 67 6.95 -36.18 -26.89
N ARG E 68 6.31 -35.06 -26.55
CA ARG E 68 6.01 -34.70 -25.15
C ARG E 68 5.04 -35.70 -24.47
N SER E 69 3.93 -36.03 -25.15
CA SER E 69 3.01 -37.09 -24.64
C SER E 69 3.77 -38.40 -24.22
N ARG E 70 4.58 -38.97 -25.12
CA ARG E 70 5.30 -40.26 -24.87
C ARG E 70 6.22 -40.16 -23.63
N ILE E 71 6.92 -39.04 -23.52
CA ILE E 71 7.81 -38.77 -22.39
C ILE E 71 7.06 -38.68 -21.05
N LEU E 72 5.95 -37.95 -21.00
CA LEU E 72 5.09 -37.91 -19.77
C LEU E 72 4.41 -39.27 -19.44
N ARG E 73 3.95 -39.99 -20.48
CA ARG E 73 3.47 -41.37 -20.33
C ARG E 73 4.54 -42.32 -19.75
N ARG E 74 5.79 -42.18 -20.18
CA ARG E 74 6.88 -42.95 -19.57
C ARG E 74 7.11 -42.62 -18.08
N ALA E 75 7.10 -41.33 -17.72
CA ALA E 75 7.13 -40.90 -16.30
C ALA E 75 6.03 -41.58 -15.49
N VAL E 76 4.81 -41.66 -16.05
CA VAL E 76 3.69 -42.42 -15.45
C VAL E 76 4.03 -43.92 -15.23
N ASP E 77 4.62 -44.59 -16.20
CA ASP E 77 5.03 -46.01 -15.99
C ASP E 77 5.96 -46.17 -14.75
N ILE E 78 6.99 -45.33 -14.68
CA ILE E 78 7.97 -45.29 -13.56
C ILE E 78 7.25 -45.00 -12.21
N LEU E 79 6.33 -44.02 -12.17
CA LEU E 79 5.52 -43.74 -10.97
C LEU E 79 4.73 -44.95 -10.50
N ARG E 80 4.13 -45.67 -11.45
CA ARG E 80 3.40 -46.90 -11.18
C ARG E 80 4.24 -48.02 -10.56
N GLU E 81 5.44 -48.26 -11.13
CA GLU E 81 6.46 -49.19 -10.57
C GLU E 81 6.91 -48.80 -9.14
N ARG E 82 7.16 -47.48 -8.95
CA ARG E 82 7.71 -46.95 -7.69
C ARG E 82 6.68 -46.54 -6.70
N ASN E 83 5.43 -46.92 -6.94
CA ASN E 83 4.33 -46.51 -6.07
C ASN E 83 4.59 -46.79 -4.55
N ASP E 84 5.05 -48.00 -4.25
CA ASP E 84 5.13 -48.49 -2.87
C ASP E 84 6.29 -47.83 -2.10
N GLU E 85 7.45 -47.71 -2.78
CA GLU E 85 8.65 -46.97 -2.33
C GLU E 85 8.40 -45.47 -2.02
N LEU E 86 7.75 -44.79 -2.95
CA LEU E 86 7.42 -43.37 -2.78
C LEU E 86 6.41 -43.19 -1.67
N ALA E 87 5.50 -44.14 -1.52
CA ALA E 87 4.54 -44.14 -0.43
C ALA E 87 5.19 -44.30 0.95
N ALA E 88 6.16 -45.20 1.02
CA ALA E 88 6.96 -45.40 2.21
C ALA E 88 7.68 -44.09 2.60
N LEU E 89 8.33 -43.42 1.65
CA LEU E 89 8.97 -42.15 1.95
C LEU E 89 7.99 -41.03 2.30
N GLU E 90 6.80 -41.02 1.69
CA GLU E 90 5.75 -40.04 2.05
C GLU E 90 5.24 -40.25 3.48
N THR E 91 5.10 -41.51 3.86
CA THR E 91 4.70 -41.87 5.21
C THR E 91 5.77 -41.42 6.22
N LEU E 92 7.05 -41.61 5.91
CA LEU E 92 8.13 -41.10 6.77
C LEU E 92 8.07 -39.60 7.00
N ASP E 93 7.88 -38.89 5.91
CA ASP E 93 7.95 -37.45 5.88
C ASP E 93 6.69 -36.73 6.46
N THR E 94 5.51 -37.35 6.34
CA THR E 94 4.21 -36.70 6.72
C THR E 94 3.55 -37.28 7.95
N GLY E 95 3.87 -38.54 8.32
CA GLY E 95 3.09 -39.28 9.36
C GLY E 95 1.81 -39.96 8.88
N LYS E 96 1.47 -39.80 7.62
CA LYS E 96 0.27 -40.45 7.08
C LYS E 96 0.40 -41.97 7.09
N PRO E 97 -0.70 -42.67 7.43
CA PRO E 97 -0.69 -44.14 7.45
C PRO E 97 -0.29 -44.65 6.08
N LEU E 98 0.43 -45.78 6.04
CA LEU E 98 0.86 -46.44 4.78
C LEU E 98 -0.34 -46.90 3.95
N ALA E 99 -1.44 -47.21 4.64
CA ALA E 99 -2.69 -47.65 4.02
C ALA E 99 -3.28 -46.54 3.14
N GLU E 100 -3.12 -45.28 3.56
CA GLU E 100 -3.40 -44.10 2.70
C GLU E 100 -2.38 -43.84 1.58
N THR E 101 -1.09 -43.73 1.93
CA THR E 101 -0.06 -43.37 0.92
C THR E 101 0.09 -44.40 -0.23
N ARG E 102 -0.08 -45.69 0.08
CA ARG E 102 0.04 -46.76 -0.91
C ARG E 102 -1.11 -46.80 -1.91
N SER E 103 -2.28 -46.32 -1.47
CA SER E 103 -3.56 -46.27 -2.26
C SER E 103 -3.93 -44.92 -2.88
N VAL E 104 -3.66 -43.82 -2.19
CA VAL E 104 -4.19 -42.51 -2.58
C VAL E 104 -3.14 -41.59 -3.24
N ASP E 105 -2.19 -41.11 -2.43
CA ASP E 105 -1.15 -40.15 -2.86
C ASP E 105 -0.50 -40.34 -4.25
N ILE E 106 0.16 -41.48 -4.48
CA ILE E 106 0.89 -41.62 -5.76
C ILE E 106 -0.09 -42.07 -6.85
N VAL E 107 -1.07 -42.90 -6.47
CA VAL E 107 -2.09 -43.36 -7.40
C VAL E 107 -2.77 -42.17 -8.08
N THR E 108 -3.32 -41.25 -7.28
CA THR E 108 -4.13 -40.12 -7.78
C THR E 108 -3.27 -39.01 -8.39
N GLY E 109 -2.01 -38.93 -7.93
CA GLY E 109 -1.06 -37.97 -8.51
C GLY E 109 -0.68 -38.34 -9.94
N ALA E 110 -0.32 -39.61 -10.13
CA ALA E 110 -0.03 -40.19 -11.46
C ALA E 110 -1.24 -40.27 -12.37
N ASP E 111 -2.44 -40.44 -11.80
CA ASP E 111 -3.68 -40.42 -12.58
C ASP E 111 -3.80 -39.10 -13.35
N VAL E 112 -3.41 -38.00 -12.70
CA VAL E 112 -3.57 -36.66 -13.29
C VAL E 112 -2.48 -36.43 -14.38
N LEU E 113 -1.24 -36.84 -14.10
CA LEU E 113 -0.20 -36.82 -15.14
C LEU E 113 -0.54 -37.68 -16.37
N GLU E 114 -1.09 -38.87 -16.14
CA GLU E 114 -1.57 -39.78 -17.19
C GLU E 114 -2.68 -39.14 -18.04
N TYR E 115 -3.65 -38.52 -17.36
CA TYR E 115 -4.73 -37.79 -18.01
C TYR E 115 -4.19 -36.74 -18.96
N TYR E 116 -3.35 -35.85 -18.43
CA TYR E 116 -2.74 -34.78 -19.23
C TYR E 116 -1.75 -35.21 -20.33
N ALA E 117 -0.92 -36.24 -20.06
CA ALA E 117 -0.09 -36.88 -21.10
C ALA E 117 -0.91 -37.19 -22.38
N GLY E 118 -2.14 -37.67 -22.23
CA GLY E 118 -2.93 -38.05 -23.40
C GLY E 118 -3.52 -36.89 -24.19
N LEU E 119 -3.57 -35.73 -23.53
CA LEU E 119 -4.26 -34.53 -24.06
C LEU E 119 -3.29 -33.58 -24.74
N VAL E 120 -1.97 -33.83 -24.63
CA VAL E 120 -0.97 -32.95 -25.28
C VAL E 120 -1.32 -32.61 -26.76
N PRO E 121 -1.61 -33.62 -27.59
CA PRO E 121 -1.96 -33.31 -28.97
C PRO E 121 -3.37 -32.67 -29.23
N ALA E 122 -4.20 -32.57 -28.19
CA ALA E 122 -5.52 -31.98 -28.29
C ALA E 122 -5.57 -30.45 -28.10
N ILE E 123 -4.47 -29.84 -27.64
CA ILE E 123 -4.41 -28.39 -27.44
C ILE E 123 -4.41 -27.70 -28.78
N GLU E 124 -5.46 -26.90 -29.03
CA GLU E 124 -5.65 -26.18 -30.32
C GLU E 124 -6.06 -24.75 -30.16
N GLY E 125 -5.70 -23.93 -31.16
CA GLY E 125 -6.35 -22.61 -31.35
C GLY E 125 -7.70 -22.60 -32.06
N GLU E 126 -8.17 -21.40 -32.42
CA GLU E 126 -9.49 -21.16 -33.06
C GLU E 126 -9.22 -20.55 -34.45
N GLN E 127 -10.20 -20.56 -35.35
CA GLN E 127 -10.09 -19.82 -36.62
C GLN E 127 -11.43 -19.12 -36.92
N ILE E 128 -11.37 -17.80 -37.19
CA ILE E 128 -12.57 -16.95 -37.38
C ILE E 128 -12.50 -16.15 -38.68
N PRO E 129 -13.39 -16.49 -39.66
CA PRO E 129 -13.38 -15.73 -40.90
C PRO E 129 -14.04 -14.37 -40.67
N LEU E 130 -13.43 -13.31 -41.17
CA LEU E 130 -14.04 -11.98 -41.04
C LEU E 130 -14.80 -11.57 -42.29
N ARG E 131 -14.19 -11.85 -43.45
CA ARG E 131 -14.71 -11.46 -44.77
C ARG E 131 -13.88 -12.22 -45.80
N GLU E 132 -14.20 -12.14 -47.09
CA GLU E 132 -13.39 -12.84 -48.08
C GLU E 132 -11.88 -12.58 -47.96
N THR E 133 -11.53 -11.31 -47.67
CA THR E 133 -10.13 -10.86 -47.65
C THR E 133 -9.48 -10.77 -46.26
N SER E 134 -10.17 -11.22 -45.20
CA SER E 134 -9.51 -11.28 -43.90
C SER E 134 -10.06 -12.39 -43.01
N PHE E 135 -9.16 -13.05 -42.27
CA PHE E 135 -9.51 -14.02 -41.25
C PHE E 135 -8.62 -13.91 -40.00
N VAL E 136 -9.12 -14.37 -38.86
CA VAL E 136 -8.23 -14.54 -37.69
C VAL E 136 -7.92 -15.98 -37.30
N TYR E 137 -6.66 -16.24 -36.91
CA TYR E 137 -6.38 -17.49 -36.19
C TYR E 137 -5.76 -17.20 -34.82
N THR E 138 -6.01 -18.07 -33.83
CA THR E 138 -5.33 -17.95 -32.54
C THR E 138 -4.31 -19.08 -32.29
N ARG E 139 -3.24 -18.77 -31.58
CA ARG E 139 -2.33 -19.77 -31.03
C ARG E 139 -2.45 -19.82 -29.49
N ARG E 140 -2.37 -21.04 -28.96
CA ARG E 140 -2.22 -21.27 -27.55
C ARG E 140 -0.74 -21.60 -27.22
N GLU E 141 0.07 -20.57 -26.96
CA GLU E 141 1.51 -20.74 -26.77
C GLU E 141 1.88 -21.01 -25.30
N PRO E 142 3.00 -21.73 -25.05
CA PRO E 142 3.40 -21.90 -23.64
C PRO E 142 3.55 -20.52 -22.93
N LEU E 143 3.32 -20.48 -21.60
CA LEU E 143 3.63 -19.28 -20.84
C LEU E 143 5.14 -19.08 -20.73
N GLY E 144 5.91 -20.18 -20.62
CA GLY E 144 7.38 -20.15 -20.52
C GLY E 144 7.86 -20.86 -19.27
N VAL E 145 8.33 -20.06 -18.33
CA VAL E 145 8.72 -20.54 -16.98
C VAL E 145 7.60 -20.22 -15.99
N VAL E 146 7.15 -21.25 -15.28
CA VAL E 146 6.17 -21.09 -14.20
C VAL E 146 6.74 -21.69 -12.87
N ALA E 147 6.16 -21.26 -11.74
CA ALA E 147 6.56 -21.76 -10.41
C ALA E 147 5.37 -22.32 -9.67
N GLY E 148 5.58 -23.44 -8.98
CA GLY E 148 4.58 -24.07 -8.12
C GLY E 148 5.13 -24.11 -6.70
N ILE E 149 4.28 -23.75 -5.74
CA ILE E 149 4.60 -23.77 -4.31
C ILE E 149 3.68 -24.75 -3.59
N GLY E 150 4.28 -25.80 -3.01
CA GLY E 150 3.52 -26.94 -2.49
C GLY E 150 3.15 -26.85 -1.02
N ALA E 151 2.16 -27.61 -0.60
CA ALA E 151 1.71 -27.66 0.78
C ALA E 151 2.23 -28.97 1.39
N TRP E 152 2.19 -29.09 2.71
CA TRP E 152 2.76 -30.28 3.38
C TRP E 152 1.82 -31.49 3.56
N ASN E 153 0.51 -31.31 3.38
CA ASN E 153 -0.45 -32.42 3.58
C ASN E 153 -0.52 -33.52 2.51
N TYR E 154 -0.30 -33.17 1.23
CA TYR E 154 -0.20 -34.15 0.13
C TYR E 154 1.01 -33.81 -0.76
N PRO E 155 2.23 -33.98 -0.22
CA PRO E 155 3.43 -33.41 -0.89
C PRO E 155 3.64 -33.84 -2.34
N VAL E 156 3.76 -35.14 -2.64
CA VAL E 156 3.97 -35.51 -4.05
C VAL E 156 2.71 -35.42 -4.93
N GLN E 157 1.54 -35.69 -4.38
CA GLN E 157 0.32 -35.55 -5.16
C GLN E 157 0.20 -34.11 -5.68
N ILE E 158 0.45 -33.14 -4.79
CA ILE E 158 0.38 -31.72 -5.16
C ILE E 158 1.49 -31.36 -6.16
N ALA E 159 2.68 -31.96 -6.03
CA ALA E 159 3.71 -31.72 -7.03
C ALA E 159 3.28 -32.26 -8.40
N LEU E 160 2.59 -33.40 -8.38
CA LEU E 160 2.02 -33.95 -9.62
C LEU E 160 0.88 -33.12 -10.24
N TRP E 161 -0.08 -32.73 -9.39
CA TRP E 161 -1.22 -31.90 -9.83
C TRP E 161 -0.85 -30.51 -10.42
N LYS E 162 0.28 -29.94 -9.98
CA LYS E 162 0.77 -28.70 -10.54
C LYS E 162 1.67 -28.91 -11.78
N SER E 163 2.67 -29.79 -11.70
CA SER E 163 3.61 -29.95 -12.82
C SER E 163 3.00 -30.55 -14.09
N ALA E 164 2.00 -31.41 -13.91
CA ALA E 164 1.40 -32.16 -15.01
C ALA E 164 0.74 -31.26 -16.06
N PRO E 165 -0.23 -30.40 -15.69
CA PRO E 165 -0.72 -29.47 -16.73
C PRO E 165 0.36 -28.47 -17.23
N ALA E 166 1.31 -28.07 -16.36
CA ALA E 166 2.30 -27.08 -16.75
C ALA E 166 3.17 -27.65 -17.88
N LEU E 167 3.76 -28.84 -17.65
CA LEU E 167 4.57 -29.55 -18.67
C LEU E 167 3.75 -29.97 -19.93
N ALA E 168 2.56 -30.51 -19.75
CA ALA E 168 1.67 -30.89 -20.85
C ALA E 168 1.39 -29.69 -21.79
N ALA E 169 1.31 -28.47 -21.22
CA ALA E 169 1.06 -27.25 -22.01
C ALA E 169 2.38 -26.61 -22.55
N GLY E 170 3.50 -27.34 -22.40
CA GLY E 170 4.79 -26.95 -23.01
C GLY E 170 5.65 -25.99 -22.22
N ASN E 171 5.35 -25.82 -20.92
CA ASN E 171 6.11 -24.95 -19.98
C ASN E 171 7.24 -25.70 -19.24
N ALA E 172 8.15 -24.92 -18.63
CA ALA E 172 9.04 -25.42 -17.58
C ALA E 172 8.52 -24.96 -16.22
N MET E 173 8.64 -25.82 -15.20
CA MET E 173 8.27 -25.44 -13.87
C MET E 173 9.38 -25.51 -12.83
N ILE E 174 9.51 -24.46 -12.00
CA ILE E 174 10.32 -24.55 -10.77
C ILE E 174 9.43 -24.82 -9.57
N PHE E 175 9.64 -25.98 -8.91
CA PHE E 175 8.79 -26.38 -7.78
C PHE E 175 9.51 -26.19 -6.42
N LYS E 176 8.81 -25.55 -5.49
CA LYS E 176 9.25 -25.41 -4.10
C LYS E 176 8.32 -26.16 -3.13
N PRO E 177 8.79 -27.35 -2.68
CA PRO E 177 8.05 -28.11 -1.70
C PRO E 177 8.01 -27.39 -0.32
N SER E 178 7.02 -27.74 0.50
CA SER E 178 6.99 -27.26 1.87
C SER E 178 8.30 -27.70 2.56
N GLU E 179 8.88 -26.79 3.33
CA GLU E 179 10.05 -27.10 4.19
C GLU E 179 9.75 -28.30 5.13
N VAL E 180 8.47 -28.50 5.48
CA VAL E 180 8.07 -29.58 6.38
C VAL E 180 8.22 -30.95 5.65
N THR E 181 8.04 -30.99 4.33
CA THR E 181 7.98 -32.27 3.55
C THR E 181 8.70 -32.17 2.20
N PRO E 182 10.03 -32.05 2.22
CA PRO E 182 10.77 -31.83 0.96
C PRO E 182 11.16 -33.13 0.20
N LEU E 183 10.96 -34.32 0.81
CA LEU E 183 11.64 -35.55 0.29
C LEU E 183 11.08 -36.09 -1.04
N THR E 184 9.75 -36.26 -1.16
CA THR E 184 9.19 -36.86 -2.39
C THR E 184 9.26 -35.96 -3.66
N ALA E 185 9.28 -34.64 -3.50
CA ALA E 185 9.43 -33.77 -4.67
C ALA E 185 10.77 -34.03 -5.37
N LEU E 186 11.83 -34.26 -4.59
CA LEU E 186 13.13 -34.53 -5.19
C LEU E 186 13.11 -35.82 -6.01
N LYS E 187 12.41 -36.86 -5.51
CA LYS E 187 12.31 -38.13 -6.30
C LYS E 187 11.53 -37.92 -7.62
N LEU E 188 10.47 -37.08 -7.61
CA LEU E 188 9.70 -36.77 -8.84
C LEU E 188 10.61 -36.21 -9.94
N ALA E 189 11.51 -35.30 -9.54
CA ALA E 189 12.46 -34.72 -10.50
C ALA E 189 13.43 -35.77 -11.11
N GLU E 190 13.89 -36.73 -10.30
CA GLU E 190 14.67 -37.90 -10.83
C GLU E 190 13.87 -38.68 -11.89
N ILE E 191 12.64 -39.05 -11.53
CA ILE E 191 11.65 -39.68 -12.40
C ILE E 191 11.43 -38.96 -13.73
N TYR E 192 11.09 -37.67 -13.70
CA TYR E 192 10.97 -36.88 -14.94
C TYR E 192 12.19 -36.96 -15.84
N THR E 193 13.39 -36.79 -15.26
CA THR E 193 14.64 -36.92 -16.01
C THR E 193 14.82 -38.34 -16.66
N GLU E 194 14.54 -39.38 -15.87
CA GLU E 194 14.66 -40.77 -16.35
C GLU E 194 13.72 -41.06 -17.55
N ALA E 195 12.49 -40.58 -17.45
CA ALA E 195 11.48 -40.68 -18.54
C ALA E 195 11.90 -39.92 -19.77
N GLY E 196 12.89 -39.05 -19.66
CA GLY E 196 13.35 -38.27 -20.82
C GLY E 196 12.94 -36.81 -20.87
N VAL E 197 12.41 -36.27 -19.77
CA VAL E 197 12.10 -34.83 -19.68
C VAL E 197 13.42 -34.05 -19.78
N PRO E 198 13.52 -33.11 -20.76
CA PRO E 198 14.77 -32.35 -20.95
C PRO E 198 15.29 -31.62 -19.68
N ASP E 199 16.63 -31.49 -19.58
CA ASP E 199 17.25 -30.79 -18.44
C ASP E 199 16.70 -29.39 -18.21
N GLY E 200 16.40 -29.06 -16.94
CA GLY E 200 15.82 -27.75 -16.62
C GLY E 200 14.31 -27.53 -16.75
N VAL E 201 13.58 -28.51 -17.28
CA VAL E 201 12.10 -28.43 -17.40
C VAL E 201 11.36 -28.64 -16.07
N PHE E 202 11.95 -29.46 -15.20
CA PHE E 202 11.45 -29.56 -13.85
C PHE E 202 12.61 -29.52 -12.85
N ASN E 203 12.77 -28.34 -12.24
CA ASN E 203 13.81 -28.01 -11.27
C ASN E 203 13.16 -27.91 -9.88
N VAL E 204 13.85 -28.36 -8.83
CA VAL E 204 13.29 -28.32 -7.46
C VAL E 204 14.22 -27.54 -6.51
N LEU E 205 13.62 -26.58 -5.80
CA LEU E 205 14.35 -25.73 -4.82
C LEU E 205 13.74 -25.97 -3.46
N THR E 206 14.60 -26.41 -2.53
CA THR E 206 14.20 -26.55 -1.15
C THR E 206 14.53 -25.30 -0.30
N GLY E 207 13.69 -25.04 0.70
CA GLY E 207 13.93 -24.03 1.74
C GLY E 207 12.61 -23.38 2.13
N SER E 208 12.66 -22.18 2.66
CA SER E 208 11.46 -21.57 3.25
C SER E 208 10.54 -20.83 2.28
N GLY E 209 9.29 -20.66 2.70
CA GLY E 209 8.38 -19.79 1.97
C GLY E 209 8.79 -18.33 1.97
N ARG E 210 9.20 -17.81 3.13
CA ARG E 210 9.49 -16.41 3.23
C ARG E 210 10.78 -15.95 2.49
N GLU E 211 11.67 -16.89 2.21
CA GLU E 211 12.93 -16.60 1.45
C GLU E 211 12.73 -17.13 0.05
N VAL E 212 12.84 -18.44 -0.13
N VAL E 212 12.89 -18.43 -0.17
CA VAL E 212 12.88 -18.93 -1.52
CA VAL E 212 12.84 -18.95 -1.56
C VAL E 212 11.50 -18.92 -2.25
C VAL E 212 11.47 -18.79 -2.24
N GLY E 213 10.40 -19.14 -1.53
CA GLY E 213 9.05 -19.02 -2.07
C GLY E 213 8.83 -17.61 -2.58
N GLN E 214 9.20 -16.63 -1.77
CA GLN E 214 9.01 -15.26 -2.11
C GLN E 214 9.95 -14.77 -3.25
N TRP E 215 11.18 -15.29 -3.32
CA TRP E 215 12.08 -14.89 -4.44
C TRP E 215 11.53 -15.36 -5.78
N LEU E 216 10.90 -16.54 -5.76
CA LEU E 216 10.18 -17.06 -6.93
C LEU E 216 8.99 -16.18 -7.34
N THR E 217 8.17 -15.76 -6.37
CA THR E 217 6.99 -14.94 -6.68
C THR E 217 7.37 -13.57 -7.19
N GLU E 218 8.57 -13.11 -6.85
CA GLU E 218 9.08 -11.80 -7.29
C GLU E 218 9.88 -11.77 -8.63
N HIS E 219 10.38 -12.90 -9.03
CA HIS E 219 11.34 -12.96 -10.15
C HIS E 219 10.65 -12.51 -11.42
N PRO E 220 11.22 -11.52 -12.14
CA PRO E 220 10.54 -10.98 -13.34
C PRO E 220 10.44 -11.91 -14.56
N LEU E 221 11.17 -13.03 -14.58
CA LEU E 221 11.07 -13.95 -15.72
C LEU E 221 10.10 -15.09 -15.50
N ILE E 222 9.52 -15.16 -14.29
CA ILE E 222 8.52 -16.18 -14.04
C ILE E 222 7.13 -15.67 -14.49
N GLU E 223 6.42 -16.43 -15.34
CA GLU E 223 5.13 -15.96 -15.92
C GLU E 223 3.85 -16.26 -15.14
N LYS E 224 3.90 -17.28 -14.28
CA LYS E 224 2.70 -17.73 -13.54
C LYS E 224 3.17 -18.34 -12.23
N ILE E 225 2.40 -18.10 -11.17
CA ILE E 225 2.59 -18.76 -9.88
C ILE E 225 1.36 -19.63 -9.61
N SER E 226 1.58 -20.89 -9.25
CA SER E 226 0.49 -21.78 -8.73
C SER E 226 0.80 -22.17 -7.28
N PHE E 227 -0.13 -21.89 -6.36
CA PHE E 227 0.14 -22.06 -4.93
C PHE E 227 -0.93 -22.88 -4.26
N THR E 228 -0.55 -23.71 -3.29
CA THR E 228 -1.53 -24.42 -2.42
C THR E 228 -1.10 -24.20 -0.98
N GLY E 229 -2.04 -23.79 -0.13
CA GLY E 229 -1.74 -23.49 1.29
C GLY E 229 -2.87 -22.70 1.92
N GLY E 230 -2.63 -22.10 3.10
CA GLY E 230 -3.64 -21.29 3.81
C GLY E 230 -4.09 -19.98 3.12
N THR E 231 -5.31 -19.56 3.41
CA THR E 231 -5.88 -18.33 2.84
C THR E 231 -5.08 -17.04 3.12
N SER E 232 -4.70 -16.82 4.37
CA SER E 232 -3.88 -15.67 4.75
C SER E 232 -2.51 -15.63 4.02
N THR E 233 -1.83 -16.78 3.90
CA THR E 233 -0.60 -16.87 3.12
C THR E 233 -0.88 -16.62 1.62
N GLY E 234 -1.96 -17.19 1.08
CA GLY E 234 -2.29 -17.02 -0.34
C GLY E 234 -2.48 -15.55 -0.74
N LYS E 235 -3.04 -14.74 0.18
CA LYS E 235 -3.21 -13.29 -0.08
C LYS E 235 -1.86 -12.59 -0.27
N LYS E 236 -0.91 -12.92 0.62
CA LYS E 236 0.48 -12.43 0.57
C LYS E 236 1.16 -12.84 -0.74
N VAL E 237 1.03 -14.11 -1.08
CA VAL E 237 1.64 -14.68 -2.29
C VAL E 237 1.07 -14.05 -3.59
N MET E 238 -0.27 -14.06 -3.74
CA MET E 238 -0.95 -13.44 -4.90
C MET E 238 -0.64 -11.94 -4.99
N ALA E 239 -0.72 -11.21 -3.87
CA ALA E 239 -0.24 -9.80 -3.80
C ALA E 239 1.19 -9.55 -4.32
N SER E 240 2.15 -10.36 -3.88
CA SER E 240 3.56 -10.32 -4.37
C SER E 240 3.77 -10.69 -5.86
N ALA E 241 3.09 -11.73 -6.32
CA ALA E 241 3.07 -12.12 -7.74
C ALA E 241 2.59 -11.03 -8.69
N SER E 242 1.49 -10.38 -8.28
CA SER E 242 0.85 -9.21 -8.95
C SER E 242 1.68 -7.92 -9.00
N SER E 243 2.21 -7.49 -7.85
CA SER E 243 2.90 -6.18 -7.76
C SER E 243 4.32 -6.21 -8.35
N SER E 244 4.92 -7.40 -8.38
CA SER E 244 6.29 -7.52 -8.91
C SER E 244 6.29 -7.33 -10.45
N SER E 245 5.62 -8.22 -11.16
CA SER E 245 5.65 -8.26 -12.65
C SER E 245 4.31 -8.70 -13.26
N LEU E 246 3.19 -8.54 -12.54
CA LEU E 246 1.86 -8.90 -13.06
C LEU E 246 1.69 -10.35 -13.52
N LYS E 247 2.09 -11.33 -12.70
CA LYS E 247 2.03 -12.72 -13.06
C LYS E 247 0.60 -13.26 -13.15
N GLU E 248 0.38 -14.25 -14.02
CA GLU E 248 -0.80 -15.13 -13.86
C GLU E 248 -0.72 -15.84 -12.48
N VAL E 249 -1.87 -16.21 -11.94
CA VAL E 249 -1.85 -16.93 -10.66
C VAL E 249 -2.90 -18.05 -10.62
N THR E 250 -2.55 -19.17 -9.97
CA THR E 250 -3.56 -20.14 -9.53
C THR E 250 -3.44 -20.26 -7.99
N MET E 251 -4.56 -20.36 -7.30
CA MET E 251 -4.56 -20.46 -5.81
C MET E 251 -5.54 -21.49 -5.25
N GLU E 252 -5.01 -22.56 -4.65
N GLU E 252 -5.05 -22.60 -4.69
CA GLU E 252 -5.86 -23.55 -4.01
CA GLU E 252 -5.92 -23.52 -3.94
C GLU E 252 -5.72 -23.45 -2.47
C GLU E 252 -5.69 -23.35 -2.46
N LEU E 253 -6.73 -22.89 -1.77
CA LEU E 253 -6.56 -22.46 -0.38
C LEU E 253 -7.44 -23.26 0.62
N GLY E 254 -7.78 -22.66 1.76
CA GLY E 254 -8.46 -23.39 2.81
C GLY E 254 -9.98 -23.27 2.75
N GLY E 255 -10.63 -23.85 3.74
CA GLY E 255 -12.10 -23.79 3.79
C GLY E 255 -12.68 -24.09 5.14
N LYS E 256 -14.01 -24.00 5.23
CA LYS E 256 -14.76 -24.50 6.35
C LYS E 256 -16.02 -25.13 5.75
N SER E 257 -15.84 -26.25 5.08
CA SER E 257 -16.86 -26.76 4.13
C SER E 257 -18.04 -27.41 4.85
N PRO E 258 -19.29 -27.07 4.44
CA PRO E 258 -20.49 -27.66 5.08
C PRO E 258 -20.92 -29.02 4.47
N LEU E 259 -21.38 -29.93 5.32
CA LEU E 259 -22.05 -31.12 4.85
C LEU E 259 -23.46 -31.10 5.43
N ILE E 260 -24.47 -31.04 4.56
CA ILE E 260 -25.87 -31.07 5.03
C ILE E 260 -26.49 -32.47 4.96
N ILE E 261 -26.90 -33.01 6.11
CA ILE E 261 -27.55 -34.34 6.19
C ILE E 261 -29.07 -34.13 6.27
N PHE E 262 -29.78 -34.36 5.17
CA PHE E 262 -31.24 -34.17 5.17
C PHE E 262 -31.98 -35.34 5.86
N PRO E 263 -33.22 -35.08 6.39
CA PRO E 263 -33.88 -36.10 7.24
C PRO E 263 -34.26 -37.43 6.58
N ASP E 264 -34.16 -37.53 5.25
CA ASP E 264 -34.42 -38.81 4.58
C ASP E 264 -33.19 -39.70 4.39
N ALA E 265 -32.04 -39.27 4.90
CA ALA E 265 -30.81 -40.06 4.66
C ALA E 265 -30.74 -41.34 5.52
N ASP E 266 -30.16 -42.40 4.96
CA ASP E 266 -29.70 -43.52 5.78
C ASP E 266 -28.64 -42.95 6.74
N LEU E 267 -28.80 -43.19 8.06
CA LEU E 267 -27.89 -42.53 9.04
C LEU E 267 -26.53 -43.23 9.14
N ASP E 268 -26.49 -44.49 8.70
CA ASP E 268 -25.23 -45.23 8.49
C ASP E 268 -24.42 -44.66 7.31
N ARG E 269 -25.08 -44.43 6.16
CA ARG E 269 -24.40 -43.71 5.09
C ARG E 269 -23.94 -42.32 5.55
N ALA E 270 -24.83 -41.55 6.18
CA ALA E 270 -24.52 -40.19 6.65
C ALA E 270 -23.34 -40.14 7.63
N ALA E 271 -23.30 -41.06 8.60
CA ALA E 271 -22.20 -41.14 9.55
C ALA E 271 -20.87 -41.63 8.93
N ASP E 272 -20.92 -42.64 8.05
CA ASP E 272 -19.76 -43.00 7.19
C ASP E 272 -19.15 -41.84 6.38
N ILE E 273 -20.01 -40.98 5.83
CA ILE E 273 -19.61 -39.77 5.08
C ILE E 273 -19.05 -38.68 6.00
N ALA E 274 -19.72 -38.42 7.13
CA ALA E 274 -19.25 -37.47 8.13
C ALA E 274 -17.84 -37.81 8.65
N VAL E 275 -17.62 -39.09 8.95
CA VAL E 275 -16.34 -39.49 9.56
C VAL E 275 -15.22 -39.44 8.51
N MET E 276 -15.52 -39.87 7.28
CA MET E 276 -14.54 -39.74 6.17
C MET E 276 -14.24 -38.28 5.85
N ALA E 277 -15.25 -37.44 5.93
CA ALA E 277 -15.11 -36.02 5.61
C ALA E 277 -14.34 -35.26 6.69
N ASN E 278 -14.09 -35.91 7.84
CA ASN E 278 -13.44 -35.24 8.97
C ASN E 278 -12.08 -35.79 9.43
N PHE E 279 -11.88 -37.11 9.28
CA PHE E 279 -10.81 -37.87 9.97
C PHE E 279 -9.78 -38.58 9.09
N PHE E 280 -10.01 -38.60 7.77
CA PHE E 280 -9.00 -39.05 6.76
C PHE E 280 -7.73 -38.16 6.81
N SER E 281 -6.55 -38.76 6.58
CA SER E 281 -5.23 -38.11 6.83
C SER E 281 -5.23 -37.29 8.14
N SER E 282 -5.83 -37.86 9.20
CA SER E 282 -5.94 -37.23 10.52
C SER E 282 -6.49 -35.82 10.54
N GLY E 283 -7.48 -35.57 9.69
CA GLY E 283 -8.15 -34.27 9.64
C GLY E 283 -7.41 -33.16 8.88
N GLN E 284 -6.33 -33.51 8.18
CA GLN E 284 -5.47 -32.56 7.41
C GLN E 284 -5.73 -32.61 5.91
N VAL E 285 -6.99 -32.40 5.51
CA VAL E 285 -7.39 -32.33 4.10
C VAL E 285 -8.19 -31.02 3.93
N THR E 287 -10.39 -29.79 1.88
CA THR E 287 -11.82 -29.90 1.52
C THR E 287 -12.66 -30.55 2.60
N ASN E 288 -12.04 -30.86 3.76
CA ASN E 288 -12.83 -31.52 4.86
C ASN E 288 -14.16 -30.81 5.18
N GLY E 289 -15.20 -31.61 5.44
CA GLY E 289 -16.54 -31.17 5.79
C GLY E 289 -16.76 -31.03 7.29
N THR E 290 -16.19 -29.96 7.82
CA THR E 290 -15.98 -29.67 9.23
C THR E 290 -17.17 -28.96 9.97
N ARG E 291 -18.21 -28.60 9.21
CA ARG E 291 -19.47 -28.17 9.77
C ARG E 291 -20.52 -29.14 9.28
N VAL E 292 -21.07 -29.92 10.21
CA VAL E 292 -21.98 -31.02 9.87
C VAL E 292 -23.39 -30.70 10.37
N PHE E 293 -24.28 -30.42 9.43
CA PHE E 293 -25.63 -29.95 9.72
C PHE E 293 -26.53 -31.17 9.80
N ILE E 294 -27.14 -31.36 10.99
CA ILE E 294 -28.07 -32.45 11.31
C ILE E 294 -29.40 -31.84 11.70
N HIS E 295 -30.48 -32.41 11.15
CA HIS E 295 -31.85 -32.03 11.52
C HIS E 295 -32.16 -32.40 12.97
N ARG E 296 -32.86 -31.50 13.68
CA ARG E 296 -33.26 -31.71 15.06
C ARG E 296 -33.79 -33.11 15.34
N SER E 297 -34.61 -33.66 14.42
CA SER E 297 -35.26 -34.99 14.62
C SER E 297 -34.28 -36.17 14.51
N GLN E 298 -33.13 -35.97 13.86
CA GLN E 298 -32.17 -37.05 13.61
C GLN E 298 -30.93 -36.92 14.56
N GLN E 299 -30.90 -35.87 15.40
CA GLN E 299 -29.65 -35.45 16.12
C GLN E 299 -29.09 -36.56 17.04
N ALA E 300 -29.94 -37.13 17.88
CA ALA E 300 -29.58 -38.20 18.83
C ALA E 300 -29.08 -39.51 18.17
N ARG E 301 -29.88 -40.05 17.23
CA ARG E 301 -29.51 -41.27 16.50
C ARG E 301 -28.24 -41.01 15.67
N PHE E 302 -28.05 -39.79 15.19
CA PHE E 302 -26.86 -39.50 14.32
C PHE E 302 -25.59 -39.50 15.17
N GLU E 303 -25.63 -38.77 16.27
CA GLU E 303 -24.51 -38.69 17.22
C GLU E 303 -24.07 -40.07 17.77
N ALA E 304 -25.03 -40.97 18.00
CA ALA E 304 -24.75 -42.35 18.40
C ALA E 304 -24.00 -43.11 17.31
N LYS E 305 -24.43 -42.93 16.08
CA LYS E 305 -23.75 -43.53 14.90
C LYS E 305 -22.37 -42.89 14.60
N VAL E 306 -22.19 -41.62 14.93
CA VAL E 306 -20.85 -40.97 14.77
C VAL E 306 -19.92 -41.50 15.87
N LEU E 307 -20.40 -41.50 17.12
CA LEU E 307 -19.63 -41.95 18.29
C LEU E 307 -19.08 -43.39 18.14
N GLU E 308 -19.97 -44.29 17.69
CA GLU E 308 -19.64 -45.66 17.32
C GLU E 308 -18.49 -45.86 16.32
N ARG E 309 -18.47 -45.08 15.24
CA ARG E 309 -17.39 -45.16 14.27
C ARG E 309 -16.04 -44.61 14.82
N VAL E 310 -16.15 -43.55 15.62
CA VAL E 310 -14.99 -42.84 16.14
C VAL E 310 -14.29 -43.68 17.20
N GLN E 311 -15.08 -44.48 17.93
CA GLN E 311 -14.57 -45.42 18.92
C GLN E 311 -13.80 -46.61 18.32
N ARG E 312 -14.11 -46.98 17.07
CA ARG E 312 -13.31 -48.05 16.42
C ARG E 312 -12.19 -47.55 15.44
N ILE E 313 -11.92 -46.23 15.44
CA ILE E 313 -10.78 -45.68 14.70
C ILE E 313 -9.44 -46.20 15.25
N ARG E 314 -8.64 -46.79 14.36
CA ARG E 314 -7.33 -47.38 14.70
C ARG E 314 -6.14 -46.37 14.64
N LEU E 315 -6.07 -45.51 15.65
CA LEU E 315 -4.94 -44.59 15.89
C LEU E 315 -3.67 -45.37 16.31
N GLY E 316 -2.57 -45.17 15.60
CA GLY E 316 -1.32 -45.88 15.85
C GLY E 316 -0.19 -45.51 14.90
N ASP E 317 0.90 -46.26 15.03
CA ASP E 317 2.11 -46.23 14.21
C ASP E 317 1.76 -46.32 12.72
N PRO E 318 2.04 -45.25 11.93
CA PRO E 318 1.65 -45.24 10.53
C PRO E 318 2.36 -46.30 9.65
N GLN E 319 3.40 -46.94 10.20
CA GLN E 319 4.10 -48.05 9.53
C GLN E 319 3.32 -49.35 9.61
N ASP E 320 2.34 -49.41 10.51
CA ASP E 320 1.47 -50.58 10.63
C ASP E 320 0.34 -50.47 9.60
N GLU E 321 0.33 -51.41 8.65
CA GLU E 321 -0.73 -51.47 7.62
C GLU E 321 -2.16 -51.39 8.14
N ASN E 322 -2.34 -51.76 9.42
CA ASN E 322 -3.65 -51.76 10.09
C ASN E 322 -4.05 -50.44 10.78
N THR E 323 -3.11 -49.48 10.82
CA THR E 323 -3.39 -48.12 11.24
C THR E 323 -4.22 -47.45 10.15
N ASN E 324 -5.23 -46.67 10.58
CA ASN E 324 -5.97 -45.81 9.66
C ASN E 324 -6.09 -44.32 10.15
N PHE E 325 -5.33 -43.95 11.18
CA PHE E 325 -5.31 -42.60 11.76
C PHE E 325 -3.94 -42.34 12.40
N GLY E 326 -3.04 -41.68 11.68
CA GLY E 326 -1.66 -41.42 12.15
C GLY E 326 -1.55 -40.19 13.05
N PRO E 327 -0.30 -39.75 13.33
CA PRO E 327 -0.13 -38.47 14.02
C PRO E 327 -0.33 -37.28 13.04
N LEU E 328 -0.43 -36.05 13.59
CA LEU E 328 -0.38 -34.80 12.82
C LEU E 328 1.07 -34.56 12.27
N VAL E 329 1.22 -33.63 11.33
CA VAL E 329 2.49 -33.46 10.60
C VAL E 329 3.62 -32.95 11.51
N SER E 330 3.27 -32.29 12.61
CA SER E 330 4.29 -31.71 13.46
C SER E 330 3.71 -31.32 14.81
N PHE E 331 4.60 -31.00 15.74
CA PHE E 331 4.27 -30.59 17.10
C PHE E 331 3.74 -29.17 17.20
N PRO E 332 4.40 -28.19 16.53
CA PRO E 332 3.76 -26.89 16.31
C PRO E 332 2.30 -27.01 15.88
N HIS E 333 2.02 -27.84 14.87
CA HIS E 333 0.65 -27.94 14.37
C HIS E 333 -0.31 -28.50 15.44
N MET E 334 0.06 -29.63 16.05
CA MET E 334 -0.63 -30.18 17.22
C MET E 334 -0.98 -29.10 18.28
N GLU E 335 -0.04 -28.20 18.57
CA GLU E 335 -0.26 -27.15 19.60
C GLU E 335 -1.39 -26.21 19.20
N SER E 336 -1.39 -25.81 17.93
CA SER E 336 -2.46 -25.02 17.35
C SER E 336 -3.83 -25.72 17.49
N VAL E 337 -3.90 -26.97 17.03
CA VAL E 337 -5.12 -27.78 17.11
C VAL E 337 -5.68 -27.83 18.55
N LEU E 338 -4.81 -28.12 19.53
CA LEU E 338 -5.26 -28.31 20.93
C LEU E 338 -5.82 -27.01 21.51
N GLY E 339 -5.25 -25.88 21.08
CA GLY E 339 -5.80 -24.53 21.40
C GLY E 339 -7.22 -24.31 20.86
N TYR E 340 -7.52 -24.87 19.69
CA TYR E 340 -8.87 -24.84 19.10
C TYR E 340 -9.81 -25.68 19.93
N ILE E 341 -9.34 -26.86 20.32
CA ILE E 341 -10.09 -27.76 21.20
C ILE E 341 -10.43 -27.08 22.54
N GLU E 342 -9.46 -26.35 23.10
CA GLU E 342 -9.70 -25.74 24.42
C GLU E 342 -10.65 -24.57 24.30
N SER E 343 -10.58 -23.90 23.15
CA SER E 343 -11.54 -22.88 22.76
C SER E 343 -12.97 -23.42 22.62
N GLY E 344 -13.10 -24.65 22.09
CA GLY E 344 -14.42 -25.29 21.94
C GLY E 344 -14.99 -25.51 23.34
N LYS E 345 -14.11 -25.90 24.26
CA LYS E 345 -14.53 -26.21 25.66
C LYS E 345 -14.87 -24.95 26.44
N ALA E 346 -14.02 -23.93 26.33
CA ALA E 346 -14.27 -22.62 26.96
C ALA E 346 -15.59 -22.02 26.51
N GLN E 347 -15.94 -22.25 25.24
CA GLN E 347 -17.11 -21.63 24.62
C GLN E 347 -18.42 -22.41 24.78
N LYS E 348 -18.37 -23.51 25.54
CA LYS E 348 -19.52 -24.32 25.97
C LYS E 348 -20.10 -25.21 24.86
N ALA E 349 -19.29 -25.54 23.87
CA ALA E 349 -19.69 -26.57 22.91
C ALA E 349 -19.63 -27.91 23.67
N ARG E 350 -20.46 -28.88 23.28
CA ARG E 350 -20.51 -30.18 24.00
C ARG E 350 -19.58 -31.21 23.37
N LEU E 351 -18.67 -31.77 24.18
CA LEU E 351 -17.72 -32.76 23.66
C LEU E 351 -18.39 -34.13 23.55
N LEU E 352 -18.47 -34.64 22.32
CA LEU E 352 -18.98 -35.98 22.08
C LEU E 352 -17.92 -37.04 22.39
N CYS E 353 -16.68 -36.79 21.98
CA CYS E 353 -15.54 -37.68 22.19
C CYS E 353 -14.18 -37.03 21.77
N GLY E 354 -13.07 -37.66 22.17
CA GLY E 354 -11.71 -37.14 21.86
C GLY E 354 -11.40 -35.93 22.72
N GLY E 355 -10.69 -34.97 22.16
CA GLY E 355 -10.41 -33.71 22.82
C GLY E 355 -9.09 -33.66 23.55
N GLU E 356 -8.27 -34.68 23.39
CA GLU E 356 -6.96 -34.71 24.07
C GLU E 356 -5.86 -35.30 23.21
N ARG E 357 -4.61 -34.95 23.54
CA ARG E 357 -3.45 -35.59 22.96
C ARG E 357 -3.41 -37.01 23.45
N VAL E 358 -2.94 -37.92 22.61
CA VAL E 358 -2.71 -39.33 23.00
C VAL E 358 -1.22 -39.58 23.34
N THR E 359 -0.90 -39.79 24.62
CA THR E 359 0.50 -39.84 25.07
C THR E 359 0.99 -41.22 25.59
N ASP E 360 0.09 -42.21 25.63
CA ASP E 360 0.38 -43.56 26.14
C ASP E 360 1.38 -44.36 25.27
N GLY E 361 2.17 -45.24 25.90
CA GLY E 361 3.22 -46.01 25.20
C GLY E 361 4.23 -45.20 24.37
N ALA E 362 4.56 -45.72 23.19
CA ALA E 362 5.42 -44.97 22.26
C ALA E 362 4.75 -43.75 21.60
N PHE E 363 3.47 -43.51 21.90
CA PHE E 363 2.71 -42.40 21.28
C PHE E 363 3.17 -41.03 21.78
N GLY E 364 3.77 -41.02 22.96
CA GLY E 364 4.39 -39.79 23.49
C GLY E 364 5.52 -39.23 22.67
N LYS E 365 6.14 -40.09 21.84
CA LYS E 365 7.20 -39.69 20.92
C LYS E 365 6.68 -38.97 19.66
N GLY E 366 5.41 -39.20 19.35
CA GLY E 366 4.71 -38.56 18.22
C GLY E 366 3.80 -37.38 18.52
N ALA E 367 3.26 -36.80 17.45
CA ALA E 367 2.27 -35.72 17.52
C ALA E 367 0.81 -36.20 17.33
N TYR E 368 0.32 -37.04 18.24
CA TYR E 368 -1.02 -37.67 18.12
C TYR E 368 -2.09 -36.91 18.92
N VAL E 369 -3.11 -36.47 18.19
CA VAL E 369 -4.35 -35.93 18.76
C VAL E 369 -5.49 -36.97 18.50
N ALA E 370 -6.32 -37.23 19.53
CA ALA E 370 -7.52 -38.09 19.40
C ALA E 370 -8.56 -37.52 18.36
N PRO E 371 -9.20 -38.40 17.54
CA PRO E 371 -10.35 -37.93 16.72
C PRO E 371 -11.38 -37.26 17.63
N THR E 372 -11.69 -36.01 17.36
CA THR E 372 -12.58 -35.20 18.19
C THR E 372 -13.90 -34.81 17.48
N VAL E 373 -15.01 -34.99 18.20
CA VAL E 373 -16.33 -34.50 17.77
C VAL E 373 -16.99 -33.59 18.85
N PHE E 374 -17.25 -32.33 18.48
CA PHE E 374 -18.06 -31.42 19.28
C PHE E 374 -19.46 -31.40 18.69
N THR E 375 -20.45 -31.40 19.56
CA THR E 375 -21.82 -31.17 19.12
C THR E 375 -22.49 -30.03 19.92
N ASP E 376 -23.78 -29.81 19.69
CA ASP E 376 -24.53 -28.66 20.26
C ASP E 376 -23.84 -27.32 19.95
N CYS E 377 -23.22 -27.21 18.76
CA CYS E 377 -22.42 -26.04 18.42
C CYS E 377 -23.35 -24.94 17.93
N ARG E 378 -22.82 -23.71 17.90
CA ARG E 378 -23.50 -22.52 17.35
C ARG E 378 -22.59 -21.74 16.38
N ASP E 379 -23.20 -21.01 15.45
CA ASP E 379 -22.47 -20.42 14.29
C ASP E 379 -21.39 -19.38 14.66
N ASP E 380 -21.49 -18.82 15.87
CA ASP E 380 -20.59 -17.77 16.29
C ASP E 380 -19.39 -18.31 17.09
N MET E 381 -19.31 -19.62 17.25
CA MET E 381 -18.15 -20.24 17.87
C MET E 381 -16.89 -20.12 17.02
N THR E 382 -15.75 -19.82 17.66
CA THR E 382 -14.46 -19.87 16.94
C THR E 382 -14.19 -21.24 16.24
N ILE E 383 -14.48 -22.36 16.90
CA ILE E 383 -14.22 -23.66 16.26
C ILE E 383 -15.08 -23.87 15.00
N VAL E 384 -16.20 -23.15 14.93
CA VAL E 384 -17.13 -23.23 13.82
C VAL E 384 -16.71 -22.25 12.73
N ARG E 385 -16.28 -21.04 13.12
CA ARG E 385 -15.89 -20.00 12.14
C ARG E 385 -14.52 -20.21 11.45
N GLU E 386 -13.58 -20.77 12.22
CA GLU E 386 -12.17 -20.86 11.80
C GLU E 386 -11.75 -22.27 11.36
N GLU E 387 -10.93 -22.32 10.32
CA GLU E 387 -10.34 -23.57 9.84
C GLU E 387 -9.30 -24.04 10.86
N ILE E 388 -9.46 -25.30 11.27
CA ILE E 388 -8.63 -25.93 12.30
C ILE E 388 -7.51 -26.78 11.68
N PHE E 389 -7.82 -27.53 10.62
CA PHE E 389 -6.82 -28.38 9.90
C PHE E 389 -6.23 -29.48 10.80
N GLY E 390 -7.13 -30.08 11.61
CA GLY E 390 -6.82 -31.20 12.48
C GLY E 390 -8.12 -31.98 12.68
N PRO E 391 -8.09 -33.11 13.42
CA PRO E 391 -9.27 -34.01 13.43
C PRO E 391 -10.36 -33.58 14.42
N VAL E 392 -11.13 -32.56 14.04
CA VAL E 392 -12.15 -31.93 14.90
C VAL E 392 -13.46 -31.61 14.11
N MET E 393 -14.49 -32.44 14.33
CA MET E 393 -15.80 -32.26 13.66
C MET E 393 -16.71 -31.38 14.54
N SER E 394 -17.40 -30.41 13.93
CA SER E 394 -18.42 -29.62 14.62
C SER E 394 -19.83 -29.94 14.12
N ILE E 395 -20.66 -30.49 15.02
CA ILE E 395 -22.05 -30.77 14.67
C ILE E 395 -22.99 -29.63 15.10
N LEU E 396 -23.84 -29.21 14.15
CA LEU E 396 -24.78 -28.10 14.30
C LEU E 396 -26.20 -28.57 13.94
N VAL E 397 -27.15 -28.32 14.84
CA VAL E 397 -28.57 -28.67 14.60
C VAL E 397 -29.24 -27.57 13.76
N TYR E 398 -30.15 -27.97 12.86
CA TYR E 398 -31.02 -27.08 12.10
C TYR E 398 -32.47 -27.58 12.12
N ASP E 399 -33.41 -26.72 11.69
CA ASP E 399 -34.84 -27.06 11.63
C ASP E 399 -35.45 -27.10 10.22
N ASP E 400 -34.97 -26.26 9.32
CA ASP E 400 -35.49 -26.25 7.93
C ASP E 400 -34.41 -26.06 6.87
N GLU E 401 -34.70 -26.56 5.65
CA GLU E 401 -33.76 -26.56 4.51
C GLU E 401 -33.22 -25.19 4.17
N ASP E 402 -34.08 -24.17 4.13
CA ASP E 402 -33.65 -22.82 3.73
C ASP E 402 -32.66 -22.29 4.77
N GLU E 403 -32.91 -22.67 6.04
CA GLU E 403 -32.05 -22.29 7.17
C GLU E 403 -30.68 -22.93 7.04
N ALA E 404 -30.66 -24.24 6.77
CA ALA E 404 -29.42 -25.00 6.58
C ALA E 404 -28.52 -24.47 5.43
N ILE E 405 -29.14 -24.10 4.30
CA ILE E 405 -28.43 -23.55 3.17
C ILE E 405 -27.85 -22.16 3.43
N ARG E 406 -28.66 -21.24 4.00
CA ARG E 406 -28.21 -19.89 4.43
C ARG E 406 -26.99 -19.95 5.37
N ARG E 407 -27.06 -20.87 6.34
CA ARG E 407 -26.02 -21.08 7.37
C ARG E 407 -24.74 -21.70 6.77
N ALA E 408 -24.91 -22.72 5.92
CA ALA E 408 -23.83 -23.28 5.07
C ALA E 408 -23.03 -22.24 4.21
N ASN E 409 -23.77 -21.32 3.61
CA ASN E 409 -23.23 -20.23 2.81
C ASN E 409 -22.66 -19.02 3.60
N ASP E 410 -22.96 -18.93 4.91
CA ASP E 410 -22.54 -17.82 5.79
C ASP E 410 -21.10 -17.96 6.27
N THR E 411 -20.18 -17.65 5.35
CA THR E 411 -18.72 -17.82 5.49
C THR E 411 -18.00 -17.08 4.33
N GLU E 412 -16.75 -16.65 4.57
CA GLU E 412 -15.90 -16.05 3.53
C GLU E 412 -15.25 -17.16 2.72
N TYR E 413 -15.34 -18.38 3.24
CA TYR E 413 -14.80 -19.58 2.56
C TYR E 413 -15.75 -20.12 1.48
N GLY E 414 -15.24 -20.97 0.58
CA GLY E 414 -16.17 -21.61 -0.39
C GLY E 414 -15.48 -22.67 -1.24
N LEU E 415 -14.78 -23.57 -0.56
CA LEU E 415 -14.00 -24.61 -1.23
C LEU E 415 -14.88 -25.78 -1.68
N ALA E 416 -15.47 -26.49 -0.71
CA ALA E 416 -16.35 -27.64 -0.97
C ALA E 416 -17.67 -27.54 -0.24
N ALA E 417 -18.60 -28.43 -0.56
CA ALA E 417 -19.90 -28.59 0.13
C ALA E 417 -20.52 -29.91 -0.28
N GLY E 418 -21.52 -30.38 0.46
CA GLY E 418 -22.14 -31.64 0.17
C GLY E 418 -23.46 -31.84 0.86
N VAL E 419 -24.24 -32.77 0.31
CA VAL E 419 -25.59 -33.04 0.81
C VAL E 419 -25.78 -34.56 0.80
N VAL E 420 -26.58 -35.06 1.76
CA VAL E 420 -26.96 -36.46 1.78
C VAL E 420 -28.47 -36.46 1.87
N THR E 421 -29.06 -36.96 0.79
CA THR E 421 -30.50 -37.12 0.65
C THR E 421 -30.83 -38.18 -0.42
N GLN E 422 -31.97 -38.86 -0.27
CA GLN E 422 -32.42 -39.82 -1.28
C GLN E 422 -33.29 -39.17 -2.39
N ASP E 423 -33.76 -37.96 -2.12
CA ASP E 423 -34.74 -37.30 -3.01
C ASP E 423 -34.05 -36.66 -4.23
N LEU E 424 -34.56 -36.97 -5.41
CA LEU E 424 -34.03 -36.45 -6.68
C LEU E 424 -34.02 -34.92 -6.70
N ALA E 425 -35.18 -34.33 -6.44
CA ALA E 425 -35.37 -32.89 -6.55
C ALA E 425 -34.47 -32.12 -5.56
N ARG E 426 -34.45 -32.56 -4.29
CA ARG E 426 -33.68 -31.93 -3.24
C ARG E 426 -32.17 -32.03 -3.42
N ALA E 427 -31.68 -33.18 -3.88
CA ALA E 427 -30.25 -33.35 -4.16
C ALA E 427 -29.69 -32.22 -5.04
N HIS E 428 -30.32 -32.05 -6.22
CA HIS E 428 -29.94 -31.04 -7.20
C HIS E 428 -30.28 -29.61 -6.74
N ARG E 429 -31.53 -29.36 -6.31
CA ARG E 429 -31.83 -28.00 -5.89
C ARG E 429 -30.97 -27.44 -4.74
N ALA E 430 -30.65 -28.27 -3.73
CA ALA E 430 -29.81 -27.85 -2.60
C ALA E 430 -28.39 -27.58 -3.04
N ILE E 431 -27.84 -28.47 -3.86
CA ILE E 431 -26.48 -28.30 -4.34
C ILE E 431 -26.30 -27.12 -5.29
N HIS E 432 -27.32 -26.85 -6.11
CA HIS E 432 -27.30 -25.63 -6.94
C HIS E 432 -27.20 -24.32 -6.13
N ARG E 433 -27.69 -24.33 -4.88
CA ARG E 433 -27.73 -23.13 -4.02
C ARG E 433 -26.48 -22.97 -3.09
N LEU E 434 -25.65 -24.01 -3.02
CA LEU E 434 -24.45 -24.00 -2.17
C LEU E 434 -23.26 -23.28 -2.87
N GLU E 435 -22.70 -22.27 -2.20
CA GLU E 435 -21.64 -21.39 -2.80
C GLU E 435 -20.23 -21.98 -2.65
N ALA E 436 -19.99 -23.13 -3.27
CA ALA E 436 -18.67 -23.78 -3.29
C ALA E 436 -18.27 -24.33 -4.69
N GLY E 437 -16.98 -24.47 -4.97
CA GLY E 437 -16.54 -24.98 -6.29
C GLY E 437 -16.52 -26.52 -6.40
N ILE E 438 -16.50 -27.19 -5.26
CA ILE E 438 -16.36 -28.65 -5.20
C ILE E 438 -17.58 -29.23 -4.46
N CYS E 439 -18.53 -29.81 -5.17
CA CYS E 439 -19.81 -30.20 -4.56
C CYS E 439 -20.08 -31.68 -4.70
N TRP E 440 -20.49 -32.33 -3.60
CA TRP E 440 -20.69 -33.81 -3.57
C TRP E 440 -22.12 -34.20 -3.17
N ILE E 441 -22.74 -35.05 -3.98
CA ILE E 441 -24.05 -35.64 -3.64
C ILE E 441 -23.88 -37.07 -3.13
N ASN E 442 -24.19 -37.30 -1.85
CA ASN E 442 -24.21 -38.68 -1.26
C ASN E 442 -22.82 -39.36 -1.26
N THR E 443 -21.76 -38.54 -1.17
CA THR E 443 -20.37 -39.01 -1.21
C THR E 443 -19.55 -37.88 -0.58
N TRP E 444 -18.24 -38.10 -0.44
CA TRP E 444 -17.29 -37.05 -0.04
C TRP E 444 -15.89 -37.44 -0.47
N GLY E 445 -15.13 -36.46 -0.93
CA GLY E 445 -13.68 -36.59 -1.05
C GLY E 445 -13.05 -37.07 -2.34
N GLU E 446 -13.75 -37.87 -3.15
CA GLU E 446 -13.23 -38.29 -4.45
C GLU E 446 -13.04 -37.10 -5.41
N SER E 447 -11.92 -37.11 -6.13
CA SER E 447 -11.46 -35.97 -6.94
C SER E 447 -10.88 -36.42 -8.30
N PRO E 448 -11.78 -36.89 -9.20
CA PRO E 448 -11.33 -37.45 -10.48
C PRO E 448 -10.42 -36.51 -11.25
N ALA E 449 -9.45 -37.06 -11.98
CA ALA E 449 -8.62 -36.26 -12.87
C ALA E 449 -9.46 -35.36 -13.83
N GLU E 450 -10.64 -35.81 -14.28
CA GLU E 450 -11.56 -35.05 -15.21
C GLU E 450 -12.35 -33.88 -14.58
N MET E 451 -12.38 -33.84 -13.25
CA MET E 451 -13.21 -32.91 -12.50
C MET E 451 -12.41 -31.67 -12.06
N PRO E 452 -12.71 -30.45 -12.63
CA PRO E 452 -12.05 -29.20 -12.15
C PRO E 452 -12.38 -28.90 -10.70
N VAL E 453 -11.36 -28.55 -9.93
CA VAL E 453 -11.53 -28.34 -8.50
C VAL E 453 -10.82 -27.05 -8.03
N GLY E 454 -11.47 -26.27 -7.19
CA GLY E 454 -10.92 -25.03 -6.63
C GLY E 454 -12.00 -24.29 -5.88
N GLY E 455 -11.66 -23.13 -5.33
CA GLY E 455 -12.58 -22.43 -4.44
C GLY E 455 -13.37 -21.25 -5.00
N TYR E 456 -14.57 -21.05 -4.45
CA TYR E 456 -15.30 -19.78 -4.49
C TYR E 456 -14.76 -18.89 -3.42
N LYS E 457 -15.01 -17.59 -3.54
CA LYS E 457 -14.78 -16.62 -2.46
C LYS E 457 -13.30 -16.58 -2.05
N GLN E 458 -12.99 -16.58 -0.77
CA GLN E 458 -11.63 -16.59 -0.29
C GLN E 458 -10.91 -17.97 -0.23
N SER E 459 -11.47 -19.01 -0.83
CA SER E 459 -10.89 -20.36 -0.82
C SER E 459 -10.07 -20.61 -2.13
N GLY E 460 -10.06 -19.65 -3.04
CA GLY E 460 -9.25 -19.84 -4.24
C GLY E 460 -9.44 -18.89 -5.39
N VAL E 461 -8.53 -18.99 -6.34
CA VAL E 461 -8.54 -18.29 -7.64
C VAL E 461 -8.18 -19.37 -8.70
N GLY E 462 -8.98 -19.53 -9.76
CA GLY E 462 -8.63 -20.58 -10.74
C GLY E 462 -8.93 -22.00 -10.22
N ARG E 463 -8.56 -22.99 -11.03
CA ARG E 463 -8.90 -24.38 -10.83
C ARG E 463 -7.70 -25.28 -11.11
N GLU E 464 -7.72 -26.50 -10.54
CA GLU E 464 -6.84 -27.60 -10.95
C GLU E 464 -7.64 -28.74 -11.57
N ASN E 465 -7.01 -29.54 -12.44
CA ASN E 465 -7.62 -30.76 -13.04
C ASN E 465 -8.69 -30.44 -14.09
N GLY E 466 -9.09 -31.45 -14.87
CA GLY E 466 -10.03 -31.27 -15.95
C GLY E 466 -9.49 -30.59 -17.18
N LEU E 467 -10.27 -30.58 -18.26
CA LEU E 467 -9.93 -29.88 -19.50
C LEU E 467 -9.58 -28.42 -19.28
N THR E 468 -10.39 -27.71 -18.49
CA THR E 468 -10.18 -26.26 -18.27
C THR E 468 -8.77 -25.85 -17.79
N THR E 469 -8.17 -26.67 -16.94
CA THR E 469 -6.92 -26.31 -16.30
C THR E 469 -5.74 -26.32 -17.28
N LEU E 470 -5.72 -27.29 -18.20
CA LEU E 470 -4.68 -27.36 -19.24
C LEU E 470 -4.68 -26.06 -20.04
N ALA E 471 -5.87 -25.61 -20.42
CA ALA E 471 -6.06 -24.35 -21.16
C ALA E 471 -5.44 -23.13 -20.48
N HIS E 472 -5.51 -23.09 -19.16
CA HIS E 472 -4.99 -21.98 -18.34
C HIS E 472 -3.46 -21.97 -18.04
N TYR E 473 -2.72 -22.89 -18.65
CA TYR E 473 -1.23 -22.87 -18.67
C TYR E 473 -0.72 -22.53 -20.06
N THR E 474 -1.62 -21.93 -20.87
CA THR E 474 -1.23 -21.40 -22.17
C THR E 474 -1.69 -19.96 -22.16
N ARG E 475 -1.13 -19.16 -23.06
CA ARG E 475 -1.51 -17.75 -23.28
C ARG E 475 -2.02 -17.69 -24.70
N ILE E 476 -3.08 -16.92 -24.93
CA ILE E 476 -3.68 -16.74 -26.25
C ILE E 476 -2.98 -15.66 -27.05
N LYS E 477 -2.61 -16.01 -28.29
CA LYS E 477 -2.20 -15.02 -29.26
C LYS E 477 -3.20 -15.02 -30.45
N SER E 478 -3.73 -13.83 -30.77
CA SER E 478 -4.69 -13.67 -31.87
C SER E 478 -3.94 -13.15 -33.08
N VAL E 479 -4.08 -13.81 -34.22
CA VAL E 479 -3.42 -13.36 -35.45
C VAL E 479 -4.45 -13.01 -36.51
N GLN E 480 -4.46 -11.76 -36.95
CA GLN E 480 -5.31 -11.32 -38.05
C GLN E 480 -4.48 -11.15 -39.34
N VAL E 481 -4.92 -11.86 -40.36
CA VAL E 481 -4.28 -11.85 -41.69
C VAL E 481 -5.16 -10.96 -42.60
N GLU E 482 -4.62 -9.79 -42.97
CA GLU E 482 -5.20 -8.97 -44.05
C GLU E 482 -4.71 -9.43 -45.43
N LEU E 483 -5.65 -9.82 -46.30
CA LEU E 483 -5.21 -10.40 -47.58
C LEU E 483 -5.59 -9.47 -48.71
N GLY E 484 -6.24 -8.36 -48.35
CA GLY E 484 -6.68 -7.37 -49.32
C GLY E 484 -6.03 -6.04 -49.06
N ASP E 485 -6.76 -4.98 -49.37
CA ASP E 485 -6.24 -3.60 -49.34
C ASP E 485 -6.17 -3.05 -47.90
N TYR E 486 -5.32 -2.03 -47.68
CA TYR E 486 -5.30 -1.36 -46.40
C TYR E 486 -5.67 0.10 -46.55
N ALA E 487 -6.63 0.57 -45.75
CA ALA E 487 -7.10 1.96 -45.79
C ALA E 487 -6.58 2.78 -44.63
N SER E 488 -5.95 3.92 -44.92
CA SER E 488 -5.64 4.91 -43.91
C SER E 488 -6.61 6.08 -44.06
N VAL E 489 -6.99 6.68 -42.95
CA VAL E 489 -7.74 7.95 -43.00
C VAL E 489 -6.80 9.14 -43.30
N PHE E 490 -5.49 8.87 -43.39
CA PHE E 490 -4.46 9.92 -43.39
C PHE E 490 -3.83 10.25 -44.75
N ALA F 2 -20.03 26.78 -16.18
CA ALA F 2 -20.06 25.38 -16.70
C ALA F 2 -21.13 25.18 -17.79
N ARG F 3 -20.77 24.40 -18.82
CA ARG F 3 -21.66 24.14 -19.94
C ARG F 3 -22.94 23.38 -19.52
N PHE F 4 -22.79 22.36 -18.69
CA PHE F 4 -23.91 21.50 -18.26
C PHE F 4 -24.17 21.58 -16.77
N GLU F 5 -25.34 21.09 -16.34
CA GLU F 5 -25.69 20.89 -14.93
C GLU F 5 -24.70 19.94 -14.24
N GLU F 6 -24.68 19.99 -12.92
CA GLU F 6 -23.84 19.13 -12.13
C GLU F 6 -24.21 17.67 -12.37
N GLN F 7 -23.20 16.83 -12.55
CA GLN F 7 -23.45 15.38 -12.79
C GLN F 7 -23.49 14.61 -11.47
N LYS F 8 -24.46 13.70 -11.32
CA LYS F 8 -24.71 12.97 -10.06
C LYS F 8 -24.34 11.49 -10.19
N LEU F 9 -24.32 10.78 -9.07
CA LEU F 9 -24.01 9.32 -9.14
C LEU F 9 -25.21 8.62 -9.75
N TYR F 10 -24.97 7.49 -10.41
CA TYR F 10 -26.08 6.70 -10.95
C TYR F 10 -26.22 5.35 -10.20
N ILE F 11 -27.22 5.24 -9.32
CA ILE F 11 -27.42 4.04 -8.45
C ILE F 11 -28.89 3.57 -8.42
N GLY F 12 -29.13 2.31 -8.81
CA GLY F 12 -30.49 1.77 -8.72
C GLY F 12 -31.44 2.30 -9.80
N GLY F 13 -30.95 2.49 -11.03
CA GLY F 13 -31.81 2.96 -12.11
C GLY F 13 -32.24 4.43 -12.12
N ARG F 14 -31.51 5.29 -11.44
CA ARG F 14 -31.81 6.72 -11.39
C ARG F 14 -30.59 7.42 -10.82
N TYR F 15 -30.55 8.75 -10.96
CA TYR F 15 -29.52 9.56 -10.33
C TYR F 15 -29.86 9.80 -8.84
N VAL F 16 -28.81 9.82 -8.01
CA VAL F 16 -28.86 9.98 -6.55
C VAL F 16 -27.74 10.97 -6.16
N GLU F 17 -27.94 11.73 -5.08
CA GLU F 17 -26.94 12.66 -4.55
C GLU F 17 -25.77 11.89 -3.87
N ALA F 18 -24.53 12.22 -4.22
CA ALA F 18 -23.37 11.76 -3.45
C ALA F 18 -23.41 12.40 -2.06
N SER F 19 -22.65 11.83 -1.13
CA SER F 19 -22.59 12.31 0.26
C SER F 19 -21.16 12.67 0.64
N SER F 20 -20.34 13.07 -0.32
CA SER F 20 -18.99 13.57 -0.02
C SER F 20 -18.95 15.08 0.27
N GLY F 21 -19.91 15.85 -0.25
CA GLY F 21 -19.85 17.32 -0.27
C GLY F 21 -18.88 17.95 -1.28
N ALA F 22 -18.38 17.15 -2.21
CA ALA F 22 -17.28 17.55 -3.09
C ALA F 22 -17.55 17.17 -4.55
N THR F 23 -17.02 18.00 -5.45
CA THR F 23 -17.12 17.84 -6.91
C THR F 23 -15.70 17.94 -7.47
N PHE F 24 -15.52 17.47 -8.71
CA PHE F 24 -14.38 17.81 -9.56
C PHE F 24 -14.89 18.43 -10.89
N GLU F 25 -14.01 19.04 -11.68
CA GLU F 25 -14.40 19.61 -12.97
C GLU F 25 -13.97 18.71 -14.14
N THR F 26 -14.82 18.57 -15.16
CA THR F 26 -14.34 18.03 -16.45
C THR F 26 -14.22 19.13 -17.52
N ILE F 27 -13.06 19.15 -18.19
CA ILE F 27 -12.60 20.22 -19.13
C ILE F 27 -12.57 19.75 -20.60
N ASN F 28 -13.06 20.57 -21.51
CA ASN F 28 -12.90 20.31 -22.92
C ASN F 28 -11.45 20.65 -23.30
N PRO F 29 -10.66 19.67 -23.83
CA PRO F 29 -9.21 19.93 -24.11
C PRO F 29 -8.98 20.84 -25.34
N ALA F 30 -10.02 21.02 -26.16
CA ALA F 30 -9.94 21.83 -27.37
C ALA F 30 -9.93 23.33 -27.09
N ASN F 31 -10.60 23.73 -26.01
CA ASN F 31 -10.75 25.15 -25.67
C ASN F 31 -10.63 25.50 -24.18
N GLY F 32 -10.51 24.50 -23.31
CA GLY F 32 -10.39 24.76 -21.86
C GLY F 32 -11.66 25.12 -21.09
N GLU F 33 -12.84 24.99 -21.72
CA GLU F 33 -14.11 25.30 -21.01
C GLU F 33 -14.44 24.24 -19.94
N VAL F 34 -15.00 24.67 -18.81
CA VAL F 34 -15.51 23.71 -17.82
C VAL F 34 -16.80 23.17 -18.42
N LEU F 35 -16.78 21.89 -18.78
CA LEU F 35 -17.95 21.20 -19.29
C LEU F 35 -18.98 20.91 -18.19
N ALA F 36 -18.53 20.56 -16.98
CA ALA F 36 -19.44 20.18 -15.88
C ALA F 36 -18.72 20.01 -14.55
N LYS F 37 -19.39 20.35 -13.44
N LYS F 37 -19.41 20.31 -13.45
CA LYS F 37 -18.99 19.87 -12.12
CA LYS F 37 -18.98 19.88 -12.11
C LYS F 37 -19.49 18.43 -11.95
C LYS F 37 -19.52 18.47 -11.84
N VAL F 38 -18.69 17.58 -11.31
CA VAL F 38 -19.06 16.14 -11.13
C VAL F 38 -18.91 15.65 -9.65
N GLN F 39 -19.93 15.01 -9.08
CA GLN F 39 -19.89 14.52 -7.68
C GLN F 39 -18.84 13.42 -7.47
N ARG F 40 -18.12 13.51 -6.34
CA ARG F 40 -17.15 12.50 -5.94
C ARG F 40 -17.91 11.54 -5.06
N ALA F 41 -17.85 10.23 -5.35
CA ALA F 41 -18.50 9.26 -4.47
C ALA F 41 -17.72 9.06 -3.15
N SER F 42 -18.49 8.92 -2.08
CA SER F 42 -18.04 8.65 -0.72
C SER F 42 -17.79 7.17 -0.52
N ARG F 43 -17.15 6.83 0.60
N ARG F 43 -17.32 6.79 0.66
CA ARG F 43 -16.91 5.44 1.01
CA ARG F 43 -17.25 5.39 1.08
C ARG F 43 -18.28 4.78 1.14
C ARG F 43 -18.64 4.90 1.54
N GLU F 44 -19.19 5.51 1.80
N GLU F 44 -19.48 5.79 2.04
CA GLU F 44 -20.55 5.08 2.07
CA GLU F 44 -20.91 5.42 2.23
C GLU F 44 -21.40 4.97 0.78
C GLU F 44 -21.60 5.14 0.87
N ASP F 45 -21.22 5.91 -0.15
CA ASP F 45 -21.81 5.78 -1.50
C ASP F 45 -21.36 4.49 -2.23
N VAL F 46 -20.12 4.07 -2.03
CA VAL F 46 -19.65 2.74 -2.48
C VAL F 46 -20.45 1.53 -1.86
N GLU F 47 -20.63 1.52 -0.55
CA GLU F 47 -21.47 0.55 0.11
C GLU F 47 -22.91 0.55 -0.46
N ARG F 48 -23.47 1.75 -0.69
CA ARG F 48 -24.82 1.90 -1.25
C ARG F 48 -24.89 1.23 -2.64
N ALA F 49 -23.90 1.50 -3.48
CA ALA F 49 -23.80 0.92 -4.83
C ALA F 49 -23.63 -0.58 -4.81
N VAL F 50 -22.78 -1.08 -3.92
CA VAL F 50 -22.61 -2.56 -3.75
C VAL F 50 -23.95 -3.24 -3.30
N GLN F 51 -24.57 -2.71 -2.24
CA GLN F 51 -25.86 -3.26 -1.78
C GLN F 51 -26.95 -3.25 -2.89
N SER F 52 -26.98 -2.19 -3.70
CA SER F 52 -27.93 -2.10 -4.83
C SER F 52 -27.60 -3.11 -5.94
N ALA F 53 -26.30 -3.32 -6.19
CA ALA F 53 -25.82 -4.37 -7.08
C ALA F 53 -26.15 -5.79 -6.68
N VAL F 54 -25.98 -6.11 -5.40
CA VAL F 54 -26.29 -7.43 -4.88
C VAL F 54 -27.79 -7.80 -5.13
N GLU F 55 -28.69 -6.88 -4.83
CA GLU F 55 -30.15 -7.10 -5.03
C GLU F 55 -30.53 -7.18 -6.49
N GLY F 56 -29.94 -6.31 -7.29
CA GLY F 56 -30.27 -6.23 -8.72
C GLY F 56 -29.75 -7.46 -9.47
N GLN F 57 -28.50 -7.85 -9.18
CA GLN F 57 -27.93 -9.11 -9.71
C GLN F 57 -28.88 -10.30 -9.53
N LYS F 58 -29.55 -10.42 -8.39
CA LYS F 58 -30.48 -11.57 -8.14
C LYS F 58 -31.63 -11.63 -9.12
N VAL F 59 -32.26 -10.48 -9.37
CA VAL F 59 -33.37 -10.35 -10.30
C VAL F 59 -32.89 -10.68 -11.74
N TRP F 60 -31.71 -10.18 -12.11
CA TRP F 60 -31.15 -10.37 -13.45
C TRP F 60 -30.84 -11.83 -13.72
N ALA F 61 -30.17 -12.47 -12.74
CA ALA F 61 -29.84 -13.89 -12.86
C ALA F 61 -31.08 -14.80 -12.78
N ALA F 62 -32.16 -14.34 -12.19
CA ALA F 62 -33.39 -15.17 -12.14
C ALA F 62 -34.18 -15.22 -13.46
N MET F 63 -33.87 -14.33 -14.40
CA MET F 63 -34.49 -14.37 -15.73
C MET F 63 -33.96 -15.58 -16.48
N THR F 64 -34.63 -15.99 -17.57
CA THR F 64 -34.08 -17.00 -18.49
C THR F 64 -32.90 -16.40 -19.32
N ALA F 65 -32.07 -17.25 -19.96
CA ALA F 65 -30.98 -16.74 -20.87
C ALA F 65 -31.54 -15.83 -21.99
N MET F 66 -32.63 -16.24 -22.63
CA MET F 66 -33.18 -15.48 -23.76
C MET F 66 -33.87 -14.15 -23.32
N GLN F 67 -34.45 -14.08 -22.11
CA GLN F 67 -34.90 -12.80 -21.54
C GLN F 67 -33.74 -11.80 -21.38
N ARG F 68 -32.61 -12.20 -20.81
CA ARG F 68 -31.39 -11.35 -20.80
C ARG F 68 -30.88 -11.00 -22.21
N SER F 69 -30.84 -11.98 -23.12
CA SER F 69 -30.46 -11.71 -24.51
C SER F 69 -31.31 -10.59 -25.13
N ARG F 70 -32.64 -10.71 -25.09
CA ARG F 70 -33.55 -9.70 -25.58
C ARG F 70 -33.36 -8.28 -25.03
N ILE F 71 -33.16 -8.17 -23.71
CA ILE F 71 -32.85 -6.88 -23.05
C ILE F 71 -31.53 -6.25 -23.52
N LEU F 72 -30.47 -7.04 -23.58
CA LEU F 72 -29.18 -6.55 -24.13
C LEU F 72 -29.28 -6.12 -25.60
N ARG F 73 -30.04 -6.86 -26.41
CA ARG F 73 -30.29 -6.52 -27.82
C ARG F 73 -31.07 -5.18 -27.96
N ARG F 74 -32.04 -4.92 -27.09
CA ARG F 74 -32.72 -3.63 -27.06
C ARG F 74 -31.74 -2.47 -26.74
N ALA F 75 -30.78 -2.69 -25.83
CA ALA F 75 -29.78 -1.67 -25.53
C ALA F 75 -28.92 -1.39 -26.75
N VAL F 76 -28.60 -2.44 -27.51
CA VAL F 76 -27.94 -2.24 -28.84
C VAL F 76 -28.73 -1.32 -29.78
N ASP F 77 -30.04 -1.61 -29.94
CA ASP F 77 -30.95 -0.85 -30.76
C ASP F 77 -30.91 0.64 -30.38
N ILE F 78 -31.09 0.94 -29.10
CA ILE F 78 -30.98 2.32 -28.57
C ILE F 78 -29.61 3.03 -28.84
N LEU F 79 -28.51 2.30 -28.62
CA LEU F 79 -27.17 2.82 -28.94
C LEU F 79 -26.99 3.13 -30.46
N ARG F 80 -27.60 2.34 -31.36
CA ARG F 80 -27.56 2.60 -32.79
C ARG F 80 -28.31 3.91 -33.14
N GLU F 81 -29.50 4.09 -32.55
CA GLU F 81 -30.29 5.30 -32.83
C GLU F 81 -29.67 6.57 -32.23
N ARG F 82 -28.98 6.43 -31.11
CA ARG F 82 -28.32 7.58 -30.44
C ARG F 82 -26.83 7.70 -30.75
N ASN F 83 -26.31 6.94 -31.71
CA ASN F 83 -24.89 6.99 -32.09
C ASN F 83 -24.32 8.43 -32.17
N ASP F 84 -25.00 9.29 -32.95
CA ASP F 84 -24.51 10.64 -33.25
C ASP F 84 -24.48 11.59 -32.05
N GLU F 85 -25.53 11.54 -31.22
CA GLU F 85 -25.58 12.27 -29.98
C GLU F 85 -24.55 11.81 -28.96
N LEU F 86 -24.34 10.51 -28.81
CA LEU F 86 -23.31 10.03 -27.86
C LEU F 86 -21.93 10.41 -28.34
N ALA F 87 -21.73 10.27 -29.65
CA ALA F 87 -20.49 10.71 -30.32
C ALA F 87 -20.08 12.20 -30.08
N ALA F 88 -21.06 13.12 -30.15
CA ALA F 88 -20.84 14.55 -29.93
C ALA F 88 -20.39 14.87 -28.51
N LEU F 89 -21.01 14.20 -27.55
CA LEU F 89 -20.68 14.32 -26.12
C LEU F 89 -19.29 13.75 -25.79
N GLU F 90 -18.97 12.57 -26.34
CA GLU F 90 -17.60 11.98 -26.28
C GLU F 90 -16.47 12.89 -26.88
N THR F 91 -16.77 13.56 -28.00
CA THR F 91 -15.87 14.54 -28.59
C THR F 91 -15.59 15.71 -27.63
N LEU F 92 -16.67 16.29 -27.05
CA LEU F 92 -16.54 17.32 -26.00
C LEU F 92 -15.57 16.97 -24.85
N ASP F 93 -15.73 15.74 -24.36
CA ASP F 93 -15.06 15.24 -23.15
C ASP F 93 -13.60 14.80 -23.41
N THR F 94 -13.29 14.40 -24.65
CA THR F 94 -12.00 13.76 -25.00
C THR F 94 -11.15 14.52 -26.01
N GLY F 95 -11.78 15.45 -26.76
CA GLY F 95 -11.14 16.12 -27.87
C GLY F 95 -10.99 15.29 -29.13
N LYS F 96 -11.52 14.07 -29.15
CA LYS F 96 -11.38 13.23 -30.35
C LYS F 96 -12.25 13.77 -31.52
N PRO F 97 -11.75 13.69 -32.75
CA PRO F 97 -12.48 14.18 -33.89
C PRO F 97 -13.86 13.53 -34.00
N LEU F 98 -14.85 14.34 -34.37
CA LEU F 98 -16.19 13.84 -34.63
C LEU F 98 -16.16 12.75 -35.74
N ALA F 99 -15.16 12.84 -36.63
CA ALA F 99 -14.96 11.80 -37.65
C ALA F 99 -14.62 10.47 -37.02
N GLU F 100 -13.98 10.51 -35.84
CA GLU F 100 -13.68 9.26 -35.12
C GLU F 100 -14.85 8.82 -34.27
N THR F 101 -15.35 9.68 -33.39
CA THR F 101 -16.39 9.25 -32.44
C THR F 101 -17.70 8.78 -33.09
N ARG F 102 -18.04 9.33 -34.27
CA ARG F 102 -19.25 8.94 -35.02
C ARG F 102 -19.19 7.56 -35.69
N SER F 103 -17.97 7.10 -35.93
CA SER F 103 -17.64 5.94 -36.79
C SER F 103 -17.02 4.75 -36.06
N VAL F 104 -16.36 5.03 -34.94
CA VAL F 104 -15.60 4.02 -34.21
C VAL F 104 -16.15 3.74 -32.80
N ASP F 105 -16.19 4.77 -31.93
CA ASP F 105 -16.37 4.60 -30.48
C ASP F 105 -17.66 3.89 -30.08
N ILE F 106 -18.81 4.42 -30.52
CA ILE F 106 -20.11 3.83 -30.18
C ILE F 106 -20.36 2.59 -31.08
N VAL F 107 -20.01 2.68 -32.35
CA VAL F 107 -20.25 1.57 -33.31
C VAL F 107 -19.60 0.29 -32.79
N THR F 108 -18.31 0.36 -32.43
CA THR F 108 -17.59 -0.83 -31.95
C THR F 108 -17.87 -1.22 -30.50
N GLY F 109 -18.25 -0.28 -29.66
CA GLY F 109 -18.69 -0.63 -28.30
C GLY F 109 -20.02 -1.42 -28.36
N ALA F 110 -20.97 -0.90 -29.16
CA ALA F 110 -22.22 -1.65 -29.43
C ALA F 110 -22.00 -2.97 -30.21
N ASP F 111 -20.98 -3.06 -31.10
CA ASP F 111 -20.70 -4.33 -31.80
C ASP F 111 -20.42 -5.45 -30.80
N VAL F 112 -19.68 -5.12 -29.75
CA VAL F 112 -19.30 -6.13 -28.74
C VAL F 112 -20.50 -6.49 -27.86
N LEU F 113 -21.30 -5.49 -27.48
CA LEU F 113 -22.57 -5.76 -26.77
C LEU F 113 -23.52 -6.67 -27.59
N GLU F 114 -23.69 -6.37 -28.87
CA GLU F 114 -24.47 -7.20 -29.82
C GLU F 114 -24.00 -8.69 -29.90
N TYR F 115 -22.70 -8.86 -30.13
CA TYR F 115 -22.01 -10.14 -30.14
C TYR F 115 -22.41 -10.96 -28.88
N TYR F 116 -22.12 -10.47 -27.66
CA TYR F 116 -22.44 -11.24 -26.44
C TYR F 116 -23.94 -11.49 -26.15
N ALA F 117 -24.78 -10.54 -26.51
CA ALA F 117 -26.22 -10.68 -26.40
C ALA F 117 -26.69 -11.98 -27.11
N GLY F 118 -26.23 -12.21 -28.35
CA GLY F 118 -26.55 -13.48 -29.02
C GLY F 118 -26.01 -14.74 -28.35
N LEU F 119 -24.98 -14.60 -27.52
CA LEU F 119 -24.28 -15.74 -26.91
C LEU F 119 -24.78 -16.13 -25.50
N VAL F 120 -25.66 -15.35 -24.90
CA VAL F 120 -26.17 -15.65 -23.53
C VAL F 120 -26.63 -17.12 -23.42
N PRO F 121 -27.42 -17.61 -24.43
CA PRO F 121 -27.92 -18.99 -24.37
C PRO F 121 -26.89 -20.11 -24.66
N ALA F 122 -25.70 -19.74 -25.14
CA ALA F 122 -24.68 -20.71 -25.50
C ALA F 122 -23.74 -21.08 -24.34
N ILE F 123 -23.84 -20.39 -23.20
CA ILE F 123 -23.02 -20.69 -22.00
C ILE F 123 -23.47 -22.03 -21.36
N GLU F 124 -22.59 -23.02 -21.42
CA GLU F 124 -22.89 -24.39 -20.95
C GLU F 124 -21.78 -24.92 -20.05
N GLY F 125 -22.15 -25.86 -19.18
CA GLY F 125 -21.17 -26.64 -18.40
C GLY F 125 -20.87 -27.97 -19.14
N GLU F 126 -20.19 -28.86 -18.42
CA GLU F 126 -19.73 -30.17 -18.99
C GLU F 126 -20.40 -31.33 -18.25
N GLN F 127 -20.37 -32.51 -18.88
CA GLN F 127 -20.82 -33.78 -18.29
C GLN F 127 -19.74 -34.87 -18.51
N ILE F 128 -19.35 -35.58 -17.43
CA ILE F 128 -18.30 -36.63 -17.48
C ILE F 128 -18.79 -37.89 -16.73
N PRO F 129 -18.95 -39.00 -17.47
CA PRO F 129 -19.23 -40.30 -16.79
C PRO F 129 -17.94 -40.87 -16.15
N LEU F 130 -18.06 -41.30 -14.89
CA LEU F 130 -16.94 -41.97 -14.20
C LEU F 130 -17.04 -43.50 -14.27
N ARG F 131 -18.22 -44.02 -13.97
CA ARG F 131 -18.53 -45.45 -13.92
C ARG F 131 -20.05 -45.53 -13.98
N GLU F 132 -20.60 -46.72 -14.08
CA GLU F 132 -22.06 -46.88 -14.13
C GLU F 132 -22.77 -46.21 -12.92
N THR F 133 -22.13 -46.25 -11.76
CA THR F 133 -22.73 -45.71 -10.54
C THR F 133 -22.39 -44.25 -10.21
N SER F 134 -21.69 -43.54 -11.08
CA SER F 134 -21.32 -42.16 -10.74
C SER F 134 -21.03 -41.33 -12.00
N PHE F 135 -21.46 -40.07 -11.99
CA PHE F 135 -21.06 -39.11 -13.05
C PHE F 135 -20.87 -37.70 -12.47
N VAL F 136 -20.17 -36.85 -13.22
CA VAL F 136 -20.05 -35.45 -12.83
C VAL F 136 -20.67 -34.50 -13.85
N TYR F 137 -21.31 -33.44 -13.36
CA TYR F 137 -21.63 -32.34 -14.26
C TYR F 137 -21.04 -31.04 -13.70
N THR F 138 -20.67 -30.13 -14.60
CA THR F 138 -20.34 -28.78 -14.19
C THR F 138 -21.45 -27.73 -14.44
N ARG F 139 -21.48 -26.72 -13.58
CA ARG F 139 -22.27 -25.49 -13.79
C ARG F 139 -21.33 -24.27 -14.00
N ARG F 140 -21.67 -23.43 -14.97
CA ARG F 140 -21.01 -22.11 -15.10
C ARG F 140 -21.92 -21.08 -14.42
N GLU F 141 -21.58 -20.63 -13.21
CA GLU F 141 -22.46 -19.74 -12.46
C GLU F 141 -21.93 -18.30 -12.48
N PRO F 142 -22.80 -17.29 -12.28
CA PRO F 142 -22.27 -15.92 -12.21
C PRO F 142 -21.33 -15.74 -11.05
N LEU F 143 -20.33 -14.85 -11.21
CA LEU F 143 -19.48 -14.40 -10.11
C LEU F 143 -20.27 -13.62 -9.05
N GLY F 144 -21.25 -12.84 -9.48
CA GLY F 144 -22.01 -11.97 -8.61
C GLY F 144 -21.91 -10.51 -8.94
N VAL F 145 -21.31 -9.75 -8.02
CA VAL F 145 -21.00 -8.34 -8.25
C VAL F 145 -19.55 -8.24 -8.66
N VAL F 146 -19.31 -7.54 -9.77
CA VAL F 146 -17.96 -7.28 -10.34
C VAL F 146 -17.77 -5.75 -10.50
N ALA F 147 -16.53 -5.29 -10.64
CA ALA F 147 -16.30 -3.87 -10.88
C ALA F 147 -15.44 -3.63 -12.11
N GLY F 148 -15.78 -2.57 -12.87
CA GLY F 148 -14.92 -2.13 -13.97
C GLY F 148 -14.40 -0.74 -13.70
N ILE F 149 -13.13 -0.54 -14.02
CA ILE F 149 -12.45 0.78 -13.86
C ILE F 149 -11.95 1.15 -15.26
N GLY F 150 -12.44 2.26 -15.78
CA GLY F 150 -12.22 2.66 -17.15
C GLY F 150 -11.07 3.62 -17.36
N ALA F 151 -10.59 3.70 -18.59
CA ALA F 151 -9.55 4.70 -19.00
C ALA F 151 -10.15 5.86 -19.81
N TRP F 152 -9.35 6.90 -19.98
CA TRP F 152 -9.81 8.13 -20.66
C TRP F 152 -9.71 8.14 -22.21
N ASN F 153 -9.01 7.16 -22.81
CA ASN F 153 -8.84 7.24 -24.28
C ASN F 153 -10.06 6.86 -25.10
N TYR F 154 -10.82 5.87 -24.64
CA TYR F 154 -12.03 5.42 -25.33
C TYR F 154 -13.16 5.21 -24.29
N PRO F 155 -13.66 6.31 -23.68
CA PRO F 155 -14.49 6.15 -22.44
C PRO F 155 -15.76 5.26 -22.56
N VAL F 156 -16.61 5.52 -23.56
CA VAL F 156 -17.86 4.75 -23.75
C VAL F 156 -17.62 3.34 -24.34
N GLN F 157 -16.63 3.22 -25.24
CA GLN F 157 -16.25 1.92 -25.79
C GLN F 157 -15.75 0.93 -24.69
N ILE F 158 -14.86 1.40 -23.82
CA ILE F 158 -14.34 0.58 -22.71
C ILE F 158 -15.44 0.24 -21.70
N ALA F 159 -16.33 1.19 -21.46
CA ALA F 159 -17.49 0.97 -20.59
C ALA F 159 -18.35 -0.19 -21.13
N LEU F 160 -18.51 -0.23 -22.45
CA LEU F 160 -19.29 -1.30 -23.08
C LEU F 160 -18.51 -2.62 -23.21
N TRP F 161 -17.23 -2.59 -23.59
CA TRP F 161 -16.41 -3.84 -23.66
C TRP F 161 -16.31 -4.56 -22.31
N LYS F 162 -16.27 -3.82 -21.22
CA LYS F 162 -16.29 -4.45 -19.89
C LYS F 162 -17.69 -4.93 -19.43
N SER F 163 -18.71 -4.06 -19.53
CA SER F 163 -20.06 -4.39 -19.02
C SER F 163 -20.81 -5.46 -19.84
N ALA F 164 -20.57 -5.47 -21.17
CA ALA F 164 -21.16 -6.49 -22.09
C ALA F 164 -20.90 -7.93 -21.67
N PRO F 165 -19.62 -8.40 -21.62
CA PRO F 165 -19.51 -9.81 -21.18
C PRO F 165 -19.93 -10.02 -19.71
N ALA F 166 -19.76 -9.01 -18.84
CA ALA F 166 -20.19 -9.15 -17.43
C ALA F 166 -21.69 -9.35 -17.24
N LEU F 167 -22.51 -8.53 -17.93
CA LEU F 167 -23.98 -8.66 -17.90
C LEU F 167 -24.43 -9.87 -18.64
N ALA F 168 -23.84 -10.12 -19.80
CA ALA F 168 -24.18 -11.35 -20.56
C ALA F 168 -24.01 -12.71 -19.73
N ALA F 169 -23.02 -12.74 -18.83
CA ALA F 169 -22.76 -13.90 -18.00
C ALA F 169 -23.56 -13.91 -16.68
N GLY F 170 -24.48 -12.94 -16.49
CA GLY F 170 -25.40 -12.99 -15.34
C GLY F 170 -25.00 -12.14 -14.15
N ASN F 171 -24.04 -11.24 -14.34
CA ASN F 171 -23.46 -10.42 -13.26
C ASN F 171 -24.04 -9.00 -13.26
N ALA F 172 -23.93 -8.32 -12.11
CA ALA F 172 -24.04 -6.87 -12.01
C ALA F 172 -22.61 -6.23 -11.98
N MET F 173 -22.49 -5.03 -12.55
CA MET F 173 -21.21 -4.33 -12.58
C MET F 173 -21.38 -2.98 -11.98
N ILE F 174 -20.45 -2.60 -11.10
CA ILE F 174 -20.33 -1.20 -10.70
C ILE F 174 -19.15 -0.64 -11.54
N PHE F 175 -19.39 0.46 -12.27
CA PHE F 175 -18.37 1.01 -13.18
C PHE F 175 -17.87 2.39 -12.71
N LYS F 176 -16.54 2.57 -12.70
CA LYS F 176 -15.91 3.87 -12.41
C LYS F 176 -15.16 4.44 -13.66
N PRO F 177 -15.72 5.49 -14.31
CA PRO F 177 -14.98 6.06 -15.45
C PRO F 177 -13.74 6.86 -14.97
N SER F 178 -12.82 7.13 -15.88
CA SER F 178 -11.72 8.05 -15.57
C SER F 178 -12.31 9.40 -15.15
N GLU F 179 -11.72 10.01 -14.13
CA GLU F 179 -12.01 11.35 -13.71
C GLU F 179 -11.86 12.30 -14.90
N VAL F 180 -10.99 11.95 -15.85
CA VAL F 180 -10.76 12.81 -17.00
C VAL F 180 -11.99 12.85 -17.95
N THR F 181 -12.71 11.73 -18.03
CA THR F 181 -13.77 11.54 -19.01
C THR F 181 -15.02 10.84 -18.43
N PRO F 182 -15.71 11.51 -17.48
CA PRO F 182 -16.82 10.84 -16.78
C PRO F 182 -18.20 10.83 -17.48
N LEU F 183 -18.38 11.62 -18.56
CA LEU F 183 -19.72 11.95 -19.05
C LEU F 183 -20.50 10.82 -19.76
N THR F 184 -19.90 10.17 -20.75
CA THR F 184 -20.69 9.23 -21.55
C THR F 184 -21.06 7.95 -20.78
N ALA F 185 -20.28 7.56 -19.75
CA ALA F 185 -20.63 6.40 -18.92
C ALA F 185 -21.98 6.54 -18.21
N LEU F 186 -22.24 7.74 -17.70
CA LEU F 186 -23.57 8.05 -17.13
C LEU F 186 -24.67 7.85 -18.18
N LYS F 187 -24.43 8.31 -19.41
CA LYS F 187 -25.43 8.17 -20.49
C LYS F 187 -25.72 6.68 -20.81
N LEU F 188 -24.66 5.84 -20.83
CA LEU F 188 -24.80 4.37 -20.96
C LEU F 188 -25.66 3.74 -19.84
N ALA F 189 -25.49 4.19 -18.59
CA ALA F 189 -26.33 3.71 -17.51
C ALA F 189 -27.81 4.04 -17.75
N GLU F 190 -28.12 5.27 -18.21
CA GLU F 190 -29.51 5.63 -18.61
C GLU F 190 -30.11 4.68 -19.68
N ILE F 191 -29.32 4.36 -20.71
CA ILE F 191 -29.70 3.53 -21.83
C ILE F 191 -29.98 2.09 -21.42
N TYR F 192 -29.07 1.50 -20.62
CA TYR F 192 -29.36 0.18 -19.98
C TYR F 192 -30.71 0.08 -19.22
N THR F 193 -31.03 1.09 -18.41
CA THR F 193 -32.31 1.17 -17.71
C THR F 193 -33.50 1.35 -18.66
N GLU F 194 -33.39 2.24 -19.65
CA GLU F 194 -34.44 2.35 -20.68
C GLU F 194 -34.66 1.00 -21.44
N ALA F 195 -33.58 0.25 -21.67
CA ALA F 195 -33.64 -1.11 -22.33
C ALA F 195 -34.34 -2.16 -21.51
N GLY F 196 -34.46 -1.91 -20.20
CA GLY F 196 -35.07 -2.87 -19.25
C GLY F 196 -34.10 -3.66 -18.38
N VAL F 197 -32.83 -3.28 -18.31
CA VAL F 197 -31.86 -3.83 -17.33
C VAL F 197 -32.30 -3.48 -15.90
N PRO F 198 -32.45 -4.51 -15.01
CA PRO F 198 -33.03 -4.25 -13.66
C PRO F 198 -32.21 -3.22 -12.86
N ASP F 199 -32.87 -2.51 -11.95
CA ASP F 199 -32.18 -1.51 -11.10
C ASP F 199 -30.99 -2.15 -10.35
N GLY F 200 -29.81 -1.50 -10.40
CA GLY F 200 -28.60 -1.98 -9.69
C GLY F 200 -27.66 -2.90 -10.50
N VAL F 201 -28.10 -3.35 -11.66
CA VAL F 201 -27.27 -4.21 -12.49
C VAL F 201 -26.09 -3.45 -13.11
N PHE F 202 -26.27 -2.16 -13.41
CA PHE F 202 -25.16 -1.34 -13.92
C PHE F 202 -25.26 0.04 -13.25
N ASN F 203 -24.38 0.23 -12.28
CA ASN F 203 -24.27 1.43 -11.45
C ASN F 203 -22.98 2.17 -11.82
N VAL F 204 -22.98 3.50 -11.73
CA VAL F 204 -21.83 4.36 -12.10
C VAL F 204 -21.43 5.30 -10.94
N LEU F 205 -20.16 5.20 -10.52
CA LEU F 205 -19.59 6.02 -9.46
C LEU F 205 -18.44 6.83 -10.04
N THR F 206 -18.48 8.14 -9.83
CA THR F 206 -17.50 9.06 -10.37
C THR F 206 -16.54 9.46 -9.22
N GLY F 207 -15.35 9.98 -9.56
CA GLY F 207 -14.33 10.32 -8.55
C GLY F 207 -12.95 9.73 -8.88
N SER F 208 -12.00 9.82 -7.95
CA SER F 208 -10.60 9.41 -8.22
C SER F 208 -10.33 7.90 -8.06
N GLY F 209 -9.28 7.40 -8.71
CA GLY F 209 -8.79 6.03 -8.45
C GLY F 209 -8.17 5.84 -7.06
N ARG F 210 -7.45 6.86 -6.56
CA ARG F 210 -6.80 6.83 -5.25
C ARG F 210 -7.86 6.59 -4.16
N GLU F 211 -9.04 7.14 -4.41
CA GLU F 211 -10.17 7.02 -3.48
C GLU F 211 -11.20 5.99 -3.94
N VAL F 212 -12.12 6.37 -4.82
N VAL F 212 -12.13 6.38 -4.80
CA VAL F 212 -13.21 5.43 -5.16
CA VAL F 212 -13.24 5.47 -5.23
C VAL F 212 -12.80 4.13 -5.86
C VAL F 212 -12.78 4.14 -5.86
N GLY F 213 -11.77 4.18 -6.73
CA GLY F 213 -11.23 2.94 -7.37
C GLY F 213 -10.65 1.97 -6.33
N GLN F 214 -9.90 2.56 -5.41
CA GLN F 214 -9.37 1.85 -4.22
C GLN F 214 -10.43 1.19 -3.32
N TRP F 215 -11.52 1.93 -3.03
CA TRP F 215 -12.66 1.41 -2.23
C TRP F 215 -13.35 0.23 -2.93
N LEU F 216 -13.42 0.26 -4.25
CA LEU F 216 -14.01 -0.85 -5.03
C LEU F 216 -13.06 -2.05 -5.06
N THR F 217 -11.76 -1.82 -5.29
CA THR F 217 -10.77 -2.93 -5.28
C THR F 217 -10.62 -3.62 -3.94
N GLU F 218 -10.88 -2.91 -2.84
CA GLU F 218 -10.83 -3.46 -1.45
C GLU F 218 -12.12 -4.11 -0.90
N HIS F 219 -13.25 -3.86 -1.55
CA HIS F 219 -14.54 -4.29 -1.00
C HIS F 219 -14.70 -5.81 -1.02
N PRO F 220 -15.01 -6.43 0.14
CA PRO F 220 -15.07 -7.89 0.25
C PRO F 220 -16.24 -8.57 -0.47
N LEU F 221 -17.26 -7.80 -0.90
CA LEU F 221 -18.42 -8.38 -1.60
C LEU F 221 -18.27 -8.37 -3.12
N ILE F 222 -17.29 -7.60 -3.62
CA ILE F 222 -16.98 -7.60 -5.04
C ILE F 222 -16.07 -8.80 -5.41
N GLU F 223 -16.44 -9.53 -6.47
CA GLU F 223 -15.85 -10.85 -6.73
C GLU F 223 -14.73 -10.82 -7.80
N LYS F 224 -14.77 -9.77 -8.64
CA LYS F 224 -13.86 -9.61 -9.76
C LYS F 224 -13.68 -8.14 -10.09
N ILE F 225 -12.44 -7.76 -10.46
CA ILE F 225 -12.12 -6.39 -10.94
C ILE F 225 -11.62 -6.49 -12.35
N SER F 226 -12.10 -5.60 -13.23
CA SER F 226 -11.58 -5.50 -14.60
C SER F 226 -11.07 -4.06 -14.84
N PHE F 227 -9.77 -3.92 -15.08
CA PHE F 227 -9.12 -2.59 -15.09
C PHE F 227 -8.44 -2.33 -16.43
N THR F 228 -8.59 -1.11 -16.94
CA THR F 228 -7.83 -0.59 -18.09
C THR F 228 -7.04 0.70 -17.74
N GLY F 229 -5.74 0.70 -18.05
CA GLY F 229 -4.82 1.81 -17.79
C GLY F 229 -3.34 1.45 -17.87
N GLY F 230 -2.49 2.23 -17.21
CA GLY F 230 -1.04 2.05 -17.23
C GLY F 230 -0.58 0.86 -16.41
N THR F 231 0.57 0.29 -16.82
CA THR F 231 1.18 -0.88 -16.17
C THR F 231 1.46 -0.66 -14.68
N SER F 232 1.99 0.50 -14.33
CA SER F 232 2.38 0.77 -12.97
C SER F 232 1.15 0.86 -12.01
N THR F 233 0.08 1.51 -12.45
CA THR F 233 -1.22 1.52 -11.75
C THR F 233 -1.88 0.14 -11.70
N GLY F 234 -1.91 -0.58 -12.83
CA GLY F 234 -2.38 -1.97 -12.87
C GLY F 234 -1.74 -2.85 -11.80
N LYS F 235 -0.42 -2.75 -11.60
CA LYS F 235 0.26 -3.51 -10.54
C LYS F 235 -0.30 -3.26 -9.12
N LYS F 236 -0.53 -1.99 -8.77
CA LYS F 236 -1.22 -1.58 -7.50
C LYS F 236 -2.67 -2.05 -7.38
N VAL F 237 -3.46 -1.89 -8.47
CA VAL F 237 -4.88 -2.31 -8.47
C VAL F 237 -4.95 -3.83 -8.30
N MET F 238 -4.20 -4.57 -9.13
CA MET F 238 -4.09 -6.03 -9.00
C MET F 238 -3.63 -6.52 -7.62
N ALA F 239 -2.61 -5.88 -7.02
CA ALA F 239 -2.18 -6.23 -5.65
C ALA F 239 -3.23 -5.97 -4.54
N SER F 240 -3.93 -4.84 -4.64
CA SER F 240 -5.01 -4.52 -3.68
C SER F 240 -6.23 -5.48 -3.80
N ALA F 241 -6.63 -5.77 -5.03
CA ALA F 241 -7.66 -6.80 -5.33
C ALA F 241 -7.30 -8.19 -4.75
N SER F 242 -6.02 -8.57 -4.81
CA SER F 242 -5.49 -9.83 -4.27
C SER F 242 -5.46 -9.89 -2.74
N SER F 243 -4.74 -8.98 -2.11
CA SER F 243 -4.55 -8.98 -0.67
C SER F 243 -5.84 -8.70 0.12
N SER F 244 -6.81 -8.04 -0.50
CA SER F 244 -8.04 -7.69 0.24
C SER F 244 -8.95 -8.90 0.39
N SER F 245 -9.27 -9.59 -0.70
CA SER F 245 -10.25 -10.69 -0.64
C SER F 245 -10.03 -11.74 -1.73
N LEU F 246 -8.80 -11.84 -2.26
CA LEU F 246 -8.49 -12.71 -3.38
C LEU F 246 -9.44 -12.64 -4.59
N LYS F 247 -9.72 -11.44 -5.10
CA LYS F 247 -10.58 -11.30 -6.27
C LYS F 247 -9.94 -11.86 -7.56
N GLU F 248 -10.81 -12.34 -8.46
CA GLU F 248 -10.45 -12.55 -9.85
C GLU F 248 -10.18 -11.17 -10.48
N VAL F 249 -9.28 -11.12 -11.47
CA VAL F 249 -8.99 -9.84 -12.14
C VAL F 249 -8.78 -10.01 -13.66
N THR F 250 -8.98 -8.91 -14.37
CA THR F 250 -8.56 -8.77 -15.79
C THR F 250 -7.86 -7.45 -15.84
N MET F 251 -6.72 -7.42 -16.54
CA MET F 251 -5.94 -6.18 -16.68
C MET F 251 -5.58 -5.94 -18.18
N GLU F 252 -6.06 -4.84 -18.76
N GLU F 252 -6.03 -4.82 -18.75
CA GLU F 252 -5.61 -4.36 -20.08
CA GLU F 252 -5.58 -4.38 -20.07
C GLU F 252 -4.76 -3.12 -19.89
C GLU F 252 -4.76 -3.10 -19.92
N LEU F 253 -3.46 -3.22 -20.11
CA LEU F 253 -2.50 -2.18 -19.76
C LEU F 253 -1.76 -1.60 -21.01
N GLY F 254 -0.58 -1.03 -20.82
CA GLY F 254 0.08 -0.27 -21.89
C GLY F 254 1.00 -1.13 -22.71
N GLY F 255 1.73 -0.50 -23.60
CA GLY F 255 2.68 -1.21 -24.42
C GLY F 255 3.74 -0.32 -25.10
N LYS F 256 4.71 -0.96 -25.74
CA LYS F 256 5.61 -0.27 -26.70
C LYS F 256 5.73 -1.21 -27.91
N SER F 257 4.62 -1.30 -28.67
CA SER F 257 4.45 -2.38 -29.64
C SER F 257 5.29 -2.21 -30.92
N PRO F 258 5.98 -3.27 -31.35
CA PRO F 258 6.85 -3.25 -32.56
C PRO F 258 6.05 -3.52 -33.85
N LEU F 259 6.37 -2.72 -34.89
CA LEU F 259 5.92 -2.93 -36.26
C LEU F 259 7.15 -3.18 -37.13
N ILE F 260 7.29 -4.39 -37.69
CA ILE F 260 8.47 -4.70 -38.51
C ILE F 260 8.15 -4.75 -40.01
N ILE F 261 8.73 -3.81 -40.74
CA ILE F 261 8.54 -3.70 -42.18
C ILE F 261 9.68 -4.45 -42.86
N PHE F 262 9.35 -5.54 -43.56
CA PHE F 262 10.37 -6.35 -44.21
C PHE F 262 10.66 -5.79 -45.62
N PRO F 263 11.79 -6.22 -46.24
CA PRO F 263 12.22 -5.53 -47.47
C PRO F 263 11.32 -5.69 -48.70
N ASP F 264 10.67 -6.84 -48.83
CA ASP F 264 9.72 -7.02 -49.90
C ASP F 264 8.44 -6.14 -49.78
N ALA F 265 8.20 -5.57 -48.60
CA ALA F 265 7.00 -4.78 -48.39
C ALA F 265 6.84 -3.67 -49.42
N ASP F 266 5.59 -3.40 -49.79
CA ASP F 266 5.22 -2.21 -50.56
C ASP F 266 5.29 -1.02 -49.60
N LEU F 267 6.07 0.00 -49.96
CA LEU F 267 6.34 1.11 -49.04
C LEU F 267 5.21 2.12 -48.93
N ASP F 268 4.37 2.19 -49.96
CA ASP F 268 3.10 2.91 -49.87
C ASP F 268 2.21 2.30 -48.78
N ARG F 269 2.08 0.97 -48.80
CA ARG F 269 1.30 0.26 -47.76
C ARG F 269 1.96 0.34 -46.37
N ALA F 270 3.28 0.07 -46.31
CA ALA F 270 4.03 0.08 -45.04
C ALA F 270 3.97 1.44 -44.33
N ALA F 271 3.93 2.52 -45.13
CA ALA F 271 3.78 3.89 -44.57
C ALA F 271 2.35 4.25 -44.12
N ASP F 272 1.33 3.78 -44.85
CA ASP F 272 -0.09 3.93 -44.41
C ASP F 272 -0.36 3.23 -43.06
N ILE F 273 0.17 2.01 -42.91
CA ILE F 273 0.07 1.21 -41.68
C ILE F 273 0.80 1.91 -40.52
N ALA F 274 2.04 2.34 -40.78
CA ALA F 274 2.81 3.07 -39.79
C ALA F 274 2.15 4.36 -39.29
N VAL F 275 1.60 5.21 -40.17
CA VAL F 275 0.95 6.45 -39.68
C VAL F 275 -0.38 6.20 -38.94
N MET F 276 -1.14 5.20 -39.41
CA MET F 276 -2.39 4.80 -38.77
C MET F 276 -2.04 4.18 -37.42
N ALA F 277 -0.86 3.52 -37.34
CA ALA F 277 -0.40 2.89 -36.08
C ALA F 277 0.16 3.84 -35.02
N ASN F 278 0.26 5.14 -35.33
CA ASN F 278 0.85 6.16 -34.44
C ASN F 278 -0.01 7.41 -34.19
N PHE F 279 -0.85 7.76 -35.17
CA PHE F 279 -1.52 9.06 -35.12
C PHE F 279 -3.08 9.00 -35.08
N PHE F 280 -3.64 7.79 -35.08
CA PHE F 280 -5.07 7.70 -34.85
C PHE F 280 -5.33 8.06 -33.38
N SER F 281 -6.45 8.75 -33.14
CA SER F 281 -6.83 9.26 -31.79
C SER F 281 -5.82 10.24 -31.18
N SER F 282 -5.08 10.92 -32.07
CA SER F 282 -3.94 11.82 -31.76
C SER F 282 -2.84 11.12 -31.04
N GLY F 283 -2.61 9.88 -31.41
CA GLY F 283 -1.55 9.08 -30.79
C GLY F 283 -1.89 8.36 -29.50
N GLN F 284 -3.19 8.31 -29.16
CA GLN F 284 -3.66 7.88 -27.82
C GLN F 284 -4.44 6.55 -27.85
N VAL F 285 -3.81 5.53 -28.44
CA VAL F 285 -4.34 4.17 -28.52
C VAL F 285 -3.27 3.24 -27.96
N CYS F 286 -3.65 2.45 -26.97
CA CYS F 286 -2.69 1.59 -26.23
C CYS F 286 -1.91 0.58 -27.03
N THR F 287 -2.51 0.10 -28.11
CA THR F 287 -1.92 -0.90 -29.00
C THR F 287 -1.02 -0.26 -30.08
N ASN F 288 -0.79 1.05 -30.01
CA ASN F 288 -0.02 1.76 -31.05
C ASN F 288 1.38 1.23 -31.36
N GLY F 289 1.69 1.13 -32.66
CA GLY F 289 2.98 0.62 -33.15
C GLY F 289 4.02 1.72 -33.10
N THR F 290 4.48 1.98 -31.87
CA THR F 290 5.35 3.13 -31.59
C THR F 290 6.83 2.91 -31.88
N ARG F 291 7.24 1.64 -32.07
CA ARG F 291 8.57 1.33 -32.57
C ARG F 291 8.46 0.73 -33.96
N VAL F 292 8.96 1.49 -34.96
CA VAL F 292 8.94 1.09 -36.37
C VAL F 292 10.33 0.66 -36.88
N PHE F 293 10.47 -0.64 -37.13
CA PHE F 293 11.71 -1.22 -37.59
C PHE F 293 11.72 -1.26 -39.14
N ILE F 294 12.70 -0.59 -39.74
CA ILE F 294 12.94 -0.60 -41.21
C ILE F 294 14.34 -1.11 -41.59
N HIS F 295 14.42 -1.92 -42.65
CA HIS F 295 15.71 -2.40 -43.11
C HIS F 295 16.60 -1.22 -43.48
N ARG F 296 17.87 -1.33 -43.13
CA ARG F 296 18.86 -0.28 -43.36
C ARG F 296 18.79 0.27 -44.79
N SER F 297 18.65 -0.61 -45.78
CA SER F 297 18.74 -0.19 -47.20
C SER F 297 17.44 0.44 -47.74
N GLN F 298 16.36 0.36 -46.95
CA GLN F 298 15.08 1.01 -47.29
C GLN F 298 14.74 2.24 -46.44
N GLN F 299 15.59 2.56 -45.46
CA GLN F 299 15.35 3.66 -44.50
C GLN F 299 15.08 5.02 -45.17
N ALA F 300 15.90 5.36 -46.15
CA ALA F 300 15.80 6.66 -46.83
C ALA F 300 14.44 6.87 -47.50
N ARG F 301 14.00 5.85 -48.24
CA ARG F 301 12.71 5.87 -48.94
C ARG F 301 11.50 5.72 -48.02
N PHE F 302 11.62 4.91 -46.97
CA PHE F 302 10.54 4.80 -45.98
C PHE F 302 10.26 6.17 -45.35
N GLU F 303 11.32 6.86 -44.95
CA GLU F 303 11.26 8.18 -44.32
C GLU F 303 10.57 9.25 -45.20
N ALA F 304 10.84 9.23 -46.50
CA ALA F 304 10.22 10.17 -47.42
C ALA F 304 8.70 9.97 -47.45
N LYS F 305 8.26 8.72 -47.58
CA LYS F 305 6.82 8.39 -47.63
C LYS F 305 6.03 8.68 -46.33
N VAL F 306 6.67 8.47 -45.18
CA VAL F 306 6.07 8.87 -43.91
C VAL F 306 5.81 10.38 -43.82
N LEU F 307 6.82 11.20 -44.15
CA LEU F 307 6.74 12.70 -44.05
C LEU F 307 5.63 13.32 -44.89
N GLU F 308 5.57 12.87 -46.13
CA GLU F 308 4.54 13.17 -47.09
C GLU F 308 3.11 12.89 -46.56
N ARG F 309 2.92 11.81 -45.81
CA ARG F 309 1.62 11.53 -45.17
C ARG F 309 1.38 12.39 -43.91
N VAL F 310 2.42 12.56 -43.10
CA VAL F 310 2.39 13.41 -41.88
C VAL F 310 2.12 14.92 -42.18
N GLN F 311 2.78 15.45 -43.21
CA GLN F 311 2.50 16.82 -43.70
C GLN F 311 1.03 17.15 -44.01
N ARG F 312 0.26 16.15 -44.46
CA ARG F 312 -1.13 16.35 -44.89
C ARG F 312 -2.20 15.93 -43.85
N ILE F 313 -1.73 15.56 -42.65
CA ILE F 313 -2.62 15.29 -41.50
C ILE F 313 -3.38 16.59 -41.16
N ARG F 314 -4.71 16.48 -41.09
CA ARG F 314 -5.56 17.64 -40.88
C ARG F 314 -5.84 17.86 -39.38
N LEU F 315 -4.85 18.41 -38.69
CA LEU F 315 -5.02 18.88 -37.31
C LEU F 315 -6.02 20.04 -37.26
N GLY F 316 -7.00 19.97 -36.38
CA GLY F 316 -7.92 21.10 -36.18
C GLY F 316 -8.99 20.91 -35.12
N ASP F 317 -10.02 21.76 -35.18
CA ASP F 317 -11.18 21.69 -34.29
C ASP F 317 -11.88 20.32 -34.48
N PRO F 318 -11.91 19.47 -33.41
CA PRO F 318 -12.58 18.15 -33.47
C PRO F 318 -14.10 18.21 -33.78
N GLN F 319 -14.71 19.38 -33.57
CA GLN F 319 -16.10 19.58 -34.00
C GLN F 319 -16.31 19.84 -35.51
N ASP F 320 -15.23 20.13 -36.24
CA ASP F 320 -15.26 20.23 -37.70
C ASP F 320 -15.05 18.84 -38.30
N GLU F 321 -15.98 18.42 -39.14
CA GLU F 321 -15.96 17.12 -39.80
C GLU F 321 -14.71 16.83 -40.65
N ASN F 322 -14.12 17.84 -41.27
CA ASN F 322 -12.84 17.65 -41.98
C ASN F 322 -11.60 17.40 -41.12
N THR F 323 -11.72 17.53 -39.79
CA THR F 323 -10.61 17.21 -38.88
C THR F 323 -10.44 15.68 -38.77
N ASN F 324 -9.19 15.26 -38.81
CA ASN F 324 -8.81 13.90 -38.54
C ASN F 324 -7.64 13.82 -37.54
N PHE F 325 -7.41 14.89 -36.79
CA PHE F 325 -6.37 14.93 -35.73
C PHE F 325 -6.69 16.07 -34.76
N GLY F 326 -7.06 15.74 -33.51
CA GLY F 326 -7.44 16.79 -32.54
C GLY F 326 -6.45 17.05 -31.41
N PRO F 327 -6.89 17.76 -30.35
CA PRO F 327 -6.01 17.91 -29.22
C PRO F 327 -5.83 16.56 -28.51
N LEU F 328 -4.80 16.46 -27.67
CA LEU F 328 -4.75 15.42 -26.63
C LEU F 328 -5.85 15.63 -25.56
N VAL F 329 -6.04 14.62 -24.70
CA VAL F 329 -7.19 14.56 -23.79
C VAL F 329 -7.15 15.64 -22.69
N SER F 330 -5.94 16.12 -22.39
CA SER F 330 -5.76 17.09 -21.30
C SER F 330 -4.44 17.88 -21.41
N PHE F 331 -4.40 19.03 -20.72
CA PHE F 331 -3.19 19.85 -20.59
C PHE F 331 -2.06 19.10 -19.81
N PRO F 332 -2.37 18.55 -18.61
CA PRO F 332 -1.34 17.70 -17.96
C PRO F 332 -0.74 16.64 -18.90
N HIS F 333 -1.59 15.94 -19.64
CA HIS F 333 -1.13 14.91 -20.54
C HIS F 333 -0.25 15.48 -21.65
N MET F 334 -0.67 16.60 -22.25
CA MET F 334 0.16 17.36 -23.18
C MET F 334 1.56 17.70 -22.62
N GLU F 335 1.60 18.23 -21.40
CA GLU F 335 2.88 18.54 -20.73
C GLU F 335 3.81 17.33 -20.68
N SER F 336 3.26 16.15 -20.36
CA SER F 336 4.01 14.91 -20.32
C SER F 336 4.60 14.49 -21.68
N VAL F 337 3.82 14.70 -22.75
CA VAL F 337 4.24 14.32 -24.10
C VAL F 337 5.40 15.22 -24.59
N LEU F 338 5.32 16.50 -24.26
CA LEU F 338 6.38 17.47 -24.60
C LEU F 338 7.71 17.22 -23.90
N GLY F 339 7.67 16.55 -22.73
CA GLY F 339 8.89 16.23 -21.96
C GLY F 339 9.60 15.02 -22.54
N TYR F 340 8.80 14.11 -23.08
CA TYR F 340 9.31 13.00 -23.88
C TYR F 340 9.91 13.48 -25.20
N ILE F 341 9.29 14.52 -25.75
CA ILE F 341 9.78 15.15 -26.97
C ILE F 341 11.16 15.76 -26.73
N GLU F 342 11.32 16.54 -25.67
CA GLU F 342 12.64 17.06 -25.31
C GLU F 342 13.65 15.93 -24.92
N SER F 343 13.21 14.88 -24.23
CA SER F 343 14.07 13.72 -24.01
C SER F 343 14.66 13.18 -25.33
N GLY F 344 13.80 13.04 -26.34
CA GLY F 344 14.17 12.61 -27.68
C GLY F 344 15.23 13.49 -28.31
N LYS F 345 14.99 14.81 -28.33
CA LYS F 345 15.96 15.81 -28.84
C LYS F 345 17.28 15.79 -28.06
N ALA F 346 17.17 15.91 -26.73
CA ALA F 346 18.32 15.84 -25.81
C ALA F 346 19.20 14.61 -25.99
N GLN F 347 18.60 13.50 -26.40
CA GLN F 347 19.31 12.24 -26.61
C GLN F 347 19.76 12.02 -28.07
N LYS F 348 19.59 13.04 -28.91
CA LYS F 348 20.14 13.09 -30.28
C LYS F 348 19.55 12.13 -31.32
N ALA F 349 18.26 11.81 -31.16
CA ALA F 349 17.53 11.15 -32.22
C ALA F 349 17.26 12.23 -33.27
N ARG F 350 17.30 11.90 -34.55
CA ARG F 350 16.93 12.89 -35.59
C ARG F 350 15.40 13.17 -35.68
N LEU F 351 15.02 14.43 -35.49
CA LEU F 351 13.64 14.84 -35.67
C LEU F 351 13.32 14.83 -37.15
N LEU F 352 12.30 14.08 -37.54
CA LEU F 352 11.87 14.05 -38.95
C LEU F 352 10.75 15.06 -39.22
N CYS F 353 9.87 15.26 -38.23
CA CYS F 353 8.83 16.32 -38.30
C CYS F 353 8.09 16.54 -36.97
N GLY F 354 7.32 17.63 -36.91
CA GLY F 354 6.56 18.06 -35.75
C GLY F 354 7.45 18.40 -34.56
N GLY F 355 7.01 18.02 -33.36
CA GLY F 355 7.89 18.10 -32.19
C GLY F 355 7.68 19.31 -31.30
N GLU F 356 6.61 20.05 -31.57
CA GLU F 356 6.18 21.18 -30.72
C GLU F 356 4.66 21.25 -30.47
N ARG F 357 4.23 22.14 -29.58
CA ARG F 357 2.83 22.51 -29.42
C ARG F 357 2.32 23.48 -30.51
N VAL F 358 1.07 23.30 -30.94
CA VAL F 358 0.43 24.20 -31.94
C VAL F 358 -0.39 25.26 -31.20
N THR F 359 0.01 26.54 -31.30
CA THR F 359 -0.67 27.66 -30.57
C THR F 359 -1.32 28.82 -31.37
N ASP F 360 -1.63 28.61 -32.66
CA ASP F 360 -2.13 29.66 -33.56
C ASP F 360 -3.62 30.01 -33.43
N GLY F 361 -3.91 31.29 -33.25
CA GLY F 361 -5.31 31.72 -33.11
C GLY F 361 -5.99 30.97 -31.97
N ALA F 362 -6.98 30.14 -32.31
CA ALA F 362 -7.74 29.41 -31.29
C ALA F 362 -7.00 28.22 -30.63
N PHE F 363 -6.08 27.57 -31.37
CA PHE F 363 -5.39 26.36 -30.87
C PHE F 363 -4.66 26.59 -29.54
N GLY F 364 -4.12 27.80 -29.37
CA GLY F 364 -3.53 28.24 -28.10
C GLY F 364 -4.42 28.07 -26.89
N LYS F 365 -5.75 28.12 -27.12
CA LYS F 365 -6.76 27.79 -26.09
C LYS F 365 -6.85 26.27 -25.78
N GLY F 366 -6.36 25.44 -26.70
CA GLY F 366 -6.45 23.98 -26.56
C GLY F 366 -5.11 23.30 -26.38
N ALA F 367 -5.14 21.96 -26.35
CA ALA F 367 -4.03 21.13 -25.89
C ALA F 367 -3.41 20.32 -27.05
N TYR F 368 -2.97 21.02 -28.10
CA TYR F 368 -2.56 20.37 -29.37
C TYR F 368 -1.05 20.13 -29.54
N VAL F 369 -0.69 18.86 -29.75
CA VAL F 369 0.69 18.50 -30.05
C VAL F 369 0.74 17.99 -31.50
N ALA F 370 1.56 18.66 -32.32
CA ALA F 370 1.80 18.29 -33.70
C ALA F 370 2.29 16.84 -33.83
N PRO F 371 1.82 16.13 -34.87
CA PRO F 371 2.36 14.82 -35.23
C PRO F 371 3.90 14.82 -35.27
N THR F 372 4.53 13.89 -34.54
CA THR F 372 5.99 13.85 -34.38
C THR F 372 6.57 12.48 -34.77
N VAL F 373 7.62 12.49 -35.59
CA VAL F 373 8.44 11.33 -35.91
C VAL F 373 9.92 11.63 -35.60
N PHE F 374 10.56 10.68 -34.93
CA PHE F 374 11.99 10.68 -34.71
C PHE F 374 12.54 9.53 -35.52
N THR F 375 13.79 9.68 -36.01
CA THR F 375 14.50 8.54 -36.61
C THR F 375 15.99 8.44 -36.22
N ASP F 376 16.71 7.48 -36.84
CA ASP F 376 18.04 7.02 -36.37
C ASP F 376 18.03 6.68 -34.87
N CYS F 377 16.90 6.17 -34.38
CA CYS F 377 16.69 5.98 -32.97
C CYS F 377 17.55 4.82 -32.51
N ARG F 378 17.81 4.76 -31.20
CA ARG F 378 18.55 3.65 -30.59
C ARG F 378 17.77 2.99 -29.44
N ASP F 379 18.06 1.72 -29.22
CA ASP F 379 17.33 0.88 -28.28
C ASP F 379 17.37 1.34 -26.83
N ASP F 380 18.43 2.04 -26.44
CA ASP F 380 18.55 2.56 -25.06
C ASP F 380 17.93 3.94 -24.83
N MET F 381 17.51 4.61 -25.90
CA MET F 381 16.89 5.92 -25.79
C MET F 381 15.60 5.82 -24.96
N THR F 382 15.33 6.85 -24.16
CA THR F 382 14.15 6.88 -23.30
C THR F 382 12.83 6.86 -24.11
N ILE F 383 12.86 7.51 -25.28
CA ILE F 383 11.67 7.54 -26.16
C ILE F 383 11.31 6.16 -26.76
N VAL F 384 12.32 5.30 -26.87
CA VAL F 384 12.21 3.96 -27.48
C VAL F 384 11.81 2.91 -26.44
N ARG F 385 12.08 3.17 -25.16
CA ARG F 385 11.88 2.21 -24.06
C ARG F 385 10.53 2.38 -23.34
N GLU F 386 10.14 3.63 -23.15
CA GLU F 386 9.00 3.99 -22.33
C GLU F 386 7.79 4.37 -23.20
N GLU F 387 6.59 4.01 -22.70
CA GLU F 387 5.32 4.39 -23.32
C GLU F 387 5.07 5.89 -23.13
N ILE F 388 4.81 6.57 -24.26
CA ILE F 388 4.58 8.02 -24.29
C ILE F 388 3.06 8.33 -24.26
N PHE F 389 2.26 7.61 -25.06
CA PHE F 389 0.79 7.87 -25.15
C PHE F 389 0.44 9.29 -25.70
N GLY F 390 1.14 9.65 -26.78
CA GLY F 390 0.80 10.84 -27.56
C GLY F 390 1.37 10.50 -28.91
N PRO F 391 1.29 11.45 -29.86
CA PRO F 391 1.71 11.21 -31.24
C PRO F 391 3.23 11.30 -31.55
N VAL F 392 3.98 10.27 -31.13
CA VAL F 392 5.43 10.19 -31.26
C VAL F 392 5.88 8.79 -31.76
N MET F 393 6.19 8.74 -33.06
CA MET F 393 6.75 7.58 -33.75
C MET F 393 8.29 7.59 -33.69
N SER F 394 8.86 6.45 -33.29
CA SER F 394 10.32 6.24 -33.29
C SER F 394 10.66 5.24 -34.40
N ILE F 395 11.47 5.65 -35.38
CA ILE F 395 11.91 4.77 -36.47
C ILE F 395 13.34 4.17 -36.18
N LEU F 396 13.48 2.85 -36.38
CA LEU F 396 14.67 2.10 -36.03
C LEU F 396 15.19 1.22 -37.19
N VAL F 397 16.46 1.42 -37.57
CA VAL F 397 17.11 0.57 -38.60
C VAL F 397 17.51 -0.82 -38.08
N TYR F 398 17.30 -1.87 -38.87
CA TYR F 398 17.85 -3.18 -38.54
C TYR F 398 18.58 -3.71 -39.78
N ASP F 399 19.28 -4.84 -39.66
CA ASP F 399 19.98 -5.42 -40.83
C ASP F 399 19.53 -6.85 -41.21
N ASP F 400 19.20 -7.68 -40.22
CA ASP F 400 18.69 -9.04 -40.47
C ASP F 400 17.40 -9.41 -39.68
N GLU F 401 16.61 -10.34 -40.23
CA GLU F 401 15.34 -10.79 -39.64
C GLU F 401 15.44 -11.25 -38.17
N ASP F 402 16.38 -12.16 -37.88
CA ASP F 402 16.52 -12.78 -36.55
C ASP F 402 16.75 -11.72 -35.46
N GLU F 403 17.42 -10.67 -35.89
CA GLU F 403 17.76 -9.52 -35.09
C GLU F 403 16.58 -8.60 -34.83
N ALA F 404 15.87 -8.20 -35.89
CA ALA F 404 14.69 -7.35 -35.77
C ALA F 404 13.69 -7.96 -34.77
N ILE F 405 13.55 -9.29 -34.82
CA ILE F 405 12.66 -10.07 -33.93
C ILE F 405 13.14 -10.16 -32.47
N ARG F 406 14.45 -10.02 -32.26
CA ARG F 406 15.05 -10.08 -30.92
C ARG F 406 14.92 -8.71 -30.23
N ARG F 407 15.00 -7.65 -31.04
CA ARG F 407 14.85 -6.28 -30.58
C ARG F 407 13.41 -5.96 -30.22
N ALA F 408 12.49 -6.20 -31.16
CA ALA F 408 11.05 -6.19 -30.89
C ALA F 408 10.67 -6.89 -29.55
N ASN F 409 11.28 -8.05 -29.25
CA ASN F 409 10.95 -8.88 -28.09
C ASN F 409 11.62 -8.46 -26.78
N ASP F 410 12.65 -7.63 -26.92
CA ASP F 410 13.42 -7.20 -25.75
C ASP F 410 12.74 -5.99 -25.10
N THR F 411 11.66 -6.30 -24.40
CA THR F 411 10.86 -5.33 -23.62
C THR F 411 10.09 -6.08 -22.52
N GLU F 412 9.73 -5.43 -21.42
CA GLU F 412 8.79 -6.06 -20.43
C GLU F 412 7.33 -5.98 -20.86
N TYR F 413 7.06 -5.19 -21.90
CA TYR F 413 5.73 -5.09 -22.57
C TYR F 413 5.49 -6.23 -23.55
N GLY F 414 4.23 -6.37 -23.97
CA GLY F 414 3.80 -7.39 -24.91
C GLY F 414 2.33 -7.26 -25.33
N LEU F 415 1.91 -6.04 -25.69
CA LEU F 415 0.49 -5.81 -25.99
C LEU F 415 0.17 -6.20 -27.42
N ALA F 416 0.73 -5.44 -28.37
CA ALA F 416 0.54 -5.66 -29.81
C ALA F 416 1.87 -5.90 -30.55
N ALA F 417 1.79 -6.39 -31.78
CA ALA F 417 2.92 -6.44 -32.71
C ALA F 417 2.34 -6.63 -34.11
N GLY F 418 3.12 -6.27 -35.12
CA GLY F 418 2.77 -6.56 -36.52
C GLY F 418 3.95 -6.68 -37.48
N VAL F 419 3.72 -7.28 -38.64
CA VAL F 419 4.75 -7.39 -39.68
C VAL F 419 4.12 -6.96 -40.98
N VAL F 420 4.90 -6.25 -41.82
CA VAL F 420 4.48 -5.95 -43.21
C VAL F 420 5.37 -6.71 -44.19
N THR F 421 4.77 -7.63 -44.94
CA THR F 421 5.55 -8.40 -45.93
C THR F 421 4.60 -9.12 -46.87
N GLN F 422 5.01 -9.30 -48.13
CA GLN F 422 4.18 -9.95 -49.10
C GLN F 422 4.43 -11.47 -49.19
N ASP F 423 5.58 -11.92 -48.67
CA ASP F 423 5.96 -13.34 -48.64
C ASP F 423 5.14 -14.14 -47.62
N LEU F 424 4.64 -15.30 -48.04
CA LEU F 424 3.89 -16.28 -47.22
C LEU F 424 4.59 -16.83 -45.97
N ALA F 425 5.77 -17.43 -46.17
CA ALA F 425 6.49 -18.11 -45.12
C ALA F 425 6.92 -17.08 -44.05
N ARG F 426 7.52 -15.97 -44.48
CA ARG F 426 7.95 -14.91 -43.55
C ARG F 426 6.84 -14.28 -42.71
N ALA F 427 5.74 -13.86 -43.33
CA ALA F 427 4.56 -13.37 -42.58
C ALA F 427 4.20 -14.19 -41.31
N HIS F 428 3.97 -15.50 -41.50
CA HIS F 428 3.59 -16.42 -40.45
C HIS F 428 4.73 -16.82 -39.48
N ARG F 429 5.94 -17.04 -40.02
CA ARG F 429 7.10 -17.47 -39.21
C ARG F 429 7.50 -16.42 -38.17
N ALA F 430 7.58 -15.16 -38.62
CA ALA F 430 7.87 -14.00 -37.79
C ALA F 430 6.78 -13.67 -36.74
N ILE F 431 5.51 -13.78 -37.12
CA ILE F 431 4.43 -13.47 -36.20
C ILE F 431 4.45 -14.50 -35.03
N HIS F 432 4.75 -15.75 -35.36
CA HIS F 432 4.81 -16.83 -34.37
C HIS F 432 5.92 -16.60 -33.30
N ARG F 433 6.96 -15.84 -33.66
CA ARG F 433 8.09 -15.52 -32.80
C ARG F 433 7.90 -14.21 -32.02
N LEU F 434 6.90 -13.40 -32.38
CA LEU F 434 6.71 -12.11 -31.67
C LEU F 434 5.90 -12.34 -30.39
N GLU F 435 6.46 -11.93 -29.25
CA GLU F 435 5.82 -12.09 -27.92
C GLU F 435 4.80 -10.99 -27.55
N ALA F 436 3.59 -11.12 -28.11
CA ALA F 436 2.52 -10.13 -28.06
C ALA F 436 1.17 -10.86 -28.19
N GLY F 437 0.14 -10.40 -27.47
CA GLY F 437 -1.20 -11.04 -27.49
C GLY F 437 -2.03 -10.65 -28.70
N ILE F 438 -1.75 -9.49 -29.28
CA ILE F 438 -2.52 -8.93 -30.40
C ILE F 438 -1.59 -8.79 -31.61
N CYS F 439 -1.76 -9.64 -32.63
CA CYS F 439 -0.79 -9.68 -33.77
C CYS F 439 -1.45 -9.39 -35.15
N TRP F 440 -0.84 -8.48 -35.93
CA TRP F 440 -1.40 -8.01 -37.18
C TRP F 440 -0.47 -8.27 -38.38
N ILE F 441 -1.01 -8.88 -39.44
CA ILE F 441 -0.22 -9.13 -40.67
C ILE F 441 -0.77 -8.24 -41.79
N ASN F 442 0.07 -7.32 -42.24
CA ASN F 442 -0.26 -6.44 -43.37
C ASN F 442 -1.44 -5.51 -43.13
N THR F 443 -1.61 -5.15 -41.85
CA THR F 443 -2.68 -4.26 -41.40
C THR F 443 -2.30 -3.75 -39.99
N TRP F 444 -3.10 -2.85 -39.44
CA TRP F 444 -2.96 -2.46 -38.01
C TRP F 444 -4.30 -1.97 -37.45
N GLY F 445 -4.57 -2.19 -36.15
CA GLY F 445 -5.66 -1.47 -35.48
C GLY F 445 -7.09 -2.04 -35.38
N GLU F 446 -7.46 -2.97 -36.27
CA GLU F 446 -8.82 -3.56 -36.24
C GLU F 446 -8.96 -4.58 -35.10
N SER F 447 -10.08 -4.51 -34.38
CA SER F 447 -10.27 -5.34 -33.17
C SER F 447 -11.70 -5.94 -33.16
N PRO F 448 -11.94 -6.98 -34.01
CA PRO F 448 -13.24 -7.58 -34.23
C PRO F 448 -13.78 -8.06 -32.89
N ALA F 449 -15.08 -7.97 -32.71
CA ALA F 449 -15.73 -8.54 -31.51
C ALA F 449 -15.33 -9.99 -31.24
N GLU F 450 -15.12 -10.80 -32.30
CA GLU F 450 -14.76 -12.24 -32.21
C GLU F 450 -13.34 -12.56 -31.73
N MET F 451 -12.48 -11.55 -31.77
CA MET F 451 -11.03 -11.71 -31.57
C MET F 451 -10.57 -11.34 -30.14
N PRO F 452 -10.07 -12.33 -29.35
CA PRO F 452 -9.62 -12.06 -27.98
C PRO F 452 -8.39 -11.22 -28.04
N VAL F 453 -8.41 -10.14 -27.27
CA VAL F 453 -7.29 -9.18 -27.23
C VAL F 453 -6.81 -8.89 -25.81
N GLY F 454 -5.49 -8.82 -25.64
CA GLY F 454 -4.88 -8.40 -24.38
C GLY F 454 -3.39 -8.66 -24.34
N GLY F 455 -2.80 -8.40 -23.19
CA GLY F 455 -1.33 -8.38 -23.07
C GLY F 455 -0.59 -9.62 -22.63
N TYR F 456 0.53 -9.89 -23.33
CA TYR F 456 1.60 -10.76 -22.82
C TYR F 456 2.40 -9.96 -21.79
N LYS F 457 3.12 -10.70 -20.95
CA LYS F 457 4.15 -10.14 -20.07
C LYS F 457 3.56 -9.08 -19.14
N GLN F 458 4.12 -7.86 -19.12
CA GLN F 458 3.62 -6.81 -18.22
C GLN F 458 2.54 -5.89 -18.84
N SER F 459 2.00 -6.30 -19.99
CA SER F 459 0.91 -5.54 -20.64
C SER F 459 -0.54 -6.00 -20.28
N GLY F 460 -0.67 -7.12 -19.56
CA GLY F 460 -1.99 -7.46 -19.04
C GLY F 460 -2.08 -8.86 -18.47
N VAL F 461 -3.27 -9.15 -17.91
CA VAL F 461 -3.63 -10.44 -17.36
C VAL F 461 -5.03 -10.69 -17.98
N GLY F 462 -5.31 -11.88 -18.52
CA GLY F 462 -6.69 -12.14 -19.04
C GLY F 462 -6.89 -11.39 -20.38
N ARG F 463 -8.11 -11.43 -20.92
CA ARG F 463 -8.44 -10.97 -22.28
C ARG F 463 -9.84 -10.32 -22.29
N GLU F 464 -10.09 -9.49 -23.31
CA GLU F 464 -11.42 -8.97 -23.61
C GLU F 464 -11.82 -9.39 -25.04
N ASN F 465 -13.13 -9.40 -25.34
CA ASN F 465 -13.67 -9.88 -26.65
C ASN F 465 -13.50 -11.41 -26.91
N GLY F 466 -14.20 -11.93 -27.89
CA GLY F 466 -14.18 -13.34 -28.18
C GLY F 466 -14.97 -14.25 -27.27
N LEU F 467 -15.06 -15.51 -27.67
CA LEU F 467 -15.72 -16.53 -26.85
C LEU F 467 -15.13 -16.71 -25.44
N THR F 468 -13.81 -16.64 -25.34
CA THR F 468 -13.09 -17.00 -24.11
C THR F 468 -13.37 -16.01 -23.01
N THR F 469 -13.61 -14.75 -23.35
CA THR F 469 -13.86 -13.70 -22.33
C THR F 469 -15.19 -13.92 -21.55
N LEU F 470 -16.24 -14.32 -22.26
CA LEU F 470 -17.54 -14.57 -21.65
C LEU F 470 -17.40 -15.69 -20.62
N ALA F 471 -16.68 -16.76 -21.00
CA ALA F 471 -16.32 -17.86 -20.13
C ALA F 471 -15.66 -17.41 -18.79
N HIS F 472 -14.80 -16.41 -18.88
CA HIS F 472 -14.15 -15.82 -17.67
C HIS F 472 -14.97 -14.81 -16.82
N TYR F 473 -16.23 -14.57 -17.20
CA TYR F 473 -17.19 -13.91 -16.30
C TYR F 473 -18.13 -14.89 -15.61
N THR F 474 -17.79 -16.18 -15.65
CA THR F 474 -18.46 -17.18 -14.81
C THR F 474 -17.48 -17.87 -13.85
N ARG F 475 -17.98 -18.57 -12.81
CA ARG F 475 -17.18 -19.48 -11.94
C ARG F 475 -17.64 -20.92 -12.19
N ILE F 476 -16.68 -21.86 -12.17
CA ILE F 476 -16.99 -23.26 -12.35
C ILE F 476 -17.37 -23.94 -11.03
N LYS F 477 -18.54 -24.59 -11.02
CA LYS F 477 -18.91 -25.49 -9.93
C LYS F 477 -18.98 -26.92 -10.51
N SER F 478 -18.19 -27.85 -9.94
CA SER F 478 -18.28 -29.30 -10.24
C SER F 478 -19.20 -30.02 -9.27
N VAL F 479 -20.08 -30.85 -9.80
CA VAL F 479 -21.03 -31.62 -9.02
C VAL F 479 -20.83 -33.11 -9.29
N GLN F 480 -20.31 -33.83 -8.27
CA GLN F 480 -20.25 -35.28 -8.33
C GLN F 480 -21.50 -35.94 -7.71
N VAL F 481 -22.21 -36.66 -8.56
CA VAL F 481 -23.40 -37.42 -8.20
C VAL F 481 -23.03 -38.93 -8.07
N GLU F 482 -22.98 -39.41 -6.83
CA GLU F 482 -22.82 -40.84 -6.45
C GLU F 482 -24.14 -41.58 -6.41
N LEU F 483 -24.29 -42.60 -7.26
CA LEU F 483 -25.57 -43.30 -7.38
C LEU F 483 -25.58 -44.66 -6.71
N GLY F 484 -24.39 -45.09 -6.25
CA GLY F 484 -24.20 -46.41 -5.63
C GLY F 484 -23.80 -46.33 -4.16
N ASP F 485 -23.01 -47.32 -3.72
CA ASP F 485 -22.63 -47.47 -2.33
C ASP F 485 -21.48 -46.54 -2.00
N TYR F 486 -21.38 -46.13 -0.74
CA TYR F 486 -20.27 -45.32 -0.29
C TYR F 486 -19.37 -46.10 0.69
N ALA F 487 -18.07 -46.19 0.37
CA ALA F 487 -17.10 -46.93 1.21
C ALA F 487 -16.27 -46.02 2.17
N SER F 488 -16.31 -46.36 3.46
CA SER F 488 -15.51 -45.71 4.51
C SER F 488 -14.40 -46.66 4.99
N VAL F 489 -13.27 -46.10 5.40
CA VAL F 489 -12.19 -46.90 5.96
C VAL F 489 -12.33 -47.04 7.49
N PHE F 490 -13.27 -46.32 8.09
CA PHE F 490 -13.41 -46.34 9.56
C PHE F 490 -14.56 -47.23 10.11
N ALA G 2 -63.40 -22.85 -52.66
CA ALA G 2 -62.17 -22.86 -51.82
C ALA G 2 -62.24 -21.64 -50.94
N ARG G 3 -61.71 -21.75 -49.72
CA ARG G 3 -61.75 -20.63 -48.79
C ARG G 3 -60.76 -19.59 -49.21
N PHE G 4 -59.60 -20.04 -49.68
CA PHE G 4 -58.54 -19.12 -50.14
C PHE G 4 -58.25 -19.16 -51.64
N GLU G 5 -57.50 -18.16 -52.10
CA GLU G 5 -56.92 -18.13 -53.47
C GLU G 5 -56.00 -19.33 -53.70
N GLU G 6 -55.89 -19.77 -54.96
CA GLU G 6 -54.93 -20.79 -55.36
C GLU G 6 -53.51 -20.48 -54.89
N GLN G 7 -52.87 -21.49 -54.27
CA GLN G 7 -51.52 -21.39 -53.71
C GLN G 7 -50.45 -21.77 -54.77
N LYS G 8 -49.52 -20.85 -55.04
CA LYS G 8 -48.51 -21.02 -56.10
C LYS G 8 -47.14 -21.35 -55.48
N LEU G 9 -46.15 -21.68 -56.32
CA LEU G 9 -44.78 -21.96 -55.87
C LEU G 9 -44.14 -20.65 -55.43
N TYR G 10 -43.12 -20.75 -54.57
CA TYR G 10 -42.44 -19.56 -54.09
C TYR G 10 -40.97 -19.72 -54.47
N ILE G 11 -40.51 -19.02 -55.51
CA ILE G 11 -39.12 -19.12 -55.97
C ILE G 11 -38.57 -17.69 -56.12
N GLY G 12 -37.42 -17.44 -55.50
CA GLY G 12 -36.67 -16.21 -55.79
C GLY G 12 -37.36 -14.97 -55.25
N GLY G 13 -37.93 -15.08 -54.06
CA GLY G 13 -38.52 -13.93 -53.36
C GLY G 13 -39.92 -13.52 -53.82
N ARG G 14 -40.62 -14.39 -54.54
CA ARG G 14 -41.97 -14.08 -55.01
C ARG G 14 -42.66 -15.37 -55.35
N TYR G 15 -43.97 -15.29 -55.59
CA TYR G 15 -44.75 -16.40 -56.13
C TYR G 15 -44.58 -16.54 -57.65
N VAL G 16 -44.51 -17.77 -58.14
CA VAL G 16 -44.38 -18.00 -59.58
C VAL G 16 -45.31 -19.15 -59.99
N GLU G 17 -45.79 -19.15 -61.23
CA GLU G 17 -46.60 -20.29 -61.74
C GLU G 17 -45.78 -21.60 -61.87
N ALA G 18 -46.31 -22.69 -61.31
CA ALA G 18 -45.86 -24.04 -61.63
C ALA G 18 -46.00 -24.35 -63.13
N SER G 19 -45.29 -25.39 -63.57
CA SER G 19 -45.34 -25.81 -64.96
C SER G 19 -45.73 -27.30 -65.09
N SER G 20 -46.55 -27.77 -64.15
CA SER G 20 -47.06 -29.14 -64.19
C SER G 20 -48.44 -29.23 -64.90
N GLY G 21 -49.17 -28.12 -64.95
CA GLY G 21 -50.59 -28.18 -65.32
C GLY G 21 -51.50 -28.90 -64.32
N ALA G 22 -51.05 -29.11 -63.08
CA ALA G 22 -51.81 -29.90 -62.09
C ALA G 22 -51.82 -29.26 -60.69
N THR G 23 -52.87 -29.57 -59.93
CA THR G 23 -53.06 -29.12 -58.54
C THR G 23 -53.60 -30.23 -57.62
N PHE G 24 -53.70 -29.92 -56.32
CA PHE G 24 -54.36 -30.75 -55.32
C PHE G 24 -55.07 -29.82 -54.33
N GLU G 25 -56.00 -30.34 -53.53
CA GLU G 25 -56.71 -29.57 -52.50
C GLU G 25 -56.15 -29.79 -51.11
N THR G 26 -56.10 -28.72 -50.32
CA THR G 26 -56.00 -28.88 -48.90
C THR G 26 -57.38 -28.60 -48.22
N ILE G 27 -57.69 -29.43 -47.22
CA ILE G 27 -59.00 -29.57 -46.59
C ILE G 27 -58.86 -29.33 -45.08
N ASN G 28 -59.81 -28.63 -44.49
CA ASN G 28 -59.95 -28.48 -43.04
C ASN G 28 -60.52 -29.79 -42.45
N PRO G 29 -59.72 -30.53 -41.62
CA PRO G 29 -60.28 -31.81 -41.12
C PRO G 29 -61.36 -31.68 -40.04
N ALA G 30 -61.60 -30.48 -39.55
CA ALA G 30 -62.69 -30.24 -38.57
C ALA G 30 -64.10 -30.31 -39.17
N ASN G 31 -64.20 -29.95 -40.46
CA ASN G 31 -65.50 -29.76 -41.15
C ASN G 31 -65.58 -30.17 -42.65
N GLY G 32 -64.44 -30.54 -43.27
CA GLY G 32 -64.40 -30.83 -44.71
C GLY G 32 -64.38 -29.67 -45.69
N GLU G 33 -64.25 -28.43 -45.20
CA GLU G 33 -64.13 -27.25 -46.06
C GLU G 33 -62.83 -27.32 -46.92
N VAL G 34 -62.97 -27.08 -48.22
CA VAL G 34 -61.80 -26.90 -49.13
C VAL G 34 -61.16 -25.55 -48.78
N LEU G 35 -59.91 -25.60 -48.32
CA LEU G 35 -59.20 -24.38 -47.90
C LEU G 35 -58.54 -23.70 -49.10
N ALA G 36 -57.95 -24.50 -49.98
CA ALA G 36 -57.30 -23.96 -51.18
C ALA G 36 -56.95 -25.07 -52.13
N LYS G 37 -56.84 -24.70 -53.42
CA LYS G 37 -56.15 -25.49 -54.43
C LYS G 37 -54.69 -25.05 -54.43
N VAL G 38 -53.78 -26.02 -54.61
CA VAL G 38 -52.32 -25.83 -54.47
C VAL G 38 -51.64 -26.46 -55.71
N GLN G 39 -50.70 -25.74 -56.34
CA GLN G 39 -49.96 -26.25 -57.51
C GLN G 39 -48.91 -27.31 -57.19
N ARG G 40 -48.83 -28.31 -58.05
CA ARG G 40 -47.79 -29.31 -58.00
C ARG G 40 -46.61 -28.78 -58.82
N ALA G 41 -45.42 -28.86 -58.22
CA ALA G 41 -44.16 -28.54 -58.90
C ALA G 41 -43.79 -29.65 -59.90
N SER G 42 -43.38 -29.24 -61.10
CA SER G 42 -42.70 -30.08 -62.10
C SER G 42 -41.25 -30.43 -61.77
N ARG G 43 -40.73 -31.43 -62.49
CA ARG G 43 -39.28 -31.65 -62.61
C ARG G 43 -38.44 -30.38 -62.99
N GLU G 44 -38.93 -29.59 -63.95
CA GLU G 44 -38.27 -28.35 -64.40
C GLU G 44 -38.43 -27.22 -63.35
N ASP G 45 -39.49 -27.28 -62.53
CA ASP G 45 -39.67 -26.34 -61.41
C ASP G 45 -38.63 -26.60 -60.30
N VAL G 46 -38.33 -27.90 -60.09
CA VAL G 46 -37.28 -28.34 -59.18
C VAL G 46 -35.91 -27.81 -59.66
N GLU G 47 -35.63 -27.95 -60.96
CA GLU G 47 -34.41 -27.39 -61.59
C GLU G 47 -34.40 -25.85 -61.42
N ARG G 48 -35.53 -25.20 -61.67
CA ARG G 48 -35.62 -23.73 -61.48
C ARG G 48 -35.31 -23.30 -60.02
N ALA G 49 -35.81 -24.09 -59.06
CA ALA G 49 -35.62 -23.79 -57.63
C ALA G 49 -34.17 -23.93 -57.20
N VAL G 50 -33.49 -24.94 -57.73
CA VAL G 50 -32.05 -25.19 -57.48
C VAL G 50 -31.15 -24.08 -58.07
N GLN G 51 -31.39 -23.68 -59.31
CA GLN G 51 -30.63 -22.57 -59.93
C GLN G 51 -30.78 -21.25 -59.16
N SER G 52 -32.01 -20.95 -58.74
CA SER G 52 -32.34 -19.84 -57.85
C SER G 52 -31.63 -19.93 -56.47
N ALA G 53 -31.63 -21.10 -55.82
CA ALA G 53 -30.87 -21.30 -54.54
C ALA G 53 -29.33 -21.20 -54.69
N VAL G 54 -28.76 -21.77 -55.77
CA VAL G 54 -27.30 -21.61 -56.06
C VAL G 54 -26.83 -20.13 -56.09
N GLU G 55 -27.54 -19.32 -56.90
CA GLU G 55 -27.29 -17.87 -56.98
C GLU G 55 -27.55 -17.10 -55.68
N GLY G 56 -28.67 -17.39 -54.98
CA GLY G 56 -28.96 -16.71 -53.73
C GLY G 56 -28.04 -17.02 -52.53
N GLN G 57 -27.66 -18.27 -52.39
CA GLN G 57 -26.71 -18.70 -51.39
C GLN G 57 -25.42 -17.88 -51.50
N LYS G 58 -24.94 -17.58 -52.72
CA LYS G 58 -23.71 -16.79 -52.90
C LYS G 58 -23.82 -15.41 -52.26
N VAL G 59 -24.98 -14.79 -52.45
CA VAL G 59 -25.23 -13.45 -51.91
C VAL G 59 -25.30 -13.53 -50.35
N TRP G 60 -26.03 -14.52 -49.83
CA TRP G 60 -26.19 -14.73 -48.39
C TRP G 60 -24.81 -14.95 -47.73
N ALA G 61 -23.99 -15.81 -48.35
CA ALA G 61 -22.66 -16.16 -47.83
C ALA G 61 -21.66 -15.01 -47.83
N ALA G 62 -21.79 -14.06 -48.76
CA ALA G 62 -20.90 -12.92 -48.91
C ALA G 62 -21.12 -11.78 -47.90
N MET G 63 -22.25 -11.83 -47.17
CA MET G 63 -22.52 -10.95 -46.05
C MET G 63 -21.59 -11.31 -44.88
N THR G 64 -21.43 -10.39 -43.93
CA THR G 64 -20.80 -10.68 -42.65
C THR G 64 -21.70 -11.60 -41.80
N ALA G 65 -21.09 -12.32 -40.83
CA ALA G 65 -21.81 -13.01 -39.77
C ALA G 65 -22.92 -12.17 -39.05
N MET G 66 -22.56 -10.94 -38.66
CA MET G 66 -23.56 -10.11 -37.96
C MET G 66 -24.68 -9.62 -38.90
N GLN G 67 -24.39 -9.36 -40.19
CA GLN G 67 -25.46 -9.07 -41.17
C GLN G 67 -26.51 -10.19 -41.29
N ARG G 68 -26.06 -11.45 -41.36
CA ARG G 68 -26.97 -12.60 -41.36
C ARG G 68 -27.77 -12.70 -40.03
N SER G 69 -27.06 -12.65 -38.90
CA SER G 69 -27.69 -12.56 -37.57
C SER G 69 -28.89 -11.58 -37.49
N ARG G 70 -28.67 -10.33 -37.93
CA ARG G 70 -29.69 -9.23 -37.89
C ARG G 70 -30.91 -9.52 -38.71
N ILE G 71 -30.69 -10.08 -39.89
CA ILE G 71 -31.77 -10.47 -40.81
C ILE G 71 -32.65 -11.56 -40.20
N LEU G 72 -32.01 -12.61 -39.67
CA LEU G 72 -32.72 -13.68 -38.97
C LEU G 72 -33.46 -13.20 -37.68
N ARG G 73 -32.84 -12.31 -36.89
CA ARG G 73 -33.53 -11.69 -35.74
C ARG G 73 -34.75 -10.82 -36.20
N ARG G 74 -34.64 -10.10 -37.31
CA ARG G 74 -35.81 -9.38 -37.88
C ARG G 74 -36.98 -10.35 -38.23
N ALA G 75 -36.68 -11.54 -38.76
CA ALA G 75 -37.68 -12.58 -39.06
C ALA G 75 -38.34 -13.06 -37.75
N VAL G 76 -37.54 -13.33 -36.71
CA VAL G 76 -38.10 -13.62 -35.38
C VAL G 76 -39.14 -12.58 -34.97
N ASP G 77 -38.77 -11.29 -35.04
CA ASP G 77 -39.66 -10.18 -34.63
C ASP G 77 -41.04 -10.18 -35.37
N ILE G 78 -40.99 -10.43 -36.69
CA ILE G 78 -42.22 -10.51 -37.51
C ILE G 78 -43.05 -11.73 -37.08
N LEU G 79 -42.39 -12.86 -36.76
CA LEU G 79 -43.11 -14.04 -36.25
C LEU G 79 -43.84 -13.79 -34.94
N ARG G 80 -43.23 -13.08 -33.99
CA ARG G 80 -43.90 -12.79 -32.71
C ARG G 80 -45.17 -11.95 -32.93
N GLU G 81 -45.02 -10.94 -33.77
CA GLU G 81 -46.10 -10.03 -34.19
C GLU G 81 -47.21 -10.79 -34.89
N ARG G 82 -46.87 -11.78 -35.71
CA ARG G 82 -47.86 -12.50 -36.52
C ARG G 82 -48.31 -13.85 -35.90
N ASN G 83 -47.87 -14.08 -34.66
CA ASN G 83 -48.19 -15.28 -33.90
C ASN G 83 -49.64 -15.78 -33.99
N ASP G 84 -50.58 -14.94 -33.59
CA ASP G 84 -52.01 -15.29 -33.53
C ASP G 84 -52.66 -15.57 -34.91
N GLU G 85 -52.28 -14.77 -35.91
CA GLU G 85 -52.71 -14.98 -37.30
C GLU G 85 -52.20 -16.29 -37.89
N LEU G 86 -50.91 -16.55 -37.72
CA LEU G 86 -50.29 -17.79 -38.21
C LEU G 86 -50.81 -19.01 -37.45
N ALA G 87 -51.07 -18.85 -36.15
CA ALA G 87 -51.71 -19.91 -35.35
C ALA G 87 -53.12 -20.25 -35.87
N ALA G 88 -53.93 -19.21 -36.19
CA ALA G 88 -55.28 -19.41 -36.77
C ALA G 88 -55.22 -20.19 -38.09
N LEU G 89 -54.25 -19.87 -38.96
CA LEU G 89 -54.07 -20.61 -40.23
C LEU G 89 -53.59 -22.07 -40.02
N GLU G 90 -52.61 -22.25 -39.13
CA GLU G 90 -52.20 -23.59 -38.72
C GLU G 90 -53.39 -24.44 -38.19
N THR G 91 -54.18 -23.91 -37.26
CA THR G 91 -55.39 -24.61 -36.81
C THR G 91 -56.33 -25.04 -37.95
N LEU G 92 -56.55 -24.17 -38.93
CA LEU G 92 -57.38 -24.53 -40.13
C LEU G 92 -56.81 -25.72 -40.88
N ASP G 93 -55.51 -25.68 -41.10
CA ASP G 93 -54.83 -26.67 -41.95
C ASP G 93 -54.61 -28.03 -41.25
N THR G 94 -54.45 -28.05 -39.93
CA THR G 94 -54.13 -29.28 -39.16
C THR G 94 -55.25 -29.83 -38.30
N GLY G 95 -56.19 -28.98 -37.91
CA GLY G 95 -57.21 -29.34 -36.93
C GLY G 95 -56.76 -29.15 -35.47
N LYS G 96 -55.47 -28.87 -35.24
CA LYS G 96 -54.99 -28.63 -33.85
C LYS G 96 -55.68 -27.45 -33.17
N PRO G 97 -56.04 -27.58 -31.87
CA PRO G 97 -56.75 -26.49 -31.21
C PRO G 97 -55.92 -25.20 -31.20
N LEU G 98 -56.62 -24.07 -31.32
CA LEU G 98 -56.13 -22.72 -31.10
C LEU G 98 -55.31 -22.59 -29.83
N ALA G 99 -55.81 -23.18 -28.74
CA ALA G 99 -55.07 -23.23 -27.47
C ALA G 99 -53.66 -23.81 -27.61
N GLU G 100 -53.42 -24.73 -28.55
CA GLU G 100 -52.05 -25.25 -28.85
C GLU G 100 -51.30 -24.43 -29.87
N THR G 101 -51.91 -24.15 -31.02
CA THR G 101 -51.15 -23.37 -32.04
C THR G 101 -50.71 -21.94 -31.56
N ARG G 102 -51.51 -21.31 -30.70
CA ARG G 102 -51.20 -19.98 -30.17
C ARG G 102 -50.08 -19.95 -29.14
N SER G 103 -49.87 -21.08 -28.47
CA SER G 103 -48.88 -21.20 -27.39
C SER G 103 -47.62 -22.02 -27.74
N VAL G 104 -47.71 -22.87 -28.74
CA VAL G 104 -46.63 -23.86 -28.99
C VAL G 104 -45.98 -23.67 -30.39
N ASP G 105 -46.77 -23.82 -31.44
CA ASP G 105 -46.23 -23.99 -32.79
C ASP G 105 -45.32 -22.84 -33.25
N ILE G 106 -45.86 -21.62 -33.30
CA ILE G 106 -45.04 -20.45 -33.69
C ILE G 106 -44.06 -20.03 -32.56
N VAL G 107 -44.49 -20.10 -31.31
CA VAL G 107 -43.64 -19.74 -30.15
C VAL G 107 -42.31 -20.49 -30.20
N THR G 108 -42.40 -21.82 -30.27
CA THR G 108 -41.21 -22.70 -30.25
C THR G 108 -40.46 -22.83 -31.60
N GLY G 109 -41.18 -22.67 -32.71
CA GLY G 109 -40.51 -22.62 -33.98
C GLY G 109 -39.62 -21.38 -34.01
N ALA G 110 -40.18 -20.21 -33.69
CA ALA G 110 -39.44 -18.93 -33.58
C ALA G 110 -38.36 -18.90 -32.48
N ASP G 111 -38.57 -19.61 -31.35
CA ASP G 111 -37.55 -19.79 -30.30
C ASP G 111 -36.23 -20.34 -30.87
N VAL G 112 -36.33 -21.32 -31.76
CA VAL G 112 -35.15 -21.94 -32.39
C VAL G 112 -34.47 -21.00 -33.40
N LEU G 113 -35.25 -20.29 -34.23
CA LEU G 113 -34.66 -19.33 -35.18
C LEU G 113 -33.91 -18.28 -34.37
N GLU G 114 -34.48 -17.84 -33.24
CA GLU G 114 -33.90 -16.78 -32.40
C GLU G 114 -32.57 -17.22 -31.76
N TYR G 115 -32.57 -18.46 -31.27
CA TYR G 115 -31.39 -19.17 -30.79
C TYR G 115 -30.22 -19.16 -31.82
N TYR G 116 -30.45 -19.69 -33.02
CA TYR G 116 -29.42 -19.71 -34.10
C TYR G 116 -29.03 -18.34 -34.62
N ALA G 117 -29.98 -17.40 -34.65
CA ALA G 117 -29.65 -16.04 -35.08
C ALA G 117 -28.54 -15.47 -34.19
N GLY G 118 -28.66 -15.60 -32.86
CA GLY G 118 -27.54 -15.22 -31.94
C GLY G 118 -26.17 -15.87 -32.14
N LEU G 119 -26.20 -17.05 -32.76
CA LEU G 119 -25.04 -17.97 -32.84
C LEU G 119 -24.25 -17.85 -34.13
N VAL G 120 -24.80 -17.13 -35.13
CA VAL G 120 -24.07 -16.96 -36.39
C VAL G 120 -22.58 -16.58 -36.21
N PRO G 121 -22.27 -15.52 -35.41
CA PRO G 121 -20.85 -15.08 -35.19
C PRO G 121 -19.95 -16.08 -34.41
N ALA G 122 -20.53 -17.11 -33.83
CA ALA G 122 -19.78 -18.08 -33.03
C ALA G 122 -19.30 -19.32 -33.79
N ILE G 123 -19.63 -19.43 -35.07
CA ILE G 123 -19.16 -20.55 -35.93
C ILE G 123 -17.67 -20.36 -36.30
N GLU G 124 -16.86 -21.31 -35.89
CA GLU G 124 -15.42 -21.15 -35.94
C GLU G 124 -14.75 -22.45 -36.32
N GLY G 125 -13.60 -22.32 -36.99
CA GLY G 125 -12.74 -23.47 -37.23
C GLY G 125 -11.76 -23.71 -36.09
N GLU G 126 -10.78 -24.59 -36.36
CA GLU G 126 -9.71 -24.96 -35.42
C GLU G 126 -8.33 -24.55 -35.95
N GLN G 127 -7.35 -24.45 -35.09
CA GLN G 127 -5.99 -24.29 -35.58
C GLN G 127 -5.05 -25.16 -34.75
N ILE G 128 -4.20 -25.92 -35.44
CA ILE G 128 -3.41 -26.98 -34.85
C ILE G 128 -1.97 -26.80 -35.29
N PRO G 129 -1.06 -26.44 -34.36
CA PRO G 129 0.35 -26.33 -34.78
C PRO G 129 0.94 -27.74 -35.03
N LEU G 130 1.78 -27.88 -36.06
CA LEU G 130 2.52 -29.15 -36.25
C LEU G 130 4.00 -29.09 -35.84
N ARG G 131 4.65 -27.97 -36.14
CA ARG G 131 6.08 -27.77 -35.86
C ARG G 131 6.30 -26.33 -36.23
N GLU G 132 7.51 -25.83 -36.02
CA GLU G 132 7.82 -24.42 -36.19
C GLU G 132 7.52 -24.00 -37.63
N THR G 133 7.70 -24.95 -38.54
CA THR G 133 7.69 -24.68 -39.97
C THR G 133 6.36 -25.00 -40.63
N SER G 134 5.37 -25.42 -39.84
CA SER G 134 4.05 -25.78 -40.39
C SER G 134 2.87 -25.86 -39.37
N PHE G 135 1.69 -25.38 -39.78
CA PHE G 135 0.45 -25.51 -38.99
C PHE G 135 -0.74 -25.86 -39.87
N VAL G 136 -1.82 -26.35 -39.25
CA VAL G 136 -3.11 -26.43 -39.92
C VAL G 136 -4.18 -25.53 -39.32
N TYR G 137 -5.01 -24.99 -40.22
CA TYR G 137 -6.33 -24.47 -39.79
C TYR G 137 -7.49 -25.14 -40.54
N THR G 138 -8.67 -25.21 -39.91
CA THR G 138 -9.87 -25.70 -40.54
C THR G 138 -10.87 -24.56 -40.74
N ARG G 139 -11.66 -24.68 -41.81
CA ARG G 139 -12.79 -23.80 -42.08
C ARG G 139 -14.05 -24.61 -41.99
N ARG G 140 -15.09 -23.99 -41.45
CA ARG G 140 -16.43 -24.55 -41.45
C ARG G 140 -17.21 -23.83 -42.55
N GLU G 141 -17.29 -24.39 -43.75
CA GLU G 141 -17.84 -23.66 -44.88
C GLU G 141 -19.29 -24.08 -45.10
N PRO G 142 -20.14 -23.23 -45.74
CA PRO G 142 -21.49 -23.76 -46.04
C PRO G 142 -21.44 -25.03 -46.93
N LEU G 143 -22.43 -25.90 -46.79
CA LEU G 143 -22.67 -26.99 -47.72
C LEU G 143 -23.12 -26.51 -49.12
N GLY G 144 -23.81 -25.35 -49.18
CA GLY G 144 -24.35 -24.78 -50.40
C GLY G 144 -25.89 -24.81 -50.40
N VAL G 145 -26.48 -25.55 -51.33
CA VAL G 145 -27.93 -25.76 -51.41
C VAL G 145 -28.33 -27.03 -50.62
N VAL G 146 -29.28 -26.89 -49.71
CA VAL G 146 -29.85 -28.06 -49.02
C VAL G 146 -31.38 -28.13 -49.25
N ALA G 147 -31.96 -29.27 -48.92
CA ALA G 147 -33.43 -29.47 -48.99
C ALA G 147 -34.00 -30.04 -47.68
N GLY G 148 -35.15 -29.52 -47.30
CA GLY G 148 -35.94 -30.07 -46.24
C GLY G 148 -37.29 -30.58 -46.72
N ILE G 149 -37.73 -31.68 -46.11
CA ILE G 149 -39.00 -32.29 -46.42
C ILE G 149 -39.77 -32.34 -45.09
N GLY G 150 -40.94 -31.70 -45.04
CA GLY G 150 -41.66 -31.50 -43.77
C GLY G 150 -42.68 -32.56 -43.45
N ALA G 151 -43.11 -32.64 -42.21
CA ALA G 151 -44.26 -33.51 -41.90
C ALA G 151 -45.52 -32.67 -41.62
N TRP G 152 -46.65 -33.35 -41.47
CA TRP G 152 -47.92 -32.70 -41.25
C TRP G 152 -48.31 -32.52 -39.77
N ASN G 153 -47.60 -33.09 -38.79
CA ASN G 153 -48.08 -32.81 -37.42
C ASN G 153 -47.80 -31.40 -36.82
N TYR G 154 -46.62 -30.85 -37.14
CA TYR G 154 -46.19 -29.52 -36.69
C TYR G 154 -45.61 -28.77 -37.88
N PRO G 155 -46.51 -28.28 -38.79
CA PRO G 155 -46.03 -27.78 -40.11
C PRO G 155 -45.07 -26.58 -40.11
N VAL G 156 -45.48 -25.43 -39.56
CA VAL G 156 -44.59 -24.28 -39.50
C VAL G 156 -43.39 -24.48 -38.52
N GLN G 157 -43.64 -25.13 -37.38
CA GLN G 157 -42.53 -25.50 -36.43
C GLN G 157 -41.38 -26.33 -37.06
N ILE G 158 -41.72 -27.41 -37.78
CA ILE G 158 -40.73 -28.17 -38.61
C ILE G 158 -39.99 -27.33 -39.67
N ALA G 159 -40.72 -26.43 -40.35
CA ALA G 159 -40.15 -25.57 -41.34
C ALA G 159 -39.06 -24.69 -40.73
N LEU G 160 -39.36 -24.12 -39.53
CA LEU G 160 -38.43 -23.27 -38.76
C LEU G 160 -37.23 -24.05 -38.17
N TRP G 161 -37.49 -25.25 -37.64
CA TRP G 161 -36.48 -26.14 -37.01
C TRP G 161 -35.48 -26.66 -38.03
N LYS G 162 -35.93 -26.90 -39.27
CA LYS G 162 -34.99 -27.20 -40.34
C LYS G 162 -34.35 -25.97 -40.99
N SER G 163 -35.10 -24.91 -41.29
CA SER G 163 -34.45 -23.78 -42.03
C SER G 163 -33.53 -22.91 -41.16
N ALA G 164 -33.81 -22.81 -39.84
CA ALA G 164 -33.03 -21.91 -38.96
C ALA G 164 -31.53 -22.28 -38.93
N PRO G 165 -31.19 -23.55 -38.61
CA PRO G 165 -29.76 -23.83 -38.64
C PRO G 165 -29.21 -23.86 -40.07
N ALA G 166 -30.04 -24.24 -41.05
CA ALA G 166 -29.56 -24.23 -42.44
C ALA G 166 -29.14 -22.82 -42.87
N LEU G 167 -30.02 -21.82 -42.66
CA LEU G 167 -29.72 -20.41 -43.04
C LEU G 167 -28.66 -19.74 -42.10
N ALA G 168 -28.67 -20.04 -40.80
CA ALA G 168 -27.65 -19.47 -39.87
C ALA G 168 -26.26 -19.91 -40.27
N ALA G 169 -26.16 -21.14 -40.80
CA ALA G 169 -24.88 -21.67 -41.30
C ALA G 169 -24.47 -21.18 -42.68
N GLY G 170 -25.20 -20.23 -43.28
CA GLY G 170 -24.86 -19.68 -44.60
C GLY G 170 -25.28 -20.48 -45.84
N ASN G 171 -26.25 -21.40 -45.66
CA ASN G 171 -26.79 -22.17 -46.81
C ASN G 171 -28.12 -21.61 -47.32
N ALA G 172 -28.49 -22.05 -48.54
CA ALA G 172 -29.85 -21.89 -49.07
C ALA G 172 -30.65 -23.20 -48.85
N MET G 173 -31.94 -23.09 -48.53
CA MET G 173 -32.79 -24.26 -48.41
C MET G 173 -34.00 -24.25 -49.37
N ILE G 174 -34.22 -25.39 -50.05
CA ILE G 174 -35.51 -25.62 -50.74
C ILE G 174 -36.35 -26.52 -49.85
N PHE G 175 -37.53 -26.04 -49.41
CA PHE G 175 -38.42 -26.76 -48.45
C PHE G 175 -39.68 -27.29 -49.15
N LYS G 176 -39.96 -28.57 -48.91
CA LYS G 176 -41.21 -29.20 -49.41
C LYS G 176 -42.16 -29.55 -48.25
N PRO G 177 -43.22 -28.74 -48.04
CA PRO G 177 -44.20 -29.07 -46.95
C PRO G 177 -45.00 -30.32 -47.30
N SER G 178 -45.59 -30.98 -46.29
CA SER G 178 -46.51 -32.09 -46.56
C SER G 178 -47.66 -31.61 -47.45
N GLU G 179 -48.10 -32.46 -48.39
CA GLU G 179 -49.29 -32.20 -49.17
C GLU G 179 -50.52 -31.99 -48.30
N VAL G 180 -50.47 -32.52 -47.08
CA VAL G 180 -51.63 -32.52 -46.19
C VAL G 180 -51.75 -31.13 -45.59
N THR G 181 -50.58 -30.48 -45.40
CA THR G 181 -50.45 -29.20 -44.70
C THR G 181 -49.47 -28.23 -45.37
N PRO G 182 -49.83 -27.63 -46.53
CA PRO G 182 -48.87 -26.77 -47.27
C PRO G 182 -48.86 -25.26 -46.96
N LEU G 183 -49.82 -24.79 -46.18
CA LEU G 183 -50.15 -23.36 -46.13
C LEU G 183 -49.16 -22.49 -45.35
N THR G 184 -48.78 -22.89 -44.16
CA THR G 184 -47.94 -22.01 -43.33
C THR G 184 -46.47 -21.90 -43.81
N ALA G 185 -45.98 -22.92 -44.52
CA ALA G 185 -44.63 -22.90 -45.12
C ALA G 185 -44.47 -21.77 -46.12
N LEU G 186 -45.49 -21.54 -46.96
CA LEU G 186 -45.52 -20.42 -47.89
C LEU G 186 -45.52 -19.07 -47.16
N LYS G 187 -46.28 -18.95 -46.05
CA LYS G 187 -46.23 -17.75 -45.22
C LYS G 187 -44.82 -17.51 -44.58
N LEU G 188 -44.10 -18.57 -44.20
CA LEU G 188 -42.73 -18.41 -43.68
C LEU G 188 -41.76 -17.89 -44.76
N ALA G 189 -41.89 -18.41 -45.99
CA ALA G 189 -41.13 -17.89 -47.14
C ALA G 189 -41.38 -16.37 -47.32
N GLU G 190 -42.63 -15.93 -47.28
CA GLU G 190 -42.94 -14.46 -47.32
C GLU G 190 -42.18 -13.62 -46.26
N ILE G 191 -42.15 -14.11 -45.02
CA ILE G 191 -41.57 -13.42 -43.86
C ILE G 191 -40.04 -13.35 -43.96
N TYR G 192 -39.37 -14.45 -44.39
CA TYR G 192 -37.91 -14.42 -44.64
C TYR G 192 -37.61 -13.33 -45.66
N THR G 193 -38.30 -13.32 -46.80
CA THR G 193 -38.17 -12.22 -47.78
C THR G 193 -38.29 -10.77 -47.20
N GLU G 194 -39.38 -10.49 -46.48
CA GLU G 194 -39.61 -9.21 -45.84
C GLU G 194 -38.49 -8.85 -44.82
N ALA G 195 -37.97 -9.85 -44.11
CA ALA G 195 -36.89 -9.68 -43.11
C ALA G 195 -35.53 -9.25 -43.72
N GLY G 196 -35.33 -9.49 -45.02
CA GLY G 196 -34.05 -9.16 -45.68
C GLY G 196 -33.31 -10.39 -46.24
N VAL G 197 -33.86 -11.59 -46.07
CA VAL G 197 -33.24 -12.84 -46.60
C VAL G 197 -33.18 -12.77 -48.14
N PRO G 198 -31.98 -12.93 -48.76
CA PRO G 198 -31.89 -12.75 -50.24
C PRO G 198 -32.78 -13.68 -51.08
N ASP G 199 -33.22 -13.20 -52.25
CA ASP G 199 -34.07 -14.00 -53.16
C ASP G 199 -33.40 -15.37 -53.46
N GLY G 200 -34.16 -16.47 -53.36
CA GLY G 200 -33.58 -17.82 -53.59
C GLY G 200 -33.00 -18.57 -52.36
N VAL G 201 -32.86 -17.89 -51.22
CA VAL G 201 -32.27 -18.51 -50.01
C VAL G 201 -33.29 -19.43 -49.25
N PHE G 202 -34.56 -19.07 -49.25
CA PHE G 202 -35.61 -20.00 -48.81
C PHE G 202 -36.72 -20.06 -49.89
N ASN G 203 -36.70 -21.08 -50.71
CA ASN G 203 -37.73 -21.36 -51.72
C ASN G 203 -38.67 -22.48 -51.21
N VAL G 204 -39.96 -22.45 -51.61
CA VAL G 204 -40.95 -23.51 -51.25
C VAL G 204 -41.57 -24.20 -52.49
N LEU G 205 -41.50 -25.53 -52.54
CA LEU G 205 -42.11 -26.29 -53.66
C LEU G 205 -43.18 -27.19 -53.08
N THR G 206 -44.40 -27.06 -53.60
CA THR G 206 -45.52 -27.85 -53.13
C THR G 206 -45.69 -29.04 -54.06
N GLY G 207 -46.32 -30.10 -53.57
CA GLY G 207 -46.50 -31.31 -54.40
C GLY G 207 -46.31 -32.51 -53.51
N SER G 208 -46.26 -33.69 -54.12
CA SER G 208 -46.18 -34.99 -53.41
C SER G 208 -44.75 -35.46 -53.10
N GLY G 209 -44.66 -36.40 -52.13
CA GLY G 209 -43.38 -37.09 -51.79
C GLY G 209 -42.83 -37.97 -52.91
N ARG G 210 -43.64 -38.86 -53.48
CA ARG G 210 -43.16 -39.70 -54.61
C ARG G 210 -42.65 -38.91 -55.82
N GLU G 211 -43.11 -37.67 -55.96
CA GLU G 211 -42.69 -36.84 -57.11
C GLU G 211 -41.66 -35.77 -56.69
N VAL G 212 -42.12 -34.67 -56.12
CA VAL G 212 -41.18 -33.59 -55.76
C VAL G 212 -40.18 -33.92 -54.65
N GLY G 213 -40.61 -34.64 -53.60
CA GLY G 213 -39.66 -35.17 -52.60
C GLY G 213 -38.53 -35.99 -53.25
N GLN G 214 -38.90 -36.90 -54.16
CA GLN G 214 -37.96 -37.69 -54.95
C GLN G 214 -37.03 -36.88 -55.86
N TRP G 215 -37.56 -35.95 -56.65
CA TRP G 215 -36.72 -35.08 -57.49
C TRP G 215 -35.75 -34.20 -56.70
N LEU G 216 -36.16 -33.78 -55.50
CA LEU G 216 -35.22 -33.13 -54.55
C LEU G 216 -34.12 -34.11 -54.08
N THR G 217 -34.52 -35.31 -53.63
CA THR G 217 -33.51 -36.24 -53.05
C THR G 217 -32.52 -36.80 -54.07
N GLU G 218 -32.91 -36.78 -55.36
CA GLU G 218 -32.08 -37.17 -56.49
C GLU G 218 -31.13 -36.14 -57.07
N HIS G 219 -31.43 -34.84 -56.94
CA HIS G 219 -30.71 -33.76 -57.67
C HIS G 219 -29.21 -33.69 -57.33
N PRO G 220 -28.32 -33.66 -58.36
CA PRO G 220 -26.88 -33.69 -58.09
C PRO G 220 -26.27 -32.47 -57.40
N LEU G 221 -26.93 -31.31 -57.52
CA LEU G 221 -26.46 -30.04 -56.94
C LEU G 221 -26.92 -29.76 -55.49
N ILE G 222 -27.86 -30.54 -54.97
CA ILE G 222 -28.28 -30.49 -53.56
C ILE G 222 -27.34 -31.32 -52.67
N GLU G 223 -26.78 -30.70 -51.62
CA GLU G 223 -25.67 -31.26 -50.86
C GLU G 223 -26.10 -32.05 -49.61
N LYS G 224 -27.33 -31.78 -49.13
CA LYS G 224 -27.85 -32.39 -47.90
C LYS G 224 -29.37 -32.45 -47.92
N ILE G 225 -29.94 -33.51 -47.33
CA ILE G 225 -31.40 -33.69 -47.18
C ILE G 225 -31.75 -33.82 -45.70
N SER G 226 -32.73 -33.05 -45.26
CA SER G 226 -33.24 -33.18 -43.92
C SER G 226 -34.72 -33.48 -43.98
N PHE G 227 -35.09 -34.58 -43.34
CA PHE G 227 -36.41 -35.21 -43.55
C PHE G 227 -37.04 -35.60 -42.22
N THR G 228 -38.34 -35.31 -42.04
CA THR G 228 -39.12 -35.71 -40.88
C THR G 228 -40.36 -36.47 -41.41
N GLY G 229 -40.65 -37.63 -40.83
CA GLY G 229 -41.72 -38.47 -41.33
C GLY G 229 -41.60 -39.88 -40.74
N GLY G 230 -42.31 -40.83 -41.34
CA GLY G 230 -42.34 -42.21 -40.86
C GLY G 230 -41.05 -42.95 -41.19
N THR G 231 -40.78 -44.01 -40.42
CA THR G 231 -39.54 -44.80 -40.55
C THR G 231 -39.42 -45.52 -41.91
N SER G 232 -40.51 -46.09 -42.41
CA SER G 232 -40.49 -46.79 -43.67
C SER G 232 -40.12 -45.89 -44.87
N THR G 233 -40.70 -44.68 -44.86
CA THR G 233 -40.47 -43.67 -45.90
C THR G 233 -39.06 -43.09 -45.78
N GLY G 234 -38.63 -42.83 -44.53
CA GLY G 234 -37.27 -42.35 -44.21
C GLY G 234 -36.19 -43.28 -44.77
N LYS G 235 -36.41 -44.59 -44.62
CA LYS G 235 -35.55 -45.59 -45.30
C LYS G 235 -35.43 -45.39 -46.85
N LYS G 236 -36.55 -45.13 -47.51
CA LYS G 236 -36.55 -44.89 -48.96
C LYS G 236 -35.84 -43.57 -49.33
N VAL G 237 -36.17 -42.52 -48.59
CA VAL G 237 -35.54 -41.19 -48.74
C VAL G 237 -34.04 -41.29 -48.56
N MET G 238 -33.60 -41.90 -47.45
CA MET G 238 -32.16 -41.95 -47.22
C MET G 238 -31.41 -42.73 -48.30
N ALA G 239 -31.92 -43.90 -48.70
CA ALA G 239 -31.32 -44.70 -49.76
C ALA G 239 -31.25 -43.96 -51.10
N SER G 240 -32.25 -43.12 -51.42
CA SER G 240 -32.27 -42.30 -52.67
C SER G 240 -31.24 -41.14 -52.60
N ALA G 241 -31.21 -40.47 -51.45
CA ALA G 241 -30.24 -39.40 -51.15
C ALA G 241 -28.78 -39.93 -51.26
N SER G 242 -28.54 -41.12 -50.69
CA SER G 242 -27.28 -41.88 -50.81
C SER G 242 -26.94 -42.33 -52.22
N SER G 243 -27.80 -43.12 -52.86
CA SER G 243 -27.39 -43.74 -54.11
C SER G 243 -27.30 -42.76 -55.27
N SER G 244 -27.95 -41.60 -55.14
CA SER G 244 -27.93 -40.62 -56.24
C SER G 244 -26.61 -39.82 -56.33
N SER G 245 -26.16 -39.26 -55.19
CA SER G 245 -24.95 -38.41 -55.14
C SER G 245 -24.25 -38.37 -53.79
N LEU G 246 -24.47 -39.39 -52.95
CA LEU G 246 -23.91 -39.43 -51.58
C LEU G 246 -24.18 -38.16 -50.72
N LYS G 247 -25.43 -37.72 -50.65
CA LYS G 247 -25.75 -36.53 -49.96
C LYS G 247 -25.62 -36.78 -48.45
N GLU G 248 -25.27 -35.75 -47.68
CA GLU G 248 -25.41 -35.78 -46.23
C GLU G 248 -26.92 -35.82 -45.86
N VAL G 249 -27.28 -36.43 -44.73
CA VAL G 249 -28.70 -36.52 -44.32
C VAL G 249 -28.95 -36.38 -42.84
N THR G 250 -30.13 -35.91 -42.50
CA THR G 250 -30.64 -35.94 -41.14
C THR G 250 -32.04 -36.53 -41.31
N MET G 251 -32.40 -37.48 -40.45
CA MET G 251 -33.72 -38.12 -40.46
C MET G 251 -34.27 -38.01 -39.05
N GLU G 252 -35.45 -37.40 -38.91
N GLU G 252 -35.44 -37.40 -38.87
CA GLU G 252 -36.24 -37.42 -37.67
CA GLU G 252 -36.16 -37.52 -37.59
C GLU G 252 -37.45 -38.32 -37.91
C GLU G 252 -37.43 -38.30 -37.84
N LEU G 253 -37.44 -39.54 -37.37
CA LEU G 253 -38.49 -40.51 -37.68
C LEU G 253 -39.47 -40.78 -36.53
N GLY G 254 -40.23 -41.88 -36.62
CA GLY G 254 -41.25 -42.17 -35.59
C GLY G 254 -40.69 -43.02 -34.45
N GLY G 255 -41.60 -43.48 -33.60
CA GLY G 255 -41.24 -44.36 -32.49
C GLY G 255 -42.38 -45.01 -31.76
N LYS G 256 -42.03 -45.78 -30.74
CA LYS G 256 -43.01 -46.41 -29.88
C LYS G 256 -42.46 -46.21 -28.47
N SER G 257 -42.40 -44.96 -28.03
CA SER G 257 -41.52 -44.55 -26.91
C SER G 257 -42.11 -44.95 -25.57
N PRO G 258 -41.31 -45.60 -24.69
CA PRO G 258 -41.74 -46.10 -23.35
C PRO G 258 -41.77 -45.02 -22.24
N LEU G 259 -42.80 -45.04 -21.38
CA LEU G 259 -42.82 -44.26 -20.15
C LEU G 259 -42.87 -45.26 -18.98
N ILE G 260 -41.86 -45.26 -18.10
CA ILE G 260 -41.87 -46.16 -16.92
C ILE G 260 -42.21 -45.38 -15.65
N ILE G 261 -43.26 -45.83 -14.94
CA ILE G 261 -43.76 -45.23 -13.70
C ILE G 261 -43.33 -46.18 -12.57
N PHE G 262 -42.29 -45.83 -11.81
CA PHE G 262 -41.78 -46.70 -10.75
C PHE G 262 -42.67 -46.57 -9.53
N PRO G 263 -42.71 -47.63 -8.68
CA PRO G 263 -43.71 -47.66 -7.60
C PRO G 263 -43.49 -46.58 -6.53
N ASP G 264 -42.34 -45.88 -6.57
CA ASP G 264 -42.15 -44.72 -5.65
C ASP G 264 -42.46 -43.34 -6.30
N ALA G 265 -43.30 -43.34 -7.34
CA ALA G 265 -43.63 -42.13 -8.09
C ALA G 265 -44.85 -41.49 -7.47
N ASP G 266 -44.93 -40.16 -7.55
CA ASP G 266 -46.19 -39.45 -7.39
C ASP G 266 -47.16 -39.92 -8.51
N LEU G 267 -48.26 -40.59 -8.14
CA LEU G 267 -49.18 -41.18 -9.13
C LEU G 267 -50.01 -40.19 -9.91
N ASP G 268 -50.39 -39.08 -9.28
CA ASP G 268 -51.05 -37.96 -9.97
C ASP G 268 -50.09 -37.28 -10.93
N ARG G 269 -48.85 -36.96 -10.50
CA ARG G 269 -47.83 -36.55 -11.50
C ARG G 269 -47.74 -37.55 -12.66
N ALA G 270 -47.61 -38.85 -12.30
CA ALA G 270 -47.52 -39.95 -13.28
C ALA G 270 -48.69 -39.99 -14.29
N ALA G 271 -49.91 -39.81 -13.79
CA ALA G 271 -51.07 -39.81 -14.70
C ALA G 271 -51.14 -38.51 -15.53
N ASP G 272 -50.75 -37.36 -14.95
CA ASP G 272 -50.62 -36.10 -15.69
C ASP G 272 -49.66 -36.23 -16.88
N ILE G 273 -48.46 -36.77 -16.63
CA ILE G 273 -47.47 -37.09 -17.66
C ILE G 273 -47.99 -38.05 -18.73
N ALA G 274 -48.58 -39.18 -18.31
CA ALA G 274 -49.09 -40.19 -19.27
C ALA G 274 -50.19 -39.62 -20.17
N VAL G 275 -51.10 -38.81 -19.62
CA VAL G 275 -52.13 -38.23 -20.52
C VAL G 275 -51.54 -37.11 -21.41
N MET G 276 -50.65 -36.28 -20.90
CA MET G 276 -49.96 -35.33 -21.77
C MET G 276 -49.12 -35.98 -22.86
N ALA G 277 -48.56 -37.17 -22.55
CA ALA G 277 -47.65 -37.93 -23.49
C ALA G 277 -48.40 -38.76 -24.50
N ASN G 278 -49.72 -38.81 -24.38
CA ASN G 278 -50.53 -39.56 -25.30
C ASN G 278 -51.58 -38.76 -26.10
N PHE G 279 -52.04 -37.62 -25.56
CA PHE G 279 -53.25 -36.93 -26.03
C PHE G 279 -53.06 -35.46 -26.46
N PHE G 280 -51.87 -34.91 -26.29
CA PHE G 280 -51.56 -33.57 -26.84
C PHE G 280 -51.55 -33.72 -28.37
N SER G 281 -51.98 -32.64 -29.06
CA SER G 281 -52.20 -32.65 -30.51
C SER G 281 -52.99 -33.88 -30.95
N SER G 282 -54.01 -34.28 -30.17
CA SER G 282 -54.81 -35.49 -30.47
C SER G 282 -54.02 -36.77 -30.71
N GLY G 283 -52.92 -36.96 -29.95
CA GLY G 283 -52.04 -38.16 -30.15
C GLY G 283 -51.13 -38.20 -31.35
N GLN G 284 -50.91 -37.04 -31.99
CA GLN G 284 -50.08 -36.96 -33.19
C GLN G 284 -48.77 -36.17 -32.96
N VAL G 285 -47.98 -36.57 -31.94
CA VAL G 285 -46.62 -36.07 -31.69
C VAL G 285 -45.69 -37.30 -31.80
N CYS G 286 -44.54 -37.19 -32.50
CA CYS G 286 -43.68 -38.41 -32.76
C CYS G 286 -43.06 -39.03 -31.50
N THR G 287 -42.79 -38.18 -30.50
CA THR G 287 -42.15 -38.54 -29.22
C THR G 287 -43.17 -39.03 -28.15
N ASN G 288 -44.44 -39.20 -28.53
CA ASN G 288 -45.46 -39.66 -27.59
C ASN G 288 -45.03 -40.94 -26.89
N GLY G 289 -45.41 -41.07 -25.61
CA GLY G 289 -45.06 -42.24 -24.75
C GLY G 289 -46.22 -43.23 -24.74
N THR G 290 -46.30 -44.00 -25.82
CA THR G 290 -47.50 -44.76 -26.18
C THR G 290 -47.48 -46.15 -25.55
N ARG G 291 -46.34 -46.51 -24.93
CA ARG G 291 -46.19 -47.68 -24.02
C ARG G 291 -45.91 -47.20 -22.60
N VAL G 292 -46.91 -47.41 -21.74
CA VAL G 292 -46.89 -46.95 -20.37
C VAL G 292 -46.76 -48.17 -19.41
N PHE G 293 -45.57 -48.35 -18.84
CA PHE G 293 -45.29 -49.45 -17.93
C PHE G 293 -45.68 -49.01 -16.51
N ILE G 294 -46.57 -49.77 -15.87
CA ILE G 294 -47.04 -49.52 -14.49
C ILE G 294 -46.79 -50.82 -13.66
N HIS G 295 -46.35 -50.65 -12.41
CA HIS G 295 -46.10 -51.79 -11.55
C HIS G 295 -47.42 -52.48 -11.20
N ARG G 296 -47.35 -53.81 -11.08
CA ARG G 296 -48.52 -54.62 -10.73
C ARG G 296 -49.35 -54.09 -9.55
N SER G 297 -48.69 -53.53 -8.53
CA SER G 297 -49.36 -53.05 -7.30
C SER G 297 -50.09 -51.70 -7.41
N GLN G 298 -49.93 -51.01 -8.54
CA GLN G 298 -50.49 -49.68 -8.74
C GLN G 298 -51.38 -49.63 -9.98
N GLN G 299 -51.52 -50.76 -10.68
CA GLN G 299 -52.30 -50.81 -11.95
C GLN G 299 -53.71 -50.29 -11.79
N ALA G 300 -54.40 -50.71 -10.74
CA ALA G 300 -55.80 -50.30 -10.54
C ALA G 300 -55.93 -48.83 -10.16
N ARG G 301 -55.02 -48.36 -9.30
CA ARG G 301 -55.02 -46.96 -8.88
C ARG G 301 -54.62 -46.06 -10.07
N PHE G 302 -53.60 -46.47 -10.79
CA PHE G 302 -53.15 -45.72 -11.99
C PHE G 302 -54.31 -45.61 -13.01
N GLU G 303 -54.94 -46.73 -13.35
CA GLU G 303 -56.11 -46.74 -14.23
C GLU G 303 -57.22 -45.76 -13.82
N ALA G 304 -57.56 -45.71 -12.52
CA ALA G 304 -58.62 -44.79 -12.04
C ALA G 304 -58.17 -43.34 -12.26
N LYS G 305 -56.90 -43.05 -12.02
CA LYS G 305 -56.35 -41.73 -12.27
C LYS G 305 -56.33 -41.32 -13.78
N VAL G 306 -55.98 -42.25 -14.66
CA VAL G 306 -56.04 -42.04 -16.09
C VAL G 306 -57.46 -41.85 -16.56
N LEU G 307 -58.38 -42.69 -16.08
CA LEU G 307 -59.79 -42.56 -16.45
C LEU G 307 -60.38 -41.20 -16.06
N GLU G 308 -60.21 -40.79 -14.81
CA GLU G 308 -60.62 -39.47 -14.36
C GLU G 308 -60.15 -38.31 -15.27
N ARG G 309 -58.86 -38.29 -15.63
CA ARG G 309 -58.31 -37.21 -16.52
C ARG G 309 -58.87 -37.27 -17.95
N VAL G 310 -58.99 -38.47 -18.50
CA VAL G 310 -59.55 -38.64 -19.86
C VAL G 310 -61.03 -38.22 -19.94
N GLN G 311 -61.79 -38.43 -18.87
CA GLN G 311 -63.21 -38.07 -18.92
C GLN G 311 -63.41 -36.54 -18.97
N ARG G 312 -62.48 -35.75 -18.42
CA ARG G 312 -62.61 -34.28 -18.48
C ARG G 312 -61.91 -33.59 -19.72
N ILE G 313 -61.40 -34.38 -20.63
CA ILE G 313 -60.85 -33.83 -21.90
C ILE G 313 -61.96 -33.15 -22.70
N ARG G 314 -61.67 -31.94 -23.18
CA ARG G 314 -62.64 -31.13 -23.90
C ARG G 314 -62.40 -31.26 -25.42
N LEU G 315 -62.89 -32.36 -25.97
CA LEU G 315 -62.94 -32.58 -27.41
C LEU G 315 -63.98 -31.61 -28.04
N GLY G 316 -63.57 -30.86 -29.07
CA GLY G 316 -64.48 -29.95 -29.74
C GLY G 316 -63.88 -29.27 -30.97
N ASP G 317 -64.55 -28.20 -31.37
CA ASP G 317 -64.21 -27.31 -32.46
C ASP G 317 -62.88 -26.61 -32.14
N PRO G 318 -61.84 -26.85 -32.96
CA PRO G 318 -60.51 -26.25 -32.64
C PRO G 318 -60.44 -24.71 -32.70
N GLN G 319 -61.47 -24.09 -33.29
CA GLN G 319 -61.61 -22.62 -33.25
C GLN G 319 -62.14 -22.07 -31.90
N ASP G 320 -62.70 -22.95 -31.09
CA ASP G 320 -63.07 -22.60 -29.72
C ASP G 320 -61.82 -22.64 -28.79
N GLU G 321 -61.50 -21.48 -28.23
CA GLU G 321 -60.44 -21.29 -27.23
C GLU G 321 -60.50 -22.33 -26.11
N ASN G 322 -61.71 -22.80 -25.84
CA ASN G 322 -61.97 -23.80 -24.83
C ASN G 322 -61.60 -25.25 -25.14
N THR G 323 -61.47 -25.58 -26.41
CA THR G 323 -61.10 -26.91 -26.82
C THR G 323 -59.64 -27.21 -26.51
N ASN G 324 -59.37 -28.39 -25.94
CA ASN G 324 -58.00 -28.88 -25.78
C ASN G 324 -57.72 -30.22 -26.49
N PHE G 325 -58.64 -30.66 -27.35
CA PHE G 325 -58.45 -31.93 -28.09
C PHE G 325 -59.28 -31.82 -29.40
N GLY G 326 -58.61 -31.92 -30.55
CA GLY G 326 -59.28 -31.67 -31.83
C GLY G 326 -59.47 -32.92 -32.70
N PRO G 327 -59.87 -32.73 -33.98
CA PRO G 327 -59.93 -33.90 -34.88
C PRO G 327 -58.50 -34.38 -35.21
N LEU G 328 -58.40 -35.48 -35.96
CA LEU G 328 -57.15 -35.92 -36.54
C LEU G 328 -56.89 -35.09 -37.80
N VAL G 329 -55.66 -35.16 -38.31
CA VAL G 329 -55.24 -34.28 -39.40
C VAL G 329 -56.03 -34.55 -40.74
N SER G 330 -56.53 -35.76 -40.93
CA SER G 330 -57.20 -36.14 -42.21
C SER G 330 -58.11 -37.33 -42.03
N PHE G 331 -58.98 -37.55 -43.02
CA PHE G 331 -59.87 -38.72 -43.00
C PHE G 331 -59.12 -40.06 -43.24
N PRO G 332 -58.22 -40.12 -44.25
CA PRO G 332 -57.38 -41.33 -44.32
C PRO G 332 -56.69 -41.73 -43.00
N HIS G 333 -56.11 -40.75 -42.32
CA HIS G 333 -55.43 -41.03 -41.06
C HIS G 333 -56.42 -41.47 -39.96
N MET G 334 -57.63 -40.88 -39.88
CA MET G 334 -58.67 -41.42 -39.00
C MET G 334 -58.94 -42.93 -39.25
N GLU G 335 -59.17 -43.31 -40.50
CA GLU G 335 -59.34 -44.71 -40.89
C GLU G 335 -58.26 -45.68 -40.40
N SER G 336 -57.00 -45.26 -40.46
CA SER G 336 -55.89 -46.10 -40.06
C SER G 336 -55.91 -46.29 -38.53
N VAL G 337 -56.14 -45.21 -37.81
CA VAL G 337 -56.23 -45.25 -36.34
C VAL G 337 -57.39 -46.15 -35.87
N LEU G 338 -58.58 -45.97 -36.44
CA LEU G 338 -59.75 -46.81 -36.16
C LEU G 338 -59.49 -48.31 -36.43
N GLY G 339 -58.71 -48.61 -37.47
CA GLY G 339 -58.19 -49.95 -37.73
C GLY G 339 -57.25 -50.48 -36.64
N TYR G 340 -56.38 -49.63 -36.08
CA TYR G 340 -55.57 -50.05 -34.94
C TYR G 340 -56.39 -50.33 -33.71
N ILE G 341 -57.42 -49.52 -33.48
CA ILE G 341 -58.38 -49.73 -32.39
C ILE G 341 -59.15 -51.06 -32.52
N GLU G 342 -59.50 -51.43 -33.74
CA GLU G 342 -60.23 -52.70 -33.95
C GLU G 342 -59.30 -53.89 -33.68
N SER G 343 -58.07 -53.79 -34.18
CA SER G 343 -56.98 -54.74 -33.87
C SER G 343 -56.81 -54.94 -32.35
N GLY G 344 -56.74 -53.85 -31.60
CA GLY G 344 -56.61 -53.94 -30.14
C GLY G 344 -57.70 -54.83 -29.55
N LYS G 345 -58.94 -54.57 -29.98
CA LYS G 345 -60.15 -55.29 -29.52
C LYS G 345 -60.11 -56.77 -29.89
N ALA G 346 -59.86 -57.03 -31.18
CA ALA G 346 -59.76 -58.40 -31.70
C ALA G 346 -58.71 -59.22 -30.91
N GLN G 347 -57.56 -58.61 -30.55
CA GLN G 347 -56.48 -59.30 -29.78
C GLN G 347 -56.72 -59.28 -28.25
N LYS G 348 -57.91 -58.85 -27.85
CA LYS G 348 -58.39 -58.92 -26.47
C LYS G 348 -57.64 -58.06 -25.42
N ALA G 349 -57.13 -56.88 -25.80
CA ALA G 349 -56.68 -55.87 -24.82
C ALA G 349 -57.97 -55.33 -24.20
N ARG G 350 -57.91 -54.84 -22.94
CA ARG G 350 -59.11 -54.33 -22.25
C ARG G 350 -59.32 -52.84 -22.50
N LEU G 351 -60.52 -52.47 -22.97
CA LEU G 351 -60.81 -51.07 -23.32
C LEU G 351 -61.21 -50.34 -22.05
N LEU G 352 -60.38 -49.38 -21.64
CA LEU G 352 -60.63 -48.62 -20.44
C LEU G 352 -61.58 -47.46 -20.80
N CYS G 353 -61.27 -46.77 -21.89
CA CYS G 353 -62.10 -45.67 -22.38
C CYS G 353 -61.90 -45.38 -23.88
N GLY G 354 -62.85 -44.65 -24.49
CA GLY G 354 -62.78 -44.24 -25.91
C GLY G 354 -63.02 -45.42 -26.84
N GLY G 355 -62.30 -45.48 -27.95
CA GLY G 355 -62.39 -46.66 -28.80
C GLY G 355 -63.29 -46.49 -30.01
N GLU G 356 -63.79 -45.27 -30.23
CA GLU G 356 -64.46 -44.96 -31.51
C GLU G 356 -64.45 -43.53 -32.01
N ARG G 357 -64.91 -43.42 -33.26
CA ARG G 357 -65.25 -42.15 -33.92
C ARG G 357 -66.35 -41.37 -33.19
N VAL G 358 -66.13 -40.07 -33.05
CA VAL G 358 -67.15 -39.21 -32.42
C VAL G 358 -67.90 -38.54 -33.54
N THR G 359 -69.22 -38.78 -33.60
CA THR G 359 -70.02 -38.35 -34.73
C THR G 359 -71.23 -37.46 -34.40
N ASP G 360 -71.51 -37.23 -33.12
CA ASP G 360 -72.68 -36.43 -32.69
C ASP G 360 -72.65 -35.04 -33.30
N GLY G 361 -73.84 -34.55 -33.66
CA GLY G 361 -73.98 -33.23 -34.28
C GLY G 361 -73.00 -32.91 -35.41
N ALA G 362 -72.37 -31.75 -35.33
CA ALA G 362 -71.34 -31.34 -36.34
C ALA G 362 -70.05 -32.20 -36.37
N PHE G 363 -69.71 -32.85 -35.26
CA PHE G 363 -68.48 -33.69 -35.23
C PHE G 363 -68.41 -34.73 -36.36
N GLY G 364 -69.58 -35.11 -36.91
CA GLY G 364 -69.69 -36.08 -38.02
C GLY G 364 -69.16 -35.56 -39.35
N LYS G 365 -68.99 -34.23 -39.46
CA LYS G 365 -68.32 -33.58 -40.59
C LYS G 365 -66.78 -33.65 -40.51
N GLY G 366 -66.25 -33.79 -39.29
CA GLY G 366 -64.81 -33.84 -39.03
C GLY G 366 -64.29 -35.24 -38.77
N ALA G 367 -62.97 -35.36 -38.66
CA ALA G 367 -62.30 -36.64 -38.47
C ALA G 367 -61.91 -36.85 -37.00
N TYR G 368 -62.91 -37.02 -36.13
CA TYR G 368 -62.73 -37.03 -34.65
C TYR G 368 -62.67 -38.47 -34.09
N VAL G 369 -61.52 -38.84 -33.50
CA VAL G 369 -61.35 -40.10 -32.79
C VAL G 369 -61.26 -39.83 -31.24
N ALA G 370 -62.04 -40.58 -30.45
CA ALA G 370 -62.10 -40.33 -28.98
C ALA G 370 -60.72 -40.68 -28.34
N PRO G 371 -60.30 -39.97 -27.25
CA PRO G 371 -59.13 -40.39 -26.50
C PRO G 371 -59.28 -41.84 -25.96
N THR G 372 -58.33 -42.71 -26.33
CA THR G 372 -58.52 -44.14 -26.18
C THR G 372 -57.42 -44.71 -25.36
N VAL G 373 -57.79 -45.51 -24.36
CA VAL G 373 -56.79 -46.20 -23.50
C VAL G 373 -57.08 -47.70 -23.50
N PHE G 374 -56.12 -48.52 -23.93
CA PHE G 374 -56.14 -49.96 -23.62
C PHE G 374 -55.27 -50.32 -22.42
N THR G 375 -55.69 -51.36 -21.70
CA THR G 375 -54.94 -51.92 -20.56
C THR G 375 -54.94 -53.46 -20.64
N ASP G 376 -54.19 -54.13 -19.73
CA ASP G 376 -53.92 -55.57 -19.79
C ASP G 376 -53.21 -55.93 -21.10
N CYS G 377 -52.38 -55.03 -21.59
CA CYS G 377 -51.67 -55.26 -22.85
C CYS G 377 -50.49 -56.26 -22.69
N ARG G 378 -50.05 -56.82 -23.82
CA ARG G 378 -48.89 -57.74 -23.87
C ARG G 378 -47.99 -57.31 -25.02
N ASP G 379 -46.69 -57.63 -24.92
CA ASP G 379 -45.67 -57.12 -25.83
C ASP G 379 -45.80 -57.57 -27.28
N ASP G 380 -46.47 -58.69 -27.51
CA ASP G 380 -46.62 -59.17 -28.88
C ASP G 380 -47.85 -58.59 -29.60
N MET G 381 -48.70 -57.83 -28.89
CA MET G 381 -49.86 -57.18 -29.53
C MET G 381 -49.48 -56.12 -30.57
N THR G 382 -50.25 -56.05 -31.67
CA THR G 382 -50.05 -55.06 -32.75
C THR G 382 -50.13 -53.59 -32.22
N ILE G 383 -51.11 -53.27 -31.38
CA ILE G 383 -51.23 -51.93 -30.81
C ILE G 383 -50.00 -51.52 -29.96
N VAL G 384 -49.22 -52.51 -29.53
CA VAL G 384 -48.07 -52.31 -28.65
C VAL G 384 -46.78 -52.25 -29.47
N ARG G 385 -46.67 -53.09 -30.49
CA ARG G 385 -45.49 -53.18 -31.37
C ARG G 385 -45.39 -52.01 -32.36
N GLU G 386 -46.53 -51.46 -32.75
CA GLU G 386 -46.61 -50.63 -33.96
C GLU G 386 -47.02 -49.20 -33.65
N GLU G 387 -46.34 -48.24 -34.27
CA GLU G 387 -46.69 -46.81 -34.14
C GLU G 387 -48.08 -46.50 -34.73
N ILE G 388 -48.97 -45.86 -33.95
CA ILE G 388 -50.33 -45.56 -34.39
C ILE G 388 -50.55 -44.08 -34.78
N PHE G 389 -49.84 -43.16 -34.12
CA PHE G 389 -49.94 -41.75 -34.49
C PHE G 389 -51.39 -41.28 -34.51
N GLY G 390 -52.12 -41.68 -33.46
CA GLY G 390 -53.39 -41.10 -33.08
C GLY G 390 -53.48 -41.34 -31.59
N PRO G 391 -54.62 -40.97 -31.00
CA PRO G 391 -54.81 -40.97 -29.56
C PRO G 391 -55.13 -42.37 -28.97
N VAL G 392 -54.13 -43.24 -28.87
CA VAL G 392 -54.28 -44.59 -28.32
C VAL G 392 -53.13 -44.94 -27.35
N MET G 393 -53.41 -44.92 -26.04
CA MET G 393 -52.43 -45.29 -24.99
C MET G 393 -52.48 -46.81 -24.72
N SER G 394 -51.33 -47.47 -24.67
CA SER G 394 -51.25 -48.87 -24.19
C SER G 394 -50.58 -49.02 -22.80
N ILE G 395 -51.37 -49.45 -21.80
CA ILE G 395 -50.87 -49.61 -20.43
C ILE G 395 -50.42 -51.09 -20.23
N LEU G 396 -49.14 -51.27 -19.88
CA LEU G 396 -48.51 -52.61 -19.68
C LEU G 396 -48.07 -52.83 -18.22
N VAL G 397 -48.50 -53.94 -17.61
CA VAL G 397 -48.07 -54.34 -16.24
C VAL G 397 -46.66 -54.96 -16.21
N TYR G 398 -45.86 -54.61 -15.21
CA TYR G 398 -44.55 -55.22 -14.93
C TYR G 398 -44.40 -55.45 -13.39
N ASP G 399 -43.38 -56.25 -13.01
CA ASP G 399 -43.09 -56.67 -11.62
C ASP G 399 -41.74 -56.17 -11.03
N ASP G 400 -40.71 -56.05 -11.87
CA ASP G 400 -39.41 -55.53 -11.42
C ASP G 400 -38.73 -54.49 -12.34
N GLU G 401 -37.80 -53.71 -11.78
CA GLU G 401 -37.16 -52.60 -12.50
C GLU G 401 -36.42 -53.09 -13.75
N ASP G 402 -35.65 -54.17 -13.63
CA ASP G 402 -34.78 -54.66 -14.72
C ASP G 402 -35.61 -55.13 -15.92
N GLU G 403 -36.78 -55.71 -15.63
CA GLU G 403 -37.76 -56.22 -16.61
C GLU G 403 -38.39 -55.06 -17.40
N ALA G 404 -38.83 -54.00 -16.70
CA ALA G 404 -39.38 -52.81 -17.36
C ALA G 404 -38.38 -52.18 -18.34
N ILE G 405 -37.13 -52.08 -17.96
CA ILE G 405 -36.12 -51.44 -18.79
C ILE G 405 -35.83 -52.29 -20.04
N ARG G 406 -35.73 -53.61 -19.85
CA ARG G 406 -35.50 -54.58 -20.92
C ARG G 406 -36.67 -54.62 -21.91
N ARG G 407 -37.90 -54.66 -21.38
CA ARG G 407 -39.10 -54.48 -22.25
C ARG G 407 -39.24 -53.08 -22.89
N ALA G 408 -38.90 -52.03 -22.14
CA ALA G 408 -38.84 -50.69 -22.74
C ALA G 408 -37.94 -50.66 -23.99
N ASN G 409 -36.77 -51.29 -23.90
CA ASN G 409 -35.71 -51.27 -24.93
C ASN G 409 -35.94 -52.29 -26.05
N ASP G 410 -36.96 -53.15 -25.88
CA ASP G 410 -37.14 -54.26 -26.83
C ASP G 410 -38.09 -53.83 -27.99
N THR G 411 -37.52 -53.03 -28.88
CA THR G 411 -38.20 -52.40 -30.00
C THR G 411 -37.09 -52.02 -31.00
N GLU G 412 -37.45 -51.90 -32.26
CA GLU G 412 -36.59 -51.39 -33.31
C GLU G 412 -36.49 -49.85 -33.26
N TYR G 413 -37.40 -49.25 -32.52
CA TYR G 413 -37.48 -47.79 -32.39
C TYR G 413 -36.58 -47.31 -31.27
N GLY G 414 -36.43 -45.99 -31.10
CA GLY G 414 -35.48 -45.39 -30.12
C GLY G 414 -35.49 -43.85 -30.04
N LEU G 415 -36.69 -43.27 -30.12
CA LEU G 415 -36.84 -41.81 -30.30
C LEU G 415 -36.73 -41.14 -28.92
N ALA G 416 -37.65 -41.49 -28.03
CA ALA G 416 -37.76 -40.94 -26.68
C ALA G 416 -37.99 -42.00 -25.62
N ALA G 417 -37.90 -41.59 -24.36
CA ALA G 417 -38.17 -42.46 -23.21
C ALA G 417 -38.32 -41.57 -21.97
N GLY G 418 -39.08 -42.01 -20.97
CA GLY G 418 -39.15 -41.25 -19.73
C GLY G 418 -39.35 -42.12 -18.49
N VAL G 419 -38.97 -41.58 -17.32
CA VAL G 419 -39.17 -42.25 -16.06
C VAL G 419 -39.83 -41.30 -15.03
N VAL G 420 -40.63 -41.88 -14.12
CA VAL G 420 -41.30 -41.17 -13.02
C VAL G 420 -40.94 -41.91 -11.70
N THR G 421 -40.24 -41.18 -10.83
CA THR G 421 -39.68 -41.69 -9.59
C THR G 421 -39.16 -40.50 -8.79
N GLN G 422 -39.29 -40.56 -7.46
CA GLN G 422 -38.73 -39.53 -6.63
C GLN G 422 -37.31 -39.90 -6.13
N ASP G 423 -36.83 -41.08 -6.48
CA ASP G 423 -35.52 -41.53 -5.99
C ASP G 423 -34.38 -40.98 -6.87
N LEU G 424 -33.40 -40.30 -6.26
CA LEU G 424 -32.22 -39.81 -7.04
C LEU G 424 -31.48 -40.91 -7.83
N ALA G 425 -30.93 -41.90 -7.13
CA ALA G 425 -30.24 -43.05 -7.76
C ALA G 425 -31.04 -43.75 -8.90
N ARG G 426 -32.24 -44.24 -8.60
CA ARG G 426 -33.14 -44.84 -9.62
C ARG G 426 -33.35 -43.99 -10.87
N ALA G 427 -33.63 -42.70 -10.70
CA ALA G 427 -33.87 -41.79 -11.87
C ALA G 427 -32.76 -41.79 -12.92
N HIS G 428 -31.53 -41.53 -12.47
CA HIS G 428 -30.38 -41.46 -13.35
C HIS G 428 -29.93 -42.87 -13.83
N ARG G 429 -29.79 -43.84 -12.92
CA ARG G 429 -29.53 -45.24 -13.28
C ARG G 429 -30.44 -45.80 -14.39
N ALA G 430 -31.76 -45.67 -14.22
CA ALA G 430 -32.73 -46.10 -15.24
C ALA G 430 -32.58 -45.35 -16.55
N ILE G 431 -32.54 -44.01 -16.48
CA ILE G 431 -32.42 -43.22 -17.72
C ILE G 431 -31.12 -43.50 -18.52
N HIS G 432 -30.04 -43.82 -17.82
CA HIS G 432 -28.77 -44.14 -18.49
C HIS G 432 -28.83 -45.45 -19.30
N ARG G 433 -29.73 -46.34 -18.89
CA ARG G 433 -29.89 -47.66 -19.56
C ARG G 433 -30.93 -47.71 -20.70
N LEU G 434 -31.77 -46.69 -20.82
CA LEU G 434 -32.83 -46.62 -21.84
C LEU G 434 -32.24 -46.14 -23.16
N GLU G 435 -32.45 -46.91 -24.22
CA GLU G 435 -31.83 -46.66 -25.53
C GLU G 435 -32.64 -45.70 -26.45
N ALA G 436 -32.69 -44.41 -26.06
CA ALA G 436 -33.42 -43.37 -26.81
C ALA G 436 -32.63 -42.03 -26.72
N GLY G 437 -32.74 -41.20 -27.76
CA GLY G 437 -32.01 -39.95 -27.89
C GLY G 437 -32.62 -38.79 -27.10
N ILE G 438 -33.90 -38.92 -26.75
CA ILE G 438 -34.66 -37.87 -26.06
C ILE G 438 -35.27 -38.46 -24.76
N CYS G 439 -34.73 -38.09 -23.61
CA CYS G 439 -35.05 -38.71 -22.31
C CYS G 439 -35.53 -37.68 -21.24
N TRP G 440 -36.69 -37.95 -20.65
CA TRP G 440 -37.27 -37.04 -19.68
C TRP G 440 -37.38 -37.66 -18.26
N ILE G 441 -37.04 -36.91 -17.21
CA ILE G 441 -37.26 -37.36 -15.80
C ILE G 441 -38.36 -36.52 -15.15
N ASN G 442 -39.44 -37.16 -14.73
CA ASN G 442 -40.50 -36.45 -13.99
C ASN G 442 -41.22 -35.34 -14.83
N THR G 443 -41.22 -35.53 -16.14
CA THR G 443 -41.80 -34.58 -17.10
C THR G 443 -41.95 -35.32 -18.45
N TRP G 444 -42.61 -34.67 -19.41
CA TRP G 444 -42.65 -35.17 -20.80
C TRP G 444 -42.91 -34.01 -21.78
N GLY G 445 -42.33 -34.12 -22.99
CA GLY G 445 -42.70 -33.27 -24.11
C GLY G 445 -41.98 -31.94 -24.35
N GLU G 446 -41.30 -31.39 -23.34
CA GLU G 446 -40.61 -30.07 -23.49
C GLU G 446 -39.38 -30.27 -24.33
N SER G 447 -39.15 -29.38 -25.32
CA SER G 447 -38.03 -29.57 -26.27
C SER G 447 -37.30 -28.24 -26.48
N PRO G 448 -36.55 -27.78 -25.44
CA PRO G 448 -35.82 -26.47 -25.42
C PRO G 448 -34.88 -26.31 -26.63
N ALA G 449 -34.74 -25.08 -27.09
CA ALA G 449 -33.91 -24.77 -28.27
C ALA G 449 -32.48 -25.28 -28.10
N GLU G 450 -31.98 -25.26 -26.85
CA GLU G 450 -30.61 -25.71 -26.49
C GLU G 450 -30.37 -27.24 -26.48
N MET G 451 -31.47 -28.02 -26.50
CA MET G 451 -31.43 -29.47 -26.28
C MET G 451 -31.45 -30.24 -27.60
N PRO G 452 -30.32 -30.92 -27.96
CA PRO G 452 -30.34 -31.69 -29.23
C PRO G 452 -31.26 -32.91 -29.14
N VAL G 453 -32.07 -33.11 -30.18
CA VAL G 453 -33.12 -34.11 -30.18
C VAL G 453 -33.10 -34.96 -31.46
N GLY G 454 -33.27 -36.27 -31.29
CA GLY G 454 -33.31 -37.18 -32.46
C GLY G 454 -33.32 -38.62 -31.96
N GLY G 455 -33.33 -39.57 -32.89
CA GLY G 455 -33.51 -40.98 -32.53
C GLY G 455 -32.29 -41.87 -32.50
N TYR G 456 -32.32 -42.81 -31.57
CA TYR G 456 -31.50 -44.02 -31.67
C TYR G 456 -32.12 -45.01 -32.71
N LYS G 457 -31.29 -45.92 -33.24
CA LYS G 457 -31.82 -47.07 -33.97
C LYS G 457 -32.63 -46.67 -35.24
N GLN G 458 -33.86 -47.17 -35.36
CA GLN G 458 -34.67 -46.88 -36.55
C GLN G 458 -35.51 -45.60 -36.48
N SER G 459 -35.30 -44.81 -35.40
CA SER G 459 -36.01 -43.58 -35.15
C SER G 459 -35.28 -42.30 -35.67
N GLY G 460 -34.03 -42.44 -36.13
CA GLY G 460 -33.40 -41.28 -36.80
C GLY G 460 -31.94 -41.45 -37.18
N VAL G 461 -31.42 -40.44 -37.87
CA VAL G 461 -29.99 -40.24 -38.17
C VAL G 461 -29.74 -38.75 -37.89
N GLY G 462 -28.70 -38.41 -37.12
CA GLY G 462 -28.41 -37.00 -36.77
C GLY G 462 -29.42 -36.39 -35.78
N ARG G 463 -29.32 -35.07 -35.57
CA ARG G 463 -30.08 -34.37 -34.50
C ARG G 463 -30.59 -33.04 -35.07
N GLU G 464 -31.56 -32.47 -34.37
CA GLU G 464 -31.98 -31.09 -34.54
C GLU G 464 -31.83 -30.35 -33.17
N ASN G 465 -31.80 -29.00 -33.18
CA ASN G 465 -31.61 -28.14 -32.01
C ASN G 465 -30.22 -28.27 -31.35
N GLY G 466 -29.92 -27.36 -30.42
CA GLY G 466 -28.60 -27.40 -29.77
C GLY G 466 -27.48 -26.86 -30.65
N LEU G 467 -26.36 -26.54 -30.01
CA LEU G 467 -25.09 -26.18 -30.67
C LEU G 467 -24.62 -27.18 -31.71
N THR G 468 -24.73 -28.48 -31.43
CA THR G 468 -24.30 -29.56 -32.38
C THR G 468 -24.93 -29.50 -33.81
N THR G 469 -26.22 -29.22 -33.89
CA THR G 469 -26.91 -29.26 -35.17
C THR G 469 -26.39 -28.16 -36.16
N LEU G 470 -26.07 -26.99 -35.60
CA LEU G 470 -25.47 -25.89 -36.34
C LEU G 470 -24.16 -26.31 -37.03
N ALA G 471 -23.28 -27.00 -36.29
CA ALA G 471 -22.01 -27.54 -36.85
C ALA G 471 -22.29 -28.49 -38.02
N HIS G 472 -23.37 -29.27 -37.92
CA HIS G 472 -23.77 -30.25 -38.97
C HIS G 472 -24.43 -29.63 -40.24
N TYR G 473 -24.57 -28.30 -40.27
CA TYR G 473 -24.92 -27.68 -41.54
C TYR G 473 -23.74 -26.94 -42.17
N THR G 474 -22.53 -27.32 -41.78
CA THR G 474 -21.29 -26.87 -42.40
C THR G 474 -20.43 -28.13 -42.74
N ARG G 475 -19.48 -27.97 -43.68
CA ARG G 475 -18.50 -29.01 -44.07
C ARG G 475 -17.15 -28.48 -43.65
N ILE G 476 -16.29 -29.40 -43.17
CA ILE G 476 -14.97 -29.07 -42.67
C ILE G 476 -13.98 -29.03 -43.83
N LYS G 477 -13.32 -27.89 -44.00
CA LYS G 477 -12.15 -27.82 -44.89
C LYS G 477 -10.86 -27.70 -44.06
N SER G 478 -9.90 -28.58 -44.30
CA SER G 478 -8.62 -28.62 -43.59
C SER G 478 -7.51 -28.07 -44.47
N VAL G 479 -6.81 -27.06 -43.97
CA VAL G 479 -5.77 -26.37 -44.74
C VAL G 479 -4.44 -26.52 -44.01
N GLN G 480 -3.50 -27.27 -44.60
CA GLN G 480 -2.14 -27.35 -44.10
C GLN G 480 -1.28 -26.30 -44.76
N VAL G 481 -0.60 -25.50 -43.95
CA VAL G 481 0.31 -24.47 -44.45
C VAL G 481 1.76 -24.97 -44.19
N GLU G 482 2.52 -25.23 -45.27
CA GLU G 482 3.93 -25.56 -45.14
C GLU G 482 4.75 -24.29 -45.36
N LEU G 483 5.49 -23.87 -44.32
CA LEU G 483 6.38 -22.72 -44.37
C LEU G 483 7.86 -23.12 -44.57
N GLY G 484 8.18 -24.41 -44.43
CA GLY G 484 9.55 -24.88 -44.67
C GLY G 484 9.80 -25.54 -46.03
N ASP G 485 10.98 -26.14 -46.17
CA ASP G 485 11.37 -27.00 -47.32
C ASP G 485 10.43 -28.21 -47.51
N TYR G 486 10.21 -28.61 -48.76
CA TYR G 486 9.46 -29.83 -49.07
C TYR G 486 10.41 -30.98 -49.52
N ALA G 487 10.20 -32.16 -48.96
CA ALA G 487 11.02 -33.33 -49.29
C ALA G 487 10.29 -34.34 -50.18
N SER G 488 10.99 -34.81 -51.21
CA SER G 488 10.48 -35.80 -52.19
C SER G 488 11.37 -37.04 -52.06
N VAL G 489 10.81 -38.24 -52.25
CA VAL G 489 11.60 -39.45 -52.09
C VAL G 489 12.07 -39.96 -53.46
N PHE G 490 11.63 -39.27 -54.53
CA PHE G 490 12.00 -39.55 -55.94
C PHE G 490 13.04 -38.58 -56.50
N ALA H 2 -0.31 -72.12 -50.95
CA ALA H 2 0.85 -73.03 -50.71
C ALA H 2 1.89 -72.43 -49.74
N ARG H 3 2.08 -71.10 -49.80
CA ARG H 3 3.14 -70.44 -49.01
C ARG H 3 2.84 -70.31 -47.48
N PHE H 4 1.70 -69.72 -47.13
CA PHE H 4 1.29 -69.71 -45.73
C PHE H 4 0.10 -70.64 -45.49
N GLU H 5 -0.08 -71.10 -44.25
CA GLU H 5 -1.20 -71.97 -43.84
C GLU H 5 -2.61 -71.33 -44.04
N GLU H 6 -3.64 -72.17 -44.11
CA GLU H 6 -4.99 -71.70 -44.41
C GLU H 6 -5.54 -70.77 -43.28
N GLN H 7 -6.02 -69.60 -43.70
CA GLN H 7 -6.41 -68.50 -42.79
C GLN H 7 -7.84 -68.70 -42.31
N LYS H 8 -8.06 -68.64 -41.01
CA LYS H 8 -9.42 -68.73 -40.42
C LYS H 8 -10.03 -67.37 -40.04
N LEU H 9 -11.34 -67.40 -39.81
CA LEU H 9 -12.07 -66.27 -39.27
C LEU H 9 -11.62 -66.05 -37.81
N TYR H 10 -11.67 -64.79 -37.36
CA TYR H 10 -11.29 -64.43 -35.97
C TYR H 10 -12.49 -63.93 -35.22
N ILE H 11 -12.98 -64.70 -34.25
CA ILE H 11 -14.21 -64.34 -33.55
C ILE H 11 -14.08 -64.80 -32.08
N GLY H 12 -14.27 -63.85 -31.18
CA GLY H 12 -14.23 -64.13 -29.75
C GLY H 12 -12.83 -64.46 -29.25
N GLY H 13 -11.81 -63.83 -29.86
CA GLY H 13 -10.45 -63.86 -29.30
C GLY H 13 -9.59 -65.08 -29.60
N ARG H 14 -9.98 -65.83 -30.64
CA ARG H 14 -9.25 -67.01 -31.16
C ARG H 14 -9.68 -67.22 -32.60
N TYR H 15 -8.92 -67.95 -33.40
CA TYR H 15 -9.45 -68.37 -34.72
C TYR H 15 -10.52 -69.48 -34.60
N VAL H 16 -11.60 -69.32 -35.37
CA VAL H 16 -12.65 -70.35 -35.46
C VAL H 16 -12.83 -70.86 -36.92
N GLU H 17 -13.34 -72.08 -37.08
CA GLU H 17 -13.71 -72.58 -38.41
C GLU H 17 -14.96 -71.86 -38.92
N ALA H 18 -14.82 -71.18 -40.07
CA ALA H 18 -15.96 -70.70 -40.89
C ALA H 18 -16.95 -71.85 -41.16
N SER H 19 -18.20 -71.52 -41.51
CA SER H 19 -19.20 -72.56 -41.83
C SER H 19 -19.80 -72.34 -43.21
N SER H 20 -18.94 -72.25 -44.21
CA SER H 20 -19.41 -72.06 -45.57
C SER H 20 -19.02 -73.25 -46.47
N GLY H 21 -17.83 -73.78 -46.24
CA GLY H 21 -17.21 -74.78 -47.11
C GLY H 21 -16.37 -74.14 -48.21
N ALA H 22 -16.48 -72.83 -48.40
CA ALA H 22 -15.87 -72.17 -49.55
C ALA H 22 -14.59 -71.39 -49.17
N THR H 23 -13.58 -71.38 -50.06
CA THR H 23 -12.40 -70.50 -49.85
C THR H 23 -12.08 -69.62 -51.06
N PHE H 24 -11.21 -68.63 -50.86
CA PHE H 24 -10.61 -67.85 -51.94
C PHE H 24 -9.10 -67.88 -51.73
N GLU H 25 -8.33 -67.49 -52.75
CA GLU H 25 -6.87 -67.45 -52.64
C GLU H 25 -6.42 -66.01 -52.61
N THR H 26 -5.41 -65.73 -51.76
CA THR H 26 -4.65 -64.45 -51.83
C THR H 26 -3.30 -64.67 -52.54
N ILE H 27 -3.00 -63.75 -53.46
CA ILE H 27 -1.93 -63.89 -54.46
C ILE H 27 -0.94 -62.78 -54.28
N ASN H 28 0.34 -63.10 -54.13
CA ASN H 28 1.42 -62.10 -54.14
C ASN H 28 1.61 -61.57 -55.58
N PRO H 29 1.28 -60.28 -55.80
CA PRO H 29 1.27 -59.64 -57.13
C PRO H 29 2.67 -59.28 -57.66
N ALA H 30 3.70 -59.46 -56.83
CA ALA H 30 5.07 -59.20 -57.22
C ALA H 30 5.55 -60.30 -58.20
N ASN H 31 5.00 -61.50 -58.00
CA ASN H 31 5.28 -62.67 -58.85
C ASN H 31 4.25 -63.82 -58.76
N GLY H 32 2.97 -63.49 -58.82
CA GLY H 32 1.92 -64.52 -58.92
C GLY H 32 1.78 -65.60 -57.84
N GLU H 33 2.65 -65.58 -56.83
CA GLU H 33 2.71 -66.69 -55.85
C GLU H 33 1.50 -66.73 -54.94
N VAL H 34 0.77 -67.85 -54.98
CA VAL H 34 -0.34 -68.09 -54.05
C VAL H 34 0.20 -67.99 -52.62
N LEU H 35 -0.21 -66.91 -51.93
CA LEU H 35 0.23 -66.70 -50.55
C LEU H 35 -0.58 -67.51 -49.54
N ALA H 36 -1.91 -67.59 -49.71
CA ALA H 36 -2.78 -68.41 -48.79
C ALA H 36 -4.17 -68.78 -49.29
N LYS H 37 -4.67 -69.94 -48.85
CA LYS H 37 -6.12 -70.26 -48.83
C LYS H 37 -6.76 -69.46 -47.67
N VAL H 38 -7.86 -68.75 -47.95
CA VAL H 38 -8.54 -67.91 -46.95
C VAL H 38 -10.05 -68.19 -46.88
N GLN H 39 -10.50 -68.71 -45.74
CA GLN H 39 -11.92 -69.06 -45.56
C GLN H 39 -12.93 -67.90 -45.88
N ARG H 40 -14.13 -68.28 -46.32
CA ARG H 40 -15.21 -67.33 -46.56
C ARG H 40 -16.30 -67.46 -45.48
N ALA H 41 -16.69 -66.35 -44.86
CA ALA H 41 -17.76 -66.41 -43.85
C ALA H 41 -19.13 -66.70 -44.46
N SER H 42 -19.91 -67.52 -43.77
CA SER H 42 -21.32 -67.75 -44.06
C SER H 42 -22.20 -66.68 -43.38
N ARG H 43 -23.43 -66.56 -43.86
CA ARG H 43 -24.42 -65.74 -43.20
C ARG H 43 -24.53 -66.03 -41.69
N GLU H 44 -24.39 -67.32 -41.31
CA GLU H 44 -24.45 -67.68 -39.88
C GLU H 44 -23.12 -67.41 -39.11
N ASP H 45 -22.04 -67.25 -39.88
CA ASP H 45 -20.75 -66.78 -39.36
C ASP H 45 -20.90 -65.30 -38.89
N VAL H 46 -21.57 -64.50 -39.73
CA VAL H 46 -21.95 -63.11 -39.44
C VAL H 46 -22.84 -63.04 -38.19
N GLU H 47 -23.92 -63.81 -38.17
CA GLU H 47 -24.73 -63.92 -36.96
C GLU H 47 -23.90 -64.18 -35.70
N ARG H 48 -22.99 -65.16 -35.79
CA ARG H 48 -22.05 -65.51 -34.71
C ARG H 48 -21.05 -64.39 -34.32
N ALA H 49 -20.49 -63.69 -35.32
CA ALA H 49 -19.62 -62.55 -35.08
C ALA H 49 -20.37 -61.38 -34.40
N VAL H 50 -21.59 -61.11 -34.86
CA VAL H 50 -22.49 -60.09 -34.27
C VAL H 50 -22.92 -60.43 -32.82
N GLN H 51 -23.29 -61.70 -32.55
CA GLN H 51 -23.60 -62.08 -31.15
C GLN H 51 -22.36 -61.96 -30.22
N SER H 52 -21.18 -62.24 -30.78
CA SER H 52 -19.91 -62.12 -30.07
C SER H 52 -19.65 -60.65 -29.68
N ALA H 53 -19.91 -59.75 -30.64
CA ALA H 53 -19.63 -58.33 -30.47
C ALA H 53 -20.56 -57.67 -29.46
N VAL H 54 -21.80 -58.13 -29.41
CA VAL H 54 -22.80 -57.61 -28.47
C VAL H 54 -22.34 -57.89 -27.01
N GLU H 55 -21.94 -59.14 -26.75
CA GLU H 55 -21.58 -59.55 -25.40
C GLU H 55 -20.23 -59.00 -24.99
N GLY H 56 -19.39 -58.74 -25.99
CA GLY H 56 -18.07 -58.18 -25.76
C GLY H 56 -18.09 -56.68 -25.52
N GLN H 57 -18.87 -55.96 -26.34
CA GLN H 57 -19.03 -54.51 -26.24
C GLN H 57 -19.43 -54.21 -24.81
N LYS H 58 -20.34 -55.02 -24.27
CA LYS H 58 -20.74 -54.92 -22.85
C LYS H 58 -19.54 -54.82 -21.89
N VAL H 59 -18.54 -55.67 -22.13
CA VAL H 59 -17.37 -55.85 -21.21
C VAL H 59 -16.49 -54.61 -21.28
N TRP H 60 -16.15 -54.23 -22.51
CA TRP H 60 -15.25 -53.14 -22.86
C TRP H 60 -15.79 -51.76 -22.42
N ALA H 61 -17.10 -51.55 -22.56
CA ALA H 61 -17.75 -50.28 -22.22
C ALA H 61 -18.04 -50.20 -20.72
N ALA H 62 -18.04 -51.35 -20.05
CA ALA H 62 -18.13 -51.35 -18.58
C ALA H 62 -16.80 -51.00 -17.88
N MET H 63 -15.70 -51.01 -18.63
CA MET H 63 -14.41 -50.56 -18.12
C MET H 63 -14.46 -49.02 -17.88
N THR H 64 -13.61 -48.47 -17.01
CA THR H 64 -13.44 -47.01 -16.88
C THR H 64 -12.74 -46.51 -18.16
N ALA H 65 -12.80 -45.22 -18.48
CA ALA H 65 -12.10 -44.65 -19.67
C ALA H 65 -10.56 -44.83 -19.69
N MET H 66 -9.93 -44.70 -18.53
CA MET H 66 -8.48 -44.90 -18.45
C MET H 66 -8.05 -46.39 -18.65
N GLN H 67 -8.85 -47.33 -18.15
CA GLN H 67 -8.61 -48.78 -18.46
C GLN H 67 -8.64 -49.09 -19.95
N ARG H 68 -9.58 -48.48 -20.69
CA ARG H 68 -9.61 -48.59 -22.19
C ARG H 68 -8.39 -47.93 -22.89
N SER H 69 -7.98 -46.75 -22.40
CA SER H 69 -6.80 -45.99 -22.92
C SER H 69 -5.46 -46.73 -22.75
N ARG H 70 -5.27 -47.36 -21.59
CA ARG H 70 -4.10 -48.20 -21.31
C ARG H 70 -4.01 -49.47 -22.21
N ILE H 71 -5.16 -50.11 -22.42
CA ILE H 71 -5.23 -51.28 -23.35
C ILE H 71 -4.88 -50.88 -24.80
N LEU H 72 -5.44 -49.76 -25.27
CA LEU H 72 -5.11 -49.26 -26.60
C LEU H 72 -3.67 -48.81 -26.82
N ARG H 73 -3.12 -48.08 -25.83
CA ARG H 73 -1.69 -47.72 -25.77
C ARG H 73 -0.75 -48.95 -25.74
N ARG H 74 -1.10 -49.96 -24.94
CA ARG H 74 -0.38 -51.26 -24.94
C ARG H 74 -0.46 -51.96 -26.32
N ALA H 75 -1.57 -51.86 -27.05
CA ALA H 75 -1.58 -52.29 -28.48
C ALA H 75 -0.67 -51.46 -29.40
N VAL H 76 -0.47 -50.17 -29.08
CA VAL H 76 0.43 -49.27 -29.85
C VAL H 76 1.88 -49.70 -29.60
N ASP H 77 2.18 -50.17 -28.40
CA ASP H 77 3.58 -50.50 -28.11
C ASP H 77 3.95 -51.70 -29.01
N ILE H 78 3.15 -52.76 -28.98
CA ILE H 78 3.37 -53.96 -29.86
C ILE H 78 3.56 -53.60 -31.35
N LEU H 79 2.66 -52.80 -31.92
CA LEU H 79 2.80 -52.29 -33.30
C LEU H 79 4.15 -51.63 -33.59
N ARG H 80 4.59 -50.74 -32.71
CA ARG H 80 6.00 -50.25 -32.74
C ARG H 80 7.01 -51.41 -32.69
N GLU H 81 6.76 -52.37 -31.80
CA GLU H 81 7.67 -53.55 -31.59
C GLU H 81 7.67 -54.50 -32.79
N ARG H 82 6.50 -54.76 -33.39
CA ARG H 82 6.45 -55.61 -34.60
C ARG H 82 6.36 -54.78 -35.88
N ASN H 83 6.84 -53.54 -35.88
CA ASN H 83 6.79 -52.70 -37.11
C ASN H 83 7.20 -53.47 -38.35
N ASP H 84 8.33 -54.18 -38.26
CA ASP H 84 9.04 -54.72 -39.43
C ASP H 84 8.47 -56.04 -39.91
N GLU H 85 8.33 -56.98 -39.00
CA GLU H 85 7.60 -58.20 -39.29
C GLU H 85 6.19 -57.90 -39.91
N LEU H 86 5.47 -56.88 -39.42
CA LEU H 86 4.19 -56.46 -40.03
C LEU H 86 4.32 -55.89 -41.45
N ALA H 87 5.32 -55.00 -41.64
CA ALA H 87 5.61 -54.39 -42.92
C ALA H 87 6.06 -55.45 -43.94
N ALA H 88 6.74 -56.51 -43.47
CA ALA H 88 7.14 -57.60 -44.36
C ALA H 88 5.87 -58.24 -44.95
N LEU H 89 4.88 -58.47 -44.08
CA LEU H 89 3.64 -59.15 -44.46
C LEU H 89 2.83 -58.31 -45.42
N GLU H 90 2.63 -57.04 -45.11
CA GLU H 90 1.88 -56.10 -45.98
C GLU H 90 2.48 -55.97 -47.40
N THR H 91 3.81 -56.05 -47.49
CA THR H 91 4.50 -56.02 -48.78
C THR H 91 4.25 -57.24 -49.70
N LEU H 92 4.36 -58.44 -49.14
CA LEU H 92 3.94 -59.68 -49.81
C LEU H 92 2.44 -59.64 -50.20
N ASP H 93 1.61 -59.08 -49.31
CA ASP H 93 0.17 -59.07 -49.52
C ASP H 93 -0.21 -58.08 -50.63
N THR H 94 0.49 -56.94 -50.69
CA THR H 94 0.09 -55.81 -51.57
C THR H 94 1.06 -55.41 -52.70
N GLY H 95 2.26 -55.96 -52.72
CA GLY H 95 3.24 -55.53 -53.73
C GLY H 95 3.89 -54.17 -53.48
N LYS H 96 3.49 -53.51 -52.40
CA LYS H 96 4.04 -52.21 -52.04
C LYS H 96 5.50 -52.33 -51.55
N PRO H 97 6.36 -51.33 -51.91
CA PRO H 97 7.74 -51.40 -51.49
C PRO H 97 7.92 -51.47 -49.94
N LEU H 98 8.88 -52.30 -49.52
CA LEU H 98 9.36 -52.41 -48.13
C LEU H 98 9.79 -51.03 -47.56
N ALA H 99 10.52 -50.23 -48.37
CA ALA H 99 10.82 -48.82 -48.04
C ALA H 99 9.62 -47.90 -47.63
N GLU H 100 8.41 -48.24 -48.08
CA GLU H 100 7.19 -47.54 -47.64
C GLU H 100 6.52 -48.25 -46.48
N THR H 101 6.30 -49.56 -46.59
CA THR H 101 5.62 -50.30 -45.49
C THR H 101 6.31 -50.19 -44.09
N ARG H 102 7.64 -50.29 -44.07
CA ARG H 102 8.45 -50.11 -42.85
C ARG H 102 8.37 -48.71 -42.26
N SER H 103 8.15 -47.73 -43.14
CA SER H 103 8.26 -46.30 -42.86
C SER H 103 6.92 -45.47 -42.75
N VAL H 104 5.79 -46.08 -43.16
CA VAL H 104 4.50 -45.36 -43.30
C VAL H 104 3.31 -46.19 -42.77
N ASP H 105 2.99 -47.30 -43.42
CA ASP H 105 1.74 -48.01 -43.16
C ASP H 105 1.42 -48.30 -41.68
N ILE H 106 2.35 -48.94 -40.97
CA ILE H 106 2.16 -49.25 -39.55
C ILE H 106 2.51 -48.02 -38.67
N VAL H 107 3.41 -47.17 -39.17
CA VAL H 107 3.87 -45.95 -38.51
C VAL H 107 2.75 -44.89 -38.36
N THR H 108 1.89 -44.78 -39.37
CA THR H 108 0.75 -43.87 -39.33
C THR H 108 -0.53 -44.57 -38.83
N GLY H 109 -0.66 -45.85 -39.11
CA GLY H 109 -1.74 -46.59 -38.51
C GLY H 109 -1.73 -46.44 -37.00
N ALA H 110 -0.55 -46.71 -36.42
CA ALA H 110 -0.34 -46.64 -34.99
C ALA H 110 -0.33 -45.21 -34.44
N ASP H 111 0.18 -44.24 -35.21
CA ASP H 111 0.10 -42.82 -34.88
C ASP H 111 -1.34 -42.38 -34.58
N VAL H 112 -2.28 -42.90 -35.36
CA VAL H 112 -3.68 -42.55 -35.22
C VAL H 112 -4.27 -43.25 -34.00
N LEU H 113 -3.97 -44.54 -33.83
CA LEU H 113 -4.43 -45.31 -32.67
C LEU H 113 -3.91 -44.68 -31.36
N GLU H 114 -2.67 -44.19 -31.41
CA GLU H 114 -1.97 -43.53 -30.29
C GLU H 114 -2.69 -42.26 -29.84
N TYR H 115 -2.89 -41.34 -30.79
CA TYR H 115 -3.71 -40.12 -30.67
C TYR H 115 -5.05 -40.33 -29.98
N TYR H 116 -5.84 -41.31 -30.43
CA TYR H 116 -7.16 -41.59 -29.88
C TYR H 116 -7.12 -42.29 -28.53
N ALA H 117 -6.13 -43.16 -28.34
CA ALA H 117 -5.94 -43.83 -27.05
C ALA H 117 -5.83 -42.76 -25.91
N GLY H 118 -5.11 -41.68 -26.17
CA GLY H 118 -4.97 -40.57 -25.19
C GLY H 118 -6.20 -39.71 -24.95
N LEU H 119 -7.18 -39.79 -25.86
CA LEU H 119 -8.40 -38.97 -25.87
C LEU H 119 -9.59 -39.65 -25.24
N VAL H 120 -9.45 -40.93 -24.91
CA VAL H 120 -10.60 -41.64 -24.30
C VAL H 120 -11.25 -40.86 -23.10
N PRO H 121 -10.43 -40.35 -22.15
CA PRO H 121 -10.97 -39.66 -20.99
C PRO H 121 -11.53 -38.26 -21.35
N ALA H 122 -11.26 -37.78 -22.57
CA ALA H 122 -11.70 -36.43 -22.96
C ALA H 122 -13.08 -36.39 -23.62
N ILE H 123 -13.67 -37.58 -23.88
CA ILE H 123 -15.04 -37.66 -24.37
C ILE H 123 -16.05 -37.19 -23.32
N GLU H 124 -16.71 -36.06 -23.60
CA GLU H 124 -17.64 -35.43 -22.64
C GLU H 124 -18.96 -34.96 -23.29
N GLY H 125 -20.01 -34.89 -22.45
CA GLY H 125 -21.27 -34.25 -22.76
C GLY H 125 -21.41 -32.80 -22.27
N GLU H 126 -22.60 -32.26 -22.45
CA GLU H 126 -22.94 -30.87 -22.13
C GLU H 126 -23.90 -30.81 -20.94
N GLN H 127 -23.93 -29.63 -20.29
CA GLN H 127 -24.90 -29.28 -19.22
C GLN H 127 -25.50 -27.91 -19.56
N ILE H 128 -26.82 -27.82 -19.61
CA ILE H 128 -27.52 -26.55 -19.92
C ILE H 128 -28.63 -26.24 -18.90
N PRO H 129 -28.48 -25.14 -18.14
CA PRO H 129 -29.59 -24.79 -17.22
C PRO H 129 -30.79 -24.14 -17.89
N LEU H 130 -31.99 -24.57 -17.52
CA LEU H 130 -33.17 -24.02 -18.20
C LEU H 130 -33.86 -22.94 -17.34
N ARG H 131 -33.94 -23.21 -16.03
CA ARG H 131 -34.58 -22.37 -15.01
C ARG H 131 -34.14 -22.93 -13.65
N GLU H 132 -34.58 -22.31 -12.54
CA GLU H 132 -34.17 -22.76 -11.22
C GLU H 132 -34.53 -24.25 -11.04
N THR H 133 -35.72 -24.64 -11.53
CA THR H 133 -36.27 -25.99 -11.31
C THR H 133 -36.02 -27.04 -12.42
N SER H 134 -35.17 -26.76 -13.40
CA SER H 134 -34.94 -27.73 -14.46
C SER H 134 -33.61 -27.48 -15.15
N PHE H 135 -32.89 -28.56 -15.44
CA PHE H 135 -31.69 -28.51 -16.27
C PHE H 135 -31.63 -29.72 -17.21
N VAL H 136 -30.82 -29.61 -18.29
CA VAL H 136 -30.47 -30.73 -19.14
C VAL H 136 -28.98 -31.11 -19.16
N TYR H 137 -28.71 -32.43 -19.21
CA TYR H 137 -27.36 -32.89 -19.55
C TYR H 137 -27.42 -33.90 -20.70
N THR H 138 -26.34 -33.97 -21.46
CA THR H 138 -26.19 -34.89 -22.55
C THR H 138 -25.07 -35.86 -22.19
N ARG H 139 -25.20 -37.06 -22.76
CA ARG H 139 -24.24 -38.16 -22.63
C ARG H 139 -23.82 -38.47 -24.07
N ARG H 140 -22.56 -38.79 -24.26
CA ARG H 140 -22.15 -39.31 -25.55
C ARG H 140 -21.88 -40.83 -25.35
N GLU H 141 -22.79 -41.65 -25.87
CA GLU H 141 -22.79 -43.13 -25.68
C GLU H 141 -22.20 -43.83 -26.90
N PRO H 142 -21.63 -45.06 -26.71
CA PRO H 142 -21.22 -45.83 -27.87
C PRO H 142 -22.42 -46.21 -28.72
N LEU H 143 -22.16 -46.44 -30.00
CA LEU H 143 -23.19 -46.86 -30.96
C LEU H 143 -23.54 -48.34 -30.69
N GLY H 144 -22.52 -49.13 -30.34
CA GLY H 144 -22.70 -50.52 -29.92
C GLY H 144 -21.80 -51.39 -30.77
N VAL H 145 -22.38 -52.28 -31.57
CA VAL H 145 -21.59 -52.94 -32.63
C VAL H 145 -21.62 -52.05 -33.85
N VAL H 146 -20.44 -51.78 -34.40
CA VAL H 146 -20.28 -51.05 -35.66
C VAL H 146 -19.49 -51.95 -36.62
N ALA H 147 -19.46 -51.59 -37.89
CA ALA H 147 -18.71 -52.43 -38.83
C ALA H 147 -17.88 -51.60 -39.76
N GLY H 148 -16.65 -52.07 -40.01
CA GLY H 148 -15.76 -51.41 -40.93
C GLY H 148 -15.51 -52.33 -42.09
N ILE H 149 -15.29 -51.73 -43.26
CA ILE H 149 -15.11 -52.43 -44.53
C ILE H 149 -13.96 -51.69 -45.19
N GLY H 150 -12.85 -52.42 -45.41
CA GLY H 150 -11.62 -51.77 -45.80
C GLY H 150 -11.27 -51.88 -47.25
N ALA H 151 -10.32 -51.05 -47.68
CA ALA H 151 -9.72 -51.13 -49.00
C ALA H 151 -8.38 -51.92 -49.03
N TRP H 152 -7.85 -52.06 -50.23
CA TRP H 152 -6.77 -52.98 -50.42
C TRP H 152 -5.47 -52.22 -50.64
N ASN H 153 -5.55 -50.88 -50.70
CA ASN H 153 -4.37 -50.03 -51.01
C ASN H 153 -3.43 -49.67 -49.80
N TYR H 154 -4.02 -49.56 -48.61
CA TYR H 154 -3.31 -49.41 -47.32
C TYR H 154 -4.06 -50.32 -46.31
N PRO H 155 -3.92 -51.65 -46.45
CA PRO H 155 -4.82 -52.55 -45.68
C PRO H 155 -4.79 -52.43 -44.15
N VAL H 156 -3.60 -52.54 -43.54
CA VAL H 156 -3.46 -52.45 -42.08
C VAL H 156 -3.63 -51.02 -41.53
N GLN H 157 -3.12 -50.01 -42.25
CA GLN H 157 -3.33 -48.61 -41.90
C GLN H 157 -4.86 -48.27 -41.80
N ILE H 158 -5.59 -48.43 -42.90
CA ILE H 158 -7.04 -48.20 -42.90
C ILE H 158 -7.76 -49.02 -41.82
N ALA H 159 -7.37 -50.28 -41.63
CA ALA H 159 -7.90 -51.07 -40.50
C ALA H 159 -7.70 -50.39 -39.12
N LEU H 160 -6.60 -49.64 -38.98
CA LEU H 160 -6.29 -48.87 -37.74
C LEU H 160 -7.02 -47.50 -37.64
N TRP H 161 -7.02 -46.77 -38.74
CA TRP H 161 -7.72 -45.48 -38.87
C TRP H 161 -9.23 -45.58 -38.66
N LYS H 162 -9.81 -46.77 -38.93
CA LYS H 162 -11.23 -47.02 -38.70
C LYS H 162 -11.52 -47.54 -37.31
N SER H 163 -10.73 -48.51 -36.84
CA SER H 163 -11.05 -49.13 -35.56
C SER H 163 -10.50 -48.35 -34.38
N ALA H 164 -9.46 -47.54 -34.58
CA ALA H 164 -8.93 -46.71 -33.48
C ALA H 164 -10.04 -45.81 -32.84
N PRO H 165 -10.66 -44.91 -33.62
CA PRO H 165 -11.80 -44.14 -33.09
C PRO H 165 -13.00 -44.95 -32.58
N ALA H 166 -13.38 -46.04 -33.27
CA ALA H 166 -14.52 -46.84 -32.84
C ALA H 166 -14.33 -47.49 -31.50
N LEU H 167 -13.14 -48.09 -31.31
CA LEU H 167 -12.80 -48.73 -30.02
C LEU H 167 -12.59 -47.68 -28.89
N ALA H 168 -11.90 -46.61 -29.23
CA ALA H 168 -11.71 -45.48 -28.33
C ALA H 168 -13.06 -44.90 -27.86
N ALA H 169 -14.03 -44.82 -28.79
CA ALA H 169 -15.38 -44.37 -28.45
C ALA H 169 -16.24 -45.42 -27.72
N GLY H 170 -15.66 -46.59 -27.42
CA GLY H 170 -16.26 -47.67 -26.61
C GLY H 170 -17.14 -48.69 -27.34
N ASN H 171 -16.96 -48.75 -28.67
CA ASN H 171 -17.71 -49.63 -29.55
C ASN H 171 -17.01 -50.99 -29.75
N ALA H 172 -17.79 -52.03 -30.07
CA ALA H 172 -17.23 -53.24 -30.69
C ALA H 172 -17.25 -53.09 -32.21
N MET H 173 -16.15 -53.46 -32.86
CA MET H 173 -16.07 -53.47 -34.32
C MET H 173 -15.85 -54.86 -35.02
N ILE H 174 -16.72 -55.23 -35.98
CA ILE H 174 -16.43 -56.30 -36.96
C ILE H 174 -15.83 -55.69 -38.27
N PHE H 175 -14.62 -56.09 -38.62
CA PHE H 175 -13.88 -55.54 -39.79
C PHE H 175 -13.82 -56.55 -40.94
N LYS H 176 -14.04 -56.08 -42.17
CA LYS H 176 -13.92 -56.92 -43.38
C LYS H 176 -12.86 -56.32 -44.27
N PRO H 177 -11.64 -56.91 -44.25
CA PRO H 177 -10.60 -56.53 -45.20
C PRO H 177 -11.00 -56.91 -46.60
N SER H 178 -10.42 -56.22 -47.57
CA SER H 178 -10.57 -56.58 -48.96
C SER H 178 -10.19 -58.06 -49.15
N GLU H 179 -10.88 -58.74 -50.07
CA GLU H 179 -10.52 -60.08 -50.57
C GLU H 179 -9.11 -60.12 -51.20
N VAL H 180 -8.71 -58.98 -51.80
CA VAL H 180 -7.39 -58.79 -52.44
C VAL H 180 -6.28 -58.88 -51.38
N THR H 181 -6.47 -58.23 -50.21
CA THR H 181 -5.43 -58.15 -49.14
C THR H 181 -5.95 -58.49 -47.72
N PRO H 182 -6.16 -59.77 -47.40
CA PRO H 182 -6.75 -60.05 -46.08
C PRO H 182 -5.77 -60.29 -44.87
N LEU H 183 -4.45 -60.22 -45.08
CA LEU H 183 -3.51 -60.90 -44.11
C LEU H 183 -3.23 -60.19 -42.78
N THR H 184 -2.77 -58.94 -42.86
CA THR H 184 -2.43 -58.10 -41.68
C THR H 184 -3.60 -57.65 -40.80
N ALA H 185 -4.83 -57.81 -41.29
CA ALA H 185 -5.97 -57.38 -40.51
C ALA H 185 -6.20 -58.49 -39.50
N LEU H 186 -5.92 -59.72 -39.95
CA LEU H 186 -5.92 -60.87 -39.03
C LEU H 186 -4.82 -60.68 -37.94
N LYS H 187 -3.67 -60.12 -38.33
CA LYS H 187 -2.56 -59.84 -37.42
C LYS H 187 -2.93 -58.75 -36.37
N LEU H 188 -3.57 -57.67 -36.85
CA LEU H 188 -4.11 -56.65 -35.98
C LEU H 188 -5.07 -57.27 -34.94
N ALA H 189 -5.92 -58.22 -35.35
CA ALA H 189 -6.84 -58.88 -34.39
C ALA H 189 -6.12 -59.63 -33.26
N GLU H 190 -5.06 -60.35 -33.66
CA GLU H 190 -4.14 -61.04 -32.75
C GLU H 190 -3.56 -60.07 -31.69
N ILE H 191 -2.82 -59.07 -32.19
CA ILE H 191 -2.30 -57.96 -31.38
C ILE H 191 -3.27 -57.32 -30.36
N TYR H 192 -4.45 -56.88 -30.83
CA TYR H 192 -5.46 -56.25 -29.98
C TYR H 192 -5.80 -57.18 -28.81
N THR H 193 -5.90 -58.47 -29.08
CA THR H 193 -6.23 -59.49 -28.07
C THR H 193 -5.10 -59.60 -27.03
N GLU H 194 -3.88 -59.55 -27.55
CA GLU H 194 -2.68 -59.55 -26.76
C GLU H 194 -2.59 -58.29 -25.87
N ALA H 195 -3.17 -57.14 -26.32
CA ALA H 195 -3.22 -55.88 -25.55
C ALA H 195 -4.14 -55.95 -24.35
N GLY H 196 -5.01 -56.95 -24.33
CA GLY H 196 -6.08 -56.98 -23.33
C GLY H 196 -7.47 -56.57 -23.83
N VAL H 197 -7.56 -56.22 -25.12
CA VAL H 197 -8.89 -55.93 -25.76
C VAL H 197 -9.81 -57.14 -25.53
N PRO H 198 -11.06 -56.92 -25.01
CA PRO H 198 -11.86 -58.08 -24.60
C PRO H 198 -12.30 -58.94 -25.80
N ASP H 199 -12.70 -60.20 -25.53
CA ASP H 199 -13.16 -61.11 -26.60
C ASP H 199 -14.45 -60.54 -27.22
N GLY H 200 -14.45 -60.42 -28.55
CA GLY H 200 -15.64 -59.98 -29.30
C GLY H 200 -15.54 -58.54 -29.77
N VAL H 201 -14.74 -57.75 -29.07
CA VAL H 201 -14.55 -56.32 -29.38
C VAL H 201 -13.92 -56.04 -30.77
N PHE H 202 -12.99 -56.87 -31.21
CA PHE H 202 -12.50 -56.77 -32.60
C PHE H 202 -12.50 -58.15 -33.32
N ASN H 203 -13.63 -58.45 -33.97
CA ASN H 203 -13.81 -59.64 -34.86
C ASN H 203 -13.42 -59.28 -36.30
N VAL H 204 -12.96 -60.27 -37.05
CA VAL H 204 -12.57 -60.05 -38.46
C VAL H 204 -13.28 -61.12 -39.30
N LEU H 205 -13.96 -60.68 -40.36
CA LEU H 205 -14.62 -61.60 -41.31
C LEU H 205 -14.04 -61.42 -42.71
N THR H 206 -13.47 -62.49 -43.25
CA THR H 206 -12.89 -62.47 -44.60
C THR H 206 -13.93 -62.91 -45.70
N GLY H 207 -13.68 -62.55 -46.95
CA GLY H 207 -14.65 -62.76 -48.02
C GLY H 207 -14.77 -61.64 -49.05
N SER H 208 -15.92 -61.62 -49.75
CA SER H 208 -16.20 -60.64 -50.83
C SER H 208 -17.21 -59.55 -50.42
N GLY H 209 -17.13 -58.42 -51.13
CA GLY H 209 -18.06 -57.30 -50.94
C GLY H 209 -19.51 -57.63 -51.27
N ARG H 210 -19.74 -58.41 -52.33
CA ARG H 210 -21.09 -58.80 -52.70
C ARG H 210 -21.71 -59.78 -51.68
N GLU H 211 -20.86 -60.51 -50.94
CA GLU H 211 -21.38 -61.48 -49.96
C GLU H 211 -21.31 -60.97 -48.51
N VAL H 212 -20.12 -61.01 -47.91
CA VAL H 212 -19.93 -60.70 -46.48
C VAL H 212 -20.04 -59.20 -46.18
N GLY H 213 -19.56 -58.36 -47.11
CA GLY H 213 -19.78 -56.92 -47.07
C GLY H 213 -21.26 -56.56 -47.00
N GLN H 214 -22.02 -56.99 -48.02
CA GLN H 214 -23.48 -56.81 -48.09
C GLN H 214 -24.14 -57.33 -46.83
N TRP H 215 -23.77 -58.53 -46.37
CA TRP H 215 -24.46 -59.09 -45.19
C TRP H 215 -24.18 -58.23 -43.93
N LEU H 216 -23.02 -57.57 -43.92
CA LEU H 216 -22.68 -56.60 -42.87
C LEU H 216 -23.50 -55.31 -42.98
N THR H 217 -23.60 -54.71 -44.18
CA THR H 217 -24.46 -53.52 -44.33
C THR H 217 -25.95 -53.76 -44.00
N GLU H 218 -26.45 -54.97 -44.24
CA GLU H 218 -27.87 -55.29 -44.00
C GLU H 218 -28.23 -55.69 -42.58
N HIS H 219 -27.24 -56.04 -41.76
CA HIS H 219 -27.53 -56.63 -40.47
C HIS H 219 -28.22 -55.64 -39.51
N PRO H 220 -29.43 -55.98 -39.05
CA PRO H 220 -30.25 -55.07 -38.23
C PRO H 220 -29.61 -54.60 -36.90
N LEU H 221 -28.57 -55.29 -36.44
CA LEU H 221 -28.01 -55.05 -35.10
C LEU H 221 -26.67 -54.34 -35.20
N ILE H 222 -26.20 -54.10 -36.42
CA ILE H 222 -25.05 -53.22 -36.63
C ILE H 222 -25.62 -51.78 -36.66
N GLU H 223 -25.03 -50.91 -35.85
CA GLU H 223 -25.51 -49.53 -35.70
C GLU H 223 -24.81 -48.49 -36.59
N LYS H 224 -23.68 -48.84 -37.21
CA LYS H 224 -22.96 -47.92 -38.08
C LYS H 224 -22.07 -48.68 -39.01
N ILE H 225 -21.94 -48.14 -40.23
CA ILE H 225 -21.05 -48.66 -41.27
C ILE H 225 -19.99 -47.63 -41.64
N SER H 226 -18.72 -47.98 -41.49
CA SER H 226 -17.66 -47.14 -42.08
C SER H 226 -16.98 -47.91 -43.20
N PHE H 227 -16.86 -47.26 -44.36
CA PHE H 227 -16.44 -47.89 -45.60
C PHE H 227 -15.37 -47.02 -46.26
N THR H 228 -14.39 -47.65 -46.91
CA THR H 228 -13.37 -46.94 -47.71
C THR H 228 -13.18 -47.65 -49.06
N GLY H 229 -13.06 -46.89 -50.16
CA GLY H 229 -13.10 -47.45 -51.52
C GLY H 229 -13.59 -46.51 -52.62
N GLY H 230 -14.17 -47.08 -53.68
CA GLY H 230 -14.57 -46.30 -54.87
C GLY H 230 -15.98 -45.75 -54.74
N THR H 231 -16.21 -44.61 -55.40
CA THR H 231 -17.48 -43.89 -55.38
C THR H 231 -18.71 -44.71 -55.82
N SER H 232 -18.62 -45.45 -56.93
CA SER H 232 -19.79 -46.19 -57.40
C SER H 232 -20.19 -47.27 -56.37
N THR H 233 -19.19 -47.94 -55.78
CA THR H 233 -19.38 -48.88 -54.67
C THR H 233 -19.92 -48.21 -53.41
N GLY H 234 -19.37 -47.05 -53.05
CA GLY H 234 -19.83 -46.28 -51.89
C GLY H 234 -21.33 -46.04 -51.90
N LYS H 235 -21.86 -45.69 -53.08
CA LYS H 235 -23.29 -45.49 -53.35
C LYS H 235 -24.20 -46.67 -53.03
N LYS H 236 -23.80 -47.85 -53.53
CA LYS H 236 -24.43 -49.14 -53.24
C LYS H 236 -24.33 -49.45 -51.74
N VAL H 237 -23.16 -49.18 -51.17
CA VAL H 237 -22.90 -49.47 -49.75
C VAL H 237 -23.78 -48.57 -48.87
N MET H 238 -23.82 -47.29 -49.20
CA MET H 238 -24.58 -46.32 -48.43
C MET H 238 -26.08 -46.57 -48.52
N ALA H 239 -26.58 -46.81 -49.74
CA ALA H 239 -27.98 -47.24 -49.97
C ALA H 239 -28.38 -48.54 -49.25
N SER H 240 -27.44 -49.45 -49.05
CA SER H 240 -27.77 -50.72 -48.39
C SER H 240 -27.94 -50.52 -46.88
N ALA H 241 -27.02 -49.79 -46.28
CA ALA H 241 -27.10 -49.39 -44.87
C ALA H 241 -28.35 -48.54 -44.53
N SER H 242 -28.74 -47.68 -45.47
CA SER H 242 -29.92 -46.82 -45.29
C SER H 242 -31.21 -47.64 -45.32
N SER H 243 -31.40 -48.40 -46.40
CA SER H 243 -32.65 -49.10 -46.65
C SER H 243 -32.91 -50.33 -45.76
N SER H 244 -31.85 -50.92 -45.19
CA SER H 244 -32.00 -52.04 -44.26
C SER H 244 -32.48 -51.60 -42.88
N SER H 245 -31.78 -50.66 -42.24
CA SER H 245 -32.12 -50.27 -40.87
C SER H 245 -31.66 -48.87 -40.43
N LEU H 246 -31.49 -47.96 -41.39
CA LEU H 246 -31.07 -46.57 -41.14
C LEU H 246 -29.75 -46.46 -40.37
N LYS H 247 -28.70 -47.11 -40.83
CA LYS H 247 -27.39 -47.02 -40.15
C LYS H 247 -26.71 -45.64 -40.31
N GLU H 248 -25.98 -45.25 -39.27
CA GLU H 248 -25.08 -44.11 -39.37
C GLU H 248 -23.95 -44.53 -40.33
N VAL H 249 -23.42 -43.61 -41.14
CA VAL H 249 -22.32 -43.96 -42.06
C VAL H 249 -21.21 -42.92 -42.18
N THR H 250 -20.02 -43.44 -42.49
CA THR H 250 -18.89 -42.68 -43.00
C THR H 250 -18.41 -43.40 -44.26
N MET H 251 -18.09 -42.62 -45.30
CA MET H 251 -17.57 -43.12 -46.56
C MET H 251 -16.35 -42.27 -46.84
N GLU H 252 -15.21 -42.91 -47.11
N GLU H 252 -15.23 -42.92 -47.20
CA GLU H 252 -14.05 -42.25 -47.65
CA GLU H 252 -13.99 -42.26 -47.64
C GLU H 252 -13.96 -42.80 -49.05
C GLU H 252 -13.66 -42.69 -49.07
N LEU H 253 -14.17 -41.94 -50.04
CA LEU H 253 -14.23 -42.40 -51.46
C LEU H 253 -13.14 -41.81 -52.36
N GLY H 254 -13.34 -41.88 -53.67
CA GLY H 254 -12.28 -41.50 -54.64
C GLY H 254 -12.21 -40.01 -54.91
N GLY H 255 -11.32 -39.61 -55.81
CA GLY H 255 -11.25 -38.23 -56.23
C GLY H 255 -10.47 -38.07 -57.53
N LYS H 256 -10.50 -36.86 -58.09
CA LYS H 256 -9.64 -36.48 -59.22
C LYS H 256 -9.07 -35.12 -58.88
N SER H 257 -8.23 -35.10 -57.83
CA SER H 257 -7.80 -33.87 -57.14
C SER H 257 -6.92 -32.93 -57.95
N PRO H 258 -7.25 -31.61 -57.98
CA PRO H 258 -6.38 -30.66 -58.68
C PRO H 258 -5.15 -30.22 -57.90
N LEU H 259 -4.16 -29.74 -58.64
CA LEU H 259 -3.01 -29.10 -58.07
C LEU H 259 -2.67 -27.91 -58.96
N ILE H 260 -2.69 -26.71 -58.40
CA ILE H 260 -2.45 -25.49 -59.18
C ILE H 260 -1.08 -24.88 -58.87
N ILE H 261 -0.19 -24.99 -59.85
CA ILE H 261 1.09 -24.26 -59.85
C ILE H 261 0.86 -22.83 -60.35
N PHE H 262 1.03 -21.85 -59.46
CA PHE H 262 0.86 -20.43 -59.85
C PHE H 262 2.16 -19.96 -60.47
N PRO H 263 2.15 -18.80 -61.18
CA PRO H 263 3.32 -18.36 -61.95
C PRO H 263 4.46 -17.77 -61.14
N ASP H 264 4.32 -17.76 -59.81
CA ASP H 264 5.40 -17.26 -58.93
C ASP H 264 6.06 -18.39 -58.12
N ALA H 265 5.68 -19.63 -58.40
CA ALA H 265 6.16 -20.78 -57.67
C ALA H 265 7.59 -21.05 -58.03
N ASP H 266 8.35 -21.54 -57.06
CA ASP H 266 9.62 -22.16 -57.36
C ASP H 266 9.28 -23.49 -58.07
N LEU H 267 9.84 -23.69 -59.27
CA LEU H 267 9.47 -24.84 -60.12
C LEU H 267 10.09 -26.16 -59.71
N ASP H 268 11.19 -26.07 -58.96
CA ASP H 268 11.85 -27.24 -58.36
C ASP H 268 10.87 -27.81 -57.31
N ARG H 269 10.37 -26.92 -56.45
CA ARG H 269 9.34 -27.29 -55.47
C ARG H 269 8.10 -27.90 -56.12
N ALA H 270 7.57 -27.15 -57.07
CA ALA H 270 6.44 -27.56 -57.90
C ALA H 270 6.55 -29.00 -58.49
N ALA H 271 7.72 -29.33 -59.08
CA ALA H 271 7.95 -30.68 -59.65
C ALA H 271 8.01 -31.81 -58.62
N ASP H 272 8.74 -31.58 -57.52
CA ASP H 272 8.76 -32.48 -56.35
C ASP H 272 7.36 -32.79 -55.83
N ILE H 273 6.59 -31.74 -55.62
CA ILE H 273 5.16 -31.86 -55.24
C ILE H 273 4.34 -32.64 -56.31
N ALA H 274 4.41 -32.18 -57.57
CA ALA H 274 3.85 -32.92 -58.72
C ALA H 274 4.12 -34.44 -58.71
N VAL H 275 5.41 -34.81 -58.61
CA VAL H 275 5.82 -36.23 -58.67
C VAL H 275 5.40 -37.03 -57.44
N MET H 276 5.56 -36.39 -56.26
CA MET H 276 5.08 -36.94 -54.99
C MET H 276 3.56 -37.13 -55.00
N ALA H 277 2.82 -36.18 -55.56
CA ALA H 277 1.31 -36.29 -55.64
C ALA H 277 0.72 -37.44 -56.51
N ASN H 278 1.59 -38.06 -57.32
CA ASN H 278 1.19 -38.98 -58.42
C ASN H 278 1.74 -40.42 -58.42
N PHE H 279 2.95 -40.61 -57.90
CA PHE H 279 3.67 -41.91 -58.05
C PHE H 279 3.87 -42.73 -56.75
N PHE H 280 3.59 -42.09 -55.63
CA PHE H 280 3.78 -42.70 -54.34
C PHE H 280 2.76 -43.84 -54.24
N SER H 281 3.18 -44.98 -53.68
CA SER H 281 2.39 -46.25 -53.72
C SER H 281 1.91 -46.68 -55.14
N SER H 282 2.69 -46.33 -56.16
CA SER H 282 2.40 -46.72 -57.56
C SER H 282 1.06 -46.08 -57.96
N GLY H 283 0.94 -44.79 -57.61
CA GLY H 283 -0.27 -43.99 -57.83
C GLY H 283 -1.52 -44.58 -57.22
N GLN H 284 -1.36 -45.51 -56.28
CA GLN H 284 -2.51 -46.14 -55.59
C GLN H 284 -2.92 -45.44 -54.27
N VAL H 285 -2.90 -44.11 -54.29
CA VAL H 285 -3.42 -43.33 -53.15
C VAL H 285 -4.61 -42.46 -53.58
N CYS H 286 -5.70 -42.56 -52.80
CA CYS H 286 -6.98 -41.90 -53.16
C CYS H 286 -6.94 -40.36 -53.27
N THR H 287 -6.00 -39.73 -52.55
CA THR H 287 -5.80 -38.25 -52.49
C THR H 287 -4.91 -37.62 -53.55
N ASN H 288 -4.47 -38.44 -54.47
CA ASN H 288 -3.43 -38.08 -55.41
C ASN H 288 -3.86 -36.88 -56.28
N GLY H 289 -2.89 -36.01 -56.60
CA GLY H 289 -3.13 -34.78 -57.35
C GLY H 289 -3.06 -35.00 -58.86
N THR H 290 -3.97 -35.86 -59.32
CA THR H 290 -3.97 -36.46 -60.64
C THR H 290 -4.25 -35.45 -61.78
N ARG H 291 -4.70 -34.25 -61.44
CA ARG H 291 -4.77 -33.12 -62.43
C ARG H 291 -3.84 -31.95 -62.10
N VAL H 292 -2.76 -31.83 -62.87
CA VAL H 292 -1.73 -30.78 -62.64
C VAL H 292 -1.85 -29.57 -63.58
N PHE H 293 -2.16 -28.40 -62.99
CA PHE H 293 -2.31 -27.15 -63.74
C PHE H 293 -1.02 -26.37 -63.69
N ILE H 294 -0.52 -25.94 -64.85
CA ILE H 294 0.66 -25.06 -64.95
C ILE H 294 0.29 -23.88 -65.84
N HIS H 295 0.94 -22.74 -65.64
CA HIS H 295 0.70 -21.57 -66.46
C HIS H 295 1.27 -21.90 -67.85
N ARG H 296 0.70 -21.27 -68.88
CA ARG H 296 1.16 -21.48 -70.27
C ARG H 296 2.62 -21.01 -70.41
N SER H 297 2.90 -19.81 -69.93
CA SER H 297 4.28 -19.26 -69.89
C SER H 297 5.34 -20.12 -69.16
N GLN H 298 4.96 -21.27 -68.56
CA GLN H 298 5.93 -22.12 -67.83
C GLN H 298 5.88 -23.64 -68.04
N GLN H 299 5.05 -24.09 -68.99
CA GLN H 299 4.87 -25.53 -69.30
C GLN H 299 6.13 -26.29 -69.81
N ALA H 300 6.99 -25.61 -70.57
CA ALA H 300 8.21 -26.25 -71.09
C ALA H 300 9.19 -26.58 -69.94
N ARG H 301 9.60 -25.56 -69.18
CA ARG H 301 10.47 -25.72 -67.97
C ARG H 301 9.98 -26.77 -66.97
N PHE H 302 8.69 -26.73 -66.67
CA PHE H 302 8.11 -27.58 -65.65
C PHE H 302 7.96 -29.05 -66.12
N GLU H 303 7.53 -29.25 -67.38
CA GLU H 303 7.58 -30.56 -68.07
C GLU H 303 9.00 -31.17 -68.10
N ALA H 304 10.02 -30.29 -68.16
CA ALA H 304 11.42 -30.70 -68.10
C ALA H 304 11.77 -31.34 -66.76
N LYS H 305 11.43 -30.63 -65.69
CA LYS H 305 11.78 -31.09 -64.37
C LYS H 305 11.00 -32.37 -63.97
N VAL H 306 9.76 -32.51 -64.46
CA VAL H 306 8.94 -33.70 -64.17
C VAL H 306 9.44 -34.99 -64.84
N LEU H 307 9.85 -34.91 -66.11
CA LEU H 307 10.46 -36.04 -66.81
C LEU H 307 11.80 -36.41 -66.17
N GLU H 308 12.66 -35.41 -65.97
CA GLU H 308 13.90 -35.56 -65.19
C GLU H 308 13.75 -36.47 -63.94
N ARG H 309 12.71 -36.22 -63.13
CA ARG H 309 12.48 -36.97 -61.90
C ARG H 309 11.77 -38.33 -62.10
N VAL H 310 10.83 -38.43 -63.05
CA VAL H 310 10.21 -39.75 -63.37
C VAL H 310 11.23 -40.73 -63.98
N GLN H 311 12.28 -40.19 -64.61
CA GLN H 311 13.36 -41.01 -65.19
C GLN H 311 14.14 -41.84 -64.15
N ARG H 312 14.20 -41.35 -62.90
CA ARG H 312 15.02 -41.96 -61.84
C ARG H 312 14.22 -42.67 -60.73
N ILE H 313 12.90 -42.73 -60.87
CA ILE H 313 12.12 -43.66 -60.03
C ILE H 313 12.74 -45.07 -60.18
N ARG H 314 13.05 -45.68 -59.03
CA ARG H 314 13.61 -47.00 -58.96
C ARG H 314 12.48 -48.02 -58.95
N LEU H 315 12.11 -48.50 -60.14
CA LEU H 315 11.15 -49.61 -60.27
C LEU H 315 11.92 -50.85 -59.81
N GLY H 316 11.28 -51.76 -59.11
CA GLY H 316 11.96 -52.98 -58.72
C GLY H 316 11.19 -53.87 -57.77
N ASP H 317 11.84 -54.97 -57.38
CA ASP H 317 11.33 -55.88 -56.34
C ASP H 317 10.90 -55.10 -55.08
N PRO H 318 9.60 -55.19 -54.69
CA PRO H 318 9.12 -54.64 -53.41
C PRO H 318 9.94 -55.19 -52.22
N GLN H 319 10.40 -56.43 -52.36
CA GLN H 319 11.34 -57.07 -51.43
C GLN H 319 12.65 -56.29 -51.32
N ASP H 320 13.05 -55.60 -52.39
CA ASP H 320 14.32 -54.84 -52.40
C ASP H 320 14.24 -53.60 -51.54
N GLU H 321 15.30 -53.37 -50.78
CA GLU H 321 15.45 -52.19 -49.91
C GLU H 321 15.69 -50.87 -50.68
N ASN H 322 16.13 -50.96 -51.93
CA ASN H 322 16.43 -49.79 -52.76
C ASN H 322 15.29 -49.45 -53.73
N THR H 323 14.26 -50.29 -53.71
CA THR H 323 13.05 -50.08 -54.48
C THR H 323 12.24 -48.97 -53.78
N ASN H 324 11.65 -48.09 -54.60
CA ASN H 324 10.65 -47.12 -54.14
C ASN H 324 9.36 -47.11 -54.99
N PHE H 325 9.27 -48.07 -55.93
CA PHE H 325 8.10 -48.25 -56.82
C PHE H 325 7.92 -49.73 -57.24
N GLY H 326 6.87 -50.38 -56.73
CA GLY H 326 6.60 -51.78 -57.08
C GLY H 326 5.55 -52.05 -58.16
N PRO H 327 4.99 -53.29 -58.16
CA PRO H 327 3.78 -53.64 -58.93
C PRO H 327 2.48 -52.98 -58.37
N LEU H 328 1.39 -53.05 -59.12
CA LEU H 328 0.06 -52.63 -58.63
C LEU H 328 -0.53 -53.79 -57.82
N VAL H 329 -1.58 -53.55 -57.06
CA VAL H 329 -2.03 -54.55 -56.07
C VAL H 329 -2.43 -55.95 -56.62
N SER H 330 -2.96 -55.96 -57.85
CA SER H 330 -3.44 -57.18 -58.51
C SER H 330 -3.26 -57.05 -60.01
N PHE H 331 -3.26 -58.18 -60.72
CA PHE H 331 -3.34 -58.22 -62.19
C PHE H 331 -4.68 -57.63 -62.75
N PRO H 332 -5.84 -58.05 -62.21
CA PRO H 332 -7.08 -57.42 -62.68
C PRO H 332 -6.94 -55.90 -62.75
N HIS H 333 -6.31 -55.33 -61.72
CA HIS H 333 -6.13 -53.87 -61.61
C HIS H 333 -5.07 -53.26 -62.55
N MET H 334 -4.05 -54.03 -62.86
CA MET H 334 -3.05 -53.67 -63.87
C MET H 334 -3.68 -53.37 -65.25
N GLU H 335 -4.65 -54.19 -65.64
CA GLU H 335 -5.28 -54.08 -66.97
C GLU H 335 -6.44 -53.10 -67.00
N SER H 336 -6.88 -52.70 -65.80
CA SER H 336 -7.77 -51.56 -65.68
C SER H 336 -7.01 -50.28 -65.98
N VAL H 337 -5.77 -50.20 -65.53
CA VAL H 337 -4.93 -49.02 -65.71
C VAL H 337 -4.44 -48.92 -67.14
N LEU H 338 -4.00 -50.07 -67.68
CA LEU H 338 -3.62 -50.20 -69.10
C LEU H 338 -4.74 -49.70 -70.01
N GLY H 339 -5.97 -50.07 -69.64
CA GLY H 339 -7.21 -49.55 -70.27
C GLY H 339 -7.46 -48.05 -70.24
N TYR H 340 -6.94 -47.32 -69.24
CA TYR H 340 -6.94 -45.83 -69.30
C TYR H 340 -5.80 -45.23 -70.15
N ILE H 341 -4.63 -45.83 -70.08
CA ILE H 341 -3.50 -45.37 -70.89
C ILE H 341 -3.78 -45.53 -72.42
N GLU H 342 -4.42 -46.63 -72.81
CA GLU H 342 -4.92 -46.78 -74.21
C GLU H 342 -6.03 -45.75 -74.49
N SER H 343 -6.71 -45.31 -73.44
CA SER H 343 -7.77 -44.30 -73.56
C SER H 343 -7.14 -42.91 -73.85
N GLY H 344 -6.18 -42.51 -73.00
CA GLY H 344 -5.38 -41.28 -73.20
C GLY H 344 -4.73 -41.16 -74.58
N LYS H 345 -4.18 -42.28 -75.06
CA LYS H 345 -3.48 -42.33 -76.36
C LYS H 345 -4.39 -41.97 -77.55
N ALA H 346 -5.51 -42.69 -77.62
CA ALA H 346 -6.59 -42.49 -78.60
C ALA H 346 -7.21 -41.07 -78.59
N GLN H 347 -7.22 -40.43 -77.41
CA GLN H 347 -7.79 -39.08 -77.27
C GLN H 347 -6.88 -37.86 -77.58
N LYS H 348 -5.77 -38.12 -78.28
CA LYS H 348 -4.78 -37.08 -78.68
C LYS H 348 -4.03 -36.39 -77.52
N ALA H 349 -4.08 -37.01 -76.32
CA ALA H 349 -3.32 -36.50 -75.18
C ALA H 349 -1.87 -36.85 -75.40
N ARG H 350 -0.99 -35.88 -75.23
CA ARG H 350 0.45 -36.09 -75.45
C ARG H 350 1.07 -36.99 -74.37
N LEU H 351 1.84 -37.99 -74.78
CA LEU H 351 2.58 -38.90 -73.88
C LEU H 351 4.00 -38.36 -73.68
N LEU H 352 4.39 -38.15 -72.42
CA LEU H 352 5.73 -37.60 -72.08
C LEU H 352 6.69 -38.64 -71.51
N CYS H 353 6.16 -39.69 -70.88
CA CYS H 353 6.98 -40.86 -70.49
C CYS H 353 6.17 -42.12 -70.15
N GLY H 354 6.79 -43.26 -70.40
CA GLY H 354 6.20 -44.57 -70.13
C GLY H 354 4.93 -44.90 -70.89
N GLY H 355 3.94 -45.41 -70.17
CA GLY H 355 2.68 -45.85 -70.75
C GLY H 355 2.63 -47.35 -71.03
N GLU H 356 3.80 -47.99 -71.02
CA GLU H 356 3.88 -49.39 -71.38
C GLU H 356 4.21 -50.31 -70.22
N ARG H 357 3.38 -51.34 -70.02
CA ARG H 357 3.68 -52.45 -69.10
C ARG H 357 5.14 -52.81 -69.24
N VAL H 358 5.78 -53.12 -68.12
CA VAL H 358 7.21 -53.43 -68.12
C VAL H 358 7.46 -54.86 -67.64
N THR H 359 8.09 -55.61 -68.55
CA THR H 359 8.52 -56.99 -68.37
C THR H 359 9.94 -57.16 -68.95
N ASP H 360 10.93 -57.20 -68.07
CA ASP H 360 12.30 -57.52 -68.41
C ASP H 360 12.72 -58.44 -67.27
N GLY H 361 13.37 -59.55 -67.60
CA GLY H 361 13.71 -60.56 -66.58
C GLY H 361 12.48 -60.92 -65.75
N ALA H 362 12.55 -60.67 -64.45
CA ALA H 362 11.49 -61.09 -63.49
C ALA H 362 10.12 -60.42 -63.72
N PHE H 363 10.14 -59.11 -64.00
CA PHE H 363 8.94 -58.24 -64.10
C PHE H 363 7.65 -58.88 -64.68
N GLY H 364 7.84 -59.80 -65.63
CA GLY H 364 6.75 -60.52 -66.31
C GLY H 364 5.87 -61.43 -65.48
N LYS H 365 6.41 -61.93 -64.36
CA LYS H 365 5.60 -62.70 -63.39
C LYS H 365 4.82 -61.77 -62.44
N GLY H 366 4.83 -60.47 -62.73
CA GLY H 366 4.09 -59.50 -61.90
C GLY H 366 3.14 -58.57 -62.63
N ALA H 367 2.59 -57.62 -61.86
CA ALA H 367 1.67 -56.61 -62.39
C ALA H 367 2.31 -55.21 -62.40
N TYR H 368 3.37 -55.04 -63.19
CA TYR H 368 4.12 -53.79 -63.24
C TYR H 368 3.71 -52.92 -64.41
N VAL H 369 3.45 -51.66 -64.09
CA VAL H 369 3.15 -50.63 -65.09
C VAL H 369 4.14 -49.46 -64.87
N ALA H 370 4.71 -48.96 -65.96
CA ALA H 370 5.68 -47.86 -65.91
C ALA H 370 5.01 -46.66 -65.31
N PRO H 371 5.76 -45.84 -64.54
CA PRO H 371 5.15 -44.53 -64.20
C PRO H 371 4.92 -43.73 -65.48
N THR H 372 3.66 -43.29 -65.64
CA THR H 372 3.16 -42.70 -66.89
C THR H 372 2.79 -41.24 -66.62
N VAL H 373 3.18 -40.39 -67.58
CA VAL H 373 2.88 -38.95 -67.58
C VAL H 373 2.31 -38.59 -68.96
N PHE H 374 1.13 -37.96 -68.97
CA PHE H 374 0.56 -37.32 -70.16
C PHE H 374 0.58 -35.80 -69.97
N THR H 375 0.71 -35.08 -71.07
CA THR H 375 0.57 -33.62 -71.05
C THR H 375 -0.32 -33.07 -72.18
N ASP H 376 -0.43 -31.74 -72.21
CA ASP H 376 -1.39 -31.01 -73.08
C ASP H 376 -2.78 -31.64 -73.08
N CYS H 377 -3.30 -31.86 -71.88
CA CYS H 377 -4.61 -32.50 -71.76
C CYS H 377 -5.77 -31.48 -71.89
N ARG H 378 -7.01 -31.99 -71.91
CA ARG H 378 -8.25 -31.18 -71.92
C ARG H 378 -9.30 -31.73 -70.93
N ASP H 379 -10.34 -30.93 -70.64
CA ASP H 379 -11.28 -31.24 -69.56
C ASP H 379 -12.25 -32.40 -69.83
N ASP H 380 -12.53 -32.67 -71.11
CA ASP H 380 -13.51 -33.70 -71.53
C ASP H 380 -12.90 -35.09 -71.81
N MET H 381 -11.57 -35.19 -71.66
CA MET H 381 -10.84 -36.44 -71.86
C MET H 381 -11.18 -37.47 -70.80
N THR H 382 -11.24 -38.74 -71.22
CA THR H 382 -11.65 -39.82 -70.31
C THR H 382 -10.69 -39.90 -69.12
N ILE H 383 -9.39 -39.71 -69.40
CA ILE H 383 -8.33 -39.76 -68.39
C ILE H 383 -8.33 -38.55 -67.44
N VAL H 384 -8.87 -37.42 -67.92
CA VAL H 384 -8.93 -36.19 -67.16
C VAL H 384 -10.19 -36.12 -66.30
N ARG H 385 -11.28 -36.65 -66.82
CA ARG H 385 -12.53 -36.70 -66.07
C ARG H 385 -12.62 -37.88 -65.08
N GLU H 386 -12.00 -39.00 -65.39
CA GLU H 386 -12.28 -40.21 -64.59
C GLU H 386 -11.16 -40.63 -63.66
N GLU H 387 -11.53 -41.23 -62.52
CA GLU H 387 -10.53 -41.76 -61.60
C GLU H 387 -9.88 -43.06 -62.10
N ILE H 388 -8.55 -43.09 -62.09
CA ILE H 388 -7.71 -44.20 -62.61
C ILE H 388 -7.18 -45.14 -61.52
N PHE H 389 -6.56 -44.56 -60.49
CA PHE H 389 -5.97 -45.31 -59.36
C PHE H 389 -4.75 -46.16 -59.77
N GLY H 390 -3.82 -45.49 -60.44
CA GLY H 390 -2.57 -46.03 -60.93
C GLY H 390 -1.80 -44.82 -61.39
N PRO H 391 -0.49 -44.99 -61.71
CA PRO H 391 0.49 -43.91 -61.91
C PRO H 391 0.29 -43.12 -63.20
N VAL H 392 -0.81 -42.38 -63.29
CA VAL H 392 -1.11 -41.58 -64.50
C VAL H 392 -1.42 -40.10 -64.17
N MET H 393 -0.49 -39.22 -64.58
CA MET H 393 -0.56 -37.77 -64.33
C MET H 393 -0.96 -36.97 -65.55
N SER H 394 -2.17 -36.38 -65.54
CA SER H 394 -2.54 -35.41 -66.60
C SER H 394 -2.05 -33.98 -66.25
N ILE H 395 -1.42 -33.31 -67.21
CA ILE H 395 -0.92 -31.92 -67.11
C ILE H 395 -1.66 -30.96 -68.07
N LEU H 396 -2.21 -29.88 -67.50
CA LEU H 396 -3.08 -28.90 -68.19
C LEU H 396 -2.54 -27.45 -68.13
N VAL H 397 -2.44 -26.80 -69.29
CA VAL H 397 -2.06 -25.38 -69.41
C VAL H 397 -3.24 -24.46 -69.08
N TYR H 398 -2.95 -23.25 -68.55
CA TYR H 398 -3.95 -22.20 -68.29
C TYR H 398 -3.33 -20.79 -68.43
N ASP H 399 -4.20 -19.77 -68.48
CA ASP H 399 -3.82 -18.38 -68.73
C ASP H 399 -4.08 -17.40 -67.55
N ASP H 400 -5.07 -17.69 -66.71
CA ASP H 400 -5.26 -16.89 -65.48
C ASP H 400 -5.79 -17.62 -64.23
N GLU H 401 -5.51 -17.05 -63.06
CA GLU H 401 -5.89 -17.60 -61.76
C GLU H 401 -7.36 -18.07 -61.72
N ASP H 402 -8.28 -17.12 -61.96
CA ASP H 402 -9.72 -17.40 -61.90
C ASP H 402 -10.12 -18.58 -62.76
N GLU H 403 -9.53 -18.68 -63.97
CA GLU H 403 -9.76 -19.81 -64.88
C GLU H 403 -9.29 -21.10 -64.29
N ALA H 404 -8.09 -21.11 -63.69
CA ALA H 404 -7.53 -22.31 -63.05
C ALA H 404 -8.42 -22.86 -61.91
N ILE H 405 -8.86 -21.95 -61.03
CA ILE H 405 -9.80 -22.30 -59.95
C ILE H 405 -11.10 -22.81 -60.55
N ARG H 406 -11.67 -22.04 -61.48
CA ARG H 406 -12.88 -22.44 -62.20
C ARG H 406 -12.80 -23.91 -62.67
N ARG H 407 -11.74 -24.24 -63.40
CA ARG H 407 -11.47 -25.59 -63.91
C ARG H 407 -11.12 -26.64 -62.82
N ALA H 408 -10.42 -26.23 -61.77
CA ALA H 408 -10.15 -27.12 -60.61
C ALA H 408 -11.46 -27.63 -59.93
N ASN H 409 -12.45 -26.73 -59.81
CA ASN H 409 -13.74 -27.04 -59.17
C ASN H 409 -14.73 -27.84 -60.03
N ASP H 410 -14.54 -27.80 -61.34
CA ASP H 410 -15.48 -28.42 -62.26
C ASP H 410 -15.41 -29.96 -62.27
N THR H 411 -15.96 -30.60 -61.21
CA THR H 411 -15.91 -32.06 -61.06
C THR H 411 -16.97 -32.56 -60.06
N GLU H 412 -17.48 -33.77 -60.24
CA GLU H 412 -18.36 -34.39 -59.19
C GLU H 412 -17.55 -34.73 -57.91
N TYR H 413 -16.22 -34.74 -58.05
CA TYR H 413 -15.26 -35.13 -56.99
C TYR H 413 -14.81 -33.96 -56.10
N GLY H 414 -14.37 -34.26 -54.88
CA GLY H 414 -13.97 -33.19 -53.95
C GLY H 414 -13.11 -33.62 -52.78
N LEU H 415 -12.09 -34.45 -53.07
CA LEU H 415 -11.30 -35.07 -51.99
C LEU H 415 -10.17 -34.16 -51.51
N ALA H 416 -9.19 -33.91 -52.38
CA ALA H 416 -8.04 -33.07 -52.05
C ALA H 416 -7.90 -31.97 -53.07
N ALA H 417 -7.04 -31.00 -52.79
CA ALA H 417 -6.69 -29.90 -53.69
C ALA H 417 -5.47 -29.18 -53.12
N GLY H 418 -4.74 -28.40 -53.93
CA GLY H 418 -3.53 -27.71 -53.46
C GLY H 418 -2.94 -26.65 -54.37
N VAL H 419 -2.13 -25.76 -53.80
CA VAL H 419 -1.55 -24.59 -54.51
C VAL H 419 -0.03 -24.36 -54.26
N VAL H 420 0.71 -23.96 -55.30
CA VAL H 420 2.13 -23.61 -55.14
C VAL H 420 2.35 -22.14 -55.52
N THR H 421 2.59 -21.32 -54.51
CA THR H 421 2.85 -19.89 -54.64
C THR H 421 3.71 -19.48 -53.45
N GLN H 422 4.37 -18.33 -53.59
CA GLN H 422 5.12 -17.70 -52.51
C GLN H 422 4.41 -16.47 -51.92
N ASP H 423 3.24 -16.10 -52.47
CA ASP H 423 2.52 -14.88 -52.09
C ASP H 423 1.50 -15.20 -51.01
N LEU H 424 1.49 -14.41 -49.94
CA LEU H 424 0.64 -14.68 -48.78
C LEU H 424 -0.84 -14.58 -49.20
N ALA H 425 -1.23 -13.40 -49.67
CA ALA H 425 -2.57 -13.18 -50.20
C ALA H 425 -3.07 -14.28 -51.16
N ARG H 426 -2.32 -14.58 -52.22
CA ARG H 426 -2.79 -15.56 -53.21
C ARG H 426 -2.97 -16.94 -52.63
N ALA H 427 -2.09 -17.35 -51.72
CA ALA H 427 -2.11 -18.70 -51.15
C ALA H 427 -3.44 -19.04 -50.41
N HIS H 428 -3.83 -18.12 -49.53
CA HIS H 428 -5.05 -18.21 -48.71
C HIS H 428 -6.27 -17.95 -49.57
N ARG H 429 -6.29 -16.83 -50.30
CA ARG H 429 -7.40 -16.50 -51.21
C ARG H 429 -7.80 -17.64 -52.14
N ALA H 430 -6.82 -18.26 -52.80
CA ALA H 430 -7.10 -19.34 -53.72
C ALA H 430 -7.64 -20.57 -52.97
N ILE H 431 -7.00 -20.95 -51.86
CA ILE H 431 -7.35 -22.18 -51.13
C ILE H 431 -8.78 -22.06 -50.58
N HIS H 432 -9.18 -20.84 -50.22
CA HIS H 432 -10.50 -20.59 -49.69
C HIS H 432 -11.55 -20.89 -50.76
N ARG H 433 -11.18 -20.70 -52.02
CA ARG H 433 -12.06 -20.94 -53.19
C ARG H 433 -12.16 -22.38 -53.75
N LEU H 434 -11.23 -23.25 -53.36
CA LEU H 434 -11.22 -24.65 -53.83
C LEU H 434 -12.15 -25.59 -53.05
N GLU H 435 -12.96 -26.34 -53.80
CA GLU H 435 -13.94 -27.26 -53.23
C GLU H 435 -13.50 -28.73 -52.90
N ALA H 436 -12.58 -28.86 -51.94
CA ALA H 436 -12.07 -30.13 -51.47
C ALA H 436 -11.98 -30.08 -49.96
N GLY H 437 -12.12 -31.22 -49.29
CA GLY H 437 -11.98 -31.26 -47.83
C GLY H 437 -10.57 -31.34 -47.27
N ILE H 438 -9.58 -31.61 -48.16
CA ILE H 438 -8.14 -31.75 -47.81
C ILE H 438 -7.34 -30.83 -48.71
N CYS H 439 -6.83 -29.74 -48.14
CA CYS H 439 -6.14 -28.72 -48.95
C CYS H 439 -4.72 -28.51 -48.49
N TRP H 440 -3.78 -28.46 -49.45
CA TRP H 440 -2.34 -28.26 -49.21
C TRP H 440 -1.77 -26.98 -49.83
N ILE H 441 -0.91 -26.32 -49.08
CA ILE H 441 -0.15 -25.15 -49.53
C ILE H 441 1.34 -25.51 -49.43
N ASN H 442 2.01 -25.52 -50.59
CA ASN H 442 3.43 -25.90 -50.75
C ASN H 442 3.81 -27.23 -50.19
N THR H 443 2.96 -28.22 -50.39
CA THR H 443 3.23 -29.55 -49.88
C THR H 443 2.16 -30.44 -50.48
N TRP H 444 2.23 -31.73 -50.26
CA TRP H 444 1.21 -32.64 -50.70
C TRP H 444 1.40 -33.86 -49.85
N GLY H 445 0.30 -34.53 -49.46
CA GLY H 445 0.27 -35.87 -48.87
C GLY H 445 0.37 -36.09 -47.37
N GLU H 446 0.85 -35.11 -46.62
CA GLU H 446 0.94 -35.30 -45.18
C GLU H 446 -0.47 -35.27 -44.64
N SER H 447 -0.79 -36.28 -43.83
CA SER H 447 -2.11 -36.49 -43.20
C SER H 447 -2.05 -36.73 -41.64
N PRO H 448 -1.73 -35.65 -40.87
CA PRO H 448 -1.52 -35.75 -39.40
C PRO H 448 -2.69 -36.39 -38.64
N ALA H 449 -2.42 -37.14 -37.59
CA ALA H 449 -3.51 -37.66 -36.76
C ALA H 449 -4.57 -36.58 -36.38
N GLU H 450 -4.14 -35.31 -36.35
CA GLU H 450 -4.92 -34.20 -35.77
C GLU H 450 -5.83 -33.55 -36.80
N MET H 451 -5.53 -33.82 -38.08
CA MET H 451 -6.18 -33.16 -39.20
C MET H 451 -7.39 -33.98 -39.72
N PRO H 452 -8.59 -33.40 -39.63
CA PRO H 452 -9.76 -34.12 -40.20
C PRO H 452 -9.61 -34.26 -41.70
N VAL H 453 -9.89 -35.47 -42.20
CA VAL H 453 -9.77 -35.70 -43.67
C VAL H 453 -11.00 -36.43 -44.21
N GLY H 454 -11.49 -35.97 -45.34
CA GLY H 454 -12.67 -36.62 -45.94
C GLY H 454 -13.04 -35.85 -47.17
N GLY H 455 -14.09 -36.30 -47.85
CA GLY H 455 -14.46 -35.64 -49.12
C GLY H 455 -15.67 -34.72 -49.12
N TYR H 456 -15.54 -33.64 -49.88
CA TYR H 456 -16.66 -32.84 -50.40
C TYR H 456 -17.37 -33.56 -51.59
N LYS H 457 -18.64 -33.21 -51.81
CA LYS H 457 -19.39 -33.69 -52.96
C LYS H 457 -19.51 -35.21 -52.90
N GLN H 458 -19.10 -35.88 -54.00
CA GLN H 458 -19.19 -37.35 -54.11
C GLN H 458 -17.91 -38.11 -53.72
N SER H 459 -17.02 -37.48 -52.95
CA SER H 459 -15.87 -38.17 -52.37
C SER H 459 -16.10 -38.66 -50.93
N GLY H 460 -17.22 -38.27 -50.31
CA GLY H 460 -17.37 -38.71 -48.95
C GLY H 460 -18.57 -38.25 -48.19
N VAL H 461 -18.75 -38.86 -47.04
CA VAL H 461 -19.75 -38.46 -46.05
C VAL H 461 -18.97 -38.60 -44.74
N GLY H 462 -18.88 -37.49 -44.01
CA GLY H 462 -18.15 -37.52 -42.75
C GLY H 462 -16.66 -37.43 -42.97
N ARG H 463 -15.90 -37.78 -41.93
CA ARG H 463 -14.46 -37.40 -41.93
C ARG H 463 -13.71 -38.48 -41.24
N GLU H 464 -12.39 -38.53 -41.37
CA GLU H 464 -11.59 -39.41 -40.52
C GLU H 464 -10.45 -38.59 -39.90
N ASN H 465 -9.93 -39.06 -38.77
CA ASN H 465 -8.88 -38.32 -38.00
C ASN H 465 -9.38 -36.99 -37.32
N GLY H 466 -8.58 -36.44 -36.42
CA GLY H 466 -8.90 -35.20 -35.69
C GLY H 466 -9.88 -35.45 -34.57
N LEU H 467 -10.16 -34.42 -33.78
CA LEU H 467 -11.12 -34.59 -32.67
C LEU H 467 -12.56 -34.86 -33.15
N THR H 468 -12.94 -34.24 -34.26
CA THR H 468 -14.29 -34.42 -34.79
C THR H 468 -14.71 -35.88 -35.01
N THR H 469 -13.77 -36.75 -35.44
CA THR H 469 -14.08 -38.11 -35.87
C THR H 469 -14.45 -38.99 -34.70
N LEU H 470 -13.79 -38.78 -33.57
CA LEU H 470 -14.09 -39.47 -32.32
C LEU H 470 -15.51 -39.18 -31.81
N ALA H 471 -15.91 -37.92 -31.86
CA ALA H 471 -17.28 -37.54 -31.53
C ALA H 471 -18.34 -38.27 -32.37
N HIS H 472 -18.07 -38.46 -33.67
CA HIS H 472 -19.01 -39.11 -34.62
C HIS H 472 -19.06 -40.65 -34.62
N TYR H 473 -18.51 -41.21 -33.54
CA TYR H 473 -18.56 -42.62 -33.19
C TYR H 473 -19.24 -42.82 -31.85
N THR H 474 -19.90 -41.74 -31.41
CA THR H 474 -20.83 -41.74 -30.28
C THR H 474 -22.23 -41.29 -30.73
N ARG H 475 -23.21 -41.57 -29.89
CA ARG H 475 -24.53 -41.02 -30.11
C ARG H 475 -24.89 -40.13 -28.94
N ILE H 476 -25.52 -39.00 -29.25
CA ILE H 476 -26.00 -38.06 -28.22
C ILE H 476 -27.36 -38.46 -27.61
N LYS H 477 -27.38 -38.56 -26.28
CA LYS H 477 -28.60 -38.71 -25.50
C LYS H 477 -28.78 -37.43 -24.71
N SER H 478 -29.91 -36.75 -24.89
CA SER H 478 -30.29 -35.62 -24.04
C SER H 478 -31.15 -36.06 -22.83
N VAL H 479 -30.76 -35.60 -21.64
CA VAL H 479 -31.55 -35.86 -20.44
C VAL H 479 -32.06 -34.53 -19.82
N GLN H 480 -33.39 -34.41 -19.68
CA GLN H 480 -34.01 -33.27 -19.03
C GLN H 480 -34.47 -33.69 -17.63
N VAL H 481 -34.03 -32.94 -16.63
CA VAL H 481 -34.35 -33.25 -15.24
C VAL H 481 -35.31 -32.14 -14.79
N GLU H 482 -36.55 -32.53 -14.56
CA GLU H 482 -37.54 -31.67 -13.93
C GLU H 482 -37.49 -31.83 -12.43
N LEU H 483 -37.09 -30.75 -11.75
CA LEU H 483 -37.04 -30.68 -10.31
C LEU H 483 -38.29 -30.01 -9.71
N GLY H 484 -39.14 -29.35 -10.50
CA GLY H 484 -40.37 -28.75 -9.93
C GLY H 484 -41.71 -29.40 -10.33
N ASP H 485 -42.75 -28.59 -10.50
CA ASP H 485 -44.10 -29.12 -10.80
C ASP H 485 -44.21 -29.47 -12.28
N TYR H 486 -45.03 -30.47 -12.57
CA TYR H 486 -45.43 -30.77 -13.93
C TYR H 486 -46.87 -30.27 -14.21
N ALA H 487 -47.00 -29.43 -15.23
CA ALA H 487 -48.29 -28.86 -15.67
C ALA H 487 -48.81 -29.61 -16.90
N SER H 488 -50.06 -30.07 -16.79
CA SER H 488 -50.83 -30.71 -17.84
C SER H 488 -51.99 -29.77 -18.26
N VAL H 489 -52.32 -29.70 -19.55
CA VAL H 489 -53.54 -28.98 -20.01
C VAL H 489 -54.89 -29.71 -19.71
N PHE H 490 -54.86 -31.00 -19.41
CA PHE H 490 -56.11 -31.80 -19.34
C PHE H 490 -56.61 -31.96 -17.89
#